data_6N4C
#
_entry.id   6N4C
#
loop_
_entity.id
_entity.type
_entity.pdbx_description
1 polymer 'RNA polymerase sigma factor RpoD'
2 polymer 'DNA-directed RNA polymerase subunit beta'
3 polymer "DNA-directed RNA polymerase subunit beta'"
4 polymer 'DNA-directed RNA polymerase subunit alpha'
5 polymer 'DNA-directed RNA polymerase subunit alpha'
6 polymer 'DNA-directed RNA polymerase subunit omega'
7 polymer 'DNA (94-MER)'
8 polymer 'DNA (94-MER)'
#
loop_
_entity_poly.entity_id
_entity_poly.type
_entity_poly.pdbx_seq_one_letter_code
_entity_poly.pdbx_strand_id
1 'polypeptide(L)'
;QLKLLVTRGKEQGYLTYAEVNDHLPEDIVDSDQIEDIIQMINDMGIQVMEEAPDADDLMLAENTADEDAAEAAAQVLSSV
ESEIGRTTDPVRMYMREMGTVELLTREGEIDIAKRIEDGINQVQCSVAEYPEAITYLLEQYDRVEAEEARLSDLITGFVD
PNAENSIDPELAREKFAELRAQYVVTRDTIKAKGRSHATAQEEILKLSEVFKQFRLVPKQFDYLVNSMRVMMDRVRTQER
LIMKLCVEQCKMPKKNFITLFTGNETSDTWFNAAIAMNKPWSEKLHDVSEEVHRALQKLQQIEEETGLTIEQVKDINRRM
SIGEAKARRAKKEMVEANLRLVISIAKKYTNRGLQFLDLIQEGNIGLMKAVDKFEYRRGYKFSTYATWWIRQAITRSIAD
QARTIRIPVHMIETINKLNRISRQMLQEMGREPTPEELAERMLMPEDKIRKVLKISMETPIGDDEDSHLGIDFIEDTTSA
TTESLRAATHDVLAGLTAREAKVLRMRFGIDMNTDYTLEEVGKQFDVTRERIRQIEAKALRKLRHPSRSEVLRSFLDD
;
F
2 'polypeptide(L)'
;VYSYTEKKRIRKDFGKRPQVLDVPYLLSIQLDSFQKFIEQDPEGQYGLEAAFRSVFPIQSYSGNSELQYVSYRLGEPVFD
VQECQIRGVTYSAPLRVKLRLVIYEREAPEGTVKDIKEQEVYMGEIPLMTDNGTFVINGTERVIVSQLHRSPGVFFDSDK
GKTHSSGKVLYNARIIPYRGSWLDFEFDPKDNLFVRIDRRRKLPATIILRALNYTTEQILDLFFEKVIFEIRDNKLQMEL
VPERLRGETASFDIEANGKVYVEKGRRITARHIRQLEKDDVKLIEVPVEYIAGKVVAKDYIDESTGELICAANMELSLDL
LAKLSQSGHKRIETLFTNDLDHGPYISETLRVDPTNDRLSALVEIYRMMRPGEPPTREAAESLFENLFFSEDRYDLSAVG
RMKFNRSLLREEIEGSGILSKDDIIDVMKKLIDIRNGKGEVDDIDHLGNRRIRSVGEMAENQFRVGLVRVERAVKERLSL
GDLDTLMPQDMINAKPISAAVKEFFGSSQLSQFMDQNNPLSEITHKRRISALGPGGLTRERAGFEVRDVHPTHYGRVCPI
ETPEGPNIGLINSLSVYAQTNEYGFLETPYRKVTDGVVTDEIHYLSAIEEGNYVIAQANSNLDEEGHFVEDLVTCRSKGE
SSLFSRDQVDYMDVSTQQVVSVGASLIPFLEHDDANRALMGANMQRQAVPTLRADKPLVGTGMERAVAVDSGVTAVAKRG
GVVQYVDASRIVIKVNEDEMYPGEAGIDIYNLTKYTRSNQNTCINQMPCVSLGEPVERGDVLADGPSTDLGELALGQNMR
VAFMPWNGYNFEDSILVSERVVQEDRFTTIHIQELACVSRDTKLGPEEITADIPNVGEAALSKLDESGIVYIGAEVTGGD
ILVGKVTPKGETQLTPEEKLLRAIFGEKASDVKDSSLRVPNGVSGTVIDVQVFTRDGVEKDKRALEIEEMQLKQAKKDLS
EELQILEAGLFSRIRAVLVAGGVEAEKLDKLPRDRWLELGLTDEEKQNQLEQLAEQYDELKHEFEKKLEAKRRKITQGDD
LAPGVLKIVKVYLAVKRRIQPGDKMAGRHGNKGVISKINPIEDMPYDENGTPVDIVLNPLGVPSRMNIGQILETHLGMAA
KGIGDKINAMLKQQQEVAKLREFIQRAYDLGADVRQKVDLSTFSDEEVMRLAENLRKGMPIATPVFDGAKEAEIKELLKL
GDLPTSGQIRLYDGRTGEQFERPVTVGYMYMLKLNHLVDDKMHARSTGSYSLVTQQPLGGKAQFGGQRFGEMEVWALEAY
GAAYTLQEMLTVKSDDVNGRTKMYKNIVDGNHQMEPGMPESFNVLLKEIRSLGINIELEDE
;
C
3 'polypeptide(L)'
;EEFDAIKIALASPDMIRSWSFGEVKKPETINYRTFKPERDGLFCARIFGPVKDYECLCGKYKRLKHRGVICEKCGVEVTQ
TKVRRERMGHIELASPTAHIWFLKSLPSRIGLLLDMPLRDIERVLYFESYVVIEGGMTNLERQQILTEEQYLDALEEFGD
EFDAKMGAEAIQALLKSMDLEQECEQLREELNETNSETKRKKLTKRIKLLEAFVQSGNKPEWMILTVLPVLPPDLRPLVP
LDGGRFATSDLNDLYRRVINRNNRLKRLLDLAAPDIIVRNEKRMLQEAVDALLDNGRRGRAITGSNKRPLKSLADMIKGK
QGRFRQNLLGKRVDYSGRSVITVGPYLRLHQCGLPKKMALELFKPFIYGKLELRGLATTIKAAKKMVEREEAVVWDILDE
VIREHPVLLNRAPTLHRLGIQAFEPVLIEGKAIQLHPLVCAAYNADFDGDQMAVHVPLTLEAQLEARALMMSTNNILSPA
NGEPIIVPSQDVVLGLYYMTRDCVNAKGMVLTGPAERLYRSGLASLHARVKVRITEYEKDANGELVAKTSLKDTTVGRAI
LWMIVPKGLPYSIVNQALGKKAISKMLNTCYRILGLKPTVIFADQIMYTGFAYAARSGASVGIDDMVIPEKKHEIISEAE
AEVAEIQEQFQSGLVTAGERYNKVIDIWAAANDRVSKAMMDNLQTETVINRDGQEEKQVSFNSIYMMADSGARGSAAQIR
QLAGMRGLMAKPDGSIIETPITANFREGLNVLQYFISTHGARKGLADTALKTANSGYLTRRLVDVAQDLVVTEDDCGTHE
GIMMTPVIEGGDVKEPLRDRVLGRVTAEDVLKPGTADILVPRNTLLHEQWCDLLEENSVDAVKVRSVVSCDTDFGVCAHC
YGRDLARGHIINKGEAIGVIAAQSIGEPGTQLTMRTFHIGGAASRAAAESSIQVKNKGSIKLSNVKSVVNSSGKLVITSR
NTELKLIDEFGRTKESYKVPYGAVLAKGDGEQVAGGETVANWDPHTMPVITEVSGFVRFTDMIDGQTITRQTDELTGLSS
LVVLDSAERTAGGKDLRPALKIVDAQGNDVLIPGTDMPAQYFLPGKAIVQLEDGVQISSGDTLARIPQESGGTKDITGGL
PRVADLFEARRPKEPAILAEISGIVSFGKETKGKRRLVITPVDGSDPYEEMIPKWRQLNVFEGERVERGDVISDGPEAPH
DILRLRGVHAVTRYIVNEVQDVYRLQGVKINDKHIEVIVRQMLRKATIVNAGSSDFLEGEQVEYSRVKIANRELEANGKV
GATYSRDLLGITKASLATESFISAASFQETTRVLTEAAVAGKRDELRGLKENVIVGRLIPAGTGYAYHQDRMRRRAAG
;
D
4 'polypeptide(L)'
;TEFLKPRLVDIEQVSSTHAKVTLEPLERGFGHTLGNALRRILLSSMPGCAVTEVEIDGVLHEYSTKEGVQEDILEILLNL
KGLAVRVQGKDEVILTLNKSGIGPVTAADITHDGDVEIVKPQHVICHLTDENASISMRIKVQRGRGYVPASTRIHSEEDE
RPIGRLLVDACYSPVERIAYNVEAARVEQRTDLDKLVIEMETNGTIDPEEAIRRAATILAEQLEAFVDLRDVRQPEVKEE
KPEFDPILLRPVDDLELTVRSANCLKAEAIHYIGDLVQRTEVELLKTPNLGKKSLTEIKDVLASRGLSLGMRLENW
;
A
5 'polypeptide(L)'
;TEFLKPRLVDIEQVSSTHAKVTLEPLERGFGHTLGNALRRILLSSMPGCAVTEVEIDGVLHEYSTKEGVQEDILEILLNL
KGLAVRVQGKDEVILTLNKSGIGPVTAADITHDGDVEIVKPQHVICHLTDENASISMRIKVQRGRGYVPASTRIHSEEDE
RPIGRLLVDACYSPVERIAYNVEAARVEQRTDLDKLVIEMETNGTIDPEEAIRRAATILAEQLEAFVDLRDVRQPEVKEE
KPEFDPILLLPVDDLELTVRSANCLKAEAIHYIGDLVQRTEVELLKTPNLGKKSLTEIKDVLASRGLSLG
;
B
6 'polypeptide(L)'
;ARVTVQDAVEKIGNRFDLVLVAARRARQMQVGGKDPLVPEENDKTTVIALREIEEGLINNQILDVRERQEQQEQEAAELQ
AVTAIAEGRR
;
E
7 'polydeoxyribonucleotide'
;(DA)(DA)(DT)(DC)(DT)(DA)(DT)(DC)(DA)(DC)(DC)(DG)(DC)(DA)(DA)(DG)(DG)(DG)(DA)(DT)
(DA)(DA)(DA)(DT)(DA)(DT)(DC)(DT)(DA)(DA)(DC)(DA)(DC)(DC)(DG)(DT)(DG)(DC)(DG)(DT)
(DG)(DT)(DT)(DG)(DA)(DC)(DT)(DA)(DT)(DT)(DT)(DT)(DA)(DC)(DC)(DT)(DC)(DT)(DG)(DG)
(DC)(DG)(DG)(DT)(DG)(DA)(DT)(DA)(DA)(DT)(DG)(DG)(DT)(DT)(DG)(DC)(DA)(DT)(DG)(DT)
(DA)(DC)(DT)(DA)(DA)(DG)(DG)(DA)(DG)(DG)(DT)(DT)(DG)(DT)
;
a
8 'polydeoxyribonucleotide'
;(DA)(DC)(DA)(DA)(DC)(DC)(DT)(DC)(DC)(DT)(DT)(DA)(DG)(DT)(DA)(DC)(DA)(DT)(DG)(DC)
(DA)(DA)(DC)(DC)(DA)(DT)(DT)(DA)(DT)(DC)(DA)(DC)(DC)(DG)(DC)(DC)(DA)(DG)(DA)(DG)
(DG)(DT)(DA)(DA)(DA)(DA)(DT)(DA)(DG)(DT)(DC)(DA)(DA)(DC)(DA)(DC)(DG)(DC)(DA)(DC)
(DG)(DG)(DT)(DG)(DT)(DT)(DA)(DG)(DA)(DT)(DA)(DT)(DT)(DT)(DA)(DT)(DC)(DC)(DC)(DT)
(DT)(DG)(DC)(DG)(DG)(DT)(DG)(DA)(DT)(DA)(DG)(DA)(DT)(DT)
;
b
#
loop_
_chem_comp.id
_chem_comp.type
_chem_comp.name
_chem_comp.formula
DA DNA linking 2'-DEOXYADENOSINE-5'-MONOPHOSPHATE 'C10 H14 N5 O6 P'
DC DNA linking 2'-DEOXYCYTIDINE-5'-MONOPHOSPHATE 'C9 H14 N3 O7 P'
DG DNA linking 2'-DEOXYGUANOSINE-5'-MONOPHOSPHATE 'C10 H14 N5 O7 P'
DT DNA linking THYMIDINE-5'-MONOPHOSPHATE 'C10 H15 N2 O8 P'
#
# COMPACT_ATOMS: atom_id res chain seq x y z
N GLN A 1 -35.00 -33.48 -18.52
CA GLN A 1 -35.86 -34.15 -17.52
C GLN A 1 -36.61 -35.32 -18.12
N LEU A 2 -37.52 -35.12 -19.10
CA LEU A 2 -38.33 -36.07 -19.92
C LEU A 2 -38.78 -37.46 -19.38
N LYS A 3 -37.94 -38.25 -18.70
CA LYS A 3 -38.13 -39.68 -18.37
C LYS A 3 -39.53 -40.05 -17.86
N LEU A 4 -40.16 -39.17 -17.07
CA LEU A 4 -41.50 -39.35 -16.51
C LEU A 4 -42.54 -39.75 -17.57
N LEU A 5 -42.62 -39.01 -18.68
CA LEU A 5 -43.61 -39.23 -19.74
C LEU A 5 -43.40 -40.58 -20.43
N VAL A 6 -42.20 -40.79 -20.99
CA VAL A 6 -41.86 -41.97 -21.77
C VAL A 6 -41.90 -43.27 -20.94
N THR A 7 -41.46 -43.22 -19.67
CA THR A 7 -41.48 -44.41 -18.81
C THR A 7 -42.92 -44.80 -18.45
N ARG A 8 -43.73 -43.86 -17.95
CA ARG A 8 -45.12 -44.17 -17.56
C ARG A 8 -45.97 -44.56 -18.78
N GLY A 9 -45.72 -43.97 -19.94
CA GLY A 9 -46.33 -44.39 -21.21
C GLY A 9 -45.99 -45.84 -21.59
N LYS A 10 -44.72 -46.25 -21.48
CA LYS A 10 -44.29 -47.63 -21.76
C LYS A 10 -44.78 -48.63 -20.69
N GLU A 11 -44.83 -48.26 -19.41
CA GLU A 11 -45.47 -49.05 -18.35
C GLU A 11 -46.97 -49.29 -18.62
N GLN A 12 -47.66 -48.26 -19.12
CA GLN A 12 -49.08 -48.28 -19.48
C GLN A 12 -49.34 -48.98 -20.83
N GLY A 13 -48.30 -49.17 -21.66
CA GLY A 13 -48.39 -49.69 -23.03
C GLY A 13 -49.16 -48.80 -24.00
N TYR A 14 -49.39 -47.54 -23.64
CA TYR A 14 -50.37 -46.61 -24.23
C TYR A 14 -50.15 -45.22 -23.59
N LEU A 15 -50.31 -44.13 -24.34
CA LEU A 15 -50.20 -42.75 -23.82
C LEU A 15 -51.15 -41.79 -24.55
N THR A 16 -52.13 -41.24 -23.85
CA THR A 16 -53.11 -40.31 -24.46
C THR A 16 -52.43 -38.97 -24.75
N TYR A 17 -52.68 -38.39 -25.92
CA TYR A 17 -52.13 -37.10 -26.40
C TYR A 17 -51.98 -36.03 -25.30
N ALA A 18 -53.06 -35.72 -24.56
CA ALA A 18 -53.06 -34.69 -23.52
C ALA A 18 -52.21 -35.02 -22.26
N GLU A 19 -51.82 -36.27 -22.06
CA GLU A 19 -50.97 -36.69 -20.93
C GLU A 19 -49.53 -36.15 -21.05
N VAL A 20 -49.15 -35.61 -22.22
CA VAL A 20 -47.98 -34.72 -22.41
C VAL A 20 -47.98 -33.50 -21.46
N ASN A 21 -49.11 -33.18 -20.80
CA ASN A 21 -49.18 -32.16 -19.75
C ASN A 21 -49.46 -32.74 -18.35
N ASP A 22 -49.88 -34.00 -18.24
CA ASP A 22 -50.05 -34.72 -16.96
C ASP A 22 -48.73 -35.30 -16.43
N HIS A 23 -47.80 -35.63 -17.34
CA HIS A 23 -46.47 -36.19 -17.06
C HIS A 23 -45.37 -35.39 -17.79
N LEU A 24 -45.61 -34.08 -17.95
CA LEU A 24 -44.82 -33.10 -18.69
C LEU A 24 -43.27 -33.30 -18.62
N PRO A 25 -42.55 -33.23 -19.76
CA PRO A 25 -41.10 -33.00 -19.73
C PRO A 25 -40.82 -31.61 -19.14
N GLU A 26 -40.34 -31.56 -17.91
CA GLU A 26 -39.92 -30.34 -17.20
C GLU A 26 -38.66 -29.70 -17.82
N ASP A 27 -38.78 -29.29 -19.09
CA ASP A 27 -37.71 -28.90 -20.00
C ASP A 27 -38.17 -27.81 -21.00
N ILE A 28 -39.13 -28.12 -21.88
CA ILE A 28 -39.37 -27.37 -23.15
C ILE A 28 -40.87 -27.14 -23.43
N VAL A 29 -41.21 -26.49 -24.56
CA VAL A 29 -42.52 -25.82 -24.78
C VAL A 29 -43.13 -26.02 -26.18
N ASP A 30 -42.48 -26.82 -27.02
CA ASP A 30 -42.65 -27.05 -28.48
C ASP A 30 -44.03 -27.55 -28.99
N SER A 31 -45.15 -26.95 -28.58
CA SER A 31 -46.51 -27.47 -28.83
C SER A 31 -46.86 -27.77 -30.29
N ASP A 32 -46.39 -26.99 -31.26
CA ASP A 32 -46.66 -27.24 -32.69
C ASP A 32 -45.69 -28.27 -33.32
N GLN A 33 -44.56 -28.57 -32.67
CA GLN A 33 -43.64 -29.64 -33.11
C GLN A 33 -44.26 -31.04 -32.93
N ILE A 34 -45.21 -31.17 -31.99
CA ILE A 34 -45.88 -32.43 -31.61
C ILE A 34 -46.46 -33.18 -32.80
N GLU A 35 -47.10 -32.49 -33.75
CA GLU A 35 -47.91 -33.10 -34.83
C GLU A 35 -47.13 -33.94 -35.86
N ASP A 36 -45.78 -33.99 -35.80
CA ASP A 36 -45.00 -35.03 -36.51
C ASP A 36 -44.12 -35.88 -35.58
N ILE A 37 -43.48 -35.32 -34.53
CA ILE A 37 -42.67 -36.13 -33.60
C ILE A 37 -43.48 -37.20 -32.84
N ILE A 38 -44.81 -37.02 -32.76
CA ILE A 38 -45.78 -38.05 -32.32
C ILE A 38 -45.64 -39.39 -33.09
N GLN A 39 -45.10 -39.38 -34.31
CA GLN A 39 -44.91 -40.53 -35.19
C GLN A 39 -44.07 -41.66 -34.54
N MET A 40 -42.81 -41.38 -34.16
CA MET A 40 -41.95 -42.34 -33.44
C MET A 40 -42.27 -42.50 -31.95
N ILE A 41 -43.23 -41.72 -31.43
CA ILE A 41 -43.88 -41.99 -30.14
C ILE A 41 -45.00 -43.05 -30.29
N ASN A 42 -45.49 -43.31 -31.52
CA ASN A 42 -46.63 -44.18 -31.78
C ASN A 42 -46.27 -45.52 -32.46
N ASP A 43 -45.35 -45.57 -33.41
CA ASP A 43 -44.91 -46.87 -34.00
C ASP A 43 -44.35 -47.87 -32.96
N MET A 44 -43.91 -47.37 -31.79
CA MET A 44 -43.52 -48.14 -30.61
C MET A 44 -44.32 -47.77 -29.32
N GLY A 45 -45.53 -47.20 -29.45
CA GLY A 45 -46.40 -46.81 -28.32
C GLY A 45 -47.85 -46.35 -28.61
N ILE A 46 -48.42 -46.66 -29.78
CA ILE A 46 -49.64 -46.05 -30.37
C ILE A 46 -50.87 -45.87 -29.46
N GLN A 47 -51.37 -44.62 -29.32
CA GLN A 47 -52.69 -44.33 -28.74
C GLN A 47 -53.28 -42.98 -29.23
N VAL A 48 -54.61 -42.83 -29.12
CA VAL A 48 -55.39 -41.61 -29.45
C VAL A 48 -56.50 -41.36 -28.40
N MET A 49 -57.46 -40.45 -28.66
CA MET A 49 -58.40 -39.91 -27.65
C MET A 49 -59.83 -39.74 -28.20
N GLU A 50 -60.84 -40.13 -27.41
CA GLU A 50 -62.30 -40.08 -27.70
C GLU A 50 -63.10 -40.19 -26.37
N GLU A 51 -64.43 -40.04 -26.36
CA GLU A 51 -65.25 -40.01 -25.12
C GLU A 51 -65.13 -41.29 -24.25
N ALA A 52 -65.36 -42.49 -24.80
CA ALA A 52 -65.36 -43.76 -24.04
C ALA A 52 -65.46 -45.03 -24.93
N PRO A 53 -64.51 -45.98 -24.84
CA PRO A 53 -64.69 -47.39 -25.25
C PRO A 53 -65.77 -48.16 -24.46
N ASP A 54 -66.10 -49.38 -24.91
CA ASP A 54 -66.93 -50.37 -24.19
C ASP A 54 -66.36 -51.81 -24.29
N ALA A 55 -65.63 -52.16 -25.36
CA ALA A 55 -65.10 -53.50 -25.62
C ALA A 55 -63.92 -53.54 -26.64
N ASP A 56 -63.10 -52.47 -26.69
CA ASP A 56 -62.33 -52.09 -27.88
C ASP A 56 -60.79 -52.04 -27.65
N ASP A 57 -60.30 -52.61 -26.54
CA ASP A 57 -58.93 -52.47 -26.02
C ASP A 57 -57.77 -52.95 -26.93
N LEU A 58 -58.01 -53.94 -27.79
CA LEU A 58 -56.98 -54.78 -28.44
C LEU A 58 -56.00 -54.08 -29.42
N MET A 59 -56.22 -52.82 -29.81
CA MET A 59 -55.59 -52.17 -30.98
C MET A 59 -54.06 -52.33 -31.10
N LEU A 60 -53.32 -52.25 -29.99
CA LEU A 60 -51.85 -52.38 -29.94
C LEU A 60 -51.32 -53.64 -30.64
N ALA A 61 -52.08 -54.75 -30.57
CA ALA A 61 -51.68 -56.10 -30.98
C ALA A 61 -51.50 -56.33 -32.51
N GLU A 62 -51.80 -55.34 -33.35
CA GLU A 62 -51.63 -55.42 -34.82
C GLU A 62 -50.87 -54.20 -35.40
N ASN A 63 -50.33 -53.30 -34.56
CA ASN A 63 -49.94 -51.94 -34.99
C ASN A 63 -48.63 -51.40 -34.35
N THR A 64 -47.76 -52.24 -33.79
CA THR A 64 -46.61 -51.78 -32.95
C THR A 64 -45.33 -52.60 -33.16
N ALA A 65 -44.16 -51.98 -32.97
CA ALA A 65 -42.82 -52.61 -32.96
C ALA A 65 -42.56 -53.56 -31.76
N ASP A 66 -41.42 -54.26 -31.75
CA ASP A 66 -41.24 -55.51 -30.98
C ASP A 66 -39.90 -55.73 -30.21
N GLU A 67 -38.89 -54.84 -30.26
CA GLU A 67 -37.63 -55.04 -29.48
C GLU A 67 -37.03 -53.80 -28.78
N ASP A 68 -37.49 -52.56 -29.03
CA ASP A 68 -36.91 -51.30 -28.49
C ASP A 68 -35.35 -51.28 -28.55
N ALA A 69 -34.78 -51.73 -29.67
CA ALA A 69 -33.39 -52.20 -29.76
C ALA A 69 -32.30 -51.12 -29.59
N ALA A 70 -32.49 -49.94 -30.20
CA ALA A 70 -31.51 -48.85 -30.22
C ALA A 70 -32.06 -47.45 -30.61
N GLU A 71 -33.34 -47.36 -30.97
CA GLU A 71 -33.94 -46.24 -31.71
C GLU A 71 -34.37 -45.10 -30.74
N ALA A 72 -35.64 -44.69 -30.70
CA ALA A 72 -36.17 -43.81 -29.64
C ALA A 72 -36.02 -44.41 -28.22
N ALA A 73 -35.64 -45.69 -28.09
CA ALA A 73 -35.18 -46.29 -26.83
C ALA A 73 -33.83 -45.74 -26.31
N ALA A 74 -33.01 -45.09 -27.16
CA ALA A 74 -31.69 -44.58 -26.77
C ALA A 74 -31.30 -43.23 -27.41
N GLN A 75 -31.73 -42.94 -28.65
CA GLN A 75 -31.56 -41.62 -29.27
C GLN A 75 -32.32 -40.49 -28.54
N VAL A 76 -33.31 -40.86 -27.73
CA VAL A 76 -33.97 -40.05 -26.69
C VAL A 76 -33.00 -39.40 -25.69
N LEU A 77 -31.71 -39.78 -25.70
CA LEU A 77 -30.64 -39.03 -25.05
C LEU A 77 -30.70 -37.54 -25.37
N SER A 78 -30.71 -37.16 -26.66
CA SER A 78 -30.81 -35.75 -27.04
C SER A 78 -32.04 -35.04 -26.44
N SER A 79 -33.22 -35.65 -26.53
CA SER A 79 -34.48 -35.10 -26.01
C SER A 79 -34.65 -35.16 -24.48
N VAL A 80 -33.75 -35.82 -23.73
CA VAL A 80 -33.66 -35.69 -22.25
C VAL A 80 -32.48 -34.82 -21.80
N GLU A 81 -31.41 -34.75 -22.58
CA GLU A 81 -30.22 -33.92 -22.32
C GLU A 81 -30.49 -32.42 -22.51
N SER A 82 -31.17 -32.04 -23.59
CA SER A 82 -31.36 -30.70 -24.22
C SER A 82 -31.55 -29.41 -23.39
N GLU A 83 -31.62 -29.47 -22.07
CA GLU A 83 -31.90 -28.34 -21.17
C GLU A 83 -30.91 -28.34 -19.97
N ILE A 84 -29.64 -28.73 -20.15
CA ILE A 84 -28.61 -28.57 -19.09
C ILE A 84 -28.57 -27.09 -18.70
N GLY A 85 -28.67 -26.75 -17.41
CA GLY A 85 -29.08 -25.43 -16.89
C GLY A 85 -28.18 -24.21 -17.15
N ARG A 86 -27.50 -24.12 -18.29
CA ARG A 86 -26.70 -23.00 -18.85
C ARG A 86 -25.47 -22.53 -18.06
N THR A 87 -25.45 -22.60 -16.74
CA THR A 87 -24.25 -22.34 -15.90
C THR A 87 -23.96 -23.43 -14.86
N THR A 88 -24.84 -24.44 -14.70
CA THR A 88 -24.81 -25.34 -13.52
C THR A 88 -24.31 -26.76 -13.82
N ASP A 89 -23.10 -27.01 -13.30
CA ASP A 89 -22.31 -28.23 -13.06
C ASP A 89 -22.54 -29.55 -13.88
N PRO A 90 -21.44 -30.26 -14.23
CA PRO A 90 -21.44 -31.69 -14.57
C PRO A 90 -22.13 -32.62 -13.55
N VAL A 91 -22.12 -32.27 -12.25
CA VAL A 91 -22.88 -32.98 -11.20
C VAL A 91 -24.42 -32.81 -11.32
N ARG A 92 -24.90 -32.18 -12.40
CA ARG A 92 -26.30 -32.13 -12.86
C ARG A 92 -26.54 -32.92 -14.15
N MET A 93 -25.72 -32.73 -15.20
CA MET A 93 -25.95 -33.35 -16.52
C MET A 93 -26.01 -34.89 -16.47
N TYR A 94 -25.15 -35.52 -15.66
CA TYR A 94 -25.16 -36.98 -15.45
C TYR A 94 -26.52 -37.49 -14.92
N MET A 95 -27.27 -36.67 -14.17
CA MET A 95 -28.61 -37.01 -13.69
C MET A 95 -29.66 -37.06 -14.82
N ARG A 96 -29.44 -36.28 -15.90
CA ARG A 96 -30.27 -36.29 -17.12
C ARG A 96 -29.86 -37.43 -18.05
N GLU A 97 -28.55 -37.67 -18.18
CA GLU A 97 -27.96 -38.74 -18.99
C GLU A 97 -28.37 -40.13 -18.46
N MET A 98 -28.32 -40.35 -17.13
CA MET A 98 -28.92 -41.52 -16.47
C MET A 98 -30.47 -41.50 -16.46
N GLY A 99 -31.10 -40.54 -17.12
CA GLY A 99 -32.50 -40.61 -17.55
C GLY A 99 -32.77 -41.80 -18.49
N THR A 100 -31.73 -42.36 -19.11
CA THR A 100 -31.77 -43.68 -19.78
C THR A 100 -31.99 -44.82 -18.77
N VAL A 101 -30.92 -45.36 -18.17
CA VAL A 101 -30.94 -46.53 -17.27
C VAL A 101 -31.43 -46.17 -15.86
N GLU A 102 -32.36 -46.98 -15.34
CA GLU A 102 -32.93 -46.84 -13.99
C GLU A 102 -32.25 -47.78 -12.97
N LEU A 103 -32.21 -49.09 -13.22
CA LEU A 103 -31.73 -50.17 -12.33
C LEU A 103 -31.95 -51.57 -12.94
N LEU A 104 -31.44 -51.82 -14.15
CA LEU A 104 -31.37 -53.12 -14.86
C LEU A 104 -30.66 -54.29 -14.12
N THR A 105 -30.36 -54.14 -12.83
CA THR A 105 -29.50 -55.03 -12.03
C THR A 105 -30.11 -56.41 -11.74
N ARG A 106 -29.35 -57.30 -11.10
CA ARG A 106 -29.71 -58.63 -10.54
C ARG A 106 -30.20 -59.72 -11.50
N GLU A 107 -30.46 -59.41 -12.77
CA GLU A 107 -30.73 -60.36 -13.86
C GLU A 107 -30.70 -59.68 -15.25
N GLY A 108 -31.02 -58.38 -15.34
CA GLY A 108 -31.02 -57.68 -16.63
C GLY A 108 -29.62 -57.54 -17.23
N GLU A 109 -28.65 -57.06 -16.45
CA GLU A 109 -27.23 -57.10 -16.85
C GLU A 109 -26.64 -58.51 -17.00
N ILE A 110 -27.19 -59.52 -16.30
CA ILE A 110 -26.87 -60.92 -16.59
C ILE A 110 -27.40 -61.32 -17.97
N ASP A 111 -28.59 -60.86 -18.38
CA ASP A 111 -29.10 -61.05 -19.74
C ASP A 111 -28.30 -60.28 -20.79
N ILE A 112 -27.78 -59.10 -20.46
CA ILE A 112 -26.75 -58.44 -21.27
C ILE A 112 -25.54 -59.37 -21.43
N ALA A 113 -25.02 -60.00 -20.36
CA ALA A 113 -23.94 -60.99 -20.48
C ALA A 113 -24.33 -62.23 -21.31
N LYS A 114 -25.54 -62.78 -21.18
CA LYS A 114 -26.08 -63.84 -22.06
C LYS A 114 -26.04 -63.41 -23.54
N ARG A 115 -26.42 -62.14 -23.82
CA ARG A 115 -26.43 -61.51 -25.15
C ARG A 115 -25.03 -61.07 -25.64
N ILE A 116 -24.04 -60.86 -24.76
CA ILE A 116 -22.61 -60.82 -25.15
C ILE A 116 -22.23 -62.15 -25.79
N GLU A 117 -22.62 -63.28 -25.17
CA GLU A 117 -22.15 -64.60 -25.61
C GLU A 117 -22.85 -65.12 -26.87
N ASP A 118 -24.16 -64.91 -27.07
CA ASP A 118 -24.75 -65.13 -28.42
C ASP A 118 -24.27 -64.07 -29.45
N GLY A 119 -23.52 -63.06 -29.03
CA GLY A 119 -22.66 -62.29 -29.91
C GLY A 119 -21.35 -63.04 -30.20
N ILE A 120 -20.41 -63.03 -29.26
CA ILE A 120 -19.03 -63.55 -29.41
C ILE A 120 -19.00 -65.01 -29.87
N ASN A 121 -19.75 -65.88 -29.19
CA ASN A 121 -19.77 -67.32 -29.47
C ASN A 121 -20.54 -67.67 -30.76
N GLN A 122 -21.22 -66.69 -31.38
CA GLN A 122 -21.85 -66.81 -32.70
C GLN A 122 -20.99 -66.16 -33.81
N VAL A 123 -20.22 -65.10 -33.52
CA VAL A 123 -19.13 -64.62 -34.40
C VAL A 123 -18.11 -65.73 -34.64
N GLN A 124 -17.77 -66.51 -33.61
CA GLN A 124 -16.98 -67.75 -33.73
C GLN A 124 -17.51 -68.68 -34.84
N CYS A 125 -18.82 -68.91 -34.92
CA CYS A 125 -19.40 -69.74 -35.98
C CYS A 125 -19.19 -69.21 -37.40
N SER A 126 -18.89 -67.92 -37.59
CA SER A 126 -18.52 -67.35 -38.90
C SER A 126 -17.01 -67.17 -39.11
N VAL A 127 -16.18 -67.11 -38.05
CA VAL A 127 -14.73 -67.38 -38.16
C VAL A 127 -14.50 -68.75 -38.79
N ALA A 128 -15.28 -69.74 -38.35
CA ALA A 128 -15.35 -71.11 -38.87
C ALA A 128 -15.97 -71.26 -40.27
N GLU A 129 -16.32 -70.17 -40.95
CA GLU A 129 -17.13 -70.16 -42.17
C GLU A 129 -16.46 -69.35 -43.29
N TYR A 130 -15.86 -68.19 -42.97
CA TYR A 130 -15.07 -67.42 -43.92
C TYR A 130 -13.74 -68.13 -44.20
N PRO A 131 -13.51 -68.70 -45.40
CA PRO A 131 -12.45 -69.70 -45.60
C PRO A 131 -11.03 -69.15 -45.44
N GLU A 132 -10.83 -67.84 -45.57
CA GLU A 132 -9.54 -67.22 -45.22
C GLU A 132 -9.33 -67.12 -43.70
N ALA A 133 -10.38 -66.89 -42.89
CA ALA A 133 -10.23 -66.67 -41.44
C ALA A 133 -9.77 -67.94 -40.72
N ILE A 134 -10.44 -69.07 -40.97
CA ILE A 134 -9.97 -70.41 -40.56
C ILE A 134 -8.61 -70.81 -41.16
N THR A 135 -8.16 -70.17 -42.23
CA THR A 135 -6.78 -70.34 -42.73
C THR A 135 -5.79 -69.52 -41.90
N TYR A 136 -6.00 -68.21 -41.72
CA TYR A 136 -5.13 -67.34 -40.91
C TYR A 136 -5.05 -67.76 -39.42
N LEU A 137 -6.15 -68.33 -38.89
CA LEU A 137 -6.20 -69.01 -37.59
C LEU A 137 -5.13 -70.09 -37.41
N LEU A 138 -4.91 -70.92 -38.42
CA LEU A 138 -3.94 -72.01 -38.37
C LEU A 138 -2.56 -71.55 -38.87
N GLU A 139 -2.52 -70.57 -39.79
CA GLU A 139 -1.31 -69.81 -40.13
C GLU A 139 -0.66 -69.17 -38.89
N GLN A 140 -1.46 -68.79 -37.88
CA GLN A 140 -0.98 -68.33 -36.57
C GLN A 140 0.05 -69.29 -35.93
N TYR A 141 -0.19 -70.61 -36.05
CA TYR A 141 0.68 -71.66 -35.51
C TYR A 141 1.68 -72.20 -36.55
N ASP A 142 1.24 -72.33 -37.81
CA ASP A 142 2.09 -72.80 -38.91
C ASP A 142 3.21 -71.80 -39.27
N ARG A 143 3.09 -70.53 -38.84
CA ARG A 143 4.18 -69.54 -38.84
C ARG A 143 5.33 -69.86 -37.88
N VAL A 144 5.16 -70.75 -36.89
CA VAL A 144 6.12 -70.87 -35.77
C VAL A 144 6.62 -72.31 -35.50
N GLU A 145 5.83 -73.38 -35.60
CA GLU A 145 6.39 -74.75 -35.49
C GLU A 145 7.28 -75.14 -36.70
N ALA A 146 7.23 -74.37 -37.79
CA ALA A 146 7.90 -74.64 -39.07
C ALA A 146 9.45 -74.56 -39.09
N GLU A 147 10.12 -74.27 -37.98
CA GLU A 147 11.59 -74.04 -37.93
C GLU A 147 12.37 -75.08 -37.11
N GLU A 148 11.82 -76.29 -36.94
CA GLU A 148 12.49 -77.54 -36.48
C GLU A 148 12.89 -77.57 -34.98
N ALA A 149 13.12 -76.43 -34.32
CA ALA A 149 13.46 -76.35 -32.89
C ALA A 149 13.04 -75.02 -32.24
N ARG A 150 11.82 -74.98 -31.66
CA ARG A 150 11.22 -73.82 -30.96
C ARG A 150 10.34 -74.27 -29.79
N LEU A 151 9.98 -73.35 -28.90
CA LEU A 151 9.08 -73.58 -27.75
C LEU A 151 8.09 -72.42 -27.49
N SER A 152 8.55 -71.17 -27.64
CA SER A 152 7.76 -69.94 -27.40
C SER A 152 7.52 -69.17 -28.71
N ASP A 153 7.79 -67.87 -28.79
CA ASP A 153 7.30 -67.00 -29.89
C ASP A 153 5.75 -67.12 -29.96
N LEU A 154 5.12 -67.08 -31.14
CA LEU A 154 3.66 -67.17 -31.31
C LEU A 154 3.01 -68.52 -30.90
N ILE A 155 3.75 -69.46 -30.32
CA ILE A 155 3.18 -70.60 -29.56
C ILE A 155 2.64 -70.07 -28.21
N THR A 156 3.40 -69.21 -27.55
CA THR A 156 2.99 -68.46 -26.34
C THR A 156 2.10 -67.26 -26.70
N GLY A 157 1.33 -66.75 -25.73
CA GLY A 157 0.34 -65.69 -25.95
C GLY A 157 -0.82 -66.07 -26.88
N PHE A 158 -1.04 -67.37 -27.09
CA PHE A 158 -2.00 -67.96 -28.03
C PHE A 158 -2.48 -69.34 -27.50
N VAL A 159 -3.27 -70.05 -28.30
CA VAL A 159 -4.03 -71.28 -28.00
C VAL A 159 -5.20 -71.01 -27.04
N ASP A 160 -4.90 -70.32 -25.93
CA ASP A 160 -5.79 -69.58 -25.03
C ASP A 160 -7.28 -70.03 -24.90
N PRO A 161 -7.57 -71.33 -24.65
CA PRO A 161 -8.92 -71.86 -24.77
C PRO A 161 -9.75 -71.72 -23.48
N ASN A 162 -10.70 -70.79 -23.44
CA ASN A 162 -11.80 -70.82 -22.45
C ASN A 162 -12.81 -71.95 -22.75
N ALA A 163 -12.32 -73.19 -22.87
CA ALA A 163 -13.07 -74.45 -22.81
C ALA A 163 -13.62 -74.70 -21.39
N GLU A 164 -14.21 -73.67 -20.80
CA GLU A 164 -14.20 -73.40 -19.35
C GLU A 164 -12.88 -73.83 -18.67
N ASN A 165 -11.77 -73.39 -19.29
CA ASN A 165 -10.36 -73.62 -18.93
C ASN A 165 -9.98 -75.09 -18.64
N SER A 166 -10.81 -76.06 -19.06
CA SER A 166 -10.73 -77.47 -18.66
C SER A 166 -9.90 -78.30 -19.65
N ILE A 167 -8.60 -78.01 -19.75
CA ILE A 167 -7.65 -78.67 -20.68
C ILE A 167 -6.32 -79.07 -20.01
N ASP A 168 -5.47 -79.76 -20.77
CA ASP A 168 -4.07 -80.06 -20.45
C ASP A 168 -3.17 -79.73 -21.67
N PRO A 169 -1.83 -79.75 -21.58
CA PRO A 169 -0.93 -79.50 -22.70
C PRO A 169 -1.20 -80.31 -23.98
N GLU A 170 -1.56 -81.60 -23.88
CA GLU A 170 -1.81 -82.42 -25.07
C GLU A 170 -3.21 -82.15 -25.66
N LEU A 171 -4.25 -81.96 -24.84
CA LEU A 171 -5.56 -81.48 -25.32
C LEU A 171 -5.49 -80.04 -25.88
N ALA A 172 -4.56 -79.21 -25.41
CA ALA A 172 -4.23 -77.93 -26.03
C ALA A 172 -3.53 -78.12 -27.39
N ARG A 173 -2.59 -79.07 -27.53
CA ARG A 173 -1.98 -79.41 -28.81
C ARG A 173 -2.97 -80.02 -29.82
N GLU A 174 -3.91 -80.83 -29.36
CA GLU A 174 -5.05 -81.37 -30.13
C GLU A 174 -5.89 -80.25 -30.78
N LYS A 175 -5.91 -79.02 -30.24
CA LYS A 175 -6.57 -77.87 -30.91
C LYS A 175 -6.00 -77.58 -32.31
N PHE A 176 -4.79 -78.06 -32.61
CA PHE A 176 -4.14 -77.98 -33.92
C PHE A 176 -4.14 -79.31 -34.67
N ALA A 177 -4.95 -80.29 -34.28
CA ALA A 177 -5.16 -81.55 -35.00
C ALA A 177 -6.67 -81.85 -35.19
N GLU A 178 -7.49 -81.85 -34.14
CA GLU A 178 -8.96 -81.91 -34.16
C GLU A 178 -9.58 -80.86 -35.12
N LEU A 179 -9.44 -79.58 -34.80
CA LEU A 179 -9.97 -78.50 -35.63
C LEU A 179 -9.26 -78.47 -37.00
N ARG A 180 -7.96 -78.77 -37.03
CA ARG A 180 -7.19 -78.86 -38.29
C ARG A 180 -7.79 -79.91 -39.23
N ALA A 181 -8.22 -81.07 -38.73
CA ALA A 181 -8.90 -82.10 -39.51
C ALA A 181 -10.25 -81.62 -40.06
N GLN A 182 -11.09 -80.99 -39.21
CA GLN A 182 -12.36 -80.37 -39.64
C GLN A 182 -12.13 -79.27 -40.70
N TYR A 183 -11.05 -78.50 -40.57
CA TYR A 183 -10.64 -77.48 -41.53
C TYR A 183 -10.17 -78.08 -42.86
N VAL A 184 -9.16 -78.97 -42.88
CA VAL A 184 -8.49 -79.34 -44.15
C VAL A 184 -9.38 -80.00 -45.18
N VAL A 185 -10.46 -80.68 -44.76
CA VAL A 185 -11.54 -81.15 -45.63
C VAL A 185 -12.38 -79.97 -46.12
N THR A 186 -13.10 -79.29 -45.22
CA THR A 186 -14.03 -78.17 -45.49
C THR A 186 -13.43 -77.08 -46.39
N ARG A 187 -12.16 -76.74 -46.13
CA ARG A 187 -11.26 -75.86 -46.91
C ARG A 187 -11.32 -76.10 -48.43
N ASP A 188 -11.54 -77.33 -48.90
CA ASP A 188 -11.73 -77.64 -50.32
C ASP A 188 -13.07 -78.33 -50.65
N THR A 189 -13.72 -79.04 -49.72
CA THR A 189 -15.06 -79.59 -49.98
C THR A 189 -16.17 -78.53 -50.06
N ILE A 190 -15.91 -77.29 -49.67
CA ILE A 190 -16.65 -76.08 -50.12
C ILE A 190 -16.68 -75.93 -51.66
N LYS A 191 -15.78 -76.57 -52.40
CA LYS A 191 -15.79 -76.65 -53.87
C LYS A 191 -16.34 -77.99 -54.40
N ALA A 192 -16.41 -79.03 -53.57
CA ALA A 192 -17.12 -80.27 -53.88
C ALA A 192 -18.63 -80.05 -53.71
N LYS A 193 -19.44 -80.50 -54.67
CA LYS A 193 -20.89 -80.21 -54.85
C LYS A 193 -21.34 -78.73 -54.88
N GLY A 194 -20.75 -77.83 -54.10
CA GLY A 194 -20.95 -76.37 -54.16
C GLY A 194 -20.83 -75.69 -52.78
N ARG A 195 -20.67 -74.36 -52.74
CA ARG A 195 -20.27 -73.58 -51.52
C ARG A 195 -20.97 -73.95 -50.22
N SER A 196 -22.27 -74.19 -50.30
CA SER A 196 -23.17 -74.65 -49.23
C SER A 196 -24.28 -75.54 -49.83
N HIS A 197 -23.96 -76.23 -50.91
CA HIS A 197 -24.88 -77.10 -51.64
C HIS A 197 -24.80 -78.52 -51.07
N ALA A 198 -25.92 -79.01 -50.51
CA ALA A 198 -25.93 -80.18 -49.63
C ALA A 198 -24.74 -80.13 -48.62
N THR A 199 -24.11 -81.27 -48.36
CA THR A 199 -23.13 -81.51 -47.28
C THR A 199 -22.04 -80.47 -47.06
N ALA A 200 -21.71 -79.62 -48.04
CA ALA A 200 -20.84 -78.47 -47.80
C ALA A 200 -21.37 -77.54 -46.69
N GLN A 201 -22.70 -77.40 -46.55
CA GLN A 201 -23.30 -76.65 -45.47
C GLN A 201 -23.18 -77.37 -44.12
N GLU A 202 -23.38 -78.69 -44.07
CA GLU A 202 -23.16 -79.52 -42.89
C GLU A 202 -21.69 -79.56 -42.44
N GLU A 203 -20.74 -79.62 -43.39
CA GLU A 203 -19.29 -79.54 -43.16
C GLU A 203 -18.90 -78.19 -42.53
N ILE A 204 -19.37 -77.08 -43.13
CA ILE A 204 -19.28 -75.73 -42.52
C ILE A 204 -19.90 -75.72 -41.11
N LEU A 205 -21.10 -76.28 -40.95
CA LEU A 205 -21.79 -76.28 -39.67
C LEU A 205 -21.02 -77.06 -38.59
N LYS A 206 -20.41 -78.20 -38.91
CA LYS A 206 -19.64 -78.97 -37.92
C LYS A 206 -18.27 -78.35 -37.58
N LEU A 207 -17.60 -77.75 -38.56
CA LEU A 207 -16.46 -76.87 -38.28
C LEU A 207 -16.87 -75.70 -37.35
N SER A 208 -18.03 -75.09 -37.62
CA SER A 208 -18.64 -74.04 -36.77
C SER A 208 -19.13 -74.54 -35.41
N GLU A 209 -19.25 -75.85 -35.19
CA GLU A 209 -19.58 -76.45 -33.89
C GLU A 209 -18.33 -76.65 -33.05
N VAL A 210 -17.27 -77.26 -33.60
CA VAL A 210 -16.00 -77.44 -32.88
C VAL A 210 -15.39 -76.08 -32.50
N PHE A 211 -15.45 -75.09 -33.40
CA PHE A 211 -14.98 -73.74 -33.11
C PHE A 211 -15.78 -73.00 -32.01
N LYS A 212 -16.91 -73.52 -31.51
CA LYS A 212 -17.59 -72.98 -30.31
C LYS A 212 -16.73 -73.10 -29.05
N GLN A 213 -15.84 -74.10 -28.98
CA GLN A 213 -14.84 -74.25 -27.91
C GLN A 213 -13.64 -73.29 -28.08
N PHE A 214 -13.41 -72.77 -29.28
CA PHE A 214 -12.35 -71.80 -29.59
C PHE A 214 -12.83 -70.38 -29.26
N ARG A 215 -13.10 -70.18 -27.96
CA ARG A 215 -13.47 -68.93 -27.31
C ARG A 215 -12.24 -68.48 -26.51
N LEU A 216 -11.77 -67.27 -26.80
CA LEU A 216 -10.36 -66.89 -26.73
C LEU A 216 -10.19 -65.52 -26.03
N VAL A 217 -8.94 -65.16 -25.72
CA VAL A 217 -8.54 -63.82 -25.26
C VAL A 217 -9.14 -62.76 -26.20
N PRO A 218 -9.77 -61.68 -25.68
CA PRO A 218 -10.48 -60.68 -26.48
C PRO A 218 -9.73 -60.15 -27.71
N LYS A 219 -8.39 -60.10 -27.71
CA LYS A 219 -7.58 -59.67 -28.86
C LYS A 219 -7.12 -60.78 -29.80
N GLN A 220 -6.95 -62.03 -29.36
CA GLN A 220 -6.80 -63.17 -30.29
C GLN A 220 -8.13 -63.43 -31.04
N PHE A 221 -9.27 -63.37 -30.34
CA PHE A 221 -10.59 -63.34 -30.95
C PHE A 221 -10.73 -62.18 -31.96
N ASP A 222 -10.54 -60.93 -31.51
CA ASP A 222 -10.76 -59.74 -32.35
C ASP A 222 -9.72 -59.60 -33.48
N TYR A 223 -8.53 -60.23 -33.41
CA TYR A 223 -7.63 -60.38 -34.56
C TYR A 223 -8.31 -61.13 -35.72
N LEU A 224 -8.98 -62.24 -35.43
CA LEU A 224 -9.71 -63.04 -36.43
C LEU A 224 -10.92 -62.28 -36.98
N VAL A 225 -11.65 -61.54 -36.14
CA VAL A 225 -12.76 -60.70 -36.60
C VAL A 225 -12.26 -59.51 -37.43
N ASN A 226 -11.22 -58.79 -37.00
CA ASN A 226 -10.57 -57.74 -37.79
C ASN A 226 -10.08 -58.26 -39.15
N SER A 227 -9.53 -59.47 -39.19
CA SER A 227 -9.16 -60.14 -40.44
C SER A 227 -10.38 -60.29 -41.37
N MET A 228 -11.53 -60.78 -40.86
CA MET A 228 -12.77 -60.84 -41.65
C MET A 228 -13.34 -59.47 -42.05
N ARG A 229 -13.22 -58.42 -41.20
CA ARG A 229 -13.59 -57.04 -41.54
C ARG A 229 -12.76 -56.51 -42.72
N VAL A 230 -11.43 -56.65 -42.64
CA VAL A 230 -10.49 -56.24 -43.69
C VAL A 230 -10.70 -57.03 -44.98
N MET A 231 -10.89 -58.35 -44.90
CA MET A 231 -11.14 -59.16 -46.09
C MET A 231 -12.53 -58.91 -46.71
N MET A 232 -13.54 -58.53 -45.92
CA MET A 232 -14.77 -57.96 -46.47
C MET A 232 -14.46 -56.68 -47.26
N ASP A 233 -13.75 -55.71 -46.67
CA ASP A 233 -13.49 -54.42 -47.34
C ASP A 233 -12.56 -54.50 -48.55
N ARG A 234 -11.74 -55.56 -48.71
CA ARG A 234 -11.13 -55.88 -50.02
C ARG A 234 -12.16 -55.87 -51.14
N VAL A 235 -13.37 -56.39 -50.90
CA VAL A 235 -14.52 -56.30 -51.81
C VAL A 235 -15.27 -54.97 -51.65
N ARG A 236 -15.60 -54.53 -50.42
CA ARG A 236 -16.41 -53.31 -50.22
C ARG A 236 -15.74 -52.03 -50.74
N THR A 237 -14.42 -51.86 -50.63
CA THR A 237 -13.66 -50.78 -51.30
C THR A 237 -13.83 -50.84 -52.82
N GLN A 238 -13.76 -52.04 -53.41
CA GLN A 238 -13.94 -52.23 -54.85
C GLN A 238 -15.38 -51.90 -55.29
N GLU A 239 -16.40 -52.33 -54.56
CA GLU A 239 -17.79 -51.92 -54.81
C GLU A 239 -17.97 -50.40 -54.68
N ARG A 240 -17.50 -49.81 -53.58
CA ARG A 240 -17.55 -48.38 -53.25
C ARG A 240 -16.87 -47.53 -54.34
N LEU A 241 -15.72 -47.98 -54.84
CA LEU A 241 -15.02 -47.38 -55.98
C LEU A 241 -15.77 -47.58 -57.31
N ILE A 242 -16.20 -48.79 -57.63
CA ILE A 242 -16.80 -49.12 -58.94
C ILE A 242 -18.21 -48.53 -59.08
N MET A 243 -18.99 -48.45 -58.00
CA MET A 243 -20.25 -47.68 -57.96
C MET A 243 -19.96 -46.20 -58.23
N LYS A 244 -18.98 -45.59 -57.54
CA LYS A 244 -18.54 -44.21 -57.83
C LYS A 244 -18.12 -44.05 -59.31
N LEU A 245 -17.39 -45.00 -59.89
CA LEU A 245 -17.04 -45.00 -61.32
C LEU A 245 -18.26 -45.17 -62.24
N CYS A 246 -19.32 -45.86 -61.82
CA CYS A 246 -20.59 -45.88 -62.56
C CYS A 246 -21.18 -44.46 -62.67
N VAL A 247 -21.11 -43.62 -61.64
CA VAL A 247 -21.46 -42.19 -61.73
C VAL A 247 -20.40 -41.41 -62.54
N GLU A 248 -19.17 -41.39 -62.05
CA GLU A 248 -18.05 -40.53 -62.44
C GLU A 248 -17.55 -40.81 -63.86
N GLN A 249 -17.25 -42.06 -64.21
CA GLN A 249 -16.91 -42.46 -65.58
C GLN A 249 -18.19 -42.65 -66.41
N CYS A 250 -19.18 -43.42 -65.92
CA CYS A 250 -20.24 -43.92 -66.81
C CYS A 250 -21.54 -43.09 -66.88
N LYS A 251 -21.84 -42.23 -65.89
CA LYS A 251 -23.15 -41.54 -65.70
C LYS A 251 -24.32 -42.53 -65.57
N MET A 252 -24.20 -43.40 -64.57
CA MET A 252 -25.09 -44.51 -64.25
C MET A 252 -25.27 -44.60 -62.71
N PRO A 253 -26.15 -43.77 -62.11
CA PRO A 253 -26.32 -43.63 -60.64
C PRO A 253 -26.63 -44.91 -59.85
N LYS A 254 -26.37 -44.85 -58.53
CA LYS A 254 -26.66 -45.83 -57.45
C LYS A 254 -27.30 -47.15 -57.93
N LYS A 255 -28.61 -47.11 -58.08
CA LYS A 255 -29.52 -48.25 -58.31
C LYS A 255 -29.16 -49.06 -59.56
N ASN A 256 -28.65 -48.40 -60.62
CA ASN A 256 -28.29 -49.07 -61.87
C ASN A 256 -26.95 -49.84 -61.78
N PHE A 257 -26.05 -49.51 -60.85
CA PHE A 257 -24.93 -50.42 -60.51
C PHE A 257 -25.47 -51.71 -59.89
N ILE A 258 -26.28 -51.59 -58.83
CA ILE A 258 -26.90 -52.73 -58.12
C ILE A 258 -27.71 -53.63 -59.07
N THR A 259 -28.43 -53.02 -60.02
CA THR A 259 -29.23 -53.69 -61.07
C THR A 259 -28.42 -54.61 -62.01
N LEU A 260 -27.08 -54.52 -62.03
CA LEU A 260 -26.23 -55.23 -63.01
C LEU A 260 -25.08 -56.00 -62.36
N PHE A 261 -24.43 -55.42 -61.35
CA PHE A 261 -23.33 -56.04 -60.61
C PHE A 261 -23.78 -57.29 -59.86
N THR A 262 -24.80 -57.14 -59.00
CA THR A 262 -25.13 -58.04 -57.87
C THR A 262 -25.66 -59.44 -58.23
N GLY A 263 -25.61 -59.83 -59.51
CA GLY A 263 -25.96 -61.18 -59.98
C GLY A 263 -24.91 -61.83 -60.89
N ASN A 264 -23.77 -61.17 -61.14
CA ASN A 264 -22.63 -61.73 -61.86
C ASN A 264 -21.33 -60.94 -61.54
N GLU A 265 -21.14 -60.59 -60.27
CA GLU A 265 -20.15 -59.62 -59.75
C GLU A 265 -18.74 -59.69 -60.36
N THR A 266 -18.29 -60.92 -60.61
CA THR A 266 -16.89 -61.36 -60.72
C THR A 266 -16.03 -60.66 -61.77
N SER A 267 -16.60 -60.11 -62.84
CA SER A 267 -15.82 -59.73 -64.02
C SER A 267 -16.50 -58.66 -64.88
N ASP A 268 -15.79 -58.15 -65.89
CA ASP A 268 -16.28 -57.19 -66.88
C ASP A 268 -17.44 -57.72 -67.75
N THR A 269 -17.93 -58.94 -67.51
CA THR A 269 -19.17 -59.49 -68.11
C THR A 269 -20.36 -58.56 -67.91
N TRP A 270 -20.66 -58.16 -66.66
CA TRP A 270 -21.77 -57.26 -66.36
C TRP A 270 -21.50 -55.82 -66.84
N PHE A 271 -20.25 -55.37 -66.84
CA PHE A 271 -19.90 -54.07 -67.44
C PHE A 271 -20.08 -54.06 -68.96
N ASN A 272 -19.70 -55.11 -69.67
CA ASN A 272 -19.98 -55.25 -71.11
C ASN A 272 -21.49 -55.37 -71.38
N ALA A 273 -22.28 -55.98 -70.49
CA ALA A 273 -23.73 -55.89 -70.52
C ALA A 273 -24.24 -54.44 -70.30
N ALA A 274 -23.58 -53.65 -69.45
CA ALA A 274 -23.87 -52.23 -69.26
C ALA A 274 -23.60 -51.37 -70.52
N ILE A 275 -22.65 -51.76 -71.38
CA ILE A 275 -22.50 -51.23 -72.76
C ILE A 275 -23.70 -51.68 -73.61
N ALA A 276 -23.98 -53.00 -73.63
CA ALA A 276 -25.01 -53.61 -74.46
C ALA A 276 -26.43 -53.05 -74.23
N MET A 277 -26.72 -52.50 -73.04
CA MET A 277 -27.94 -51.74 -72.75
C MET A 277 -28.28 -50.66 -73.80
N ASN A 278 -27.28 -50.06 -74.46
CA ASN A 278 -27.40 -48.76 -75.10
C ASN A 278 -27.96 -47.69 -74.11
N LYS A 279 -28.30 -46.49 -74.60
CA LYS A 279 -28.58 -45.21 -73.91
C LYS A 279 -27.30 -44.34 -74.00
N PRO A 280 -27.39 -43.00 -74.16
CA PRO A 280 -26.22 -42.14 -74.39
C PRO A 280 -24.99 -42.34 -73.49
N TRP A 281 -25.19 -42.70 -72.21
CA TRP A 281 -24.10 -43.03 -71.28
C TRP A 281 -23.40 -44.35 -71.66
N SER A 282 -24.15 -45.44 -71.80
CA SER A 282 -23.65 -46.73 -72.32
C SER A 282 -23.03 -46.61 -73.72
N GLU A 283 -23.61 -45.77 -74.58
CA GLU A 283 -23.10 -45.49 -75.92
C GLU A 283 -21.71 -44.84 -75.89
N LYS A 284 -21.41 -43.99 -74.89
CA LYS A 284 -20.08 -43.38 -74.64
C LYS A 284 -19.00 -44.42 -74.30
N LEU A 285 -19.37 -45.60 -73.80
CA LEU A 285 -18.41 -46.62 -73.38
C LEU A 285 -17.59 -47.21 -74.55
N HIS A 286 -18.09 -47.15 -75.78
CA HIS A 286 -17.40 -47.63 -76.99
C HIS A 286 -16.03 -46.97 -77.29
N ASP A 287 -15.70 -45.88 -76.59
CA ASP A 287 -14.39 -45.20 -76.65
C ASP A 287 -13.93 -44.73 -75.24
N VAL A 288 -14.22 -45.51 -74.19
CA VAL A 288 -13.60 -45.37 -72.85
C VAL A 288 -13.63 -46.66 -71.99
N SER A 289 -14.19 -47.78 -72.49
CA SER A 289 -14.35 -49.04 -71.73
C SER A 289 -13.06 -49.56 -71.10
N GLU A 290 -11.93 -49.31 -71.75
CA GLU A 290 -10.59 -49.71 -71.31
C GLU A 290 -10.28 -49.23 -69.87
N GLU A 291 -10.70 -48.00 -69.54
CA GLU A 291 -10.47 -47.38 -68.23
C GLU A 291 -11.29 -48.01 -67.09
N VAL A 292 -12.35 -48.78 -67.41
CA VAL A 292 -13.19 -49.49 -66.43
C VAL A 292 -12.71 -50.93 -66.24
N HIS A 293 -12.31 -51.62 -67.33
CA HIS A 293 -11.62 -52.91 -67.23
C HIS A 293 -10.33 -52.76 -66.38
N ARG A 294 -9.62 -51.63 -66.54
CA ARG A 294 -8.49 -51.18 -65.69
C ARG A 294 -8.84 -50.92 -64.20
N ALA A 295 -10.02 -51.30 -63.72
CA ALA A 295 -10.41 -51.25 -62.31
C ALA A 295 -11.22 -52.50 -61.89
N LEU A 296 -12.22 -52.90 -62.69
CA LEU A 296 -13.07 -54.07 -62.42
C LEU A 296 -12.28 -55.38 -62.40
N GLN A 297 -11.22 -55.51 -63.20
CA GLN A 297 -10.26 -56.62 -63.11
C GLN A 297 -9.57 -56.76 -61.73
N LYS A 298 -9.65 -55.78 -60.83
CA LYS A 298 -9.19 -55.90 -59.41
C LYS A 298 -10.35 -56.02 -58.40
N LEU A 299 -11.59 -56.23 -58.86
CA LEU A 299 -12.58 -57.00 -58.08
C LEU A 299 -12.41 -58.49 -58.39
N GLN A 300 -12.29 -58.84 -59.68
CA GLN A 300 -11.94 -60.19 -60.15
C GLN A 300 -10.67 -60.74 -59.48
N GLN A 301 -9.61 -59.93 -59.42
CA GLN A 301 -8.36 -60.24 -58.70
C GLN A 301 -8.51 -60.11 -57.17
N ILE A 302 -9.51 -60.78 -56.60
CA ILE A 302 -9.70 -61.06 -55.16
C ILE A 302 -10.17 -62.51 -55.03
N GLU A 303 -11.10 -62.91 -55.91
CA GLU A 303 -11.44 -64.31 -56.16
C GLU A 303 -10.22 -65.07 -56.72
N GLU A 304 -9.49 -64.44 -57.66
CA GLU A 304 -8.17 -64.91 -58.15
C GLU A 304 -7.07 -64.96 -57.06
N GLU A 305 -7.24 -64.28 -55.93
CA GLU A 305 -6.29 -64.29 -54.79
C GLU A 305 -6.60 -65.37 -53.74
N THR A 306 -7.76 -66.05 -53.81
CA THR A 306 -8.31 -66.80 -52.66
C THR A 306 -9.08 -68.08 -53.02
N GLY A 307 -9.67 -68.17 -54.22
CA GLY A 307 -10.64 -69.21 -54.54
C GLY A 307 -12.04 -68.98 -53.90
N LEU A 308 -12.31 -67.79 -53.36
CA LEU A 308 -13.67 -67.31 -53.06
C LEU A 308 -14.50 -67.14 -54.34
N THR A 309 -15.79 -66.85 -54.15
CA THR A 309 -16.58 -66.03 -55.08
C THR A 309 -17.36 -65.02 -54.23
N ILE A 310 -17.77 -63.88 -54.79
CA ILE A 310 -18.59 -62.88 -54.04
C ILE A 310 -19.90 -63.50 -53.50
N GLU A 311 -20.37 -64.62 -54.08
CA GLU A 311 -21.46 -65.46 -53.57
C GLU A 311 -21.34 -65.83 -52.07
N GLN A 312 -20.11 -66.02 -51.55
CA GLN A 312 -19.85 -66.26 -50.13
C GLN A 312 -19.86 -64.94 -49.32
N VAL A 313 -19.18 -63.91 -49.85
CA VAL A 313 -19.02 -62.59 -49.19
C VAL A 313 -20.36 -61.89 -48.97
N LYS A 314 -21.35 -62.16 -49.84
CA LYS A 314 -22.75 -61.71 -49.73
C LYS A 314 -23.44 -62.06 -48.39
N ASP A 315 -23.01 -63.11 -47.70
CA ASP A 315 -23.73 -63.62 -46.52
C ASP A 315 -22.84 -63.88 -45.30
N ILE A 316 -21.68 -64.53 -45.47
CA ILE A 316 -20.79 -64.91 -44.35
C ILE A 316 -20.33 -63.68 -43.56
N ASN A 317 -19.78 -62.68 -44.27
CA ASN A 317 -19.28 -61.46 -43.64
C ASN A 317 -20.41 -60.57 -43.09
N ARG A 318 -21.68 -60.83 -43.44
CA ARG A 318 -22.84 -60.23 -42.76
C ARG A 318 -23.24 -61.02 -41.51
N ARG A 319 -23.15 -62.35 -41.53
CA ARG A 319 -23.38 -63.23 -40.37
C ARG A 319 -22.40 -62.93 -39.23
N MET A 320 -21.13 -62.68 -39.56
CA MET A 320 -20.15 -62.05 -38.66
C MET A 320 -20.76 -60.84 -37.95
N SER A 321 -21.16 -59.80 -38.68
CA SER A 321 -21.65 -58.57 -38.08
C SER A 321 -23.03 -58.66 -37.43
N ILE A 322 -23.84 -59.69 -37.72
CA ILE A 322 -25.04 -60.04 -36.92
C ILE A 322 -24.63 -60.55 -35.53
N GLY A 323 -23.51 -61.27 -35.41
CA GLY A 323 -22.88 -61.58 -34.13
C GLY A 323 -22.27 -60.35 -33.45
N GLU A 324 -21.56 -59.49 -34.20
CA GLU A 324 -21.00 -58.23 -33.66
C GLU A 324 -22.08 -57.27 -33.15
N ALA A 325 -23.21 -57.15 -33.85
CA ALA A 325 -24.36 -56.34 -33.46
C ALA A 325 -24.91 -56.72 -32.08
N LYS A 326 -24.83 -58.00 -31.69
CA LYS A 326 -25.08 -58.42 -30.30
C LYS A 326 -23.86 -58.17 -29.41
N ALA A 327 -22.68 -58.67 -29.78
CA ALA A 327 -21.46 -58.60 -28.97
C ALA A 327 -21.08 -57.17 -28.51
N ARG A 328 -21.28 -56.17 -29.37
CA ARG A 328 -20.86 -54.77 -29.15
C ARG A 328 -22.00 -53.77 -28.96
N ARG A 329 -23.27 -54.17 -29.16
CA ARG A 329 -24.39 -53.61 -28.38
C ARG A 329 -24.22 -53.99 -26.91
N ALA A 330 -24.11 -55.28 -26.61
CA ALA A 330 -23.97 -55.77 -25.24
C ALA A 330 -22.70 -55.23 -24.54
N LYS A 331 -21.52 -55.26 -25.18
CA LYS A 331 -20.33 -54.49 -24.74
C LYS A 331 -20.44 -52.99 -25.13
N LYS A 332 -21.50 -52.35 -24.64
CA LYS A 332 -21.83 -50.90 -24.55
C LYS A 332 -22.97 -50.79 -23.52
N GLU A 333 -24.04 -51.52 -23.77
CA GLU A 333 -25.25 -51.70 -22.94
C GLU A 333 -24.91 -52.19 -21.52
N MET A 334 -23.89 -53.06 -21.36
CA MET A 334 -23.39 -53.51 -20.05
C MET A 334 -22.71 -52.38 -19.26
N VAL A 335 -22.01 -51.47 -19.94
CA VAL A 335 -21.42 -50.27 -19.30
C VAL A 335 -22.55 -49.34 -18.87
N GLU A 336 -23.49 -49.07 -19.78
CA GLU A 336 -24.71 -48.27 -19.53
C GLU A 336 -25.52 -48.78 -18.33
N ALA A 337 -25.73 -50.10 -18.24
CA ALA A 337 -26.43 -50.77 -17.14
C ALA A 337 -25.79 -50.60 -15.75
N ASN A 338 -24.54 -50.10 -15.67
CA ASN A 338 -23.76 -49.97 -14.43
C ASN A 338 -23.31 -48.53 -14.14
N LEU A 339 -23.68 -47.54 -14.96
CA LEU A 339 -23.26 -46.12 -14.82
C LEU A 339 -23.58 -45.47 -13.47
N ARG A 340 -24.54 -46.02 -12.70
CA ARG A 340 -24.95 -45.54 -11.35
C ARG A 340 -24.06 -46.07 -10.23
N LEU A 341 -23.76 -47.38 -10.24
CA LEU A 341 -22.77 -48.05 -9.38
C LEU A 341 -21.37 -47.41 -9.50
N VAL A 342 -21.00 -46.90 -10.68
CA VAL A 342 -19.78 -46.08 -10.81
C VAL A 342 -19.85 -44.80 -9.98
N ILE A 343 -20.99 -44.12 -9.90
CA ILE A 343 -21.13 -42.91 -9.06
C ILE A 343 -21.01 -43.29 -7.58
N SER A 344 -21.78 -44.26 -7.09
CA SER A 344 -21.86 -44.56 -5.65
C SER A 344 -20.52 -45.03 -5.06
N ILE A 345 -19.69 -45.76 -5.83
CA ILE A 345 -18.29 -46.03 -5.47
C ILE A 345 -17.41 -44.79 -5.66
N ALA A 346 -17.40 -44.16 -6.84
CA ALA A 346 -16.45 -43.08 -7.13
C ALA A 346 -16.64 -41.86 -6.23
N LYS A 347 -17.88 -41.50 -5.92
CA LYS A 347 -18.20 -40.29 -5.19
C LYS A 347 -17.67 -40.32 -3.74
N LYS A 348 -17.51 -41.51 -3.15
CA LYS A 348 -16.72 -41.72 -1.90
C LYS A 348 -15.35 -41.05 -2.01
N TYR A 349 -14.56 -41.43 -3.02
CA TYR A 349 -13.21 -40.92 -3.29
C TYR A 349 -13.18 -39.47 -3.79
N THR A 350 -14.24 -38.96 -4.43
CA THR A 350 -14.27 -37.55 -4.90
C THR A 350 -14.32 -36.49 -3.79
N ASN A 351 -14.35 -36.90 -2.52
CA ASN A 351 -14.44 -36.07 -1.31
C ASN A 351 -13.27 -35.07 -1.15
N ARG A 352 -13.28 -33.98 -1.94
CA ARG A 352 -12.17 -33.02 -2.12
C ARG A 352 -10.87 -33.60 -2.70
N GLY A 353 -10.65 -34.92 -2.67
CA GLY A 353 -9.51 -35.70 -3.18
C GLY A 353 -8.65 -35.06 -4.26
N LEU A 354 -9.28 -34.60 -5.35
CA LEU A 354 -8.72 -33.62 -6.29
C LEU A 354 -9.83 -32.73 -6.87
N GLN A 355 -10.94 -33.33 -7.33
CA GLN A 355 -12.20 -32.63 -7.66
C GLN A 355 -13.42 -33.52 -7.39
N PHE A 356 -14.57 -32.92 -7.10
CA PHE A 356 -15.86 -33.59 -6.85
C PHE A 356 -16.44 -34.41 -8.04
N LEU A 357 -15.73 -34.54 -9.17
CA LEU A 357 -16.27 -34.95 -10.47
C LEU A 357 -15.44 -36.09 -11.10
N ASP A 358 -14.18 -35.80 -11.42
CA ASP A 358 -13.41 -36.50 -12.46
C ASP A 358 -13.19 -38.00 -12.26
N LEU A 359 -13.16 -38.47 -11.00
CA LEU A 359 -12.95 -39.87 -10.67
C LEU A 359 -14.09 -40.77 -11.18
N ILE A 360 -15.32 -40.24 -11.27
CA ILE A 360 -16.49 -40.96 -11.81
C ILE A 360 -16.23 -41.35 -13.28
N GLN A 361 -15.71 -40.41 -14.06
CA GLN A 361 -15.42 -40.62 -15.48
C GLN A 361 -14.22 -41.55 -15.72
N GLU A 362 -13.25 -41.59 -14.80
CA GLU A 362 -12.18 -42.61 -14.87
C GLU A 362 -12.70 -44.00 -14.47
N GLY A 363 -13.59 -44.09 -13.48
CA GLY A 363 -14.35 -45.31 -13.15
C GLY A 363 -15.14 -45.84 -14.35
N ASN A 364 -15.78 -44.95 -15.12
CA ASN A 364 -16.43 -45.27 -16.39
C ASN A 364 -15.48 -45.84 -17.48
N ILE A 365 -14.16 -45.74 -17.31
CA ILE A 365 -13.16 -46.39 -18.18
C ILE A 365 -12.59 -47.66 -17.53
N GLY A 366 -12.41 -47.71 -16.20
CA GLY A 366 -12.13 -48.96 -15.46
C GLY A 366 -13.20 -50.03 -15.71
N LEU A 367 -14.47 -49.60 -15.76
CA LEU A 367 -15.64 -50.37 -16.17
C LEU A 367 -15.47 -51.06 -17.54
N MET A 368 -14.64 -50.55 -18.45
CA MET A 368 -14.36 -51.22 -19.73
C MET A 368 -13.58 -52.52 -19.55
N LYS A 369 -12.51 -52.54 -18.73
CA LYS A 369 -11.73 -53.76 -18.44
C LYS A 369 -12.58 -54.78 -17.68
N ALA A 370 -13.42 -54.29 -16.76
CA ALA A 370 -14.41 -55.09 -16.05
C ALA A 370 -15.44 -55.76 -16.98
N VAL A 371 -16.08 -54.98 -17.86
CA VAL A 371 -17.01 -55.52 -18.86
C VAL A 371 -16.32 -56.47 -19.84
N ASP A 372 -15.03 -56.27 -20.15
CA ASP A 372 -14.31 -57.20 -21.04
C ASP A 372 -13.99 -58.55 -20.38
N LYS A 373 -13.56 -58.57 -19.10
CA LYS A 373 -13.20 -59.75 -18.28
C LYS A 373 -14.34 -60.20 -17.32
N PHE A 374 -15.61 -59.87 -17.59
CA PHE A 374 -16.74 -60.28 -16.72
C PHE A 374 -17.00 -61.80 -16.71
N GLU A 375 -16.22 -62.54 -15.91
CA GLU A 375 -16.35 -63.98 -15.68
C GLU A 375 -17.56 -64.38 -14.83
N TYR A 376 -18.79 -64.01 -15.22
CA TYR A 376 -20.02 -64.55 -14.60
C TYR A 376 -20.04 -66.09 -14.52
N ARG A 377 -19.25 -66.74 -15.39
CA ARG A 377 -18.93 -68.18 -15.43
C ARG A 377 -18.12 -68.71 -14.24
N ARG A 378 -17.72 -67.89 -13.27
CA ARG A 378 -17.32 -68.36 -11.92
C ARG A 378 -18.54 -68.53 -11.03
N GLY A 379 -19.47 -67.57 -11.07
CA GLY A 379 -20.76 -67.57 -10.39
C GLY A 379 -21.12 -66.21 -9.80
N TYR A 380 -20.10 -65.46 -9.40
CA TYR A 380 -20.11 -64.18 -8.67
C TYR A 380 -20.76 -63.02 -9.43
N LYS A 381 -20.97 -61.88 -8.75
CA LYS A 381 -21.84 -60.79 -9.23
C LYS A 381 -21.08 -59.48 -9.52
N PHE A 382 -21.64 -58.66 -10.42
CA PHE A 382 -20.96 -57.45 -10.94
C PHE A 382 -20.75 -56.34 -9.88
N SER A 383 -21.58 -56.33 -8.85
CA SER A 383 -21.41 -55.60 -7.58
C SER A 383 -20.03 -55.86 -6.96
N THR A 384 -19.66 -57.12 -6.76
CA THR A 384 -18.34 -57.54 -6.26
C THR A 384 -17.23 -57.23 -7.25
N TYR A 385 -17.47 -57.45 -8.55
CA TYR A 385 -16.52 -57.05 -9.61
C TYR A 385 -16.15 -55.55 -9.49
N ALA A 386 -17.15 -54.69 -9.36
CA ALA A 386 -16.95 -53.25 -9.20
C ALA A 386 -16.23 -52.88 -7.90
N THR A 387 -16.57 -53.56 -6.80
CA THR A 387 -15.96 -53.37 -5.46
C THR A 387 -14.45 -53.65 -5.46
N TRP A 388 -13.98 -54.59 -6.28
CA TRP A 388 -12.55 -54.81 -6.56
C TRP A 388 -12.03 -53.84 -7.65
N TRP A 389 -12.14 -54.25 -8.92
CA TRP A 389 -11.45 -53.63 -10.06
C TRP A 389 -11.80 -52.17 -10.29
N ILE A 390 -13.10 -51.84 -10.32
CA ILE A 390 -13.56 -50.49 -10.69
C ILE A 390 -13.22 -49.52 -9.55
N ARG A 391 -13.32 -49.97 -8.29
CA ARG A 391 -12.84 -49.22 -7.13
C ARG A 391 -11.35 -48.86 -7.25
N GLN A 392 -10.48 -49.79 -7.65
CA GLN A 392 -9.05 -49.44 -7.77
C GLN A 392 -8.70 -48.63 -9.03
N ALA A 393 -9.49 -48.74 -10.10
CA ALA A 393 -9.42 -47.78 -11.20
C ALA A 393 -9.80 -46.35 -10.74
N ILE A 394 -10.82 -46.22 -9.89
CA ILE A 394 -11.20 -44.99 -9.21
C ILE A 394 -10.09 -44.49 -8.28
N THR A 395 -9.47 -45.36 -7.46
CA THR A 395 -8.31 -45.03 -6.61
C THR A 395 -7.16 -44.47 -7.45
N ARG A 396 -6.68 -45.23 -8.44
CA ARG A 396 -5.52 -44.84 -9.25
C ARG A 396 -5.76 -43.58 -10.09
N SER A 397 -7.01 -43.24 -10.40
CA SER A 397 -7.39 -42.03 -11.14
C SER A 397 -6.85 -40.70 -10.58
N ILE A 398 -6.51 -40.65 -9.28
CA ILE A 398 -5.76 -39.53 -8.67
C ILE A 398 -4.66 -40.00 -7.67
N ALA A 399 -4.30 -41.30 -7.65
CA ALA A 399 -3.15 -41.76 -6.86
C ALA A 399 -1.84 -41.25 -7.46
N ASP A 400 -1.55 -41.64 -8.71
CA ASP A 400 -0.37 -41.23 -9.49
C ASP A 400 -0.75 -40.49 -10.80
N GLN A 401 -1.92 -40.80 -11.38
CA GLN A 401 -2.54 -39.92 -12.38
C GLN A 401 -2.83 -38.52 -11.78
N ALA A 402 -2.74 -37.48 -12.63
CA ALA A 402 -3.00 -36.07 -12.32
C ALA A 402 -2.12 -35.41 -11.22
N ARG A 403 -1.17 -36.14 -10.63
CA ARG A 403 -0.14 -35.63 -9.71
C ARG A 403 0.95 -34.82 -10.42
N THR A 404 1.88 -34.27 -9.64
CA THR A 404 3.20 -33.78 -10.12
C THR A 404 4.18 -34.96 -10.36
N ILE A 405 4.00 -36.03 -9.59
CA ILE A 405 4.96 -37.12 -9.38
C ILE A 405 4.25 -38.48 -9.47
N ARG A 406 4.99 -39.52 -9.86
CA ARG A 406 4.48 -40.88 -10.09
C ARG A 406 5.63 -41.88 -10.01
N ILE A 407 5.36 -43.01 -9.37
CA ILE A 407 6.29 -44.04 -8.88
C ILE A 407 5.59 -45.40 -9.09
N PRO A 408 6.29 -46.54 -9.19
CA PRO A 408 5.71 -47.86 -8.90
C PRO A 408 4.80 -47.86 -7.64
N VAL A 409 3.63 -48.47 -7.74
CA VAL A 409 2.43 -48.08 -6.93
C VAL A 409 2.52 -48.45 -5.45
N HIS A 410 3.16 -49.57 -5.12
CA HIS A 410 3.58 -49.95 -3.77
C HIS A 410 4.29 -48.77 -3.06
N MET A 411 5.16 -48.04 -3.77
CA MET A 411 5.87 -46.86 -3.26
C MET A 411 5.05 -45.55 -3.33
N ILE A 412 3.87 -45.54 -3.98
CA ILE A 412 2.88 -44.47 -3.83
C ILE A 412 2.08 -44.70 -2.55
N GLU A 413 1.32 -45.79 -2.47
CA GLU A 413 0.34 -45.98 -1.40
C GLU A 413 1.01 -46.33 -0.06
N THR A 414 2.27 -46.78 -0.02
CA THR A 414 3.07 -46.85 1.22
C THR A 414 3.21 -45.49 1.93
N ILE A 415 3.34 -44.37 1.20
CA ILE A 415 3.32 -43.02 1.80
C ILE A 415 1.98 -42.77 2.53
N ASN A 416 0.92 -43.44 2.07
CA ASN A 416 -0.42 -43.33 2.60
C ASN A 416 -0.68 -44.38 3.69
N LYS A 417 0.00 -45.55 3.70
CA LYS A 417 0.12 -46.42 4.89
C LYS A 417 0.62 -45.64 6.09
N LEU A 418 1.66 -44.81 5.94
CA LEU A 418 2.18 -43.96 7.04
C LEU A 418 1.15 -42.93 7.55
N ASN A 419 0.44 -42.25 6.64
CA ASN A 419 -0.65 -41.33 7.02
C ASN A 419 -1.83 -42.07 7.69
N ARG A 420 -2.16 -43.29 7.25
CA ARG A 420 -3.15 -44.18 7.89
C ARG A 420 -2.71 -44.60 9.31
N ILE A 421 -1.44 -44.98 9.51
CA ILE A 421 -0.84 -45.32 10.83
C ILE A 421 -0.81 -44.12 11.78
N SER A 422 -0.58 -42.91 11.26
CA SER A 422 -0.50 -41.65 12.04
C SER A 422 -1.74 -41.37 12.91
N ARG A 423 -2.87 -42.01 12.61
CA ARG A 423 -4.12 -41.98 13.39
C ARG A 423 -3.99 -42.53 14.81
N GLN A 424 -3.02 -43.43 15.05
CA GLN A 424 -2.63 -43.81 16.41
C GLN A 424 -1.68 -42.76 17.01
N MET A 425 -0.61 -42.41 16.29
CA MET A 425 0.48 -41.53 16.76
C MET A 425 -0.04 -40.23 17.38
N LEU A 426 -0.91 -39.53 16.65
CA LEU A 426 -1.54 -38.26 17.05
C LEU A 426 -2.47 -38.35 18.26
N GLN A 427 -2.67 -39.53 18.87
CA GLN A 427 -3.43 -39.67 20.11
C GLN A 427 -2.84 -40.62 21.16
N GLU A 428 -1.88 -41.48 20.80
CA GLU A 428 -1.19 -42.41 21.71
C GLU A 428 0.13 -41.85 22.25
N MET A 429 1.04 -41.33 21.41
CA MET A 429 2.04 -40.33 21.84
C MET A 429 1.34 -38.97 22.05
N GLY A 430 0.50 -38.57 21.09
CA GLY A 430 -0.74 -37.88 21.42
C GLY A 430 -0.67 -36.39 21.76
N ARG A 431 0.29 -35.68 21.17
CA ARG A 431 0.49 -34.23 21.32
C ARG A 431 1.09 -33.61 20.05
N GLU A 432 2.07 -34.27 19.46
CA GLU A 432 2.63 -34.04 18.12
C GLU A 432 3.02 -35.42 17.54
N PRO A 433 3.25 -35.58 16.23
CA PRO A 433 3.80 -36.80 15.66
C PRO A 433 5.32 -36.89 15.84
N THR A 434 5.86 -38.11 15.93
CA THR A 434 7.31 -38.39 16.08
C THR A 434 7.71 -39.61 15.24
N PRO A 435 8.54 -39.48 14.19
CA PRO A 435 9.09 -40.63 13.42
C PRO A 435 9.71 -41.74 14.27
N GLU A 436 10.23 -41.39 15.45
CA GLU A 436 10.79 -42.28 16.47
C GLU A 436 9.76 -43.29 17.02
N GLU A 437 8.48 -42.91 17.07
CA GLU A 437 7.36 -43.81 17.38
C GLU A 437 6.97 -44.66 16.16
N LEU A 438 6.97 -44.06 14.97
CA LEU A 438 6.67 -44.74 13.71
C LEU A 438 7.64 -45.91 13.45
N ALA A 439 8.89 -45.79 13.88
CA ALA A 439 9.88 -46.87 13.84
C ALA A 439 9.44 -48.15 14.58
N GLU A 440 8.83 -48.06 15.78
CA GLU A 440 8.25 -49.25 16.44
C GLU A 440 6.95 -49.69 15.75
N ARG A 441 6.10 -48.75 15.33
CA ARG A 441 4.85 -49.05 14.59
C ARG A 441 5.07 -49.64 13.18
N MET A 442 6.29 -49.63 12.67
CA MET A 442 6.70 -50.23 11.39
C MET A 442 7.80 -51.29 11.54
N LEU A 443 8.32 -51.50 12.76
CA LEU A 443 9.44 -52.40 13.09
C LEU A 443 10.70 -52.23 12.20
N MET A 444 10.95 -51.02 11.68
CA MET A 444 11.96 -50.75 10.64
C MET A 444 12.75 -49.46 10.87
N PRO A 445 14.00 -49.35 10.38
CA PRO A 445 14.83 -48.16 10.53
C PRO A 445 14.34 -47.01 9.64
N GLU A 446 14.32 -45.79 10.18
CA GLU A 446 13.79 -44.58 9.52
C GLU A 446 14.38 -44.36 8.13
N ASP A 447 15.68 -44.59 7.90
CA ASP A 447 16.30 -44.25 6.61
C ASP A 447 15.91 -45.20 5.46
N LYS A 448 15.82 -46.53 5.69
CA LYS A 448 15.33 -47.47 4.66
C LYS A 448 13.82 -47.28 4.36
N ILE A 449 13.07 -46.59 5.23
CA ILE A 449 11.74 -46.03 4.89
C ILE A 449 11.89 -44.68 4.14
N ARG A 450 12.80 -43.81 4.57
CA ARG A 450 13.13 -42.55 3.88
C ARG A 450 13.68 -42.76 2.46
N LYS A 451 14.12 -43.97 2.09
CA LYS A 451 14.30 -44.45 0.70
C LYS A 451 13.22 -43.90 -0.25
N VAL A 452 11.96 -44.00 0.15
CA VAL A 452 10.81 -43.42 -0.56
C VAL A 452 10.69 -41.92 -0.27
N LEU A 453 10.64 -41.53 1.01
CA LEU A 453 10.28 -40.17 1.43
C LEU A 453 11.30 -39.07 1.07
N LYS A 454 12.56 -39.42 0.79
CA LYS A 454 13.62 -38.52 0.30
C LYS A 454 13.37 -37.98 -1.12
N ILE A 455 12.52 -38.63 -1.92
CA ILE A 455 12.36 -38.31 -3.36
C ILE A 455 10.94 -38.42 -3.91
N SER A 456 10.12 -39.33 -3.38
CA SER A 456 8.78 -39.62 -3.93
C SER A 456 7.68 -38.62 -3.56
N MET A 457 7.98 -37.58 -2.75
CA MET A 457 7.01 -36.54 -2.39
C MET A 457 6.83 -35.48 -3.50
N GLU A 458 7.91 -34.91 -4.04
CA GLU A 458 7.90 -34.11 -5.28
C GLU A 458 9.26 -34.01 -6.01
N THR A 459 10.26 -34.80 -5.61
CA THR A 459 11.58 -35.01 -6.27
C THR A 459 12.54 -33.81 -6.28
N PRO A 460 13.53 -33.77 -5.35
CA PRO A 460 14.77 -32.99 -5.49
C PRO A 460 15.51 -33.21 -6.83
N ILE A 461 16.46 -32.31 -7.15
CA ILE A 461 17.12 -32.19 -8.46
C ILE A 461 18.14 -33.31 -8.83
N GLY A 462 18.12 -34.48 -8.16
CA GLY A 462 19.02 -35.63 -8.37
C GLY A 462 19.07 -36.11 -9.82
N ASP A 463 20.12 -35.74 -10.55
CA ASP A 463 20.09 -35.59 -12.02
C ASP A 463 19.67 -36.89 -12.74
N ASP A 464 20.39 -37.99 -12.51
CA ASP A 464 19.99 -39.40 -12.69
C ASP A 464 20.57 -40.06 -11.43
N GLU A 465 19.74 -40.39 -10.43
CA GLU A 465 20.02 -40.25 -8.99
C GLU A 465 21.47 -39.81 -8.64
N ASP A 466 22.40 -40.75 -8.48
CA ASP A 466 23.86 -40.50 -8.43
C ASP A 466 24.60 -41.08 -9.65
N SER A 467 23.98 -42.06 -10.33
CA SER A 467 24.53 -42.73 -11.53
C SER A 467 24.83 -41.78 -12.70
N HIS A 468 24.28 -40.56 -12.68
CA HIS A 468 24.67 -39.46 -13.57
C HIS A 468 26.16 -39.10 -13.57
N LEU A 469 26.92 -39.52 -12.54
CA LEU A 469 28.38 -39.43 -12.51
C LEU A 469 29.07 -40.37 -13.53
N GLY A 470 28.47 -41.52 -13.85
CA GLY A 470 29.05 -42.55 -14.73
C GLY A 470 28.30 -42.74 -16.07
N ILE A 471 27.06 -42.26 -16.17
CA ILE A 471 26.24 -42.26 -17.40
C ILE A 471 26.92 -41.50 -18.57
N ASP A 472 26.26 -41.49 -19.74
CA ASP A 472 26.43 -40.60 -20.91
C ASP A 472 27.08 -39.19 -20.70
N PHE A 473 27.03 -38.60 -19.51
CA PHE A 473 27.72 -37.34 -19.18
C PHE A 473 29.26 -37.43 -19.04
N ILE A 474 29.88 -38.62 -18.94
CA ILE A 474 31.36 -38.79 -18.84
C ILE A 474 32.17 -38.23 -20.04
N GLU A 475 31.49 -37.91 -21.15
CA GLU A 475 32.01 -37.12 -22.28
C GLU A 475 32.56 -35.74 -21.83
N ASP A 476 33.22 -34.94 -22.68
CA ASP A 476 33.99 -33.75 -22.22
C ASP A 476 33.16 -32.72 -21.43
N THR A 477 31.82 -32.79 -21.54
CA THR A 477 30.81 -32.08 -20.72
C THR A 477 30.97 -32.24 -19.21
N THR A 478 31.78 -33.19 -18.74
CA THR A 478 32.22 -33.29 -17.34
C THR A 478 33.74 -33.44 -17.25
N SER A 479 34.33 -34.39 -17.99
CA SER A 479 35.73 -34.82 -17.84
C SER A 479 36.80 -33.75 -18.11
N ALA A 480 36.46 -32.58 -18.67
CA ALA A 480 37.36 -31.42 -18.69
C ALA A 480 37.80 -30.94 -17.28
N THR A 481 36.95 -31.12 -16.25
CA THR A 481 37.30 -30.87 -14.84
C THR A 481 38.22 -31.96 -14.28
N THR A 482 38.02 -33.24 -14.67
CA THR A 482 38.96 -34.32 -14.37
C THR A 482 40.35 -34.01 -14.93
N GLU A 483 40.41 -33.56 -16.19
CA GLU A 483 41.61 -33.01 -16.86
C GLU A 483 42.00 -31.60 -16.35
N SER A 484 41.70 -31.31 -15.07
CA SER A 484 42.10 -30.12 -14.31
C SER A 484 42.54 -30.51 -12.89
N LEU A 485 41.76 -31.34 -12.19
CA LEU A 485 42.20 -32.01 -10.95
C LEU A 485 43.45 -32.86 -11.20
N ARG A 486 43.46 -33.63 -12.30
CA ARG A 486 44.63 -34.37 -12.77
C ARG A 486 45.81 -33.44 -13.06
N ALA A 487 45.60 -32.27 -13.66
CA ALA A 487 46.69 -31.31 -13.90
C ALA A 487 47.29 -30.80 -12.58
N ALA A 488 46.46 -30.35 -11.63
CA ALA A 488 46.91 -29.84 -10.34
C ALA A 488 47.62 -30.89 -9.47
N THR A 489 47.10 -32.12 -9.43
CA THR A 489 47.79 -33.23 -8.76
C THR A 489 49.06 -33.64 -9.50
N HIS A 490 49.08 -33.59 -10.83
CA HIS A 490 50.30 -33.81 -11.62
C HIS A 490 51.38 -32.75 -11.33
N ASP A 491 51.01 -31.49 -11.08
CA ASP A 491 51.91 -30.41 -10.66
C ASP A 491 52.60 -30.75 -9.31
N VAL A 492 51.81 -30.87 -8.23
CA VAL A 492 52.32 -31.04 -6.86
C VAL A 492 53.08 -32.36 -6.73
N LEU A 493 52.50 -33.46 -7.20
CA LEU A 493 53.12 -34.78 -7.16
C LEU A 493 54.27 -34.94 -8.17
N ALA A 494 54.80 -33.86 -8.75
CA ALA A 494 56.03 -33.79 -9.53
C ALA A 494 57.04 -32.75 -9.01
N GLY A 495 56.68 -31.98 -7.97
CA GLY A 495 57.59 -31.14 -7.19
C GLY A 495 58.06 -31.83 -5.90
N LEU A 496 57.26 -32.76 -5.36
CA LEU A 496 57.65 -33.64 -4.24
C LEU A 496 58.88 -34.54 -4.56
N THR A 497 59.41 -35.14 -3.49
CA THR A 497 60.65 -35.90 -3.40
C THR A 497 60.92 -36.83 -4.59
N ALA A 498 62.17 -36.78 -5.09
CA ALA A 498 62.58 -37.45 -6.33
C ALA A 498 62.25 -38.95 -6.39
N ARG A 499 62.28 -39.67 -5.26
CA ARG A 499 61.78 -41.06 -5.17
C ARG A 499 60.26 -41.10 -5.04
N GLU A 500 59.71 -40.59 -3.93
CA GLU A 500 58.30 -40.65 -3.52
C GLU A 500 57.29 -40.25 -4.61
N ALA A 501 57.64 -39.31 -5.49
CA ALA A 501 56.78 -38.82 -6.58
C ALA A 501 56.46 -39.84 -7.72
N LYS A 502 55.99 -41.07 -7.43
CA LYS A 502 55.37 -42.02 -8.39
C LYS A 502 54.13 -42.67 -7.74
N VAL A 503 54.43 -43.71 -6.88
CA VAL A 503 53.58 -44.35 -5.84
C VAL A 503 52.20 -43.75 -5.72
N LEU A 504 52.27 -42.59 -4.95
CA LEU A 504 51.20 -41.56 -4.60
C LEU A 504 50.44 -40.95 -5.85
N ARG A 505 50.36 -41.93 -6.95
CA ARG A 505 49.39 -41.70 -8.12
C ARG A 505 48.52 -43.01 -8.51
N MET A 506 48.87 -44.27 -7.72
CA MET A 506 48.46 -45.64 -8.34
C MET A 506 46.96 -46.04 -8.04
N ARG A 507 46.62 -47.40 -8.15
CA ARG A 507 45.31 -48.06 -7.86
C ARG A 507 44.08 -47.37 -8.53
N PHE A 508 43.56 -46.19 -7.76
CA PHE A 508 42.24 -45.63 -8.36
C PHE A 508 42.42 -44.40 -9.30
N GLY A 509 42.89 -44.66 -10.57
CA GLY A 509 42.64 -43.81 -11.74
C GLY A 509 43.24 -42.40 -11.75
N ILE A 510 44.25 -42.12 -10.92
CA ILE A 510 44.67 -40.75 -10.58
C ILE A 510 45.24 -39.98 -11.79
N ASP A 511 46.19 -40.55 -12.53
CA ASP A 511 47.11 -39.77 -13.39
C ASP A 511 47.28 -40.29 -14.82
N MET A 512 47.06 -41.59 -15.06
CA MET A 512 47.25 -42.20 -16.37
C MET A 512 45.94 -42.78 -16.91
N ASN A 513 45.83 -42.90 -18.24
CA ASN A 513 44.71 -43.57 -18.92
C ASN A 513 44.64 -45.09 -18.65
N THR A 514 45.56 -45.62 -17.85
CA THR A 514 45.53 -46.95 -17.22
C THR A 514 46.45 -46.84 -16.00
N ASP A 515 45.88 -46.61 -14.82
CA ASP A 515 46.61 -46.16 -13.61
C ASP A 515 47.22 -47.36 -12.84
N TYR A 516 48.14 -48.07 -13.52
CA TYR A 516 48.64 -49.42 -13.24
C TYR A 516 49.08 -49.73 -11.80
N THR A 517 49.00 -51.03 -11.47
CA THR A 517 49.82 -51.74 -10.47
C THR A 517 51.28 -51.92 -10.95
N LEU A 518 52.09 -52.68 -10.21
CA LEU A 518 53.56 -52.60 -10.17
C LEU A 518 54.30 -52.50 -11.53
N GLU A 519 54.05 -53.38 -12.51
CA GLU A 519 55.04 -53.71 -13.57
C GLU A 519 55.57 -52.50 -14.37
N GLU A 520 54.72 -51.66 -14.97
CA GLU A 520 55.16 -50.46 -15.73
C GLU A 520 55.51 -49.25 -14.84
N VAL A 521 55.31 -49.32 -13.52
CA VAL A 521 55.57 -48.21 -12.58
C VAL A 521 56.85 -48.44 -11.79
N GLY A 522 57.07 -49.65 -11.26
CA GLY A 522 58.33 -50.07 -10.61
C GLY A 522 59.54 -49.90 -11.53
N LYS A 523 59.40 -50.24 -12.82
CA LYS A 523 60.40 -49.97 -13.88
C LYS A 523 60.66 -48.47 -14.17
N GLN A 524 59.98 -47.56 -13.46
CA GLN A 524 60.17 -46.10 -13.49
C GLN A 524 60.35 -45.51 -12.08
N PHE A 525 60.60 -46.36 -11.09
CA PHE A 525 60.84 -46.07 -9.67
C PHE A 525 62.20 -46.60 -9.21
N ASP A 526 62.57 -47.81 -9.69
CA ASP A 526 63.86 -48.49 -9.49
C ASP A 526 64.18 -48.79 -7.99
N VAL A 527 65.28 -49.51 -7.75
CA VAL A 527 65.91 -49.83 -6.45
C VAL A 527 65.14 -50.81 -5.52
N THR A 528 63.86 -50.56 -5.20
CA THR A 528 63.08 -51.29 -4.17
C THR A 528 61.59 -51.44 -4.54
N ARG A 529 60.74 -51.88 -3.61
CA ARG A 529 59.42 -52.50 -3.84
C ARG A 529 58.23 -51.66 -3.30
N GLU A 530 57.25 -52.28 -2.61
CA GLU A 530 55.88 -51.79 -2.36
C GLU A 530 55.69 -50.53 -1.49
N ARG A 531 56.79 -49.84 -1.15
CA ARG A 531 56.84 -48.36 -1.10
C ARG A 531 56.11 -47.69 -2.27
N ILE A 532 56.08 -48.39 -3.42
CA ILE A 532 55.22 -48.18 -4.60
C ILE A 532 53.71 -47.99 -4.31
N ARG A 533 53.25 -48.36 -3.12
CA ARG A 533 51.85 -48.30 -2.68
C ARG A 533 51.70 -47.65 -1.30
N GLN A 534 52.53 -47.99 -0.32
CA GLN A 534 52.52 -47.42 1.03
C GLN A 534 52.57 -45.88 1.05
N ILE A 535 53.33 -45.25 0.14
CA ILE A 535 53.42 -43.78 0.06
C ILE A 535 52.14 -43.11 -0.50
N GLU A 536 51.18 -43.87 -1.06
CA GLU A 536 49.83 -43.33 -1.30
C GLU A 536 49.14 -42.90 0.01
N ALA A 537 49.57 -43.43 1.16
CA ALA A 537 49.01 -43.13 2.49
C ALA A 537 50.00 -42.38 3.41
N LYS A 538 51.32 -42.59 3.30
CA LYS A 538 52.37 -41.89 4.10
C LYS A 538 52.17 -40.37 4.23
N ALA A 539 51.64 -39.74 3.17
CA ALA A 539 51.30 -38.32 3.13
C ALA A 539 50.50 -37.81 4.35
N LEU A 540 49.70 -38.66 5.02
CA LEU A 540 48.92 -38.28 6.19
C LEU A 540 49.75 -37.69 7.36
N ARG A 541 51.08 -37.92 7.44
CA ARG A 541 51.83 -37.70 8.69
C ARG A 541 53.01 -36.70 8.68
N LYS A 542 53.77 -36.51 7.57
CA LYS A 542 54.65 -35.31 7.39
C LYS A 542 54.27 -34.37 6.24
N LEU A 543 53.40 -34.80 5.32
CA LEU A 543 52.58 -33.83 4.55
C LEU A 543 51.36 -33.34 5.36
N ARG A 544 51.34 -33.67 6.67
CA ARG A 544 50.56 -33.09 7.80
C ARG A 544 50.28 -31.59 7.67
N HIS A 545 51.26 -30.80 7.22
CA HIS A 545 51.14 -29.35 7.04
C HIS A 545 50.01 -28.99 6.04
N PRO A 546 48.84 -28.48 6.47
CA PRO A 546 47.61 -28.48 5.65
C PRO A 546 47.71 -27.58 4.39
N SER A 547 48.65 -26.64 4.39
CA SER A 547 49.11 -25.89 3.22
C SER A 547 49.48 -26.76 2.01
N ARG A 548 49.77 -28.06 2.19
CA ARG A 548 50.18 -28.97 1.11
C ARG A 548 49.10 -29.22 0.02
N SER A 549 47.89 -28.72 0.23
CA SER A 549 46.77 -28.73 -0.74
C SER A 549 46.40 -27.34 -1.30
N GLU A 550 47.21 -26.31 -1.05
CA GLU A 550 46.97 -24.92 -1.49
C GLU A 550 46.67 -24.70 -2.98
N VAL A 551 47.11 -25.61 -3.86
CA VAL A 551 46.83 -25.58 -5.31
C VAL A 551 45.97 -26.74 -5.82
N LEU A 552 45.29 -27.48 -4.94
CA LEU A 552 44.57 -28.71 -5.30
C LEU A 552 43.04 -28.61 -5.20
N ARG A 553 42.49 -27.77 -4.31
CA ARG A 553 41.09 -27.91 -3.85
C ARG A 553 40.01 -27.32 -4.79
N SER A 554 40.38 -26.58 -5.85
CA SER A 554 39.40 -25.90 -6.74
C SER A 554 38.44 -26.79 -7.54
N PHE A 555 38.61 -28.11 -7.57
CA PHE A 555 37.90 -28.95 -8.56
C PHE A 555 36.60 -29.58 -8.05
N LEU A 556 36.12 -29.11 -6.90
CA LEU A 556 34.70 -29.12 -6.52
C LEU A 556 33.93 -27.90 -7.11
N ASP A 557 34.63 -26.94 -7.73
CA ASP A 557 34.14 -25.57 -7.96
C ASP A 557 34.33 -25.04 -9.39
N ASP A 558 34.86 -25.83 -10.32
CA ASP A 558 35.06 -25.48 -11.74
C ASP A 558 34.51 -26.59 -12.67
N VAL B 1 -2.25 9.42 52.87
CA VAL B 1 -1.80 8.12 53.42
C VAL B 1 -1.79 7.16 52.27
N TYR B 2 -0.65 6.54 51.99
CA TYR B 2 -0.33 5.83 50.76
C TYR B 2 0.56 4.61 51.12
N SER B 3 0.67 3.62 50.23
CA SER B 3 1.26 2.29 50.50
C SER B 3 2.75 2.31 50.89
N TYR B 4 3.40 1.14 51.01
CA TYR B 4 4.85 1.07 51.23
C TYR B 4 5.69 1.34 49.99
N THR B 5 5.35 0.83 48.80
CA THR B 5 6.07 1.23 47.57
C THR B 5 5.70 2.63 47.10
N GLU B 6 4.51 3.15 47.43
CA GLU B 6 4.18 4.56 47.21
C GLU B 6 5.07 5.54 48.02
N LYS B 7 5.80 5.08 49.04
CA LYS B 7 6.89 5.85 49.69
C LYS B 7 8.04 6.16 48.71
N LYS B 8 8.00 5.61 47.49
CA LYS B 8 8.87 5.91 46.34
C LYS B 8 8.14 6.72 45.25
N ARG B 9 6.79 6.75 45.20
CA ARG B 9 6.00 7.30 44.07
C ARG B 9 4.51 7.52 44.36
N ILE B 10 3.98 8.74 44.18
CA ILE B 10 2.54 9.04 44.34
C ILE B 10 2.07 10.04 43.24
N ARG B 11 0.97 9.75 42.54
CA ARG B 11 0.45 10.57 41.42
C ARG B 11 -0.68 11.51 41.87
N LYS B 12 -0.66 12.76 41.40
CA LYS B 12 -1.53 13.87 41.85
C LYS B 12 -2.71 14.10 40.89
N ASP B 13 -3.89 13.57 41.20
CA ASP B 13 -5.12 13.91 40.47
C ASP B 13 -5.60 15.34 40.80
N PHE B 14 -6.31 15.94 39.86
CA PHE B 14 -6.90 17.29 39.91
C PHE B 14 -8.43 17.26 39.69
N GLY B 15 -9.05 16.13 39.36
CA GLY B 15 -10.43 16.05 38.88
C GLY B 15 -11.55 16.44 39.85
N LYS B 16 -12.81 16.49 39.37
CA LYS B 16 -13.93 17.30 39.91
C LYS B 16 -15.23 16.53 40.16
N ARG B 17 -15.38 15.28 39.67
CA ARG B 17 -16.69 14.61 39.61
C ARG B 17 -16.80 13.23 40.29
N PRO B 18 -18.01 12.83 40.73
CA PRO B 18 -18.21 11.94 41.89
C PRO B 18 -18.12 10.44 41.54
N GLN B 19 -16.99 10.03 40.96
CA GLN B 19 -16.62 8.63 40.80
C GLN B 19 -16.57 7.87 42.14
N VAL B 20 -17.06 6.64 42.11
CA VAL B 20 -17.07 5.66 43.22
C VAL B 20 -16.74 4.26 42.65
N LEU B 21 -15.99 4.24 41.54
CA LEU B 21 -15.58 3.08 40.78
C LEU B 21 -14.36 3.49 39.92
N ASP B 22 -13.45 2.56 39.71
CA ASP B 22 -12.14 2.76 39.09
C ASP B 22 -11.86 1.61 38.10
N VAL B 23 -10.66 1.57 37.50
CA VAL B 23 -10.31 0.68 36.37
C VAL B 23 -10.49 -0.82 36.69
N PRO B 24 -11.33 -1.56 35.93
CA PRO B 24 -11.30 -3.03 35.93
C PRO B 24 -10.18 -3.56 35.02
N TYR B 25 -9.58 -4.70 35.38
CA TYR B 25 -8.53 -5.37 34.59
C TYR B 25 -8.98 -5.57 33.13
N LEU B 26 -8.32 -4.87 32.19
CA LEU B 26 -8.92 -4.50 30.91
C LEU B 26 -9.22 -5.66 29.93
N LEU B 27 -8.84 -6.90 30.24
CA LEU B 27 -8.61 -7.98 29.26
C LEU B 27 -9.77 -8.99 29.07
N SER B 28 -10.90 -8.83 29.76
CA SER B 28 -11.97 -9.83 29.90
C SER B 28 -12.49 -10.49 28.61
N ILE B 29 -12.59 -9.75 27.49
CA ILE B 29 -13.08 -10.33 26.22
C ILE B 29 -12.10 -11.35 25.57
N GLN B 30 -10.84 -11.38 26.02
CA GLN B 30 -9.95 -12.54 25.88
C GLN B 30 -10.25 -13.55 27.00
N LEU B 31 -10.06 -13.13 28.26
CA LEU B 31 -9.88 -14.00 29.44
C LEU B 31 -11.12 -14.83 29.79
N ASP B 32 -12.22 -14.18 30.18
CA ASP B 32 -13.47 -14.84 30.56
C ASP B 32 -14.08 -15.62 29.39
N SER B 33 -13.85 -15.14 28.17
CA SER B 33 -14.28 -15.80 26.94
C SER B 33 -13.50 -17.08 26.65
N PHE B 34 -12.17 -17.07 26.85
CA PHE B 34 -11.32 -18.26 26.78
C PHE B 34 -11.75 -19.30 27.83
N GLN B 35 -12.06 -18.88 29.07
CA GLN B 35 -12.65 -19.80 30.05
C GLN B 35 -13.95 -20.42 29.53
N LYS B 36 -14.96 -19.63 29.15
CA LYS B 36 -16.27 -20.17 28.75
C LYS B 36 -16.28 -20.94 27.42
N PHE B 37 -15.25 -20.81 26.58
CA PHE B 37 -15.02 -21.72 25.45
C PHE B 37 -14.59 -23.14 25.92
N ILE B 38 -13.92 -23.25 27.07
CA ILE B 38 -13.17 -24.43 27.55
C ILE B 38 -13.62 -24.81 28.98
N GLU B 39 -14.88 -24.54 29.36
CA GLU B 39 -15.40 -24.83 30.71
C GLU B 39 -16.38 -26.01 30.72
N GLN B 40 -16.27 -26.88 31.75
CA GLN B 40 -17.13 -28.01 32.05
C GLN B 40 -18.58 -27.64 32.47
N ASP B 41 -19.10 -26.49 32.03
CA ASP B 41 -20.38 -25.89 32.47
C ASP B 41 -21.54 -26.93 32.45
N PRO B 42 -22.24 -27.16 33.58
CA PRO B 42 -23.20 -28.25 33.69
C PRO B 42 -24.54 -28.03 32.95
N GLU B 43 -24.91 -26.80 32.61
CA GLU B 43 -26.25 -26.50 32.07
C GLU B 43 -26.33 -25.29 31.10
N GLY B 44 -25.20 -24.66 30.78
CA GLY B 44 -25.06 -23.64 29.75
C GLY B 44 -25.10 -24.15 28.30
N GLN B 45 -25.07 -23.21 27.34
CA GLN B 45 -25.36 -23.44 25.90
C GLN B 45 -24.28 -22.88 24.95
N TYR B 46 -23.07 -22.68 25.47
CA TYR B 46 -21.92 -22.05 24.81
C TYR B 46 -20.65 -22.91 24.87
N GLY B 47 -19.65 -22.59 24.05
CA GLY B 47 -18.32 -23.20 24.07
C GLY B 47 -18.24 -24.61 23.47
N LEU B 48 -17.07 -25.25 23.61
CA LEU B 48 -16.79 -26.60 23.11
C LEU B 48 -17.83 -27.63 23.57
N GLU B 49 -18.15 -27.62 24.87
CA GLU B 49 -19.16 -28.50 25.46
C GLU B 49 -20.53 -28.37 24.78
N ALA B 50 -21.00 -27.15 24.50
CA ALA B 50 -22.25 -26.95 23.78
C ALA B 50 -22.21 -27.40 22.32
N ALA B 51 -21.06 -27.26 21.64
CA ALA B 51 -20.89 -27.79 20.28
C ALA B 51 -21.06 -29.32 20.27
N PHE B 52 -20.36 -30.05 21.16
CA PHE B 52 -20.55 -31.50 21.29
C PHE B 52 -21.98 -31.87 21.68
N ARG B 53 -22.59 -31.16 22.65
CA ARG B 53 -24.02 -31.33 23.05
C ARG B 53 -25.04 -30.98 21.97
N SER B 54 -24.61 -30.42 20.83
CA SER B 54 -25.48 -30.13 19.67
C SER B 54 -25.38 -31.17 18.55
N VAL B 55 -24.51 -32.17 18.69
CA VAL B 55 -24.23 -33.20 17.67
C VAL B 55 -24.23 -34.62 18.25
N PHE B 56 -23.86 -34.80 19.53
CA PHE B 56 -23.72 -36.11 20.18
C PHE B 56 -24.71 -36.27 21.36
N PRO B 57 -25.20 -37.48 21.68
CA PRO B 57 -25.03 -38.76 20.98
C PRO B 57 -25.48 -38.81 19.51
N ILE B 58 -24.58 -39.25 18.62
CA ILE B 58 -24.94 -39.64 17.25
C ILE B 58 -25.55 -41.05 17.31
N GLN B 59 -26.84 -41.13 17.66
CA GLN B 59 -27.63 -42.35 17.45
C GLN B 59 -27.86 -42.52 15.94
N SER B 60 -27.20 -43.50 15.32
CA SER B 60 -27.02 -43.55 13.86
C SER B 60 -28.34 -43.65 13.09
N TYR B 61 -28.42 -42.96 11.96
CA TYR B 61 -29.52 -43.04 10.98
C TYR B 61 -29.80 -44.49 10.53
N SER B 62 -28.78 -45.36 10.53
CA SER B 62 -28.87 -46.80 10.23
C SER B 62 -29.56 -47.64 11.33
N GLY B 63 -29.86 -47.07 12.49
CA GLY B 63 -30.69 -47.70 13.54
C GLY B 63 -30.06 -48.88 14.28
N ASN B 64 -28.75 -49.12 14.12
CA ASN B 64 -28.02 -50.28 14.64
C ASN B 64 -26.83 -49.93 15.57
N SER B 65 -26.47 -48.65 15.68
CA SER B 65 -25.31 -48.17 16.45
C SER B 65 -25.56 -46.78 17.05
N GLU B 66 -24.79 -46.42 18.09
CA GLU B 66 -24.84 -45.07 18.66
C GLU B 66 -23.48 -44.64 19.26
N LEU B 67 -22.97 -43.49 18.80
CA LEU B 67 -21.75 -42.84 19.31
C LEU B 67 -22.14 -41.77 20.33
N GLN B 68 -22.23 -42.18 21.60
CA GLN B 68 -22.58 -41.32 22.73
C GLN B 68 -21.41 -40.46 23.22
N TYR B 69 -21.70 -39.50 24.09
CA TYR B 69 -20.79 -38.50 24.63
C TYR B 69 -21.00 -38.34 26.16
N VAL B 70 -20.04 -37.76 26.88
CA VAL B 70 -20.17 -37.35 28.29
C VAL B 70 -19.64 -35.93 28.52
N SER B 71 -18.39 -35.65 28.12
CA SER B 71 -17.82 -34.29 28.09
C SER B 71 -16.43 -34.24 27.41
N TYR B 72 -16.05 -33.04 26.99
CA TYR B 72 -14.70 -32.64 26.57
C TYR B 72 -13.61 -32.86 27.65
N ARG B 73 -12.35 -32.56 27.31
CA ARG B 73 -11.19 -32.38 28.20
C ARG B 73 -10.08 -31.67 27.44
N LEU B 74 -9.17 -31.04 28.18
CA LEU B 74 -7.89 -30.51 27.74
C LEU B 74 -6.83 -31.05 28.72
N GLY B 75 -5.64 -31.38 28.23
CA GLY B 75 -4.55 -31.94 29.05
C GLY B 75 -3.26 -32.15 28.25
N GLU B 76 -2.33 -32.92 28.78
CA GLU B 76 -1.12 -33.41 28.08
C GLU B 76 -0.29 -32.37 27.25
N PRO B 77 0.05 -31.16 27.77
CA PRO B 77 0.95 -30.21 27.09
C PRO B 77 2.44 -30.66 27.13
N VAL B 78 3.29 -30.04 26.29
CA VAL B 78 4.76 -30.29 26.26
C VAL B 78 5.57 -29.01 26.02
N PHE B 79 5.24 -28.20 25.02
CA PHE B 79 5.86 -26.88 24.82
C PHE B 79 5.40 -25.89 25.92
N ASP B 80 6.20 -24.86 26.19
CA ASP B 80 5.80 -23.67 26.96
C ASP B 80 6.31 -22.40 26.27
N VAL B 81 5.78 -21.23 26.64
CA VAL B 81 5.96 -19.95 25.91
C VAL B 81 7.40 -19.63 25.47
N GLN B 82 8.40 -20.00 26.28
CA GLN B 82 9.82 -19.90 25.94
C GLN B 82 10.20 -20.75 24.70
N GLU B 83 9.80 -22.03 24.66
CA GLU B 83 9.98 -22.92 23.51
C GLU B 83 9.12 -22.46 22.33
N CYS B 84 7.93 -21.89 22.59
CA CYS B 84 7.05 -21.31 21.58
C CYS B 84 7.61 -20.04 20.90
N GLN B 85 8.81 -19.57 21.28
CA GLN B 85 9.61 -18.64 20.48
C GLN B 85 10.93 -19.27 20.06
N ILE B 86 11.72 -19.77 21.02
CA ILE B 86 13.07 -20.34 20.80
C ILE B 86 13.02 -21.47 19.75
N ARG B 87 12.08 -22.41 19.88
CA ARG B 87 11.75 -23.37 18.80
C ARG B 87 10.76 -22.72 17.83
N GLY B 88 9.61 -22.28 18.33
CA GLY B 88 8.61 -21.48 17.62
C GLY B 88 7.20 -22.08 17.62
N VAL B 89 7.05 -23.38 17.89
CA VAL B 89 5.79 -24.12 17.78
C VAL B 89 4.70 -23.54 18.71
N THR B 90 3.52 -23.29 18.15
CA THR B 90 2.31 -22.78 18.83
C THR B 90 2.02 -23.42 20.19
N TYR B 91 1.91 -22.60 21.25
CA TYR B 91 1.62 -23.01 22.63
C TYR B 91 0.24 -23.65 22.73
N SER B 92 0.17 -24.98 22.67
CA SER B 92 -1.08 -25.73 22.45
C SER B 92 -1.09 -27.09 23.16
N ALA B 93 -2.29 -27.63 23.38
CA ALA B 93 -2.52 -28.91 24.05
C ALA B 93 -3.80 -29.64 23.54
N PRO B 94 -3.85 -30.99 23.61
CA PRO B 94 -4.88 -31.80 22.95
C PRO B 94 -6.27 -31.70 23.59
N LEU B 95 -7.26 -31.45 22.74
CA LEU B 95 -8.69 -31.67 22.97
C LEU B 95 -9.01 -33.17 22.88
N ARG B 96 -9.46 -33.76 23.98
CA ARG B 96 -9.84 -35.19 24.10
C ARG B 96 -11.24 -35.29 24.67
N VAL B 97 -12.04 -36.27 24.25
CA VAL B 97 -13.50 -36.28 24.51
C VAL B 97 -13.94 -37.65 25.02
N LYS B 98 -14.78 -37.65 26.06
CA LYS B 98 -15.37 -38.88 26.64
C LYS B 98 -16.53 -39.34 25.77
N LEU B 99 -16.40 -40.52 25.19
CA LEU B 99 -17.35 -41.12 24.23
C LEU B 99 -17.79 -42.52 24.69
N ARG B 100 -18.96 -42.97 24.24
CA ARG B 100 -19.57 -44.24 24.68
C ARG B 100 -20.39 -44.94 23.58
N LEU B 101 -20.78 -46.17 23.87
CA LEU B 101 -21.58 -47.06 23.03
C LEU B 101 -22.44 -47.97 23.94
N VAL B 102 -23.66 -48.29 23.51
CA VAL B 102 -24.63 -49.13 24.25
C VAL B 102 -25.43 -49.95 23.24
N ILE B 103 -25.65 -51.25 23.49
CA ILE B 103 -26.52 -52.10 22.65
C ILE B 103 -27.42 -52.99 23.52
N TYR B 104 -28.56 -53.36 22.93
CA TYR B 104 -29.78 -53.82 23.61
C TYR B 104 -29.99 -55.35 23.45
N GLU B 105 -31.06 -55.91 24.02
CA GLU B 105 -31.45 -57.31 23.83
C GLU B 105 -31.66 -57.62 22.33
N ARG B 106 -30.87 -58.55 21.75
CA ARG B 106 -31.09 -59.07 20.38
C ARG B 106 -31.94 -60.35 20.36
N GLU B 107 -32.30 -60.87 21.53
CA GLU B 107 -32.59 -62.30 21.75
C GLU B 107 -33.57 -62.59 22.90
N ALA B 108 -33.81 -61.63 23.80
CA ALA B 108 -34.61 -61.79 25.02
C ALA B 108 -35.58 -60.60 25.26
N PRO B 109 -36.48 -60.66 26.28
CA PRO B 109 -37.52 -59.65 26.48
C PRO B 109 -37.70 -59.17 27.94
N GLU B 110 -36.69 -59.32 28.80
CA GLU B 110 -36.81 -59.08 30.26
C GLU B 110 -35.59 -58.35 30.88
N GLY B 111 -34.58 -57.96 30.09
CA GLY B 111 -33.36 -57.28 30.56
C GLY B 111 -33.12 -55.88 29.96
N THR B 112 -33.77 -55.56 28.84
CA THR B 112 -33.69 -54.38 27.97
C THR B 112 -32.32 -53.88 27.49
N VAL B 113 -31.19 -54.22 28.13
CA VAL B 113 -29.82 -53.82 27.73
C VAL B 113 -28.87 -55.01 27.85
N LYS B 114 -27.78 -54.98 27.06
CA LYS B 114 -26.90 -56.14 26.84
C LYS B 114 -25.41 -55.80 26.83
N ASP B 115 -25.04 -54.66 26.26
CA ASP B 115 -23.65 -54.17 26.19
C ASP B 115 -23.57 -52.66 26.47
N ILE B 116 -22.44 -52.24 27.06
CA ILE B 116 -22.10 -50.85 27.43
C ILE B 116 -20.57 -50.71 27.40
N LYS B 117 -20.03 -49.79 26.60
CA LYS B 117 -18.58 -49.51 26.49
C LYS B 117 -18.34 -47.99 26.47
N GLU B 118 -17.28 -47.50 27.13
CA GLU B 118 -16.99 -46.06 27.27
C GLU B 118 -15.51 -45.77 27.55
N GLN B 119 -15.02 -44.62 27.07
CA GLN B 119 -13.59 -44.27 27.00
C GLN B 119 -13.34 -42.76 26.77
N GLU B 120 -12.10 -42.37 26.50
CA GLU B 120 -11.76 -41.12 25.77
C GLU B 120 -11.18 -41.42 24.39
N VAL B 121 -11.21 -40.42 23.51
CA VAL B 121 -10.57 -40.38 22.17
C VAL B 121 -10.07 -38.95 21.92
N TYR B 122 -9.06 -38.76 21.06
CA TYR B 122 -8.65 -37.43 20.59
C TYR B 122 -9.67 -36.82 19.63
N MET B 123 -9.85 -35.50 19.66
CA MET B 123 -10.69 -34.75 18.71
C MET B 123 -10.13 -33.35 18.35
N GLY B 124 -8.85 -33.05 18.64
CA GLY B 124 -8.19 -31.82 18.16
C GLY B 124 -7.16 -31.24 19.12
N GLU B 125 -6.84 -29.96 18.94
CA GLU B 125 -5.92 -29.18 19.76
C GLU B 125 -6.58 -27.87 20.23
N ILE B 126 -5.97 -27.20 21.22
CA ILE B 126 -6.35 -25.85 21.65
C ILE B 126 -5.09 -25.05 22.07
N PRO B 127 -4.84 -23.86 21.50
CA PRO B 127 -3.90 -22.88 22.05
C PRO B 127 -4.14 -22.51 23.52
N LEU B 128 -3.09 -22.01 24.19
CA LEU B 128 -3.06 -21.74 25.63
C LEU B 128 -2.76 -20.26 25.92
N MET B 129 -3.15 -19.80 27.11
CA MET B 129 -3.26 -18.37 27.44
C MET B 129 -2.56 -18.02 28.77
N THR B 130 -1.95 -16.84 28.84
CA THR B 130 -1.19 -16.34 30.00
C THR B 130 -2.04 -15.54 31.01
N ASP B 131 -1.52 -15.36 32.24
CA ASP B 131 -2.02 -14.41 33.25
C ASP B 131 -2.11 -12.96 32.71
N ASN B 132 -1.16 -12.62 31.84
CA ASN B 132 -1.05 -11.38 31.07
C ASN B 132 -2.13 -11.23 29.96
N GLY B 133 -2.98 -12.24 29.76
CA GLY B 133 -4.01 -12.27 28.71
C GLY B 133 -3.45 -12.30 27.29
N THR B 134 -2.43 -13.12 27.05
CA THR B 134 -1.78 -13.31 25.73
C THR B 134 -1.77 -14.79 25.32
N PHE B 135 -1.38 -15.06 24.08
CA PHE B 135 -1.23 -16.38 23.44
C PHE B 135 0.06 -16.36 22.61
N VAL B 136 0.70 -17.51 22.34
CA VAL B 136 1.97 -17.59 21.56
C VAL B 136 1.84 -18.64 20.47
N ILE B 137 1.96 -18.22 19.21
CA ILE B 137 1.56 -18.92 17.99
C ILE B 137 2.62 -18.65 16.91
N ASN B 138 3.24 -19.67 16.31
CA ASN B 138 4.37 -19.53 15.37
C ASN B 138 5.38 -18.41 15.72
N GLY B 139 6.09 -18.56 16.84
CA GLY B 139 7.12 -17.61 17.31
C GLY B 139 6.61 -16.28 17.88
N THR B 140 5.32 -15.99 17.78
CA THR B 140 4.76 -14.63 17.88
C THR B 140 3.44 -14.60 18.65
N GLU B 141 3.10 -13.48 19.29
CA GLU B 141 1.78 -13.34 19.95
C GLU B 141 0.69 -13.01 18.93
N ARG B 142 0.32 -13.96 18.07
CA ARG B 142 -0.85 -13.83 17.17
C ARG B 142 -2.13 -14.01 18.00
N VAL B 143 -3.08 -13.07 17.91
CA VAL B 143 -4.19 -12.92 18.88
C VAL B 143 -5.49 -12.49 18.19
N ILE B 144 -6.60 -13.17 18.55
CA ILE B 144 -7.95 -12.94 18.01
C ILE B 144 -8.53 -11.60 18.47
N VAL B 145 -8.98 -10.80 17.50
CA VAL B 145 -9.81 -9.59 17.68
C VAL B 145 -11.29 -9.97 17.73
N SER B 146 -12.05 -9.45 18.70
CA SER B 146 -13.50 -9.71 18.82
C SER B 146 -14.32 -8.97 17.76
N GLN B 147 -15.49 -9.51 17.38
CA GLN B 147 -16.36 -8.97 16.32
C GLN B 147 -17.58 -8.21 16.89
N LEU B 148 -18.10 -7.21 16.16
CA LEU B 148 -19.34 -6.46 16.46
C LEU B 148 -20.31 -6.57 15.26
N HIS B 149 -21.27 -7.49 15.39
CA HIS B 149 -22.10 -8.01 14.29
C HIS B 149 -23.59 -7.72 14.49
N ARG B 150 -24.40 -7.73 13.42
CA ARG B 150 -25.87 -7.73 13.54
C ARG B 150 -26.30 -8.96 14.37
N SER B 151 -27.06 -8.78 15.43
CA SER B 151 -27.52 -9.89 16.27
C SER B 151 -28.32 -10.92 15.45
N PRO B 152 -27.99 -12.22 15.53
CA PRO B 152 -28.76 -13.28 14.87
C PRO B 152 -30.27 -13.23 15.14
N GLY B 153 -31.05 -13.71 14.18
CA GLY B 153 -32.51 -13.83 14.23
C GLY B 153 -33.11 -13.28 12.94
N VAL B 154 -33.73 -12.11 13.04
CA VAL B 154 -34.32 -11.36 11.93
C VAL B 154 -34.04 -9.87 12.08
N PHE B 155 -33.97 -9.18 10.95
CA PHE B 155 -33.87 -7.73 10.83
C PHE B 155 -34.96 -7.19 9.89
N PHE B 156 -35.19 -5.89 9.95
CA PHE B 156 -36.33 -5.21 9.35
C PHE B 156 -35.87 -3.80 8.96
N ASP B 157 -35.45 -3.66 7.71
CA ASP B 157 -34.77 -2.48 7.20
C ASP B 157 -35.65 -1.83 6.11
N SER B 158 -35.14 -0.80 5.42
CA SER B 158 -35.95 -0.07 4.44
C SER B 158 -35.12 0.59 3.33
N ASP B 159 -35.08 -0.07 2.17
CA ASP B 159 -34.41 0.32 0.92
C ASP B 159 -35.18 1.47 0.23
N LYS B 160 -35.33 2.61 0.94
CA LYS B 160 -36.30 3.69 0.72
C LYS B 160 -36.15 4.54 -0.57
N GLY B 161 -35.53 4.02 -1.63
CA GLY B 161 -35.59 4.67 -2.96
C GLY B 161 -34.50 4.26 -3.95
N LYS B 162 -34.05 2.99 -3.93
CA LYS B 162 -32.72 2.61 -4.47
C LYS B 162 -32.49 3.00 -5.94
N THR B 163 -33.22 2.39 -6.88
CA THR B 163 -32.90 2.43 -8.33
C THR B 163 -34.07 1.88 -9.16
N HIS B 164 -33.84 1.55 -10.45
CA HIS B 164 -34.78 0.90 -11.37
C HIS B 164 -35.97 1.80 -11.79
N SER B 165 -36.90 1.30 -12.61
CA SER B 165 -37.99 2.00 -13.35
C SER B 165 -38.90 2.95 -12.56
N SER B 166 -38.77 3.05 -11.24
CA SER B 166 -39.53 3.98 -10.38
C SER B 166 -38.74 4.41 -9.13
N GLY B 167 -37.40 4.39 -9.17
CA GLY B 167 -36.52 4.74 -8.03
C GLY B 167 -36.93 4.04 -6.74
N LYS B 168 -37.16 2.72 -6.81
CA LYS B 168 -38.17 2.04 -5.99
C LYS B 168 -37.93 2.16 -4.49
N VAL B 169 -38.86 2.83 -3.81
CA VAL B 169 -38.97 2.90 -2.34
C VAL B 169 -39.43 1.55 -1.80
N LEU B 170 -38.70 0.99 -0.82
CA LEU B 170 -39.01 -0.30 -0.19
C LEU B 170 -38.94 -0.28 1.35
N TYR B 171 -39.49 -1.36 1.92
CA TYR B 171 -39.36 -1.83 3.30
C TYR B 171 -39.21 -3.36 3.23
N ASN B 172 -38.50 -3.97 4.18
CA ASN B 172 -38.14 -5.39 4.12
C ASN B 172 -38.16 -6.10 5.49
N ALA B 173 -37.99 -7.43 5.44
CA ALA B 173 -37.76 -8.31 6.58
C ALA B 173 -36.80 -9.42 6.15
N ARG B 174 -35.70 -9.62 6.88
CA ARG B 174 -34.51 -10.35 6.39
C ARG B 174 -33.92 -11.24 7.49
N ILE B 175 -33.79 -12.56 7.22
CA ILE B 175 -33.27 -13.55 8.18
C ILE B 175 -31.73 -13.48 8.24
N ILE B 176 -31.16 -13.50 9.43
CA ILE B 176 -29.69 -13.47 9.64
C ILE B 176 -29.35 -14.51 10.72
N PRO B 177 -28.86 -15.72 10.37
CA PRO B 177 -28.55 -16.75 11.35
C PRO B 177 -27.25 -16.48 12.12
N TYR B 178 -26.98 -17.26 13.17
CA TYR B 178 -25.67 -17.34 13.84
C TYR B 178 -24.73 -18.27 13.06
N ARG B 179 -25.32 -19.34 12.49
CA ARG B 179 -24.77 -20.33 11.56
C ARG B 179 -25.88 -20.66 10.57
N GLY B 180 -25.70 -20.48 9.25
CA GLY B 180 -26.65 -21.05 8.27
C GLY B 180 -26.96 -20.25 7.01
N SER B 181 -27.86 -20.82 6.21
CA SER B 181 -28.53 -20.29 5.00
C SER B 181 -29.64 -19.27 5.28
N TRP B 182 -30.28 -18.72 4.24
CA TRP B 182 -30.94 -17.40 4.32
C TRP B 182 -32.37 -17.32 3.75
N LEU B 183 -33.03 -16.18 3.98
CA LEU B 183 -34.34 -15.83 3.40
C LEU B 183 -34.60 -14.34 3.58
N ASP B 184 -35.11 -13.67 2.53
CA ASP B 184 -35.61 -12.30 2.59
C ASP B 184 -37.06 -12.19 2.10
N PHE B 185 -37.74 -11.15 2.57
CA PHE B 185 -39.11 -10.77 2.27
C PHE B 185 -39.13 -9.25 2.04
N GLU B 186 -39.66 -8.80 0.91
CA GLU B 186 -39.76 -7.39 0.51
C GLU B 186 -40.87 -7.21 -0.55
N PHE B 187 -40.69 -6.33 -1.53
CA PHE B 187 -41.66 -6.09 -2.61
C PHE B 187 -40.91 -5.99 -3.95
N ASP B 188 -41.55 -6.44 -5.03
CA ASP B 188 -41.03 -6.29 -6.39
C ASP B 188 -41.14 -4.80 -6.86
N PRO B 189 -40.55 -4.41 -8.01
CA PRO B 189 -40.73 -3.06 -8.54
C PRO B 189 -42.20 -2.69 -8.82
N LYS B 190 -43.01 -3.60 -9.37
CA LYS B 190 -44.43 -3.38 -9.71
C LYS B 190 -45.32 -3.13 -8.48
N ASP B 191 -44.98 -3.78 -7.37
CA ASP B 191 -45.34 -3.56 -5.95
C ASP B 191 -46.06 -4.76 -5.29
N ASN B 192 -46.04 -5.93 -5.92
CA ASN B 192 -46.42 -7.20 -5.30
C ASN B 192 -45.50 -7.53 -4.11
N LEU B 193 -46.02 -8.23 -3.10
CA LEU B 193 -45.23 -8.73 -1.98
C LEU B 193 -44.36 -9.90 -2.46
N PHE B 194 -43.04 -9.82 -2.29
CA PHE B 194 -42.08 -10.76 -2.89
C PHE B 194 -41.03 -11.23 -1.89
N VAL B 195 -40.28 -12.25 -2.28
CA VAL B 195 -39.37 -13.04 -1.44
C VAL B 195 -38.14 -13.41 -2.25
N ARG B 196 -37.00 -13.58 -1.56
CA ARG B 196 -35.75 -14.11 -2.09
C ARG B 196 -35.27 -15.24 -1.19
N ILE B 197 -35.72 -16.47 -1.46
CA ILE B 197 -35.30 -17.67 -0.72
C ILE B 197 -33.80 -17.89 -0.94
N ASP B 198 -33.05 -18.09 0.15
CA ASP B 198 -31.57 -18.07 0.16
C ASP B 198 -30.94 -16.86 -0.58
N ARG B 199 -31.69 -15.74 -0.63
CA ARG B 199 -31.40 -14.51 -1.39
C ARG B 199 -31.11 -14.71 -2.88
N ARG B 200 -31.56 -15.83 -3.46
CA ARG B 200 -31.57 -16.09 -4.91
C ARG B 200 -32.71 -15.31 -5.60
N ARG B 201 -33.08 -15.67 -6.83
CA ARG B 201 -34.02 -14.89 -7.67
C ARG B 201 -35.45 -14.80 -7.11
N LYS B 202 -36.24 -13.94 -7.76
CA LYS B 202 -37.54 -13.40 -7.34
C LYS B 202 -38.60 -14.50 -7.22
N LEU B 203 -39.28 -14.58 -6.07
CA LEU B 203 -40.42 -15.47 -5.85
C LEU B 203 -41.60 -14.73 -5.17
N PRO B 204 -42.86 -14.93 -5.60
CA PRO B 204 -44.01 -14.22 -5.03
C PRO B 204 -44.28 -14.69 -3.60
N ALA B 205 -44.43 -13.78 -2.63
CA ALA B 205 -44.45 -14.10 -1.19
C ALA B 205 -45.60 -15.00 -0.72
N THR B 206 -46.56 -15.34 -1.57
CA THR B 206 -47.57 -16.37 -1.31
C THR B 206 -46.99 -17.80 -1.32
N ILE B 207 -45.93 -18.09 -2.09
CA ILE B 207 -45.32 -19.43 -2.17
C ILE B 207 -45.02 -20.03 -0.78
N ILE B 208 -44.36 -19.27 0.09
CA ILE B 208 -44.02 -19.71 1.44
C ILE B 208 -45.26 -19.90 2.34
N LEU B 209 -46.37 -19.18 2.10
CA LEU B 209 -47.63 -19.44 2.81
C LEU B 209 -48.26 -20.78 2.40
N ARG B 210 -48.04 -21.24 1.16
CA ARG B 210 -48.41 -22.60 0.73
C ARG B 210 -47.47 -23.65 1.33
N ALA B 211 -46.15 -23.41 1.30
CA ALA B 211 -45.13 -24.27 1.90
C ALA B 211 -45.35 -24.50 3.41
N LEU B 212 -45.68 -23.44 4.14
CA LEU B 212 -46.01 -23.48 5.58
C LEU B 212 -47.46 -23.94 5.85
N ASN B 213 -48.27 -24.18 4.81
CA ASN B 213 -49.53 -24.92 4.79
C ASN B 213 -50.79 -24.09 5.18
N TYR B 214 -51.01 -22.94 4.54
CA TYR B 214 -52.19 -22.09 4.76
C TYR B 214 -53.00 -21.87 3.47
N THR B 215 -54.30 -22.22 3.47
CA THR B 215 -55.22 -21.91 2.35
C THR B 215 -55.74 -20.47 2.39
N THR B 216 -56.36 -19.99 1.31
CA THR B 216 -56.65 -18.56 1.07
C THR B 216 -57.37 -17.84 2.23
N GLU B 217 -58.47 -18.39 2.79
CA GLU B 217 -59.15 -17.73 3.93
C GLU B 217 -58.47 -18.02 5.29
N GLN B 218 -57.59 -19.03 5.41
CA GLN B 218 -56.65 -19.08 6.55
C GLN B 218 -55.66 -17.91 6.49
N ILE B 219 -55.13 -17.59 5.30
CA ILE B 219 -54.25 -16.43 5.11
C ILE B 219 -54.99 -15.13 5.48
N LEU B 220 -56.27 -14.99 5.10
CA LEU B 220 -57.08 -13.87 5.60
C LEU B 220 -57.21 -13.89 7.13
N ASP B 221 -57.60 -15.00 7.76
CA ASP B 221 -57.72 -15.10 9.24
C ASP B 221 -56.37 -14.93 9.99
N LEU B 222 -55.23 -15.07 9.32
CA LEU B 222 -53.88 -14.87 9.88
C LEU B 222 -53.33 -13.44 9.69
N PHE B 223 -53.86 -12.66 8.73
CA PHE B 223 -53.29 -11.37 8.31
C PHE B 223 -54.30 -10.21 8.16
N PHE B 224 -55.62 -10.46 8.20
CA PHE B 224 -56.67 -9.48 7.89
C PHE B 224 -57.86 -9.56 8.87
N GLU B 225 -58.14 -8.45 9.56
CA GLU B 225 -59.52 -8.15 10.00
C GLU B 225 -60.41 -7.91 8.77
N LYS B 226 -61.74 -7.95 8.90
CA LYS B 226 -62.68 -8.04 7.76
C LYS B 226 -63.74 -6.95 7.82
N VAL B 227 -63.72 -6.03 6.85
CA VAL B 227 -64.61 -4.86 6.76
C VAL B 227 -66.07 -5.30 6.57
N ILE B 228 -67.03 -4.53 7.09
CA ILE B 228 -68.46 -4.89 7.12
C ILE B 228 -69.33 -3.69 6.72
N PHE B 229 -70.29 -3.92 5.81
CA PHE B 229 -71.29 -2.94 5.39
C PHE B 229 -72.73 -3.42 5.60
N GLU B 230 -73.66 -2.47 5.69
CA GLU B 230 -75.11 -2.64 5.83
C GLU B 230 -75.86 -1.49 5.14
N ILE B 231 -77.18 -1.61 5.00
CA ILE B 231 -78.07 -0.58 4.44
C ILE B 231 -79.33 -0.53 5.29
N ARG B 232 -79.61 0.61 5.92
CA ARG B 232 -80.64 0.75 6.98
C ARG B 232 -81.47 2.01 6.77
N ASP B 233 -82.77 1.87 7.02
CA ASP B 233 -83.92 2.79 6.86
C ASP B 233 -83.94 3.76 5.66
N ASN B 234 -82.87 4.52 5.39
CA ASN B 234 -82.75 5.42 4.24
C ASN B 234 -81.31 5.58 3.70
N LYS B 235 -80.28 4.89 4.24
CA LYS B 235 -78.87 5.15 3.90
C LYS B 235 -77.97 3.90 3.98
N LEU B 236 -76.84 3.96 3.29
CA LEU B 236 -75.71 3.02 3.39
C LEU B 236 -74.95 3.25 4.71
N GLN B 237 -74.43 2.18 5.34
CA GLN B 237 -73.67 2.24 6.59
C GLN B 237 -72.52 1.21 6.61
N MET B 238 -71.57 1.38 7.54
CA MET B 238 -70.51 0.42 7.82
C MET B 238 -70.39 0.12 9.33
N GLU B 239 -69.86 -1.04 9.67
CA GLU B 239 -69.91 -1.59 11.04
C GLU B 239 -68.53 -1.99 11.54
N LEU B 240 -68.27 -1.68 12.82
CA LEU B 240 -66.93 -1.31 13.27
C LEU B 240 -66.57 -1.83 14.66
N VAL B 241 -65.28 -1.79 14.94
CA VAL B 241 -64.60 -1.95 16.23
C VAL B 241 -63.66 -0.72 16.33
N PRO B 242 -63.46 -0.11 17.51
CA PRO B 242 -62.86 1.24 17.63
C PRO B 242 -61.33 1.32 17.40
N GLU B 243 -60.78 0.49 16.52
CA GLU B 243 -59.43 0.64 15.95
C GLU B 243 -59.39 0.47 14.41
N ARG B 244 -60.50 0.12 13.73
CA ARG B 244 -60.59 -0.09 12.26
C ARG B 244 -60.53 1.20 11.39
N LEU B 245 -59.66 2.16 11.71
CA LEU B 245 -59.33 3.33 10.85
C LEU B 245 -57.83 3.59 10.98
N ARG B 246 -57.04 3.20 9.97
CA ARG B 246 -55.58 3.00 10.10
C ARG B 246 -54.74 3.27 8.85
N GLY B 247 -55.33 3.58 7.69
CA GLY B 247 -54.56 3.82 6.46
C GLY B 247 -55.25 4.68 5.39
N GLU B 248 -56.56 4.88 5.48
CA GLU B 248 -57.43 5.40 4.41
C GLU B 248 -56.88 6.63 3.70
N THR B 249 -56.61 6.52 2.39
CA THR B 249 -56.38 7.64 1.46
C THR B 249 -57.65 8.48 1.30
N ALA B 250 -57.99 9.22 2.36
CA ALA B 250 -59.23 9.94 2.54
C ALA B 250 -59.42 11.10 1.54
N SER B 251 -59.97 10.80 0.37
CA SER B 251 -60.62 11.79 -0.50
C SER B 251 -61.91 12.37 0.11
N PHE B 252 -62.31 11.97 1.32
CA PHE B 252 -63.69 11.96 1.80
C PHE B 252 -63.86 12.44 3.24
N ASP B 253 -65.12 12.57 3.67
CA ASP B 253 -65.52 13.34 4.86
C ASP B 253 -66.50 12.55 5.74
N ILE B 254 -66.28 12.53 7.05
CA ILE B 254 -66.96 11.60 7.99
C ILE B 254 -67.25 12.28 9.34
N GLU B 255 -68.39 11.91 9.96
CA GLU B 255 -68.64 12.03 11.40
C GLU B 255 -68.98 10.65 11.97
N ALA B 256 -68.54 10.37 13.20
CA ALA B 256 -68.92 9.19 13.97
C ALA B 256 -69.05 9.50 15.46
N ASN B 257 -69.89 8.74 16.17
CA ASN B 257 -70.27 8.90 17.59
C ASN B 257 -70.97 10.23 17.95
N GLY B 258 -70.55 11.38 17.41
CA GLY B 258 -71.12 12.71 17.64
C GLY B 258 -70.18 13.89 17.38
N LYS B 259 -69.20 13.73 16.48
CA LYS B 259 -68.43 14.82 15.83
C LYS B 259 -67.67 14.32 14.60
N VAL B 260 -67.26 15.25 13.73
CA VAL B 260 -66.38 15.05 12.56
C VAL B 260 -65.10 14.27 12.91
N TYR B 261 -64.59 13.49 11.96
CA TYR B 261 -63.61 12.43 12.17
C TYR B 261 -62.55 12.28 11.06
N VAL B 262 -62.94 12.54 9.81
CA VAL B 262 -62.11 12.47 8.60
C VAL B 262 -62.57 13.60 7.67
N GLU B 263 -61.64 14.22 6.94
CA GLU B 263 -61.90 15.34 6.04
C GLU B 263 -61.03 15.21 4.77
N LYS B 264 -61.54 15.72 3.64
CA LYS B 264 -60.92 15.77 2.30
C LYS B 264 -59.41 16.08 2.30
N GLY B 265 -58.61 15.02 2.20
CA GLY B 265 -57.15 15.05 2.02
C GLY B 265 -56.35 14.35 3.13
N ARG B 266 -56.91 14.22 4.33
CA ARG B 266 -56.15 13.78 5.52
C ARG B 266 -55.98 12.26 5.60
N ARG B 267 -55.03 11.68 4.83
CA ARG B 267 -54.74 10.23 4.84
C ARG B 267 -54.56 9.64 6.25
N ILE B 268 -55.44 8.72 6.64
CA ILE B 268 -55.64 8.17 7.99
C ILE B 268 -54.56 7.14 8.41
N THR B 269 -53.30 7.30 7.97
CA THR B 269 -52.18 6.41 8.35
C THR B 269 -52.12 6.18 9.87
N ALA B 270 -51.79 4.94 10.28
CA ALA B 270 -52.05 4.34 11.60
C ALA B 270 -51.72 5.15 12.86
N ARG B 271 -50.84 6.15 12.72
CA ARG B 271 -50.69 7.32 13.61
C ARG B 271 -52.05 7.83 14.14
N HIS B 272 -53.08 7.83 13.29
CA HIS B 272 -54.45 8.27 13.56
C HIS B 272 -55.31 7.38 14.47
N ILE B 273 -54.94 6.11 14.74
CA ILE B 273 -55.77 5.19 15.57
C ILE B 273 -56.14 5.81 16.92
N ARG B 274 -55.26 6.67 17.45
CA ARG B 274 -55.42 7.41 18.72
C ARG B 274 -56.46 8.55 18.65
N GLN B 275 -57.24 8.60 17.58
CA GLN B 275 -58.50 9.35 17.50
C GLN B 275 -59.72 8.49 17.88
N LEU B 276 -59.65 7.15 17.82
CA LEU B 276 -60.81 6.28 17.74
C LEU B 276 -61.03 5.39 18.97
N GLU B 277 -59.96 4.82 19.54
CA GLU B 277 -60.11 3.86 20.66
C GLU B 277 -60.72 4.49 21.92
N LYS B 278 -60.36 5.76 22.18
CA LYS B 278 -60.90 6.63 23.23
C LYS B 278 -62.40 6.99 23.11
N ASP B 279 -63.07 6.59 22.04
CA ASP B 279 -64.38 7.13 21.61
C ASP B 279 -65.42 6.03 21.28
N ASP B 280 -65.05 4.75 21.47
CA ASP B 280 -65.92 3.55 21.48
C ASP B 280 -66.75 3.29 20.19
N VAL B 281 -66.44 3.96 19.07
CA VAL B 281 -67.16 3.85 17.78
C VAL B 281 -67.36 2.40 17.30
N LYS B 282 -68.59 2.07 16.87
CA LYS B 282 -68.98 0.75 16.32
C LYS B 282 -69.85 0.82 15.05
N LEU B 283 -70.19 2.02 14.59
CA LEU B 283 -70.92 2.29 13.34
C LEU B 283 -70.43 3.62 12.77
N ILE B 284 -70.37 3.71 11.44
CA ILE B 284 -70.07 4.93 10.68
C ILE B 284 -70.97 4.96 9.42
N GLU B 285 -71.20 6.15 8.87
CA GLU B 285 -71.83 6.33 7.56
C GLU B 285 -70.90 7.21 6.70
N VAL B 286 -70.74 6.90 5.42
CA VAL B 286 -69.68 7.47 4.57
C VAL B 286 -70.18 7.82 3.16
N PRO B 287 -69.52 8.75 2.44
CA PRO B 287 -69.66 8.88 0.99
C PRO B 287 -69.34 7.58 0.25
N VAL B 288 -69.85 7.42 -0.98
CA VAL B 288 -69.53 6.27 -1.86
C VAL B 288 -68.02 6.13 -2.13
N GLU B 289 -67.25 7.20 -1.91
CA GLU B 289 -65.78 7.26 -1.84
C GLU B 289 -65.12 6.22 -0.90
N TYR B 290 -65.88 5.58 0.01
CA TYR B 290 -65.44 4.43 0.81
C TYR B 290 -66.43 3.25 0.75
N ILE B 291 -67.17 3.12 -0.36
CA ILE B 291 -68.11 2.01 -0.65
C ILE B 291 -67.89 1.46 -2.08
N ALA B 292 -66.70 1.72 -2.62
CA ALA B 292 -66.11 1.11 -3.81
C ALA B 292 -64.57 1.07 -3.59
N GLY B 293 -63.88 0.16 -4.28
CA GLY B 293 -62.46 -0.13 -3.99
C GLY B 293 -62.28 -0.85 -2.65
N LYS B 294 -63.16 -1.80 -2.31
CA LYS B 294 -63.22 -2.51 -1.00
C LYS B 294 -63.48 -4.03 -1.12
N VAL B 295 -63.40 -4.61 -2.32
CA VAL B 295 -63.47 -6.05 -2.69
C VAL B 295 -64.28 -6.95 -1.74
N VAL B 296 -65.50 -7.34 -2.15
CA VAL B 296 -66.37 -8.22 -1.35
C VAL B 296 -65.74 -9.60 -1.12
N ALA B 297 -65.86 -10.11 0.10
CA ALA B 297 -65.13 -11.30 0.57
C ALA B 297 -65.97 -12.59 0.59
N LYS B 298 -67.23 -12.53 0.13
CA LYS B 298 -68.17 -13.64 -0.14
C LYS B 298 -69.16 -13.22 -1.24
N ASP B 299 -69.92 -14.17 -1.76
CA ASP B 299 -71.00 -13.96 -2.73
C ASP B 299 -72.29 -13.44 -2.08
N TYR B 300 -73.08 -12.62 -2.78
CA TYR B 300 -74.31 -12.01 -2.24
C TYR B 300 -75.48 -11.96 -3.24
N ILE B 301 -76.70 -11.86 -2.69
CA ILE B 301 -77.96 -12.26 -3.33
C ILE B 301 -79.14 -11.33 -3.00
N ASP B 302 -80.26 -11.52 -3.69
CA ASP B 302 -81.41 -10.62 -3.70
C ASP B 302 -82.75 -11.37 -3.59
N GLU B 303 -83.33 -11.40 -2.39
CA GLU B 303 -84.64 -12.02 -2.13
C GLU B 303 -85.84 -11.15 -2.59
N SER B 304 -85.60 -9.91 -3.01
CA SER B 304 -86.63 -9.03 -3.62
C SER B 304 -87.12 -9.55 -4.98
N THR B 305 -86.31 -10.41 -5.61
CA THR B 305 -86.47 -10.92 -6.98
C THR B 305 -86.32 -12.43 -7.04
N GLY B 306 -85.32 -12.99 -6.33
CA GLY B 306 -84.96 -14.41 -6.36
C GLY B 306 -83.62 -14.66 -7.05
N GLU B 307 -82.67 -13.72 -6.94
CA GLU B 307 -81.51 -13.58 -7.83
C GLU B 307 -80.19 -13.41 -7.08
N LEU B 308 -79.09 -13.28 -7.83
CA LEU B 308 -77.78 -12.87 -7.32
C LEU B 308 -77.67 -11.32 -7.25
N ILE B 309 -76.52 -10.86 -6.75
CA ILE B 309 -76.00 -9.49 -6.93
C ILE B 309 -74.54 -9.54 -7.40
N CYS B 310 -73.67 -10.27 -6.68
CA CYS B 310 -72.24 -10.33 -6.95
C CYS B 310 -71.62 -11.64 -6.41
N ALA B 311 -70.39 -11.95 -6.81
CA ALA B 311 -69.62 -13.09 -6.33
C ALA B 311 -68.48 -12.64 -5.39
N ALA B 312 -67.79 -13.57 -4.75
CA ALA B 312 -66.57 -13.29 -3.98
C ALA B 312 -65.44 -12.68 -4.85
N ASN B 313 -64.50 -11.96 -4.22
CA ASN B 313 -63.40 -11.22 -4.87
C ASN B 313 -63.87 -10.26 -5.98
N MET B 314 -64.99 -9.57 -5.76
CA MET B 314 -65.62 -8.65 -6.73
C MET B 314 -65.77 -7.25 -6.14
N GLU B 315 -65.74 -6.22 -6.99
CA GLU B 315 -65.91 -4.83 -6.52
C GLU B 315 -67.37 -4.39 -6.35
N LEU B 316 -67.54 -3.21 -5.76
CA LEU B 316 -68.82 -2.53 -5.61
C LEU B 316 -68.94 -1.37 -6.62
N SER B 317 -70.15 -1.18 -7.15
CA SER B 317 -70.50 -0.22 -8.20
C SER B 317 -71.90 0.34 -7.93
N LEU B 318 -72.26 1.47 -8.57
CA LEU B 318 -73.52 2.18 -8.32
C LEU B 318 -74.77 1.32 -8.60
N ASP B 319 -74.73 0.47 -9.62
CA ASP B 319 -75.78 -0.50 -9.96
C ASP B 319 -75.85 -1.66 -8.95
N LEU B 320 -74.70 -2.21 -8.55
CA LEU B 320 -74.63 -3.24 -7.50
C LEU B 320 -75.14 -2.69 -6.17
N LEU B 321 -74.78 -1.45 -5.81
CA LEU B 321 -75.31 -0.72 -4.66
C LEU B 321 -76.83 -0.46 -4.79
N ALA B 322 -77.35 -0.17 -5.98
CA ALA B 322 -78.78 -0.08 -6.23
C ALA B 322 -79.50 -1.44 -6.03
N LYS B 323 -78.91 -2.57 -6.43
CA LYS B 323 -79.46 -3.92 -6.15
C LYS B 323 -79.33 -4.30 -4.67
N LEU B 324 -78.21 -3.97 -4.02
CA LEU B 324 -78.02 -4.08 -2.57
C LEU B 324 -79.05 -3.23 -1.79
N SER B 325 -79.45 -2.06 -2.30
CA SER B 325 -80.51 -1.25 -1.69
C SER B 325 -81.85 -2.01 -1.61
N GLN B 326 -82.12 -2.92 -2.55
CA GLN B 326 -83.34 -3.72 -2.64
C GLN B 326 -83.21 -5.03 -1.82
N SER B 327 -82.30 -5.92 -2.22
CA SER B 327 -81.75 -7.18 -1.63
C SER B 327 -82.49 -8.04 -0.60
N GLY B 328 -83.16 -7.45 0.39
CA GLY B 328 -83.48 -8.04 1.70
C GLY B 328 -82.26 -8.42 2.56
N HIS B 329 -81.33 -9.22 2.02
CA HIS B 329 -80.07 -9.68 2.64
C HIS B 329 -78.99 -8.58 2.76
N LYS B 330 -79.28 -7.48 3.46
CA LYS B 330 -78.47 -6.25 3.57
C LYS B 330 -77.19 -6.36 4.44
N ARG B 331 -76.26 -7.24 4.07
CA ARG B 331 -74.93 -7.39 4.68
C ARG B 331 -73.86 -7.63 3.61
N ILE B 332 -72.64 -7.15 3.86
CA ILE B 332 -71.46 -7.41 3.01
C ILE B 332 -70.22 -7.59 3.88
N GLU B 333 -69.48 -8.67 3.69
CA GLU B 333 -68.07 -8.81 4.10
C GLU B 333 -67.18 -8.24 3.00
N THR B 334 -66.10 -7.54 3.36
CA THR B 334 -65.25 -6.76 2.45
C THR B 334 -63.80 -6.72 2.94
N LEU B 335 -62.86 -6.42 2.06
CA LEU B 335 -61.42 -6.45 2.35
C LEU B 335 -60.85 -5.05 2.61
N PHE B 336 -59.75 -5.02 3.36
CA PHE B 336 -58.96 -3.80 3.57
C PHE B 336 -58.04 -3.56 2.36
N THR B 337 -58.16 -2.36 1.78
CA THR B 337 -57.42 -1.92 0.58
C THR B 337 -56.65 -0.62 0.82
N ASN B 338 -56.59 -0.16 2.07
CA ASN B 338 -56.20 1.20 2.45
C ASN B 338 -54.68 1.46 2.52
N ASP B 339 -53.86 0.44 2.22
CA ASP B 339 -52.41 0.35 2.49
C ASP B 339 -52.01 0.51 3.98
N LEU B 340 -51.03 -0.30 4.41
CA LEU B 340 -50.58 -0.63 5.77
C LEU B 340 -51.64 -1.00 6.83
N ASP B 341 -52.89 -0.56 6.69
CA ASP B 341 -54.02 -0.80 7.59
C ASP B 341 -54.26 -2.30 7.80
N HIS B 342 -54.41 -2.99 6.68
CA HIS B 342 -53.73 -4.24 6.37
C HIS B 342 -53.16 -4.05 4.94
N GLY B 343 -52.04 -4.68 4.61
CA GLY B 343 -51.41 -4.51 3.30
C GLY B 343 -52.09 -5.37 2.23
N PRO B 344 -52.82 -4.80 1.24
CA PRO B 344 -53.56 -5.58 0.24
C PRO B 344 -52.66 -6.42 -0.67
N TYR B 345 -51.36 -6.16 -0.67
CA TYR B 345 -50.32 -6.89 -1.39
C TYR B 345 -50.42 -8.42 -1.27
N ILE B 346 -50.85 -8.96 -0.12
CA ILE B 346 -51.17 -10.39 0.04
C ILE B 346 -52.37 -10.81 -0.84
N SER B 347 -53.50 -10.12 -0.73
CA SER B 347 -54.74 -10.41 -1.47
C SER B 347 -54.52 -10.44 -2.98
N GLU B 348 -53.70 -9.52 -3.49
CA GLU B 348 -53.47 -9.40 -4.92
C GLU B 348 -52.35 -10.31 -5.43
N THR B 349 -51.26 -10.49 -4.67
CA THR B 349 -50.20 -11.45 -5.06
C THR B 349 -50.67 -12.91 -4.96
N LEU B 350 -51.68 -13.22 -4.13
CA LEU B 350 -52.43 -14.49 -4.19
C LEU B 350 -53.13 -14.79 -5.53
N ARG B 351 -53.04 -13.87 -6.50
CA ARG B 351 -53.49 -14.02 -7.90
C ARG B 351 -52.39 -13.66 -8.91
N VAL B 352 -51.12 -13.63 -8.47
CA VAL B 352 -49.89 -13.40 -9.25
C VAL B 352 -48.80 -14.38 -8.77
N ASP B 353 -49.14 -15.68 -8.80
CA ASP B 353 -48.33 -16.78 -8.26
C ASP B 353 -48.73 -18.11 -8.92
N PRO B 354 -47.89 -18.70 -9.80
CA PRO B 354 -48.15 -20.00 -10.43
C PRO B 354 -48.26 -21.19 -9.46
N THR B 355 -47.57 -21.14 -8.30
CA THR B 355 -47.60 -22.26 -7.34
C THR B 355 -49.02 -22.44 -6.78
N ASN B 356 -49.35 -23.63 -6.28
CA ASN B 356 -50.74 -23.98 -5.97
C ASN B 356 -50.91 -24.60 -4.58
N ASP B 357 -49.97 -25.43 -4.14
CA ASP B 357 -50.01 -26.24 -2.92
C ASP B 357 -48.63 -26.29 -2.24
N ARG B 358 -48.44 -27.15 -1.23
CA ARG B 358 -47.13 -27.34 -0.59
C ARG B 358 -46.11 -28.05 -1.48
N LEU B 359 -46.50 -29.01 -2.33
CA LEU B 359 -45.56 -29.72 -3.21
C LEU B 359 -44.97 -28.80 -4.27
N SER B 360 -45.80 -28.06 -5.00
CA SER B 360 -45.35 -27.01 -5.94
C SER B 360 -44.47 -25.97 -5.23
N ALA B 361 -44.94 -25.44 -4.09
CA ALA B 361 -44.16 -24.54 -3.22
C ALA B 361 -42.92 -25.15 -2.51
N LEU B 362 -42.41 -26.29 -2.99
CA LEU B 362 -41.15 -26.93 -2.60
C LEU B 362 -40.36 -27.37 -3.85
N VAL B 363 -41.05 -27.96 -4.83
CA VAL B 363 -40.50 -28.28 -6.16
C VAL B 363 -39.96 -27.03 -6.87
N GLU B 364 -40.69 -25.91 -6.90
CA GLU B 364 -40.20 -24.65 -7.46
C GLU B 364 -38.99 -24.09 -6.68
N ILE B 365 -38.83 -24.43 -5.40
CA ILE B 365 -37.65 -24.06 -4.60
C ILE B 365 -36.44 -24.94 -4.94
N TYR B 366 -36.64 -26.23 -5.24
CA TYR B 366 -35.61 -27.10 -5.81
C TYR B 366 -35.07 -26.52 -7.13
N ARG B 367 -35.96 -26.08 -8.04
CA ARG B 367 -35.55 -25.38 -9.28
C ARG B 367 -34.69 -24.15 -9.00
N MET B 368 -35.03 -23.36 -7.98
CA MET B 368 -34.28 -22.16 -7.56
C MET B 368 -32.86 -22.45 -7.01
N MET B 369 -32.47 -23.71 -6.87
CA MET B 369 -31.11 -24.15 -6.52
C MET B 369 -30.50 -25.13 -7.53
N ARG B 370 -31.29 -25.64 -8.49
CA ARG B 370 -30.95 -26.74 -9.41
C ARG B 370 -31.70 -26.60 -10.76
N PRO B 371 -31.47 -25.53 -11.54
CA PRO B 371 -32.14 -25.37 -12.84
C PRO B 371 -31.67 -26.45 -13.83
N GLY B 372 -32.60 -27.03 -14.59
CA GLY B 372 -32.30 -28.11 -15.55
C GLY B 372 -31.95 -29.46 -14.91
N GLU B 373 -32.47 -29.76 -13.72
CA GLU B 373 -32.25 -31.03 -12.99
C GLU B 373 -33.60 -31.55 -12.43
N PRO B 374 -33.90 -32.87 -12.47
CA PRO B 374 -35.21 -33.40 -12.02
C PRO B 374 -35.50 -33.15 -10.52
N PRO B 375 -36.66 -32.56 -10.15
CA PRO B 375 -37.06 -32.26 -8.78
C PRO B 375 -37.45 -33.50 -7.95
N THR B 376 -36.44 -34.29 -7.57
CA THR B 376 -36.57 -35.50 -6.74
C THR B 376 -37.45 -35.28 -5.50
N ARG B 377 -38.66 -35.87 -5.51
CA ARG B 377 -39.83 -35.51 -4.66
C ARG B 377 -39.51 -35.19 -3.21
N GLU B 378 -38.86 -36.11 -2.48
CA GLU B 378 -38.57 -35.95 -1.05
C GLU B 378 -37.45 -34.94 -0.79
N ALA B 379 -36.44 -34.88 -1.67
CA ALA B 379 -35.36 -33.90 -1.59
C ALA B 379 -35.83 -32.48 -1.90
N ALA B 380 -36.89 -32.28 -2.71
CA ALA B 380 -37.55 -30.98 -2.87
C ALA B 380 -38.07 -30.41 -1.53
N GLU B 381 -38.53 -31.26 -0.62
CA GLU B 381 -38.91 -30.82 0.73
C GLU B 381 -37.69 -30.58 1.63
N SER B 382 -36.74 -31.52 1.66
CA SER B 382 -35.50 -31.37 2.45
C SER B 382 -34.71 -30.12 2.05
N LEU B 383 -34.53 -29.85 0.75
CA LEU B 383 -33.76 -28.72 0.24
C LEU B 383 -34.20 -27.38 0.84
N PHE B 384 -35.51 -27.18 1.04
CA PHE B 384 -36.08 -26.01 1.71
C PHE B 384 -36.04 -26.13 3.24
N GLU B 385 -36.57 -27.20 3.85
CA GLU B 385 -36.70 -27.29 5.31
C GLU B 385 -35.31 -27.32 5.99
N ASN B 386 -34.32 -28.00 5.40
CA ASN B 386 -32.92 -27.97 5.84
C ASN B 386 -32.25 -26.58 5.67
N LEU B 387 -32.88 -25.56 5.07
CA LEU B 387 -32.38 -24.17 5.17
C LEU B 387 -32.47 -23.63 6.61
N PHE B 388 -33.36 -24.19 7.44
CA PHE B 388 -33.72 -23.65 8.76
C PHE B 388 -33.76 -24.70 9.89
N PHE B 389 -33.66 -25.99 9.56
CA PHE B 389 -33.83 -27.11 10.49
C PHE B 389 -32.77 -28.24 10.39
N SER B 390 -31.73 -28.08 9.56
CA SER B 390 -30.67 -29.09 9.39
C SER B 390 -29.70 -29.16 10.58
N GLU B 391 -29.10 -30.33 10.81
CA GLU B 391 -28.05 -30.56 11.84
C GLU B 391 -26.84 -29.61 11.67
N ASP B 392 -26.48 -29.28 10.43
CA ASP B 392 -25.30 -28.47 10.07
C ASP B 392 -25.64 -27.00 9.73
N ARG B 393 -26.85 -26.75 9.19
CA ARG B 393 -27.11 -25.60 8.32
C ARG B 393 -27.98 -24.50 8.94
N TYR B 394 -28.37 -24.62 10.21
CA TYR B 394 -29.03 -23.52 10.93
C TYR B 394 -28.77 -23.53 12.46
N ASP B 395 -28.46 -22.37 13.04
CA ASP B 395 -28.53 -22.06 14.48
C ASP B 395 -28.65 -20.53 14.70
N LEU B 396 -29.11 -20.15 15.90
CA LEU B 396 -29.21 -18.78 16.40
C LEU B 396 -28.52 -18.59 17.77
N SER B 397 -28.21 -19.68 18.50
CA SER B 397 -28.10 -19.68 19.97
C SER B 397 -29.39 -19.16 20.67
N ALA B 398 -29.51 -19.40 21.98
CA ALA B 398 -30.53 -18.74 22.81
C ALA B 398 -30.50 -17.20 22.65
N VAL B 399 -29.31 -16.61 22.42
CA VAL B 399 -29.13 -15.17 22.19
C VAL B 399 -29.87 -14.69 20.93
N GLY B 400 -29.79 -15.43 19.82
CA GLY B 400 -30.46 -15.06 18.57
C GLY B 400 -31.96 -15.36 18.58
N ARG B 401 -32.41 -16.45 19.23
CA ARG B 401 -33.83 -16.67 19.50
C ARG B 401 -34.42 -15.55 20.38
N MET B 402 -33.70 -15.11 21.40
CA MET B 402 -34.09 -13.94 22.19
C MET B 402 -34.24 -12.70 21.29
N LYS B 403 -33.25 -12.37 20.44
CA LYS B 403 -33.36 -11.20 19.54
C LYS B 403 -34.50 -11.35 18.51
N PHE B 404 -34.73 -12.55 17.98
CA PHE B 404 -35.86 -12.87 17.11
C PHE B 404 -37.20 -12.55 17.79
N ASN B 405 -37.44 -13.12 18.99
CA ASN B 405 -38.65 -12.87 19.78
C ASN B 405 -38.77 -11.37 20.17
N ARG B 406 -37.66 -10.72 20.55
CA ARG B 406 -37.57 -9.29 20.92
C ARG B 406 -37.98 -8.37 19.79
N SER B 407 -37.41 -8.53 18.59
CA SER B 407 -37.76 -7.73 17.41
C SER B 407 -39.17 -8.04 16.85
N LEU B 408 -39.88 -9.02 17.41
CA LEU B 408 -41.28 -9.35 17.11
C LEU B 408 -42.25 -9.04 18.27
N LEU B 409 -41.76 -8.43 19.37
CA LEU B 409 -42.55 -8.02 20.54
C LEU B 409 -43.39 -9.15 21.19
N ARG B 410 -42.85 -10.38 21.13
CA ARG B 410 -43.38 -11.59 21.79
C ARG B 410 -43.38 -11.50 23.32
N GLU B 411 -44.06 -12.43 24.00
CA GLU B 411 -43.94 -12.63 25.47
C GLU B 411 -43.35 -14.00 25.85
N GLU B 412 -43.15 -14.89 24.88
CA GLU B 412 -42.53 -16.20 25.05
C GLU B 412 -41.04 -16.10 25.41
N ILE B 413 -40.75 -16.13 26.72
CA ILE B 413 -39.43 -16.43 27.30
C ILE B 413 -39.02 -17.92 27.18
N GLU B 414 -39.57 -18.63 26.19
CA GLU B 414 -39.44 -20.08 25.96
C GLU B 414 -39.40 -20.32 24.44
N GLY B 415 -38.52 -21.20 23.95
CA GLY B 415 -38.29 -21.36 22.51
C GLY B 415 -37.04 -22.18 22.16
N SER B 416 -36.62 -22.09 20.89
CA SER B 416 -35.57 -22.92 20.27
C SER B 416 -34.55 -22.10 19.48
N GLY B 417 -33.33 -22.61 19.31
CA GLY B 417 -32.31 -21.99 18.43
C GLY B 417 -32.70 -22.05 16.94
N ILE B 418 -33.33 -23.14 16.51
CA ILE B 418 -34.06 -23.18 15.24
C ILE B 418 -35.29 -22.25 15.25
N LEU B 419 -35.74 -21.87 14.06
CA LEU B 419 -37.05 -21.25 13.83
C LEU B 419 -38.21 -22.21 14.19
N SER B 420 -39.42 -21.87 13.76
CA SER B 420 -40.51 -22.85 13.60
C SER B 420 -41.31 -22.48 12.35
N LYS B 421 -42.03 -23.46 11.78
CA LYS B 421 -42.87 -23.26 10.59
C LYS B 421 -44.07 -22.32 10.78
N ASP B 422 -44.22 -21.65 11.94
CA ASP B 422 -45.27 -20.66 12.20
C ASP B 422 -44.74 -19.35 12.84
N ASP B 423 -43.49 -19.33 13.33
CA ASP B 423 -42.80 -18.07 13.68
C ASP B 423 -42.73 -17.08 12.50
N ILE B 424 -42.53 -17.61 11.29
CA ILE B 424 -42.35 -16.85 10.04
C ILE B 424 -43.57 -15.95 9.74
N ILE B 425 -44.78 -16.33 10.16
CA ILE B 425 -45.99 -15.54 9.95
C ILE B 425 -45.83 -14.12 10.53
N ASP B 426 -45.20 -13.97 11.70
CA ASP B 426 -45.03 -12.66 12.35
C ASP B 426 -43.97 -11.79 11.67
N VAL B 427 -42.92 -12.40 11.10
CA VAL B 427 -41.94 -11.74 10.24
C VAL B 427 -42.65 -11.10 9.04
N MET B 428 -43.53 -11.86 8.38
CA MET B 428 -44.36 -11.38 7.28
C MET B 428 -45.38 -10.32 7.72
N LYS B 429 -46.05 -10.48 8.88
CA LYS B 429 -46.98 -9.46 9.43
C LYS B 429 -46.28 -8.11 9.59
N LYS B 430 -45.08 -8.09 10.18
CA LYS B 430 -44.30 -6.86 10.37
C LYS B 430 -43.99 -6.16 9.05
N LEU B 431 -43.64 -6.90 8.00
CA LEU B 431 -43.46 -6.35 6.63
C LEU B 431 -44.76 -5.79 6.02
N ILE B 432 -45.87 -6.52 6.15
CA ILE B 432 -47.19 -6.11 5.65
C ILE B 432 -47.69 -4.83 6.34
N ASP B 433 -47.38 -4.66 7.63
CA ASP B 433 -47.85 -3.55 8.45
C ASP B 433 -46.91 -2.33 8.47
N ILE B 434 -45.58 -2.51 8.40
CA ILE B 434 -44.63 -1.40 8.60
C ILE B 434 -44.78 -0.27 7.57
N ARG B 435 -45.02 -0.61 6.29
CA ARG B 435 -44.54 0.12 5.09
C ARG B 435 -45.03 1.56 4.80
N ASN B 436 -45.67 2.25 5.75
CA ASN B 436 -45.64 3.72 5.80
C ASN B 436 -45.71 4.33 7.22
N GLY B 437 -45.73 3.53 8.31
CA GLY B 437 -45.65 4.04 9.68
C GLY B 437 -46.60 3.45 10.73
N LYS B 438 -46.86 2.12 10.76
CA LYS B 438 -47.26 1.44 12.02
C LYS B 438 -46.07 1.23 12.96
N GLY B 439 -44.86 1.24 12.39
CA GLY B 439 -43.56 1.16 13.04
C GLY B 439 -42.49 1.66 12.05
N GLU B 440 -41.22 1.42 12.35
CA GLU B 440 -40.07 1.77 11.49
C GLU B 440 -38.93 0.75 11.67
N VAL B 441 -37.80 0.99 10.99
CA VAL B 441 -36.58 0.14 10.99
C VAL B 441 -36.15 -0.33 12.38
N ASP B 442 -35.63 -1.55 12.47
CA ASP B 442 -35.28 -2.32 13.69
C ASP B 442 -34.15 -1.74 14.59
N ASP B 443 -33.82 -0.44 14.52
CA ASP B 443 -32.76 0.26 15.27
C ASP B 443 -31.37 -0.43 15.24
N ILE B 444 -30.86 -0.67 14.03
CA ILE B 444 -29.73 -1.56 13.69
C ILE B 444 -28.51 -1.41 14.61
N ASP B 445 -27.83 -0.26 14.57
CA ASP B 445 -26.54 -0.04 15.22
C ASP B 445 -26.64 0.41 16.68
N HIS B 446 -27.82 0.28 17.28
CA HIS B 446 -27.98 0.26 18.73
C HIS B 446 -27.09 -0.86 19.30
N LEU B 447 -26.18 -0.53 20.23
CA LEU B 447 -25.23 -1.48 20.85
C LEU B 447 -25.87 -2.48 21.85
N GLY B 448 -27.14 -2.81 21.61
CA GLY B 448 -27.93 -3.89 22.21
C GLY B 448 -28.84 -4.55 21.17
N ASN B 449 -28.34 -4.58 19.93
CA ASN B 449 -29.03 -4.98 18.70
C ASN B 449 -28.02 -5.29 17.58
N ARG B 450 -26.95 -4.49 17.46
CA ARG B 450 -25.61 -5.00 17.15
C ARG B 450 -25.02 -5.61 18.43
N ARG B 451 -24.23 -6.68 18.31
CA ARG B 451 -23.78 -7.58 19.40
C ARG B 451 -22.29 -7.88 19.28
N ILE B 452 -21.60 -8.03 20.42
CA ILE B 452 -20.22 -8.55 20.52
C ILE B 452 -20.17 -10.07 20.27
N ARG B 453 -19.06 -10.52 19.66
CA ARG B 453 -18.64 -11.91 19.47
C ARG B 453 -17.19 -11.99 19.97
N SER B 454 -17.04 -12.33 21.24
CA SER B 454 -15.78 -12.44 21.98
C SER B 454 -14.87 -13.54 21.44
N VAL B 455 -13.63 -13.64 21.90
CA VAL B 455 -12.62 -14.60 21.39
C VAL B 455 -13.10 -16.05 21.42
N GLY B 456 -13.62 -16.51 22.56
CA GLY B 456 -14.16 -17.85 22.73
C GLY B 456 -15.44 -18.10 21.93
N GLU B 457 -16.27 -17.07 21.73
CA GLU B 457 -17.42 -17.16 20.82
C GLU B 457 -16.95 -17.34 19.37
N MET B 458 -15.91 -16.62 18.94
CA MET B 458 -15.39 -16.74 17.58
C MET B 458 -14.79 -18.13 17.29
N ALA B 459 -14.14 -18.76 18.28
CA ALA B 459 -13.72 -20.16 18.20
C ALA B 459 -14.91 -21.15 18.25
N GLU B 460 -15.89 -20.93 19.14
CA GLU B 460 -17.12 -21.73 19.23
C GLU B 460 -17.86 -21.84 17.89
N ASN B 461 -17.98 -20.74 17.16
CA ASN B 461 -18.66 -20.72 15.86
C ASN B 461 -18.04 -21.67 14.82
N GLN B 462 -16.75 -22.04 14.95
CA GLN B 462 -16.13 -23.04 14.08
C GLN B 462 -16.55 -24.47 14.47
N PHE B 463 -16.53 -24.79 15.76
CA PHE B 463 -16.96 -26.08 16.29
C PHE B 463 -18.47 -26.35 16.08
N ARG B 464 -19.31 -25.31 16.03
CA ARG B 464 -20.72 -25.41 15.58
C ARG B 464 -20.88 -25.84 14.10
N VAL B 465 -19.81 -25.99 13.32
CA VAL B 465 -19.85 -26.36 11.89
C VAL B 465 -18.93 -27.56 11.57
N GLY B 466 -17.69 -27.57 12.06
CA GLY B 466 -16.70 -28.62 11.76
C GLY B 466 -17.14 -30.04 12.14
N LEU B 467 -17.89 -30.17 13.24
CA LEU B 467 -18.48 -31.43 13.71
C LEU B 467 -19.65 -31.96 12.85
N VAL B 468 -20.00 -31.27 11.76
CA VAL B 468 -21.20 -31.55 10.92
C VAL B 468 -20.92 -31.35 9.42
N ARG B 469 -19.66 -31.58 9.00
CA ARG B 469 -19.16 -31.33 7.64
C ARG B 469 -17.94 -32.18 7.24
N VAL B 470 -17.21 -32.75 8.20
CA VAL B 470 -15.85 -33.32 8.02
C VAL B 470 -15.74 -34.75 8.56
N GLU B 471 -16.55 -35.10 9.55
CA GLU B 471 -16.67 -36.41 10.23
C GLU B 471 -17.10 -37.61 9.35
N ARG B 472 -17.03 -37.47 8.01
CA ARG B 472 -17.66 -38.35 7.01
C ARG B 472 -17.31 -39.81 7.18
N ALA B 473 -16.02 -40.18 7.22
CA ALA B 473 -15.59 -41.57 7.42
C ALA B 473 -16.11 -42.19 8.74
N VAL B 474 -16.25 -41.39 9.80
CA VAL B 474 -16.83 -41.84 11.08
C VAL B 474 -18.34 -42.08 10.92
N LYS B 475 -19.06 -41.08 10.38
CA LYS B 475 -20.52 -41.10 10.15
C LYS B 475 -20.95 -42.20 9.16
N GLU B 476 -20.12 -42.47 8.15
CA GLU B 476 -20.20 -43.58 7.19
C GLU B 476 -20.03 -44.93 7.91
N ARG B 477 -18.82 -45.21 8.42
CA ARG B 477 -18.42 -46.56 8.84
C ARG B 477 -19.08 -46.99 10.17
N LEU B 478 -19.63 -46.05 10.95
CA LEU B 478 -20.54 -46.31 12.08
C LEU B 478 -21.77 -47.17 11.71
N SER B 479 -22.19 -47.17 10.44
CA SER B 479 -23.34 -47.93 9.97
C SER B 479 -23.08 -49.45 9.82
N LEU B 480 -21.83 -49.87 9.66
CA LEU B 480 -21.50 -51.15 9.01
C LEU B 480 -21.03 -52.25 9.97
N GLY B 481 -20.32 -51.91 11.04
CA GLY B 481 -19.70 -52.89 11.94
C GLY B 481 -20.65 -53.48 12.99
N ASP B 482 -20.42 -54.72 13.41
CA ASP B 482 -21.12 -55.29 14.58
C ASP B 482 -20.57 -54.70 15.89
N LEU B 483 -21.05 -53.52 16.23
CA LEU B 483 -20.62 -52.73 17.38
C LEU B 483 -20.91 -53.34 18.77
N ASP B 484 -21.48 -54.55 18.90
CA ASP B 484 -21.36 -55.30 20.17
C ASP B 484 -19.88 -55.67 20.43
N THR B 485 -19.06 -55.82 19.38
CA THR B 485 -17.63 -56.19 19.48
C THR B 485 -16.65 -55.17 18.85
N LEU B 486 -17.13 -53.97 18.50
CA LEU B 486 -16.33 -52.80 18.09
C LEU B 486 -16.68 -51.59 18.97
N MET B 487 -16.00 -50.45 18.81
CA MET B 487 -15.83 -49.44 19.87
C MET B 487 -16.10 -47.99 19.41
N PRO B 488 -16.42 -47.06 20.33
CA PRO B 488 -16.76 -45.67 20.02
C PRO B 488 -15.55 -44.80 19.63
N GLN B 489 -14.68 -45.31 18.75
CA GLN B 489 -13.40 -44.71 18.38
C GLN B 489 -12.88 -45.09 16.97
N ASP B 490 -13.24 -46.27 16.45
CA ASP B 490 -12.40 -47.06 15.51
C ASP B 490 -12.15 -46.45 14.10
N MET B 491 -12.62 -45.23 13.80
CA MET B 491 -12.47 -44.57 12.50
C MET B 491 -12.18 -43.06 12.59
N ILE B 492 -11.90 -42.52 13.78
CA ILE B 492 -11.68 -41.08 13.99
C ILE B 492 -10.28 -40.65 13.52
N ASN B 493 -10.19 -39.97 12.37
CA ASN B 493 -8.95 -39.31 11.94
C ASN B 493 -8.54 -38.18 12.89
N ALA B 494 -7.25 -37.82 12.91
CA ALA B 494 -6.67 -36.92 13.89
C ALA B 494 -5.90 -35.72 13.30
N LYS B 495 -5.47 -35.78 12.02
CA LYS B 495 -4.69 -34.70 11.39
C LYS B 495 -5.34 -33.29 11.44
N PRO B 496 -6.62 -33.08 11.09
CA PRO B 496 -7.07 -31.76 10.65
C PRO B 496 -7.34 -30.81 11.82
N ILE B 497 -7.96 -31.31 12.88
CA ILE B 497 -8.37 -30.51 14.05
C ILE B 497 -7.17 -30.16 14.95
N SER B 498 -5.96 -30.60 14.59
CA SER B 498 -4.72 -30.06 15.15
C SER B 498 -4.45 -28.65 14.59
N ALA B 499 -3.99 -28.55 13.34
CA ALA B 499 -3.69 -27.30 12.65
C ALA B 499 -4.90 -26.34 12.57
N ALA B 500 -6.10 -26.86 12.26
CA ALA B 500 -7.31 -26.04 12.13
C ALA B 500 -7.79 -25.36 13.43
N VAL B 501 -7.16 -25.66 14.58
CA VAL B 501 -7.50 -25.03 15.87
C VAL B 501 -6.28 -24.43 16.57
N LYS B 502 -5.08 -25.01 16.41
CA LYS B 502 -3.80 -24.30 16.65
C LYS B 502 -3.79 -22.94 15.95
N GLU B 503 -4.01 -22.95 14.63
CA GLU B 503 -3.80 -21.79 13.77
C GLU B 503 -5.07 -20.99 13.48
N PHE B 504 -6.19 -21.35 14.11
CA PHE B 504 -7.31 -20.42 14.29
C PHE B 504 -6.91 -19.16 15.11
N PHE B 505 -5.78 -19.22 15.83
CA PHE B 505 -5.17 -18.08 16.50
C PHE B 505 -3.97 -17.46 15.71
N GLY B 506 -3.54 -18.06 14.59
CA GLY B 506 -2.30 -17.71 13.89
C GLY B 506 -2.42 -17.36 12.41
N SER B 507 -3.52 -17.73 11.75
CA SER B 507 -3.82 -17.40 10.34
C SER B 507 -5.33 -17.19 10.06
N SER B 508 -6.17 -17.07 11.09
CA SER B 508 -7.60 -16.80 10.95
C SER B 508 -7.89 -15.35 10.57
N GLN B 509 -9.08 -15.11 9.99
CA GLN B 509 -9.58 -13.83 9.48
C GLN B 509 -9.59 -12.67 10.50
N LEU B 510 -9.39 -12.95 11.79
CA LEU B 510 -9.35 -11.97 12.89
C LEU B 510 -8.15 -12.16 13.83
N SER B 511 -7.18 -13.04 13.52
CA SER B 511 -6.11 -13.47 14.45
C SER B 511 -4.72 -12.97 14.03
N GLN B 512 -4.60 -11.67 13.76
CA GLN B 512 -3.33 -11.04 13.40
C GLN B 512 -2.26 -11.16 14.50
N PHE B 513 -0.99 -10.98 14.11
CA PHE B 513 0.07 -10.54 15.02
C PHE B 513 -0.40 -9.38 15.91
N MET B 514 -0.37 -9.53 17.24
CA MET B 514 -0.68 -8.45 18.19
C MET B 514 0.28 -7.25 18.02
N ASP B 515 -0.24 -6.06 18.29
CA ASP B 515 0.43 -4.76 18.17
C ASP B 515 1.46 -4.51 19.31
N GLN B 516 2.42 -5.43 19.50
CA GLN B 516 3.49 -5.39 20.52
C GLN B 516 4.55 -4.28 20.32
N ASN B 517 4.17 -3.11 19.80
CA ASN B 517 5.05 -1.93 19.76
C ASN B 517 5.42 -1.44 21.18
N ASN B 518 4.44 -1.41 22.10
CA ASN B 518 4.63 -1.18 23.55
C ASN B 518 3.39 -1.65 24.36
N PRO B 519 3.47 -1.74 25.71
CA PRO B 519 2.39 -2.27 26.56
C PRO B 519 0.99 -1.68 26.33
N LEU B 520 0.86 -0.35 26.19
CA LEU B 520 -0.44 0.29 25.95
C LEU B 520 -1.13 -0.27 24.70
N SER B 521 -0.33 -0.56 23.67
CA SER B 521 -0.84 -1.06 22.40
C SER B 521 -1.35 -2.49 22.51
N GLU B 522 -0.62 -3.41 23.18
CA GLU B 522 -1.12 -4.77 23.43
C GLU B 522 -2.31 -4.81 24.41
N ILE B 523 -2.32 -3.96 25.44
CA ILE B 523 -3.45 -3.83 26.39
C ILE B 523 -4.73 -3.42 25.66
N THR B 524 -4.68 -2.43 24.76
CA THR B 524 -5.86 -2.09 23.95
C THR B 524 -6.12 -3.11 22.83
N HIS B 525 -5.08 -3.78 22.28
CA HIS B 525 -5.24 -4.82 21.27
C HIS B 525 -6.15 -5.96 21.76
N LYS B 526 -5.92 -6.44 22.99
CA LYS B 526 -6.72 -7.47 23.67
C LYS B 526 -8.21 -7.12 23.78
N ARG B 527 -8.59 -5.83 23.69
CA ARG B 527 -9.97 -5.34 23.70
C ARG B 527 -10.38 -4.57 22.43
N ARG B 528 -9.70 -4.80 21.30
CA ARG B 528 -10.13 -4.32 19.98
C ARG B 528 -11.47 -4.95 19.57
N ILE B 529 -12.26 -4.17 18.84
CA ILE B 529 -13.62 -4.50 18.38
C ILE B 529 -13.68 -4.30 16.87
N SER B 530 -13.50 -5.39 16.13
CA SER B 530 -13.66 -5.47 14.67
C SER B 530 -15.13 -5.36 14.25
N ALA B 531 -15.39 -4.73 13.11
CA ALA B 531 -16.71 -4.67 12.47
C ALA B 531 -16.80 -5.59 11.24
N LEU B 532 -15.87 -6.55 11.10
CA LEU B 532 -15.59 -7.28 9.86
C LEU B 532 -15.88 -8.79 9.94
N GLY B 533 -15.81 -9.47 8.79
CA GLY B 533 -16.01 -10.93 8.68
C GLY B 533 -17.48 -11.35 8.70
N PRO B 534 -17.82 -12.65 8.76
CA PRO B 534 -19.19 -13.16 8.70
C PRO B 534 -20.04 -12.65 9.88
N GLY B 535 -20.81 -11.58 9.66
CA GLY B 535 -21.53 -10.80 10.68
C GLY B 535 -21.40 -9.28 10.49
N GLY B 536 -20.40 -8.88 9.69
CA GLY B 536 -20.10 -7.55 9.16
C GLY B 536 -19.63 -7.68 7.71
N LEU B 537 -18.63 -6.88 7.29
CA LEU B 537 -18.13 -6.83 5.89
C LEU B 537 -16.58 -6.78 5.85
N THR B 538 -15.96 -6.07 4.88
CA THR B 538 -14.50 -5.89 4.76
C THR B 538 -14.12 -4.39 4.73
N ARG B 539 -12.87 -4.03 4.42
CA ARG B 539 -12.47 -2.63 4.11
C ARG B 539 -13.01 -2.20 2.74
N GLU B 540 -13.21 -3.15 1.84
CA GLU B 540 -13.43 -2.95 0.41
C GLU B 540 -14.92 -3.06 0.07
N ARG B 541 -15.56 -4.21 0.35
CA ARG B 541 -16.97 -4.50 0.01
C ARG B 541 -17.92 -3.96 1.08
N ALA B 542 -17.80 -2.67 1.39
CA ALA B 542 -18.49 -1.98 2.50
C ALA B 542 -18.59 -0.45 2.34
N GLY B 543 -19.62 0.17 2.90
CA GLY B 543 -19.86 1.62 2.82
C GLY B 543 -19.43 2.38 4.07
N PHE B 544 -20.39 2.75 4.92
CA PHE B 544 -20.22 3.54 6.16
C PHE B 544 -20.78 2.81 7.41
N GLU B 545 -21.57 1.75 7.22
CA GLU B 545 -22.05 0.73 8.19
C GLU B 545 -20.93 0.09 9.04
N VAL B 546 -19.68 0.35 8.66
CA VAL B 546 -18.45 -0.28 9.15
C VAL B 546 -17.42 0.80 9.54
N ARG B 547 -17.72 2.10 9.37
CA ARG B 547 -16.74 3.20 9.47
C ARG B 547 -17.19 4.41 10.29
N ASP B 548 -18.49 4.74 10.30
CA ASP B 548 -19.01 5.97 10.94
C ASP B 548 -19.27 5.79 12.46
N VAL B 549 -20.18 6.56 13.05
CA VAL B 549 -20.56 6.48 14.49
C VAL B 549 -22.09 6.58 14.66
N HIS B 550 -22.62 5.92 15.70
CA HIS B 550 -24.02 6.02 16.13
C HIS B 550 -24.07 6.30 17.64
N PRO B 551 -24.91 7.24 18.14
CA PRO B 551 -24.87 7.73 19.53
C PRO B 551 -24.81 6.70 20.68
N THR B 552 -25.33 5.47 20.52
CA THR B 552 -25.18 4.42 21.56
C THR B 552 -23.73 3.96 21.81
N HIS B 553 -22.75 4.45 21.03
CA HIS B 553 -21.32 4.38 21.37
C HIS B 553 -20.98 5.01 22.73
N TYR B 554 -21.78 5.96 23.22
CA TYR B 554 -21.54 6.61 24.52
C TYR B 554 -21.41 5.58 25.64
N GLY B 555 -20.39 5.75 26.48
CA GLY B 555 -20.11 4.87 27.62
C GLY B 555 -19.59 3.48 27.27
N ARG B 556 -19.35 3.16 25.98
CA ARG B 556 -19.21 1.78 25.48
C ARG B 556 -18.07 1.56 24.47
N VAL B 557 -17.96 2.38 23.42
CA VAL B 557 -16.97 2.18 22.33
C VAL B 557 -16.48 3.53 21.82
N CYS B 558 -15.23 3.90 22.15
CA CYS B 558 -14.73 5.24 21.87
C CYS B 558 -14.48 5.45 20.36
N PRO B 559 -15.07 6.48 19.71
CA PRO B 559 -15.02 6.63 18.25
C PRO B 559 -13.66 7.07 17.66
N ILE B 560 -12.61 7.27 18.47
CA ILE B 560 -11.28 7.73 18.01
C ILE B 560 -10.18 6.68 18.13
N GLU B 561 -10.40 5.54 18.78
CA GLU B 561 -9.37 4.50 18.95
C GLU B 561 -9.49 3.44 17.84
N THR B 562 -9.13 3.89 16.64
CA THR B 562 -9.19 3.18 15.35
C THR B 562 -7.90 3.49 14.57
N PRO B 563 -7.43 2.63 13.64
CA PRO B 563 -6.43 3.02 12.66
C PRO B 563 -6.95 4.14 11.73
N GLU B 564 -6.04 4.78 11.00
CA GLU B 564 -6.33 5.86 10.04
C GLU B 564 -6.25 5.39 8.56
N GLY B 565 -6.47 6.30 7.62
CA GLY B 565 -6.69 5.96 6.21
C GLY B 565 -8.02 5.22 5.95
N PRO B 566 -8.17 4.50 4.82
CA PRO B 566 -9.36 3.70 4.49
C PRO B 566 -9.81 2.68 5.57
N ASN B 567 -8.92 2.39 6.52
CA ASN B 567 -9.15 1.50 7.66
C ASN B 567 -10.02 2.12 8.77
N ILE B 568 -10.36 3.42 8.68
CA ILE B 568 -11.15 4.16 9.67
C ILE B 568 -12.44 3.43 10.08
N GLY B 569 -12.59 3.22 11.39
CA GLY B 569 -13.78 2.68 12.04
C GLY B 569 -13.99 1.17 11.89
N LEU B 570 -13.29 0.52 10.95
CA LEU B 570 -13.36 -0.93 10.72
C LEU B 570 -12.99 -1.77 11.95
N ILE B 571 -12.13 -1.23 12.81
CA ILE B 571 -11.72 -1.82 14.10
C ILE B 571 -11.60 -0.68 15.12
N ASN B 572 -12.15 -0.89 16.31
CA ASN B 572 -12.32 0.11 17.39
C ASN B 572 -11.76 -0.48 18.70
N SER B 573 -11.99 0.16 19.86
CA SER B 573 -11.65 -0.39 21.19
C SER B 573 -12.74 -0.11 22.24
N LEU B 574 -12.91 -1.07 23.16
CA LEU B 574 -13.85 -1.04 24.28
C LEU B 574 -13.46 0.08 25.28
N SER B 575 -14.40 0.94 25.70
CA SER B 575 -14.09 1.96 26.72
C SER B 575 -13.75 1.34 28.08
N VAL B 576 -12.89 2.00 28.86
CA VAL B 576 -12.21 1.46 30.06
C VAL B 576 -13.16 0.70 31.00
N TYR B 577 -14.30 1.31 31.33
CA TYR B 577 -15.29 0.75 32.27
C TYR B 577 -16.34 -0.17 31.64
N ALA B 578 -16.40 -0.32 30.31
CA ALA B 578 -17.49 -1.03 29.64
C ALA B 578 -17.33 -2.56 29.65
N GLN B 579 -18.46 -3.25 29.61
CA GLN B 579 -18.59 -4.71 29.57
C GLN B 579 -19.86 -5.12 28.79
N THR B 580 -20.25 -6.40 28.82
CA THR B 580 -21.46 -6.91 28.13
C THR B 580 -22.24 -7.90 28.98
N ASN B 581 -23.57 -7.89 28.83
CA ASN B 581 -24.45 -8.91 29.41
C ASN B 581 -24.33 -10.28 28.68
N GLU B 582 -25.09 -11.27 29.14
CA GLU B 582 -25.24 -12.63 28.56
C GLU B 582 -25.79 -12.71 27.12
N TYR B 583 -26.07 -11.57 26.46
CA TYR B 583 -26.44 -11.47 25.04
C TYR B 583 -25.36 -10.79 24.18
N GLY B 584 -24.23 -10.36 24.77
CA GLY B 584 -23.21 -9.58 24.09
C GLY B 584 -23.66 -8.14 23.77
N PHE B 585 -24.66 -7.62 24.50
CA PHE B 585 -25.08 -6.21 24.42
C PHE B 585 -24.24 -5.38 25.41
N LEU B 586 -23.81 -4.19 24.98
CA LEU B 586 -22.82 -3.38 25.71
C LEU B 586 -23.47 -2.53 26.82
N GLU B 587 -22.75 -2.41 27.94
CA GLU B 587 -23.21 -1.77 29.17
C GLU B 587 -22.11 -0.97 29.89
N THR B 588 -22.54 -0.17 30.86
CA THR B 588 -21.79 0.99 31.40
C THR B 588 -22.17 1.19 32.88
N PRO B 589 -21.28 1.73 33.74
CA PRO B 589 -21.63 2.05 35.13
C PRO B 589 -22.40 3.38 35.28
N TYR B 590 -23.28 3.43 36.29
CA TYR B 590 -24.09 4.61 36.64
C TYR B 590 -24.24 4.79 38.16
N ARG B 591 -24.26 6.03 38.65
CA ARG B 591 -24.81 6.40 39.98
C ARG B 591 -26.34 6.40 39.90
N LYS B 592 -27.04 6.30 41.03
CA LYS B 592 -28.46 5.92 41.09
C LYS B 592 -29.21 6.61 42.23
N VAL B 593 -30.48 6.98 42.02
CA VAL B 593 -31.28 7.73 43.01
C VAL B 593 -31.82 6.88 44.17
N THR B 594 -31.86 7.48 45.37
CA THR B 594 -32.62 7.03 46.54
C THR B 594 -33.19 8.25 47.28
N ASP B 595 -34.46 8.17 47.71
CA ASP B 595 -35.31 9.15 48.43
C ASP B 595 -35.33 10.64 47.99
N GLY B 596 -34.44 11.09 47.09
CA GLY B 596 -34.41 12.45 46.54
C GLY B 596 -33.09 12.89 45.90
N VAL B 597 -32.02 12.09 45.94
CA VAL B 597 -30.69 12.46 45.41
C VAL B 597 -30.03 11.27 44.70
N VAL B 598 -29.19 11.53 43.70
CA VAL B 598 -28.32 10.55 43.01
C VAL B 598 -27.22 10.05 43.97
N THR B 599 -27.57 9.03 44.75
CA THR B 599 -26.68 8.35 45.69
C THR B 599 -25.58 7.52 45.04
N ASP B 600 -24.61 7.15 45.87
CA ASP B 600 -23.44 6.31 45.59
C ASP B 600 -23.77 4.81 45.49
N GLU B 601 -25.05 4.44 45.49
CA GLU B 601 -25.57 3.08 45.23
C GLU B 601 -25.36 2.64 43.76
N ILE B 602 -24.12 2.68 43.25
CA ILE B 602 -23.79 2.46 41.83
C ILE B 602 -24.36 1.16 41.24
N HIS B 603 -24.65 1.16 39.94
CA HIS B 603 -25.22 0.07 39.14
C HIS B 603 -24.49 -0.02 37.79
N TYR B 604 -24.78 -1.05 37.00
CA TYR B 604 -24.46 -1.15 35.56
C TYR B 604 -25.77 -1.33 34.78
N LEU B 605 -25.88 -0.75 33.58
CA LEU B 605 -27.10 -0.82 32.76
C LEU B 605 -26.79 -0.94 31.25
N SER B 606 -27.67 -1.64 30.54
CA SER B 606 -27.54 -1.89 29.09
C SER B 606 -27.72 -0.65 28.22
N ALA B 607 -27.23 -0.69 26.97
CA ALA B 607 -27.51 0.35 25.96
C ALA B 607 -29.01 0.61 25.75
N ILE B 608 -29.84 -0.44 25.91
CA ILE B 608 -31.31 -0.38 25.78
C ILE B 608 -31.90 0.45 26.93
N GLU B 609 -31.40 0.24 28.14
CA GLU B 609 -31.82 0.98 29.34
C GLU B 609 -31.37 2.43 29.36
N GLU B 610 -30.21 2.74 28.77
CA GLU B 610 -29.84 4.12 28.46
C GLU B 610 -30.88 4.82 27.56
N GLY B 611 -31.72 4.08 26.85
CA GLY B 611 -32.88 4.57 26.09
C GLY B 611 -34.23 4.51 26.85
N ASN B 612 -34.24 4.24 28.16
CA ASN B 612 -35.46 4.03 28.95
C ASN B 612 -35.49 4.69 30.36
N TYR B 613 -34.37 5.22 30.88
CA TYR B 613 -34.32 5.94 32.18
C TYR B 613 -33.64 7.31 32.05
N VAL B 614 -33.89 8.22 33.01
CA VAL B 614 -33.28 9.56 33.00
C VAL B 614 -31.91 9.58 33.67
N ILE B 615 -30.86 9.59 32.85
CA ILE B 615 -29.45 9.68 33.27
C ILE B 615 -29.00 11.14 33.22
N ALA B 616 -28.65 11.73 34.37
CA ALA B 616 -27.95 13.02 34.44
C ALA B 616 -26.54 12.93 33.85
N GLN B 617 -26.07 14.00 33.19
CA GLN B 617 -24.69 14.07 32.71
C GLN B 617 -23.73 14.39 33.87
N ALA B 618 -22.43 14.14 33.63
CA ALA B 618 -21.32 14.45 34.54
C ALA B 618 -21.23 15.93 35.00
N ASN B 619 -21.97 16.87 34.38
CA ASN B 619 -22.03 18.27 34.83
C ASN B 619 -22.51 18.44 36.29
N SER B 620 -23.52 17.66 36.69
CA SER B 620 -24.35 17.95 37.88
C SER B 620 -23.62 17.95 39.23
N ASN B 621 -24.21 18.62 40.23
CA ASN B 621 -23.53 19.03 41.47
C ASN B 621 -24.45 19.03 42.71
N LEU B 622 -23.98 18.45 43.81
CA LEU B 622 -24.65 18.37 45.13
C LEU B 622 -24.60 19.70 45.94
N ASP B 623 -25.00 19.67 47.22
CA ASP B 623 -25.59 20.80 47.97
C ASP B 623 -25.41 20.67 49.52
N GLU B 624 -25.75 21.70 50.32
CA GLU B 624 -25.67 21.71 51.80
C GLU B 624 -27.04 21.54 52.47
N GLU B 625 -27.20 20.53 53.34
CA GLU B 625 -28.45 20.14 54.05
C GLU B 625 -29.71 20.05 53.13
N GLY B 626 -29.50 19.86 51.81
CA GLY B 626 -30.53 19.93 50.77
C GLY B 626 -30.46 18.80 49.75
N HIS B 627 -30.04 19.10 48.53
CA HIS B 627 -30.21 18.23 47.35
C HIS B 627 -29.16 18.44 46.23
N PHE B 628 -29.34 19.47 45.39
CA PHE B 628 -28.47 19.79 44.24
C PHE B 628 -28.34 21.30 44.07
N VAL B 629 -27.10 21.80 43.91
CA VAL B 629 -26.82 23.14 43.37
C VAL B 629 -27.11 23.19 41.87
N GLU B 630 -27.07 22.06 41.18
CA GLU B 630 -27.61 21.87 39.83
C GLU B 630 -29.14 22.09 39.80
N ASP B 631 -29.57 23.32 39.51
CA ASP B 631 -31.00 23.68 39.47
C ASP B 631 -31.77 23.08 38.27
N LEU B 632 -31.09 22.90 37.14
CA LEU B 632 -31.63 22.48 35.85
C LEU B 632 -30.77 21.37 35.24
N VAL B 633 -30.74 20.24 35.95
CA VAL B 633 -30.00 19.00 35.64
C VAL B 633 -29.97 18.68 34.14
N THR B 634 -28.81 18.89 33.51
CA THR B 634 -28.60 18.38 32.15
C THR B 634 -28.52 16.86 32.16
N CYS B 635 -29.24 16.23 31.23
CA CYS B 635 -29.45 14.78 31.18
C CYS B 635 -29.17 14.24 29.76
N ARG B 636 -29.24 12.91 29.61
CA ARG B 636 -28.92 12.19 28.37
C ARG B 636 -29.67 10.86 28.28
N SER B 637 -29.90 10.37 27.06
CA SER B 637 -30.57 9.09 26.80
C SER B 637 -30.30 8.60 25.37
N LYS B 638 -30.08 7.30 25.17
CA LYS B 638 -29.63 6.62 23.92
C LYS B 638 -28.38 7.22 23.24
N GLY B 639 -27.70 8.16 23.88
CA GLY B 639 -26.59 8.98 23.35
C GLY B 639 -26.97 10.43 23.01
N GLU B 640 -28.26 10.77 23.02
CA GLU B 640 -28.82 12.12 22.90
C GLU B 640 -28.85 12.86 24.27
N SER B 641 -29.30 14.11 24.32
CA SER B 641 -29.09 15.05 25.45
C SER B 641 -30.26 16.00 25.72
N SER B 642 -30.49 16.38 26.98
CA SER B 642 -31.58 17.26 27.41
C SER B 642 -31.24 18.15 28.63
N LEU B 643 -32.21 18.94 29.07
CA LEU B 643 -32.21 19.73 30.31
C LEU B 643 -33.54 19.47 31.06
N PHE B 644 -33.47 19.13 32.35
CA PHE B 644 -34.64 18.83 33.19
C PHE B 644 -34.51 19.49 34.58
N SER B 645 -35.59 19.55 35.35
CA SER B 645 -35.53 19.95 36.77
C SER B 645 -35.11 18.78 37.68
N ARG B 646 -34.74 19.07 38.93
CA ARG B 646 -34.31 18.07 39.93
C ARG B 646 -35.32 16.91 40.10
N ASP B 647 -36.61 17.22 40.07
CA ASP B 647 -37.76 16.34 40.29
C ASP B 647 -37.98 15.25 39.19
N GLN B 648 -36.97 14.92 38.37
CA GLN B 648 -37.13 14.18 37.12
C GLN B 648 -36.05 13.11 36.81
N VAL B 649 -35.18 12.75 37.76
CA VAL B 649 -33.93 12.01 37.48
C VAL B 649 -33.92 10.62 38.16
N ASP B 650 -33.33 9.63 37.49
CA ASP B 650 -33.18 8.24 37.99
C ASP B 650 -31.71 7.86 38.26
N TYR B 651 -30.79 8.31 37.39
CA TYR B 651 -29.39 7.87 37.33
C TYR B 651 -28.43 9.02 36.94
N MET B 652 -27.12 8.74 36.88
CA MET B 652 -26.06 9.64 36.36
C MET B 652 -24.85 8.79 35.92
N ASP B 653 -24.01 9.27 34.99
CA ASP B 653 -22.69 8.65 34.74
C ASP B 653 -21.82 8.62 36.04
N VAL B 654 -20.91 7.64 36.19
CA VAL B 654 -19.99 7.57 37.36
C VAL B 654 -18.71 8.34 37.12
N SER B 655 -18.16 8.26 35.91
CA SER B 655 -16.95 8.94 35.47
C SER B 655 -17.13 9.50 34.05
N THR B 656 -16.10 10.16 33.54
CA THR B 656 -16.04 10.59 32.13
C THR B 656 -15.29 9.57 31.27
N GLN B 657 -14.22 8.96 31.80
CA GLN B 657 -13.44 7.91 31.14
C GLN B 657 -14.26 6.63 30.84
N GLN B 658 -15.45 6.43 31.41
CA GLN B 658 -16.38 5.38 30.94
C GLN B 658 -16.76 5.53 29.45
N VAL B 659 -16.60 6.71 28.85
CA VAL B 659 -16.83 6.98 27.41
C VAL B 659 -15.55 6.78 26.56
N VAL B 660 -14.42 6.40 27.17
CA VAL B 660 -13.08 6.51 26.57
C VAL B 660 -12.30 5.19 26.69
N SER B 661 -11.65 4.76 25.62
CA SER B 661 -10.80 3.55 25.55
C SER B 661 -9.34 3.84 25.90
N VAL B 662 -8.49 2.80 25.99
CA VAL B 662 -7.21 2.87 26.71
C VAL B 662 -6.26 3.96 26.19
N GLY B 663 -5.98 4.01 24.88
CA GLY B 663 -5.08 5.02 24.30
C GLY B 663 -5.63 6.43 24.39
N ALA B 664 -6.93 6.61 24.13
CA ALA B 664 -7.62 7.88 24.31
C ALA B 664 -7.68 8.33 25.79
N SER B 665 -7.75 7.38 26.74
CA SER B 665 -7.87 7.66 28.18
C SER B 665 -6.60 8.21 28.83
N LEU B 666 -5.50 8.32 28.07
CA LEU B 666 -4.20 8.88 28.44
C LEU B 666 -3.94 10.28 27.84
N ILE B 667 -4.96 10.94 27.27
CA ILE B 667 -4.86 12.27 26.62
C ILE B 667 -5.46 13.35 27.55
N PRO B 668 -4.67 14.01 28.44
CA PRO B 668 -5.18 14.77 29.60
C PRO B 668 -5.96 16.07 29.32
N PHE B 669 -6.21 16.41 28.06
CA PHE B 669 -6.83 17.67 27.62
C PHE B 669 -7.68 17.50 26.34
N LEU B 670 -8.38 16.37 26.19
CA LEU B 670 -9.34 16.19 25.08
C LEU B 670 -10.46 17.24 25.08
N GLU B 671 -10.70 17.90 26.22
CA GLU B 671 -11.42 19.16 26.36
C GLU B 671 -10.99 20.28 25.40
N HIS B 672 -9.82 20.15 24.77
CA HIS B 672 -9.18 21.19 23.97
C HIS B 672 -8.65 20.67 22.61
N ASP B 673 -9.09 19.50 22.13
CA ASP B 673 -8.60 18.88 20.87
C ASP B 673 -9.74 18.45 19.92
N ASP B 674 -9.57 18.69 18.62
CA ASP B 674 -10.44 18.08 17.59
C ASP B 674 -10.20 16.56 17.44
N ALA B 675 -11.27 15.84 17.12
CA ALA B 675 -11.27 14.39 16.88
C ALA B 675 -10.21 13.91 15.88
N ASN B 676 -9.90 14.69 14.84
CA ASN B 676 -8.87 14.34 13.84
C ASN B 676 -7.45 14.24 14.43
N ARG B 677 -7.17 14.92 15.55
CA ARG B 677 -5.88 14.85 16.27
C ARG B 677 -5.97 13.98 17.53
N ALA B 678 -7.14 13.88 18.15
CA ALA B 678 -7.39 12.87 19.18
C ALA B 678 -7.24 11.43 18.64
N LEU B 679 -7.68 11.19 17.40
CA LEU B 679 -7.41 9.97 16.61
C LEU B 679 -5.91 9.66 16.49
N MET B 680 -5.11 10.67 16.15
CA MET B 680 -3.65 10.54 16.09
C MET B 680 -3.08 10.24 17.49
N GLY B 681 -3.49 10.97 18.53
CA GLY B 681 -3.10 10.70 19.92
C GLY B 681 -3.38 9.27 20.38
N ALA B 682 -4.54 8.71 20.04
CA ALA B 682 -4.93 7.32 20.28
C ALA B 682 -4.11 6.26 19.50
N ASN B 683 -3.18 6.69 18.64
CA ASN B 683 -2.30 5.81 17.85
C ASN B 683 -0.81 6.11 18.01
N MET B 684 -0.39 7.37 18.21
CA MET B 684 1.05 7.67 18.37
C MET B 684 1.62 7.06 19.65
N GLN B 685 0.83 7.11 20.74
CA GLN B 685 1.16 6.43 22.00
C GLN B 685 1.26 4.89 21.82
N ARG B 686 0.65 4.33 20.78
CA ARG B 686 0.69 2.90 20.47
C ARG B 686 1.86 2.54 19.54
N GLN B 687 2.17 3.39 18.55
CA GLN B 687 3.37 3.24 17.71
C GLN B 687 4.70 3.46 18.46
N ALA B 688 4.66 4.03 19.67
CA ALA B 688 5.85 4.27 20.49
C ALA B 688 6.57 2.98 20.88
N VAL B 689 7.87 3.08 21.22
CA VAL B 689 8.80 1.95 21.34
C VAL B 689 9.68 2.10 22.59
N PRO B 690 10.03 1.00 23.30
CA PRO B 690 11.05 0.96 24.35
C PRO B 690 12.35 1.72 24.03
N THR B 691 12.85 2.51 24.98
CA THR B 691 14.07 3.34 24.82
C THR B 691 15.03 3.20 25.99
N LEU B 692 16.33 3.38 25.73
CA LEU B 692 17.43 3.04 26.64
C LEU B 692 17.39 3.69 28.03
N ARG B 693 16.69 4.83 28.18
CA ARG B 693 16.64 5.64 29.41
C ARG B 693 15.22 6.21 29.63
N ALA B 694 14.21 5.35 29.51
CA ALA B 694 12.78 5.68 29.57
C ALA B 694 12.38 6.57 30.79
N ASP B 695 11.34 7.37 30.61
CA ASP B 695 10.88 8.37 31.59
C ASP B 695 9.36 8.62 31.45
N LYS B 696 8.67 8.93 32.57
CA LYS B 696 7.20 8.84 32.69
C LYS B 696 6.42 10.04 32.12
N PRO B 697 5.17 9.89 31.66
CA PRO B 697 4.26 11.02 31.49
C PRO B 697 4.07 11.76 32.83
N LEU B 698 4.59 12.99 32.91
CA LEU B 698 4.52 13.83 34.11
C LEU B 698 3.15 14.47 34.27
N VAL B 699 2.70 15.21 33.26
CA VAL B 699 1.28 15.41 33.02
C VAL B 699 0.63 14.02 32.85
N GLY B 700 -0.64 13.84 33.17
CA GLY B 700 -1.27 12.55 33.00
C GLY B 700 -2.72 12.48 33.44
N THR B 701 -3.29 11.28 33.36
CA THR B 701 -4.72 11.05 33.63
C THR B 701 -4.98 10.18 34.86
N GLY B 702 -4.02 9.35 35.25
CA GLY B 702 -4.12 8.32 36.28
C GLY B 702 -3.90 6.92 35.69
N MET B 703 -4.25 6.75 34.42
CA MET B 703 -4.03 5.52 33.66
C MET B 703 -2.56 5.13 33.55
N GLU B 704 -1.62 6.07 33.76
CA GLU B 704 -0.17 5.83 33.87
C GLU B 704 0.26 4.85 34.99
N ARG B 705 -0.65 4.40 35.85
CA ARG B 705 -0.39 3.28 36.76
C ARG B 705 -1.27 2.04 36.47
N ALA B 706 -2.49 2.22 35.96
CA ALA B 706 -3.32 1.10 35.51
C ALA B 706 -2.67 0.35 34.33
N VAL B 707 -2.28 1.07 33.28
CA VAL B 707 -1.63 0.53 32.07
C VAL B 707 -0.23 -0.05 32.35
N ALA B 708 0.36 0.21 33.52
CA ALA B 708 1.57 -0.49 33.99
C ALA B 708 1.28 -1.90 34.57
N VAL B 709 0.01 -2.26 34.80
CA VAL B 709 -0.44 -3.49 35.48
C VAL B 709 -1.46 -4.27 34.66
N ASP B 710 -2.23 -3.62 33.78
CA ASP B 710 -3.23 -4.21 32.87
C ASP B 710 -2.70 -5.26 31.87
N SER B 711 -1.39 -5.56 31.85
CA SER B 711 -0.79 -6.73 31.20
C SER B 711 0.34 -7.39 32.01
N GLY B 712 0.49 -7.04 33.30
CA GLY B 712 1.54 -7.57 34.17
C GLY B 712 2.97 -7.09 33.84
N VAL B 713 3.14 -6.07 33.00
CA VAL B 713 4.45 -5.49 32.66
C VAL B 713 5.24 -4.97 33.87
N THR B 714 4.55 -4.54 34.94
CA THR B 714 5.13 -4.44 36.29
C THR B 714 4.65 -5.61 37.16
N ALA B 715 5.57 -6.24 37.90
CA ALA B 715 5.20 -7.26 38.88
C ALA B 715 4.54 -6.60 40.10
N VAL B 716 3.50 -7.22 40.66
CA VAL B 716 2.70 -6.67 41.77
C VAL B 716 2.41 -7.74 42.82
N ALA B 717 2.44 -7.36 44.09
CA ALA B 717 2.27 -8.21 45.27
C ALA B 717 0.88 -8.90 45.39
N LYS B 718 0.62 -9.92 44.58
CA LYS B 718 -0.59 -10.78 44.60
C LYS B 718 -0.93 -11.38 45.98
N ARG B 719 0.04 -11.51 46.91
CA ARG B 719 -0.24 -11.71 48.36
C ARG B 719 0.44 -10.69 49.28
N GLY B 720 1.76 -10.50 49.16
CA GLY B 720 2.48 -9.49 49.94
C GLY B 720 3.02 -10.01 51.28
N GLY B 721 3.81 -9.19 51.98
CA GLY B 721 4.60 -9.62 53.14
C GLY B 721 5.89 -8.83 53.30
N VAL B 722 7.04 -9.51 53.32
CA VAL B 722 8.38 -8.89 53.41
C VAL B 722 9.33 -9.52 52.39
N VAL B 723 9.96 -8.68 51.56
CA VAL B 723 10.87 -9.07 50.47
C VAL B 723 12.10 -9.79 51.03
N GLN B 724 12.48 -10.92 50.43
CA GLN B 724 13.45 -11.87 50.99
C GLN B 724 14.61 -12.23 50.04
N TYR B 725 14.46 -12.02 48.73
CA TYR B 725 15.59 -11.96 47.79
C TYR B 725 15.19 -11.15 46.56
N VAL B 726 16.17 -10.55 45.89
CA VAL B 726 16.01 -9.70 44.70
C VAL B 726 17.26 -9.85 43.84
N ASP B 727 17.05 -10.06 42.54
CA ASP B 727 18.01 -10.44 41.51
C ASP B 727 17.48 -9.90 40.17
N ALA B 728 18.34 -9.66 39.17
CA ALA B 728 17.97 -9.03 37.89
C ALA B 728 16.93 -9.82 37.05
N SER B 729 16.62 -11.05 37.45
CA SER B 729 15.61 -11.93 36.87
C SER B 729 14.69 -12.59 37.93
N ARG B 730 14.98 -12.48 39.23
CA ARG B 730 14.30 -13.26 40.30
C ARG B 730 13.94 -12.42 41.53
N ILE B 731 12.77 -12.69 42.12
CA ILE B 731 12.28 -12.00 43.34
C ILE B 731 11.46 -12.99 44.18
N VAL B 732 11.73 -13.07 45.49
CA VAL B 732 10.90 -13.83 46.44
C VAL B 732 10.58 -13.04 47.71
N ILE B 733 9.47 -13.41 48.34
CA ILE B 733 8.89 -12.75 49.53
C ILE B 733 8.54 -13.82 50.58
N LYS B 734 8.30 -13.40 51.83
CA LYS B 734 7.70 -14.27 52.86
C LYS B 734 6.56 -13.61 53.63
N VAL B 735 5.67 -14.47 54.14
CA VAL B 735 4.27 -14.17 54.54
C VAL B 735 4.05 -14.59 56.01
N ASN B 736 2.88 -14.31 56.61
CA ASN B 736 2.55 -14.67 58.00
C ASN B 736 1.19 -15.38 58.15
N GLU B 737 0.97 -16.01 59.31
CA GLU B 737 -0.22 -16.79 59.71
C GLU B 737 -1.57 -16.06 59.60
N ASP B 738 -1.59 -14.74 59.35
CA ASP B 738 -2.81 -13.97 59.00
C ASP B 738 -3.38 -14.32 57.60
N GLU B 739 -2.56 -14.93 56.73
CA GLU B 739 -2.90 -15.37 55.36
C GLU B 739 -2.44 -16.81 55.11
N MET B 740 -1.30 -17.22 55.67
CA MET B 740 -0.54 -18.43 55.33
C MET B 740 -1.37 -19.73 55.33
N TYR B 741 -1.60 -20.31 54.14
CA TYR B 741 -2.51 -21.44 53.91
C TYR B 741 -2.16 -22.71 54.72
N PRO B 742 -3.12 -23.62 55.01
CA PRO B 742 -3.04 -24.65 56.05
C PRO B 742 -1.82 -25.59 56.15
N GLY B 743 -0.92 -25.61 55.16
CA GLY B 743 0.32 -26.40 55.20
C GLY B 743 1.47 -25.85 54.34
N GLU B 744 1.37 -24.61 53.85
CA GLU B 744 2.45 -24.01 53.03
C GLU B 744 3.67 -23.57 53.86
N ALA B 745 4.74 -23.18 53.13
CA ALA B 745 5.97 -22.63 53.67
C ALA B 745 5.96 -21.11 53.96
N GLY B 746 4.96 -20.34 53.49
CA GLY B 746 4.84 -18.90 53.77
C GLY B 746 5.55 -18.01 52.77
N ILE B 747 5.36 -18.22 51.45
CA ILE B 747 6.21 -17.71 50.38
C ILE B 747 5.38 -17.23 49.17
N ASP B 748 5.84 -16.21 48.46
CA ASP B 748 5.49 -15.98 47.04
C ASP B 748 6.77 -15.78 46.21
N ILE B 749 6.64 -15.80 44.88
CA ILE B 749 7.71 -15.60 43.89
C ILE B 749 7.20 -14.68 42.77
N TYR B 750 8.09 -13.82 42.26
CA TYR B 750 7.78 -12.74 41.32
C TYR B 750 8.95 -12.53 40.33
N ASN B 751 9.49 -13.63 39.81
CA ASN B 751 10.55 -13.62 38.79
C ASN B 751 10.11 -12.92 37.49
N LEU B 752 11.08 -12.56 36.64
CA LEU B 752 10.96 -11.51 35.61
C LEU B 752 11.52 -11.96 34.26
N THR B 753 11.00 -11.39 33.17
CA THR B 753 11.47 -11.68 31.81
C THR B 753 12.87 -11.14 31.52
N LYS B 754 13.47 -11.72 30.48
CA LYS B 754 14.69 -11.28 29.80
C LYS B 754 14.46 -11.46 28.28
N TYR B 755 15.31 -10.81 27.50
CA TYR B 755 15.46 -10.72 26.03
C TYR B 755 14.80 -11.83 25.14
N THR B 756 13.73 -11.52 24.38
CA THR B 756 13.19 -12.34 23.25
C THR B 756 12.59 -11.52 22.08
N ARG B 757 12.32 -12.14 20.91
CA ARG B 757 11.63 -11.52 19.73
C ARG B 757 10.21 -11.07 20.10
N SER B 758 9.66 -10.14 19.33
CA SER B 758 8.25 -9.75 19.38
C SER B 758 7.69 -9.46 17.99
N ASN B 759 6.36 -9.30 17.89
CA ASN B 759 5.59 -9.16 16.66
C ASN B 759 5.89 -7.94 15.77
N GLN B 760 6.64 -6.97 16.28
CA GLN B 760 7.18 -5.84 15.51
C GLN B 760 8.70 -5.70 15.75
N ASN B 761 9.33 -6.84 16.09
CA ASN B 761 10.74 -7.02 16.41
C ASN B 761 11.28 -6.01 17.45
N THR B 762 10.41 -5.56 18.37
CA THR B 762 10.71 -4.84 19.62
C THR B 762 11.47 -5.74 20.61
N CYS B 763 12.33 -5.18 21.46
CA CYS B 763 12.93 -5.91 22.60
C CYS B 763 11.94 -6.08 23.77
N ILE B 764 12.12 -7.14 24.57
CA ILE B 764 11.37 -7.46 25.79
C ILE B 764 12.37 -7.70 26.93
N ASN B 765 12.20 -7.04 28.08
CA ASN B 765 13.01 -7.21 29.29
C ASN B 765 12.31 -6.62 30.53
N GLN B 766 12.68 -7.05 31.74
CA GLN B 766 12.18 -6.52 33.02
C GLN B 766 13.28 -6.42 34.08
N MET B 767 13.04 -5.62 35.13
CA MET B 767 14.01 -5.30 36.20
C MET B 767 13.32 -5.03 37.56
N PRO B 768 13.90 -5.40 38.72
CA PRO B 768 13.31 -5.14 40.04
C PRO B 768 13.01 -3.67 40.41
N CYS B 769 12.16 -3.48 41.42
CA CYS B 769 11.81 -2.18 42.03
C CYS B 769 11.79 -2.18 43.57
N VAL B 770 12.21 -3.28 44.21
CA VAL B 770 12.24 -3.47 45.67
C VAL B 770 13.59 -4.02 46.14
N SER B 771 13.81 -4.08 47.45
CA SER B 771 15.05 -4.59 48.03
C SER B 771 14.85 -5.42 49.31
N LEU B 772 15.91 -6.15 49.69
CA LEU B 772 15.93 -7.11 50.79
C LEU B 772 15.45 -6.50 52.13
N GLY B 773 14.30 -6.95 52.61
CA GLY B 773 13.73 -6.55 53.90
C GLY B 773 12.64 -5.48 53.82
N GLU B 774 12.31 -4.95 52.62
CA GLU B 774 11.15 -4.07 52.48
C GLU B 774 9.84 -4.82 52.79
N PRO B 775 9.00 -4.35 53.74
CA PRO B 775 7.62 -4.80 53.85
C PRO B 775 6.78 -4.19 52.73
N VAL B 776 5.87 -4.97 52.14
CA VAL B 776 5.05 -4.57 51.00
C VAL B 776 3.63 -5.13 51.11
N GLU B 777 2.63 -4.28 50.86
CA GLU B 777 1.21 -4.56 51.00
C GLU B 777 0.63 -5.23 49.72
N ARG B 778 -0.58 -5.82 49.82
CA ARG B 778 -1.22 -6.61 48.75
C ARG B 778 -1.72 -5.76 47.56
N GLY B 779 -0.78 -5.23 46.80
CA GLY B 779 -0.98 -4.26 45.72
C GLY B 779 0.24 -3.37 45.45
N ASP B 780 1.29 -3.45 46.27
CA ASP B 780 2.58 -2.80 46.04
C ASP B 780 3.32 -3.36 44.80
N VAL B 781 4.11 -2.51 44.15
CA VAL B 781 4.79 -2.80 42.88
C VAL B 781 6.23 -3.24 43.11
N LEU B 782 6.63 -4.33 42.46
CA LEU B 782 7.85 -5.11 42.77
C LEU B 782 8.88 -5.10 41.63
N ALA B 783 8.48 -4.79 40.40
CA ALA B 783 9.37 -4.72 39.23
C ALA B 783 8.82 -3.78 38.13
N ASP B 784 9.67 -3.52 37.15
CA ASP B 784 9.52 -2.60 36.01
C ASP B 784 9.81 -3.35 34.69
N GLY B 785 9.49 -2.76 33.54
CA GLY B 785 9.53 -3.40 32.22
C GLY B 785 9.90 -2.46 31.06
N PRO B 786 9.67 -2.86 29.78
CA PRO B 786 10.18 -2.16 28.59
C PRO B 786 9.71 -0.70 28.38
N SER B 787 8.81 -0.18 29.22
CA SER B 787 8.19 1.14 29.05
C SER B 787 7.67 1.67 30.38
N THR B 788 8.52 1.74 31.39
CA THR B 788 8.20 2.20 32.76
C THR B 788 9.33 3.04 33.38
N ASP B 789 9.02 3.73 34.47
CA ASP B 789 9.94 4.36 35.40
C ASP B 789 9.50 3.95 36.81
N LEU B 790 10.26 3.03 37.42
CA LEU B 790 10.24 2.55 38.81
C LEU B 790 8.87 2.63 39.49
N GLY B 791 7.86 1.98 38.90
CA GLY B 791 6.50 1.82 39.44
C GLY B 791 5.36 2.53 38.69
N GLU B 792 5.62 3.24 37.59
CA GLU B 792 4.60 3.84 36.69
C GLU B 792 5.06 3.79 35.22
N LEU B 793 4.12 3.96 34.28
CA LEU B 793 4.34 3.87 32.83
C LEU B 793 5.30 4.96 32.28
N ALA B 794 6.02 4.62 31.20
CA ALA B 794 6.99 5.44 30.47
C ALA B 794 7.13 4.99 29.00
N LEU B 795 6.13 5.27 28.16
CA LEU B 795 6.12 4.96 26.71
C LEU B 795 7.07 5.82 25.85
N GLY B 796 8.09 6.43 26.44
CA GLY B 796 8.80 7.58 25.88
C GLY B 796 9.61 8.32 26.93
N GLN B 797 9.80 9.64 26.73
CA GLN B 797 10.57 10.51 27.64
C GLN B 797 10.05 11.95 27.60
N ASN B 798 10.27 12.75 28.66
CA ASN B 798 9.99 14.20 28.62
C ASN B 798 11.15 14.96 27.95
N MET B 799 10.81 16.05 27.26
CA MET B 799 11.77 17.00 26.65
C MET B 799 11.24 18.42 26.79
N ARG B 800 12.14 19.41 26.94
CA ARG B 800 11.81 20.84 26.81
C ARG B 800 11.45 21.15 25.35
N VAL B 801 10.37 21.90 25.12
CA VAL B 801 9.83 22.18 23.77
C VAL B 801 9.55 23.66 23.59
N ALA B 802 10.09 24.23 22.50
CA ALA B 802 9.71 25.55 22.00
C ALA B 802 8.72 25.38 20.83
N PHE B 803 7.49 25.88 21.01
CA PHE B 803 6.50 25.97 19.96
C PHE B 803 6.74 27.23 19.12
N MET B 804 7.75 27.14 18.24
CA MET B 804 8.12 28.15 17.24
C MET B 804 8.65 27.50 15.95
N PRO B 805 8.58 28.19 14.79
CA PRO B 805 9.33 27.75 13.62
C PRO B 805 10.83 27.98 13.87
N TRP B 806 11.68 27.12 13.31
CA TRP B 806 13.14 27.29 13.36
C TRP B 806 13.69 27.54 11.95
N ASN B 807 15.00 27.34 11.72
CA ASN B 807 15.66 27.58 10.43
C ASN B 807 15.28 26.59 9.30
N GLY B 808 14.05 26.04 9.30
CA GLY B 808 13.41 25.34 8.18
C GLY B 808 12.92 23.93 8.48
N TYR B 809 13.62 23.20 9.34
CA TYR B 809 13.47 21.74 9.50
C TYR B 809 12.08 21.27 10.00
N ASN B 810 11.35 22.08 10.76
CA ASN B 810 10.23 21.63 11.59
C ASN B 810 8.83 21.96 11.01
N PHE B 811 8.73 22.27 9.71
CA PHE B 811 7.54 22.76 8.99
C PHE B 811 6.17 22.13 9.35
N GLU B 812 6.06 20.80 9.49
CA GLU B 812 4.77 20.10 9.40
C GLU B 812 4.67 18.97 10.43
N ASP B 813 4.67 19.31 11.71
CA ASP B 813 4.86 18.40 12.86
C ASP B 813 6.19 17.62 12.88
N SER B 814 7.06 17.79 11.87
CA SER B 814 8.46 17.41 11.92
C SER B 814 9.20 18.11 13.06
N ILE B 815 10.25 17.47 13.56
CA ILE B 815 10.81 17.70 14.90
C ILE B 815 12.33 17.90 14.82
N LEU B 816 12.81 18.99 15.39
CA LEU B 816 14.22 19.13 15.75
C LEU B 816 14.49 18.50 17.12
N VAL B 817 15.66 17.88 17.28
CA VAL B 817 16.15 17.34 18.56
C VAL B 817 17.57 17.83 18.82
N SER B 818 17.92 18.06 20.08
CA SER B 818 19.28 18.47 20.43
C SER B 818 20.32 17.34 20.30
N GLU B 819 21.55 17.72 20.01
CA GLU B 819 22.79 16.95 20.24
C GLU B 819 22.81 16.35 21.65
N ARG B 820 22.33 17.11 22.65
CA ARG B 820 22.12 16.65 24.04
C ARG B 820 21.31 15.35 24.15
N VAL B 821 20.38 15.09 23.22
CA VAL B 821 19.62 13.82 23.15
C VAL B 821 20.52 12.65 22.74
N VAL B 822 21.46 12.88 21.80
CA VAL B 822 22.44 11.88 21.36
C VAL B 822 23.53 11.65 22.40
N GLN B 823 23.98 12.72 23.06
CA GLN B 823 24.91 12.68 24.20
C GLN B 823 24.40 11.77 25.32
N GLU B 824 23.14 11.95 25.74
CA GLU B 824 22.52 11.12 26.78
C GLU B 824 22.10 9.71 26.28
N ASP B 825 22.35 9.34 25.02
CA ASP B 825 21.83 8.17 24.28
C ASP B 825 20.30 7.94 24.43
N ARG B 826 19.54 9.03 24.34
CA ARG B 826 18.07 9.08 24.50
C ARG B 826 17.35 9.00 23.16
N PHE B 827 16.09 8.58 23.19
CA PHE B 827 15.32 8.10 22.03
C PHE B 827 16.02 7.10 21.07
N THR B 828 17.18 6.54 21.46
CA THR B 828 17.66 5.23 21.00
C THR B 828 16.68 4.14 21.42
N THR B 829 16.27 3.28 20.48
CA THR B 829 15.37 2.14 20.73
C THR B 829 16.14 0.82 20.63
N ILE B 830 15.58 -0.23 21.22
CA ILE B 830 16.21 -1.55 21.31
C ILE B 830 15.22 -2.60 20.81
N HIS B 831 15.73 -3.53 20.02
CA HIS B 831 14.95 -4.45 19.19
C HIS B 831 15.50 -5.86 19.35
N ILE B 832 14.66 -6.87 19.12
CA ILE B 832 15.10 -8.27 19.05
C ILE B 832 14.41 -8.90 17.85
N GLN B 833 15.22 -9.44 16.96
CA GLN B 833 14.84 -9.94 15.64
C GLN B 833 15.56 -11.27 15.37
N GLU B 834 15.06 -12.06 14.42
CA GLU B 834 15.39 -13.49 14.26
C GLU B 834 15.72 -13.76 12.79
N LEU B 835 16.71 -14.61 12.54
CA LEU B 835 17.10 -15.10 11.21
C LEU B 835 17.51 -16.57 11.31
N ALA B 836 17.25 -17.35 10.26
CA ALA B 836 17.31 -18.81 10.31
C ALA B 836 17.84 -19.46 9.03
N CYS B 837 18.15 -20.75 9.10
CA CYS B 837 18.64 -21.59 8.00
C CYS B 837 18.29 -23.07 8.19
N VAL B 838 18.61 -23.89 7.19
CA VAL B 838 18.09 -25.26 7.02
C VAL B 838 19.21 -26.18 6.49
N SER B 839 19.11 -27.48 6.77
CA SER B 839 19.82 -28.54 6.05
C SER B 839 18.82 -29.62 5.62
N ARG B 840 18.60 -29.69 4.29
CA ARG B 840 17.57 -30.53 3.64
C ARG B 840 17.85 -32.04 3.74
N ASP B 841 16.81 -32.86 3.66
CA ASP B 841 16.92 -34.33 3.52
C ASP B 841 17.56 -34.69 2.15
N THR B 842 18.88 -34.91 2.10
CA THR B 842 19.56 -35.44 0.90
C THR B 842 19.41 -36.96 0.77
N LYS B 843 19.88 -37.57 -0.34
CA LYS B 843 19.89 -39.04 -0.50
C LYS B 843 20.65 -39.75 0.64
N LEU B 844 21.74 -39.16 1.14
CA LEU B 844 22.35 -39.59 2.39
C LEU B 844 21.50 -39.12 3.59
N GLY B 845 21.31 -37.80 3.73
CA GLY B 845 20.42 -37.20 4.72
C GLY B 845 20.79 -35.76 5.08
N PRO B 846 22.03 -35.46 5.52
CA PRO B 846 22.47 -34.10 5.88
C PRO B 846 22.69 -33.15 4.69
N GLU B 847 22.97 -31.88 5.01
CA GLU B 847 23.65 -30.90 4.15
C GLU B 847 24.67 -30.10 4.98
N GLU B 848 25.71 -29.61 4.31
CA GLU B 848 26.83 -28.79 4.81
C GLU B 848 26.39 -27.47 5.51
N ILE B 849 27.19 -27.03 6.50
CA ILE B 849 27.16 -25.70 7.16
C ILE B 849 28.59 -25.31 7.65
N THR B 850 29.33 -24.46 6.93
CA THR B 850 30.66 -23.95 7.35
C THR B 850 31.01 -22.54 6.83
N ALA B 851 32.26 -22.08 6.99
CA ALA B 851 32.67 -20.69 6.80
C ALA B 851 33.49 -20.38 5.52
N ASP B 852 33.83 -21.38 4.71
CA ASP B 852 34.71 -21.22 3.53
C ASP B 852 34.10 -20.37 2.41
N ILE B 853 34.47 -19.08 2.33
CA ILE B 853 34.09 -18.17 1.22
C ILE B 853 35.33 -17.37 0.75
N PRO B 854 36.36 -18.03 0.19
CA PRO B 854 37.71 -17.47 0.08
C PRO B 854 37.85 -16.31 -0.91
N ASN B 855 38.40 -15.19 -0.42
CA ASN B 855 38.72 -13.97 -1.16
C ASN B 855 37.45 -13.22 -1.67
N VAL B 856 36.43 -13.13 -0.83
CA VAL B 856 35.11 -12.53 -1.12
C VAL B 856 34.67 -11.51 -0.05
N GLY B 857 35.31 -11.45 1.13
CA GLY B 857 34.95 -10.47 2.17
C GLY B 857 35.41 -10.83 3.58
N GLU B 858 36.67 -11.22 3.72
CA GLU B 858 37.18 -12.08 4.82
C GLU B 858 36.84 -11.61 6.25
N ALA B 859 36.89 -10.30 6.53
CA ALA B 859 36.51 -9.76 7.85
C ALA B 859 35.06 -10.10 8.26
N ALA B 860 34.15 -10.22 7.29
CA ALA B 860 32.76 -10.63 7.51
C ALA B 860 32.60 -12.16 7.73
N LEU B 861 33.68 -12.86 8.11
CA LEU B 861 33.75 -14.29 8.43
C LEU B 861 34.34 -14.56 9.84
N SER B 862 35.09 -13.60 10.43
CA SER B 862 35.99 -13.79 11.60
C SER B 862 35.34 -14.17 12.95
N LYS B 863 34.06 -14.53 13.00
CA LYS B 863 33.20 -14.40 14.19
C LYS B 863 32.42 -15.68 14.52
N LEU B 864 32.92 -16.85 14.12
CA LEU B 864 32.11 -18.07 13.96
C LEU B 864 32.61 -19.30 14.74
N ASP B 865 31.65 -20.16 15.06
CA ASP B 865 31.74 -21.54 15.54
C ASP B 865 32.33 -22.50 14.50
N GLU B 866 32.79 -23.67 14.94
CA GLU B 866 33.09 -24.82 14.08
C GLU B 866 31.95 -25.15 13.09
N SER B 867 30.70 -25.00 13.56
CA SER B 867 29.46 -25.21 12.78
C SER B 867 29.06 -24.00 11.91
N GLY B 868 29.92 -22.97 11.79
CA GLY B 868 29.68 -21.79 10.96
C GLY B 868 28.65 -20.80 11.51
N ILE B 869 28.56 -20.62 12.84
CA ILE B 869 27.51 -19.85 13.55
C ILE B 869 28.12 -18.80 14.48
N VAL B 870 27.58 -17.59 14.59
CA VAL B 870 28.13 -16.58 15.53
C VAL B 870 27.97 -16.99 17.01
N TYR B 871 28.76 -16.40 17.90
CA TYR B 871 28.72 -16.59 19.35
C TYR B 871 27.72 -15.64 20.05
N ILE B 872 26.97 -16.16 21.02
CA ILE B 872 26.14 -15.34 21.93
C ILE B 872 27.04 -14.36 22.69
N GLY B 873 26.77 -13.07 22.55
CA GLY B 873 27.52 -11.97 23.16
C GLY B 873 28.35 -11.14 22.18
N ALA B 874 28.62 -11.65 20.97
CA ALA B 874 29.39 -10.94 19.95
C ALA B 874 28.56 -9.84 19.25
N GLU B 875 29.17 -8.69 18.96
CA GLU B 875 28.59 -7.68 18.09
C GLU B 875 28.76 -8.01 16.59
N VAL B 876 27.76 -7.63 15.79
CA VAL B 876 27.69 -7.90 14.35
C VAL B 876 26.96 -6.78 13.61
N THR B 877 27.38 -6.46 12.38
CA THR B 877 26.89 -5.30 11.63
C THR B 877 27.04 -5.45 10.12
N GLY B 878 26.00 -5.08 9.38
CA GLY B 878 26.03 -4.74 7.95
C GLY B 878 26.34 -5.85 6.93
N GLY B 879 26.99 -6.95 7.31
CA GLY B 879 27.34 -8.03 6.38
C GLY B 879 27.95 -9.31 6.98
N ASP B 880 28.24 -9.38 8.29
CA ASP B 880 28.75 -10.60 8.95
C ASP B 880 27.93 -11.86 8.65
N ILE B 881 28.55 -13.03 8.53
CA ILE B 881 27.84 -14.33 8.52
C ILE B 881 27.05 -14.51 9.84
N LEU B 882 25.96 -15.27 9.76
CA LEU B 882 25.15 -15.74 10.88
C LEU B 882 25.00 -17.27 10.87
N VAL B 883 24.84 -17.90 9.69
CA VAL B 883 24.80 -19.37 9.52
C VAL B 883 25.44 -19.77 8.19
N GLY B 884 26.41 -20.67 8.25
CA GLY B 884 27.33 -21.07 7.17
C GLY B 884 26.79 -21.87 5.97
N LYS B 885 25.63 -21.55 5.39
CA LYS B 885 25.13 -22.20 4.15
C LYS B 885 25.91 -21.83 2.87
N VAL B 886 27.20 -22.16 2.86
CA VAL B 886 28.08 -22.12 1.69
C VAL B 886 27.56 -23.00 0.55
N THR B 887 27.90 -22.64 -0.70
CA THR B 887 27.64 -23.50 -1.87
C THR B 887 28.74 -23.34 -2.95
N PRO B 888 29.51 -24.42 -3.26
CA PRO B 888 30.38 -24.49 -4.46
C PRO B 888 29.68 -24.09 -5.77
N LYS B 889 30.45 -23.69 -6.81
CA LYS B 889 29.87 -22.99 -7.98
C LYS B 889 29.90 -23.74 -9.32
N GLY B 890 31.06 -24.18 -9.78
CA GLY B 890 31.27 -24.69 -11.15
C GLY B 890 31.47 -23.57 -12.19
N GLU B 891 32.14 -23.89 -13.29
CA GLU B 891 32.21 -23.11 -14.54
C GLU B 891 32.60 -24.03 -15.72
N THR B 892 33.57 -24.93 -15.48
CA THR B 892 33.64 -26.32 -15.98
C THR B 892 34.16 -26.45 -17.42
N GLN B 893 34.10 -25.41 -18.25
CA GLN B 893 34.32 -25.54 -19.69
C GLN B 893 35.73 -26.01 -20.07
N LEU B 894 36.76 -25.44 -19.42
CA LEU B 894 38.10 -26.02 -19.21
C LEU B 894 38.83 -26.72 -20.38
N THR B 895 38.53 -26.40 -21.65
CA THR B 895 39.25 -26.98 -22.80
C THR B 895 40.68 -26.40 -22.95
N PRO B 896 41.58 -27.06 -23.72
CA PRO B 896 42.96 -26.61 -23.97
C PRO B 896 43.18 -25.21 -24.58
N GLU B 897 42.14 -24.46 -24.97
CA GLU B 897 42.26 -23.01 -25.28
C GLU B 897 41.17 -22.16 -24.59
N GLU B 898 40.50 -22.70 -23.57
CA GLU B 898 39.54 -22.00 -22.70
C GLU B 898 39.92 -22.01 -21.21
N LYS B 899 40.92 -22.81 -20.78
CA LYS B 899 41.60 -22.70 -19.46
C LYS B 899 42.38 -21.37 -19.30
N LEU B 900 41.67 -20.25 -19.21
CA LEU B 900 42.24 -18.90 -19.25
C LEU B 900 43.14 -18.53 -18.05
N LEU B 901 42.87 -19.06 -16.84
CA LEU B 901 43.65 -18.72 -15.64
C LEU B 901 43.61 -19.80 -14.53
N ARG B 902 42.46 -19.92 -13.84
CA ARG B 902 42.36 -20.55 -12.51
C ARG B 902 42.88 -21.98 -12.46
N ALA B 903 42.25 -22.87 -13.23
CA ALA B 903 42.53 -24.30 -13.35
C ALA B 903 43.93 -24.68 -13.90
N ILE B 904 44.90 -23.77 -13.90
CA ILE B 904 46.33 -24.05 -14.10
C ILE B 904 47.19 -23.18 -13.16
N PHE B 905 46.90 -21.89 -13.02
CA PHE B 905 47.92 -20.90 -12.60
C PHE B 905 47.68 -20.17 -11.26
N GLY B 906 46.50 -20.24 -10.64
CA GLY B 906 46.26 -19.53 -9.38
C GLY B 906 44.83 -19.58 -8.88
N GLU B 907 44.62 -19.17 -7.61
CA GLU B 907 43.36 -19.37 -6.85
C GLU B 907 42.78 -20.79 -7.01
N LYS B 908 43.65 -21.82 -7.02
CA LYS B 908 43.33 -23.25 -7.17
C LYS B 908 42.69 -23.87 -5.89
N ALA B 909 41.79 -23.10 -5.27
CA ALA B 909 40.88 -23.46 -4.19
C ALA B 909 39.44 -23.01 -4.56
N SER B 910 38.44 -23.31 -3.72
CA SER B 910 37.01 -23.18 -4.05
C SER B 910 36.52 -21.80 -4.49
N ASP B 911 35.36 -21.77 -5.15
CA ASP B 911 34.69 -20.60 -5.74
C ASP B 911 33.30 -20.42 -5.13
N VAL B 912 33.18 -20.77 -3.84
CA VAL B 912 31.94 -20.73 -3.06
C VAL B 912 31.21 -19.41 -3.25
N LYS B 913 29.94 -19.51 -3.64
CA LYS B 913 29.02 -18.38 -3.69
C LYS B 913 28.80 -17.84 -2.28
N ASP B 914 28.73 -16.51 -2.18
CA ASP B 914 28.40 -15.74 -0.97
C ASP B 914 26.93 -15.99 -0.54
N SER B 915 26.61 -17.23 -0.13
CA SER B 915 25.24 -17.76 0.07
C SER B 915 24.90 -18.10 1.52
N SER B 916 25.88 -18.10 2.41
CA SER B 916 25.66 -18.18 3.86
C SER B 916 24.76 -17.04 4.32
N LEU B 917 23.93 -17.30 5.33
CA LEU B 917 23.09 -16.29 5.97
C LEU B 917 23.97 -15.16 6.53
N ARG B 918 23.58 -13.90 6.31
CA ARG B 918 24.35 -12.71 6.72
C ARG B 918 23.47 -11.62 7.34
N VAL B 919 24.07 -10.77 8.17
CA VAL B 919 23.46 -9.52 8.67
C VAL B 919 23.11 -8.60 7.50
N PRO B 920 21.84 -8.16 7.32
CA PRO B 920 21.46 -7.23 6.26
C PRO B 920 22.23 -5.89 6.30
N ASN B 921 22.60 -5.38 5.12
CA ASN B 921 23.21 -4.07 4.89
C ASN B 921 22.37 -2.90 5.48
N GLY B 922 22.61 -2.58 6.75
CA GLY B 922 21.89 -1.54 7.51
C GLY B 922 21.57 -1.94 8.97
N VAL B 923 21.58 -3.24 9.29
CA VAL B 923 21.38 -3.79 10.64
C VAL B 923 22.70 -3.79 11.42
N SER B 924 22.60 -3.55 12.74
CA SER B 924 23.73 -3.49 13.68
C SER B 924 23.23 -3.79 15.11
N GLY B 925 23.79 -4.81 15.76
CA GLY B 925 23.52 -5.13 17.16
C GLY B 925 23.69 -6.60 17.54
N THR B 926 24.04 -6.81 18.81
CA THR B 926 24.60 -8.02 19.44
C THR B 926 23.81 -9.30 19.18
N VAL B 927 24.52 -10.42 18.95
CA VAL B 927 23.93 -11.76 18.98
C VAL B 927 23.52 -12.13 20.41
N ILE B 928 22.26 -12.50 20.60
CA ILE B 928 21.62 -12.68 21.92
C ILE B 928 21.16 -14.12 22.18
N ASP B 929 20.84 -14.91 21.15
CA ASP B 929 20.58 -16.35 21.28
C ASP B 929 20.87 -17.06 19.94
N VAL B 930 21.12 -18.38 20.00
CA VAL B 930 21.53 -19.25 18.89
C VAL B 930 20.93 -20.65 19.12
N GLN B 931 20.39 -21.30 18.09
CA GLN B 931 19.74 -22.62 18.24
C GLN B 931 19.99 -23.55 17.04
N VAL B 932 19.89 -24.86 17.28
CA VAL B 932 19.93 -25.93 16.26
C VAL B 932 18.89 -27.00 16.63
N PHE B 933 18.10 -27.44 15.65
CA PHE B 933 17.01 -28.43 15.81
C PHE B 933 17.04 -29.48 14.69
N THR B 934 16.47 -30.65 14.97
CA THR B 934 16.49 -31.84 14.10
C THR B 934 15.40 -32.83 14.51
N ARG B 935 15.03 -33.72 13.59
CA ARG B 935 14.28 -34.97 13.85
C ARG B 935 14.89 -35.69 15.06
N ASP B 936 14.07 -36.04 16.06
CA ASP B 936 14.52 -36.20 17.46
C ASP B 936 15.51 -37.35 17.71
N GLY B 937 15.41 -38.44 16.95
CA GLY B 937 16.32 -39.59 17.03
C GLY B 937 17.79 -39.23 16.87
N VAL B 938 18.09 -38.12 16.18
CA VAL B 938 19.40 -37.48 16.20
C VAL B 938 19.49 -36.58 17.44
N GLU B 939 20.20 -37.02 18.50
CA GLU B 939 20.43 -36.14 19.65
C GLU B 939 21.30 -34.93 19.26
N LYS B 940 21.05 -33.79 19.91
CA LYS B 940 21.27 -32.47 19.29
C LYS B 940 22.75 -32.03 19.20
N ASP B 941 23.03 -31.28 18.15
CA ASP B 941 24.33 -30.84 17.66
C ASP B 941 25.16 -30.04 18.70
N LYS B 942 26.49 -30.05 18.56
CA LYS B 942 27.41 -29.52 19.58
C LYS B 942 27.09 -28.08 20.03
N ARG B 943 26.76 -27.18 19.09
CA ARG B 943 26.38 -25.78 19.38
C ARG B 943 25.05 -25.63 20.15
N ALA B 944 24.17 -26.63 20.10
CA ALA B 944 23.01 -26.73 21.00
C ALA B 944 23.37 -27.43 22.32
N LEU B 945 24.28 -28.41 22.30
CA LEU B 945 24.73 -29.16 23.48
C LEU B 945 25.59 -28.34 24.46
N GLU B 946 26.33 -27.33 23.99
CA GLU B 946 26.94 -26.32 24.86
C GLU B 946 25.88 -25.36 25.46
N ILE B 947 24.87 -24.98 24.67
CA ILE B 947 23.75 -24.11 25.10
C ILE B 947 22.79 -24.81 26.08
N GLU B 948 22.65 -26.14 26.00
CA GLU B 948 22.10 -26.99 27.07
C GLU B 948 22.78 -26.66 28.42
N GLU B 949 24.11 -26.67 28.49
CA GLU B 949 24.81 -26.29 29.73
C GLU B 949 24.78 -24.78 30.02
N MET B 950 24.51 -23.89 29.05
CA MET B 950 24.23 -22.48 29.35
C MET B 950 22.87 -22.31 30.04
N GLN B 951 21.82 -23.01 29.59
CA GLN B 951 20.48 -22.97 30.20
C GLN B 951 20.41 -23.79 31.51
N LEU B 952 21.05 -24.97 31.56
CA LEU B 952 21.14 -25.80 32.76
C LEU B 952 21.78 -25.07 33.92
N LYS B 953 22.87 -24.31 33.72
CA LYS B 953 23.51 -23.48 34.77
C LYS B 953 22.49 -22.68 35.57
N GLN B 954 21.56 -22.01 34.89
CA GLN B 954 20.56 -21.14 35.51
C GLN B 954 19.66 -21.92 36.46
N ALA B 955 19.06 -23.03 35.99
CA ALA B 955 18.17 -23.86 36.79
C ALA B 955 18.91 -24.68 37.88
N LYS B 956 20.12 -25.17 37.57
CA LYS B 956 21.03 -25.89 38.48
C LYS B 956 21.40 -25.05 39.70
N LYS B 957 21.68 -23.76 39.47
CA LYS B 957 21.85 -22.73 40.50
C LYS B 957 20.53 -22.38 41.20
N ASP B 958 19.51 -21.93 40.46
CA ASP B 958 18.24 -21.44 41.04
C ASP B 958 17.54 -22.49 41.90
N LEU B 959 17.46 -23.76 41.48
CA LEU B 959 16.88 -24.83 42.30
C LEU B 959 17.67 -25.12 43.58
N SER B 960 18.98 -24.88 43.57
CA SER B 960 19.84 -24.97 44.76
C SER B 960 19.62 -23.79 45.73
N GLU B 961 19.14 -22.65 45.24
CA GLU B 961 18.64 -21.54 46.07
C GLU B 961 17.19 -21.81 46.53
N GLU B 962 16.30 -22.25 45.62
CA GLU B 962 14.87 -22.52 45.88
C GLU B 962 14.67 -23.52 47.01
N LEU B 963 15.39 -24.65 47.01
CA LEU B 963 15.28 -25.67 48.08
C LEU B 963 15.57 -25.08 49.47
N GLN B 964 16.54 -24.16 49.55
CA GLN B 964 16.88 -23.47 50.80
C GLN B 964 15.81 -22.41 51.15
N ILE B 965 15.39 -21.60 50.18
CA ILE B 965 14.31 -20.60 50.33
C ILE B 965 13.00 -21.26 50.79
N LEU B 966 12.68 -22.45 50.27
CA LEU B 966 11.52 -23.27 50.62
C LEU B 966 11.59 -23.78 52.06
N GLU B 967 12.63 -24.52 52.43
CA GLU B 967 12.71 -25.09 53.78
C GLU B 967 12.95 -24.03 54.87
N ALA B 968 13.65 -22.94 54.54
CA ALA B 968 13.77 -21.76 55.42
C ALA B 968 12.41 -21.10 55.72
N GLY B 969 11.36 -21.37 54.94
CA GLY B 969 9.98 -21.07 55.29
C GLY B 969 9.31 -22.23 56.05
N LEU B 970 9.26 -23.43 55.44
CA LEU B 970 8.53 -24.58 55.99
C LEU B 970 9.02 -24.98 57.39
N PHE B 971 10.32 -25.19 57.58
CA PHE B 971 10.86 -25.50 58.90
C PHE B 971 10.82 -24.30 59.85
N SER B 972 10.79 -23.06 59.35
CA SER B 972 10.52 -21.89 60.19
C SER B 972 9.10 -21.86 60.76
N ARG B 973 8.10 -22.46 60.08
CA ARG B 973 6.75 -22.67 60.63
C ARG B 973 6.75 -23.69 61.78
N ILE B 974 7.44 -24.82 61.60
CA ILE B 974 7.63 -25.86 62.64
C ILE B 974 8.37 -25.27 63.87
N ARG B 975 9.45 -24.52 63.62
CA ARG B 975 10.22 -23.71 64.57
C ARG B 975 9.34 -22.71 65.34
N ALA B 976 8.43 -22.01 64.67
CA ALA B 976 7.47 -21.10 65.32
C ALA B 976 6.47 -21.83 66.23
N VAL B 977 5.88 -22.94 65.78
CA VAL B 977 5.01 -23.81 66.61
C VAL B 977 5.73 -24.30 67.87
N LEU B 978 7.02 -24.63 67.76
CA LEU B 978 7.87 -24.94 68.91
C LEU B 978 8.11 -23.72 69.82
N VAL B 979 8.49 -22.57 69.28
CA VAL B 979 8.72 -21.31 70.04
C VAL B 979 7.48 -20.89 70.86
N ALA B 980 6.26 -21.24 70.43
CA ALA B 980 5.03 -20.99 71.17
C ALA B 980 4.95 -21.59 72.60
N GLY B 981 5.87 -22.50 72.98
CA GLY B 981 6.00 -22.99 74.36
C GLY B 981 7.37 -23.58 74.69
N GLY B 982 7.98 -24.32 73.74
CA GLY B 982 9.36 -24.77 73.77
C GLY B 982 10.35 -23.67 73.38
N VAL B 983 10.28 -22.51 74.04
CA VAL B 983 11.01 -21.26 73.69
C VAL B 983 12.53 -21.44 73.45
N GLU B 984 13.15 -22.45 74.05
CA GLU B 984 14.54 -22.88 73.80
C GLU B 984 14.80 -23.42 72.37
N ALA B 985 13.82 -23.41 71.45
CA ALA B 985 13.91 -23.95 70.09
C ALA B 985 15.10 -23.46 69.22
N GLU B 986 15.79 -22.38 69.60
CA GLU B 986 17.08 -22.01 68.97
C GLU B 986 18.21 -23.03 69.23
N LYS B 987 18.01 -24.01 70.12
CA LYS B 987 18.85 -25.21 70.26
C LYS B 987 18.56 -26.26 69.16
N LEU B 988 17.63 -26.00 68.25
CA LEU B 988 17.14 -26.94 67.23
C LEU B 988 17.32 -26.42 65.81
N ASP B 989 17.14 -25.11 65.57
CA ASP B 989 17.42 -24.44 64.28
C ASP B 989 18.92 -24.37 63.90
N LYS B 990 19.73 -25.27 64.48
CA LYS B 990 21.18 -25.45 64.32
C LYS B 990 21.53 -26.95 64.21
N LEU B 991 20.57 -27.79 63.83
CA LEU B 991 20.69 -29.26 63.77
C LEU B 991 20.22 -29.84 62.41
N PRO B 992 20.78 -31.01 62.01
CA PRO B 992 20.13 -31.95 61.11
C PRO B 992 18.68 -32.24 61.53
N ARG B 993 17.75 -32.24 60.57
CA ARG B 993 16.30 -32.30 60.82
C ARG B 993 15.87 -33.58 61.55
N ASP B 994 16.49 -34.70 61.23
CA ASP B 994 16.25 -36.01 61.88
C ASP B 994 16.44 -35.98 63.41
N ARG B 995 17.31 -35.11 63.92
CA ARG B 995 17.62 -35.00 65.35
C ARG B 995 16.68 -34.10 66.14
N TRP B 996 15.72 -33.44 65.47
CA TRP B 996 14.56 -32.84 66.15
C TRP B 996 13.64 -33.92 66.75
N LEU B 997 13.80 -35.20 66.40
CA LEU B 997 13.02 -36.35 66.91
C LEU B 997 13.45 -36.87 68.30
N GLU B 998 14.21 -36.09 69.08
CA GLU B 998 14.62 -36.38 70.46
C GLU B 998 14.09 -35.29 71.43
N LEU B 999 12.80 -34.94 71.27
CA LEU B 999 12.21 -33.68 71.73
C LEU B 999 10.81 -33.85 72.35
N GLY B 1000 10.34 -32.80 73.01
CA GLY B 1000 8.95 -32.60 73.44
C GLY B 1000 8.74 -31.14 73.86
N LEU B 1001 7.48 -30.70 74.02
CA LEU B 1001 7.12 -29.28 74.07
C LEU B 1001 6.42 -28.89 75.39
N THR B 1002 5.24 -29.45 75.70
CA THR B 1002 4.44 -29.15 76.92
C THR B 1002 3.33 -30.21 77.08
N ASP B 1003 2.78 -30.35 78.28
CA ASP B 1003 1.56 -31.11 78.64
C ASP B 1003 0.25 -30.60 77.96
N GLU B 1004 0.32 -30.07 76.74
CA GLU B 1004 -0.78 -29.40 76.00
C GLU B 1004 -0.63 -29.66 74.49
N GLU B 1005 -1.75 -29.64 73.76
CA GLU B 1005 -1.88 -30.02 72.33
C GLU B 1005 -0.90 -29.36 71.33
N LYS B 1006 -0.13 -28.31 71.66
CA LYS B 1006 1.00 -27.86 70.83
C LYS B 1006 1.98 -29.01 70.55
N GLN B 1007 2.13 -29.94 71.50
CA GLN B 1007 2.88 -31.19 71.34
C GLN B 1007 2.43 -31.99 70.10
N ASN B 1008 1.11 -32.17 69.92
CA ASN B 1008 0.58 -32.94 68.80
C ASN B 1008 0.49 -32.12 67.49
N GLN B 1009 0.37 -30.79 67.59
CA GLN B 1009 0.55 -29.90 66.43
C GLN B 1009 1.97 -29.98 65.85
N LEU B 1010 2.99 -30.10 66.71
CA LEU B 1010 4.37 -30.38 66.30
C LEU B 1010 4.51 -31.78 65.67
N GLU B 1011 3.96 -32.82 66.32
CA GLU B 1011 4.01 -34.21 65.82
C GLU B 1011 3.45 -34.33 64.40
N GLN B 1012 2.22 -33.84 64.17
CA GLN B 1012 1.55 -33.93 62.87
C GLN B 1012 2.29 -33.17 61.75
N LEU B 1013 2.92 -32.03 62.06
CA LEU B 1013 3.78 -31.31 61.10
C LEU B 1013 5.08 -32.08 60.77
N ALA B 1014 5.67 -32.75 61.76
CA ALA B 1014 6.85 -33.60 61.55
C ALA B 1014 6.51 -34.87 60.74
N GLU B 1015 5.31 -35.43 60.90
CA GLU B 1015 4.80 -36.52 60.04
C GLU B 1015 4.54 -36.05 58.60
N GLN B 1016 3.95 -34.85 58.41
CA GLN B 1016 3.59 -34.29 57.10
C GLN B 1016 4.79 -33.89 56.21
N TYR B 1017 5.94 -33.54 56.83
CA TYR B 1017 7.14 -33.02 56.15
C TYR B 1017 7.70 -33.91 55.02
N ASP B 1018 7.77 -35.24 55.22
CA ASP B 1018 8.36 -36.17 54.24
C ASP B 1018 7.50 -36.32 52.97
N GLU B 1019 6.19 -36.09 53.07
CA GLU B 1019 5.28 -36.05 51.91
C GLU B 1019 5.41 -34.71 51.14
N LEU B 1020 5.47 -33.58 51.85
CA LEU B 1020 5.44 -32.23 51.25
C LEU B 1020 6.59 -31.98 50.24
N LYS B 1021 7.84 -32.28 50.61
CA LYS B 1021 8.99 -31.96 49.74
C LYS B 1021 9.06 -32.78 48.44
N HIS B 1022 8.18 -33.78 48.23
CA HIS B 1022 8.10 -34.49 46.95
C HIS B 1022 7.79 -33.57 45.76
N GLU B 1023 7.24 -32.38 45.99
CA GLU B 1023 7.13 -31.29 45.00
C GLU B 1023 8.49 -30.97 44.33
N PHE B 1024 9.57 -30.86 45.10
CA PHE B 1024 10.91 -30.55 44.58
C PHE B 1024 11.53 -31.70 43.76
N GLU B 1025 11.14 -32.94 44.07
CA GLU B 1025 11.72 -34.21 43.57
C GLU B 1025 11.39 -34.48 42.08
N LYS B 1026 11.62 -33.50 41.19
CA LYS B 1026 11.55 -33.56 39.71
C LYS B 1026 12.47 -32.55 39.00
N LYS B 1027 12.64 -31.35 39.56
CA LYS B 1027 12.56 -30.09 38.78
C LYS B 1027 13.52 -29.91 37.58
N LEU B 1028 14.82 -30.19 37.71
CA LEU B 1028 15.83 -29.77 36.70
C LEU B 1028 15.59 -30.32 35.28
N GLU B 1029 15.33 -31.63 35.14
CA GLU B 1029 15.16 -32.29 33.84
C GLU B 1029 13.93 -31.76 33.07
N ALA B 1030 12.93 -31.20 33.78
CA ALA B 1030 11.72 -30.64 33.21
C ALA B 1030 11.92 -29.35 32.38
N LYS B 1031 13.14 -28.79 32.35
CA LYS B 1031 13.54 -27.80 31.32
C LYS B 1031 14.49 -28.43 30.30
N ARG B 1032 15.43 -29.28 30.72
CA ARG B 1032 16.53 -29.79 29.88
C ARG B 1032 16.06 -30.34 28.53
N ARG B 1033 15.32 -31.46 28.50
CA ARG B 1033 14.87 -32.05 27.22
C ARG B 1033 13.58 -31.41 26.65
N LYS B 1034 13.45 -30.09 26.81
CA LYS B 1034 12.75 -29.17 25.87
C LYS B 1034 13.74 -28.45 24.94
N ILE B 1035 15.04 -28.43 25.30
CA ILE B 1035 16.15 -27.90 24.49
C ILE B 1035 16.66 -29.03 23.60
N THR B 1036 17.15 -30.12 24.20
CA THR B 1036 17.47 -31.39 23.51
C THR B 1036 16.26 -32.14 22.95
N GLN B 1037 15.03 -31.64 23.14
CA GLN B 1037 13.90 -32.05 22.31
C GLN B 1037 14.25 -31.87 20.82
N GLY B 1038 13.75 -32.77 19.99
CA GLY B 1038 13.64 -32.61 18.55
C GLY B 1038 12.18 -32.63 18.12
N ASP B 1039 11.95 -32.25 16.89
CA ASP B 1039 10.66 -32.20 16.23
C ASP B 1039 10.94 -32.62 14.77
N ASP B 1040 10.01 -33.33 14.10
CA ASP B 1040 10.17 -33.48 12.65
C ASP B 1040 9.95 -32.12 11.96
N LEU B 1041 10.63 -31.93 10.83
CA LEU B 1041 10.70 -30.69 10.07
C LEU B 1041 10.11 -30.87 8.65
N ALA B 1042 9.27 -31.91 8.53
CA ALA B 1042 8.71 -32.52 7.33
C ALA B 1042 9.75 -33.23 6.43
N PRO B 1043 9.36 -34.31 5.72
CA PRO B 1043 10.14 -34.90 4.64
C PRO B 1043 10.66 -33.83 3.67
N GLY B 1044 11.99 -33.71 3.60
CA GLY B 1044 12.66 -32.62 2.89
C GLY B 1044 13.60 -31.81 3.79
N VAL B 1045 13.57 -31.99 5.11
CA VAL B 1045 14.42 -31.28 6.09
C VAL B 1045 14.86 -32.22 7.21
N LEU B 1046 16.16 -32.45 7.31
CA LEU B 1046 16.73 -33.13 8.49
C LEU B 1046 16.92 -32.16 9.66
N LYS B 1047 17.42 -30.93 9.41
CA LYS B 1047 17.80 -29.96 10.47
C LYS B 1047 17.46 -28.49 10.13
N ILE B 1048 17.33 -27.66 11.17
CA ILE B 1048 17.11 -26.20 11.12
C ILE B 1048 18.00 -25.50 12.16
N VAL B 1049 18.35 -24.23 11.91
CA VAL B 1049 19.29 -23.42 12.70
C VAL B 1049 18.76 -21.98 12.83
N LYS B 1050 19.06 -21.29 13.94
CA LYS B 1050 18.65 -19.89 14.20
C LYS B 1050 19.75 -19.05 14.85
N VAL B 1051 19.66 -17.72 14.65
CA VAL B 1051 20.39 -16.69 15.40
C VAL B 1051 19.46 -15.48 15.65
N TYR B 1052 19.58 -14.86 16.83
CA TYR B 1052 18.79 -13.70 17.25
C TYR B 1052 19.69 -12.47 17.49
N LEU B 1053 19.19 -11.27 17.14
CA LEU B 1053 19.97 -10.01 17.12
C LEU B 1053 19.29 -8.89 17.91
N ALA B 1054 20.02 -8.28 18.84
CA ALA B 1054 19.60 -7.25 19.81
C ALA B 1054 19.57 -5.80 19.25
N VAL B 1055 19.35 -5.65 17.93
CA VAL B 1055 19.55 -4.45 17.10
C VAL B 1055 19.38 -3.10 17.83
N LYS B 1056 20.49 -2.41 18.14
CA LYS B 1056 20.51 -1.11 18.86
C LYS B 1056 20.19 0.07 17.93
N ARG B 1057 18.94 0.13 17.43
CA ARG B 1057 18.40 1.15 16.50
C ARG B 1057 18.42 2.59 17.07
N ARG B 1058 19.61 3.20 17.13
CA ARG B 1058 19.89 4.52 17.75
C ARG B 1058 19.03 5.68 17.23
N ILE B 1059 19.01 6.76 18.01
CA ILE B 1059 18.55 8.09 17.60
C ILE B 1059 19.27 8.57 16.33
N GLN B 1060 18.49 9.01 15.33
CA GLN B 1060 18.93 9.40 13.99
C GLN B 1060 17.87 10.30 13.30
N PRO B 1061 18.22 11.10 12.28
CA PRO B 1061 17.22 11.78 11.45
C PRO B 1061 16.46 10.79 10.54
N GLY B 1062 15.32 11.22 9.99
CA GLY B 1062 14.45 10.38 9.18
C GLY B 1062 13.55 9.42 9.98
N ASP B 1063 14.00 8.98 11.16
CA ASP B 1063 13.15 8.30 12.13
C ASP B 1063 12.00 9.23 12.61
N LYS B 1064 10.95 8.64 13.20
CA LYS B 1064 9.68 9.33 13.47
C LYS B 1064 9.43 9.50 14.96
N MET B 1065 8.89 10.65 15.34
CA MET B 1065 8.53 11.02 16.72
C MET B 1065 7.12 11.61 16.82
N ALA B 1066 6.64 11.76 18.06
CA ALA B 1066 5.33 12.32 18.36
C ALA B 1066 5.22 12.81 19.83
N GLY B 1067 4.06 13.37 20.17
CA GLY B 1067 3.56 13.56 21.54
C GLY B 1067 2.13 13.05 21.68
N ARG B 1068 1.55 13.09 22.90
CA ARG B 1068 0.22 12.48 23.17
C ARG B 1068 -0.95 13.14 22.45
N HIS B 1069 -0.80 14.41 22.08
CA HIS B 1069 -1.87 15.25 21.53
C HIS B 1069 -1.84 15.32 19.99
N GLY B 1070 -1.42 14.24 19.35
CA GLY B 1070 -1.59 14.01 17.90
C GLY B 1070 -0.58 14.71 17.00
N ASN B 1071 0.36 15.48 17.56
CA ASN B 1071 1.58 15.89 16.87
C ASN B 1071 2.42 14.67 16.51
N LYS B 1072 2.68 14.45 15.22
CA LYS B 1072 3.37 13.28 14.65
C LYS B 1072 4.21 13.69 13.45
N GLY B 1073 5.49 13.33 13.42
CA GLY B 1073 6.39 13.73 12.33
C GLY B 1073 7.83 13.23 12.42
N VAL B 1074 8.59 13.45 11.36
CA VAL B 1074 10.00 13.03 11.19
C VAL B 1074 10.98 13.91 11.99
N ILE B 1075 12.00 13.28 12.59
CA ILE B 1075 13.21 13.92 13.12
C ILE B 1075 13.99 14.50 11.94
N SER B 1076 14.07 15.83 11.83
CA SER B 1076 14.47 16.49 10.57
C SER B 1076 15.82 17.23 10.60
N LYS B 1077 16.43 17.38 11.77
CA LYS B 1077 17.89 17.57 11.99
C LYS B 1077 18.18 17.36 13.48
N ILE B 1078 19.43 16.98 13.79
CA ILE B 1078 20.00 17.00 15.14
C ILE B 1078 20.82 18.30 15.29
N ASN B 1079 20.53 19.08 16.33
CA ASN B 1079 21.05 20.45 16.48
C ASN B 1079 21.97 20.53 17.71
N PRO B 1080 23.22 21.02 17.58
CA PRO B 1080 24.05 21.41 18.72
C PRO B 1080 23.28 22.16 19.79
N ILE B 1081 23.66 22.03 21.06
CA ILE B 1081 22.86 22.54 22.19
C ILE B 1081 22.55 24.05 22.07
N GLU B 1082 23.44 24.80 21.40
CA GLU B 1082 23.33 26.23 21.11
C GLU B 1082 22.65 26.54 19.75
N ASP B 1083 22.56 25.59 18.82
CA ASP B 1083 21.84 25.68 17.51
C ASP B 1083 20.31 25.69 17.68
N MET B 1084 19.83 26.15 18.85
CA MET B 1084 18.49 25.98 19.42
C MET B 1084 18.14 27.20 20.29
N PRO B 1085 16.85 27.46 20.59
CA PRO B 1085 16.48 28.59 21.45
C PRO B 1085 16.77 28.30 22.93
N TYR B 1086 16.88 29.36 23.74
CA TYR B 1086 17.02 29.25 25.20
C TYR B 1086 16.05 30.12 26.00
N ASP B 1087 15.72 29.65 27.21
CA ASP B 1087 14.69 30.23 28.10
C ASP B 1087 15.18 31.46 28.89
N GLU B 1088 14.23 32.15 29.54
CA GLU B 1088 14.52 33.13 30.61
C GLU B 1088 15.23 32.55 31.85
N ASN B 1089 15.44 31.23 31.91
CA ASN B 1089 16.36 30.57 32.86
C ASN B 1089 17.85 30.67 32.42
N GLY B 1090 18.15 31.20 31.23
CA GLY B 1090 19.48 31.13 30.62
C GLY B 1090 19.88 29.70 30.27
N THR B 1091 18.98 28.93 29.64
CA THR B 1091 19.20 27.48 29.43
C THR B 1091 18.48 26.98 28.16
N PRO B 1092 19.16 26.24 27.24
CA PRO B 1092 18.59 25.81 25.95
C PRO B 1092 17.41 24.83 26.07
N VAL B 1093 16.77 24.54 24.94
CA VAL B 1093 15.50 23.82 24.81
C VAL B 1093 15.67 22.59 23.92
N ASP B 1094 15.40 21.39 24.46
CA ASP B 1094 15.76 20.09 23.85
C ASP B 1094 15.14 19.82 22.47
N ILE B 1095 13.97 20.38 22.16
CA ILE B 1095 13.16 20.13 20.95
C ILE B 1095 12.46 21.42 20.47
N VAL B 1096 12.24 21.54 19.15
CA VAL B 1096 11.52 22.67 18.53
C VAL B 1096 10.54 22.18 17.44
N LEU B 1097 9.28 22.64 17.48
CA LEU B 1097 8.16 22.09 16.67
C LEU B 1097 7.23 23.23 16.19
N ASN B 1098 6.93 23.28 14.88
CA ASN B 1098 6.28 24.43 14.26
C ASN B 1098 4.80 24.68 14.70
N PRO B 1099 4.49 25.85 15.31
CA PRO B 1099 3.14 26.26 15.66
C PRO B 1099 2.34 26.84 14.49
N LEU B 1100 2.98 27.23 13.37
CA LEU B 1100 2.27 27.73 12.19
C LEU B 1100 1.36 26.65 11.60
N GLY B 1101 1.76 25.37 11.70
CA GLY B 1101 0.94 24.21 11.36
C GLY B 1101 -0.31 24.05 12.25
N VAL B 1102 -0.18 24.26 13.56
CA VAL B 1102 -1.22 24.00 14.60
C VAL B 1102 -2.64 24.51 14.27
N PRO B 1103 -2.89 25.74 13.76
CA PRO B 1103 -4.26 26.17 13.43
C PRO B 1103 -4.92 25.32 12.33
N SER B 1104 -4.17 24.63 11.46
CA SER B 1104 -4.72 23.63 10.53
C SER B 1104 -5.01 22.28 11.17
N ARG B 1105 -4.39 21.98 12.31
CA ARG B 1105 -4.58 20.74 13.09
C ARG B 1105 -5.78 20.82 14.04
N MET B 1106 -6.24 22.04 14.35
CA MET B 1106 -7.43 22.33 15.16
C MET B 1106 -7.41 21.70 16.57
N ASN B 1107 -6.24 21.66 17.21
CA ASN B 1107 -6.08 21.01 18.51
C ASN B 1107 -5.07 21.79 19.39
N ILE B 1108 -5.30 21.83 20.70
CA ILE B 1108 -4.67 22.76 21.67
C ILE B 1108 -4.23 22.04 22.97
N GLY B 1109 -4.69 20.81 23.22
CA GLY B 1109 -4.15 19.95 24.28
C GLY B 1109 -2.62 19.81 24.24
N GLN B 1110 -2.02 19.78 23.04
CA GLN B 1110 -0.56 19.81 22.85
C GLN B 1110 0.15 21.02 23.47
N ILE B 1111 -0.50 22.19 23.49
CA ILE B 1111 -0.01 23.40 24.17
C ILE B 1111 -0.17 23.24 25.70
N LEU B 1112 -1.29 22.68 26.15
CA LEU B 1112 -1.61 22.55 27.57
C LEU B 1112 -0.76 21.48 28.28
N GLU B 1113 -0.50 20.33 27.65
CA GLU B 1113 0.49 19.37 28.13
C GLU B 1113 1.88 20.02 28.22
N THR B 1114 2.29 20.79 27.21
CA THR B 1114 3.58 21.50 27.22
C THR B 1114 3.70 22.49 28.39
N HIS B 1115 2.67 23.30 28.65
CA HIS B 1115 2.65 24.26 29.76
C HIS B 1115 2.53 23.59 31.14
N LEU B 1116 1.68 22.58 31.30
CA LEU B 1116 1.55 21.87 32.59
C LEU B 1116 2.78 20.98 32.88
N GLY B 1117 3.42 20.45 31.83
CA GLY B 1117 4.72 19.77 31.91
C GLY B 1117 5.84 20.70 32.39
N MET B 1118 5.81 21.99 32.01
CA MET B 1118 6.74 22.99 32.55
C MET B 1118 6.64 23.17 34.07
N ALA B 1119 5.43 23.10 34.64
CA ALA B 1119 5.27 23.00 36.10
C ALA B 1119 5.76 21.64 36.62
N ALA B 1120 5.30 20.54 36.00
CA ALA B 1120 5.53 19.18 36.47
C ALA B 1120 7.01 18.77 36.50
N LYS B 1121 7.78 19.07 35.44
CA LYS B 1121 9.23 18.82 35.38
C LYS B 1121 10.02 19.88 36.15
N GLY B 1122 9.60 21.16 36.08
CA GLY B 1122 10.20 22.25 36.85
C GLY B 1122 10.28 21.99 38.36
N ILE B 1123 9.26 21.29 38.93
CA ILE B 1123 9.30 20.76 40.30
C ILE B 1123 10.54 19.87 40.55
N GLY B 1124 10.86 18.99 39.61
CA GLY B 1124 11.98 18.05 39.70
C GLY B 1124 13.34 18.70 39.54
N ASP B 1125 13.46 19.66 38.61
CA ASP B 1125 14.70 20.44 38.41
C ASP B 1125 15.02 21.29 39.66
N LYS B 1126 14.03 21.98 40.21
CA LYS B 1126 14.15 22.71 41.49
C LYS B 1126 14.51 21.79 42.67
N ILE B 1127 14.00 20.56 42.69
CA ILE B 1127 14.39 19.53 43.68
C ILE B 1127 15.87 19.14 43.51
N ASN B 1128 16.39 18.99 42.29
CA ASN B 1128 17.80 18.65 42.07
C ASN B 1128 18.77 19.69 42.67
N ALA B 1129 18.44 20.98 42.51
CA ALA B 1129 19.16 22.07 43.17
C ALA B 1129 18.94 22.08 44.70
N MET B 1130 17.69 22.01 45.18
CA MET B 1130 17.37 22.08 46.60
C MET B 1130 17.98 20.95 47.45
N LEU B 1131 18.08 19.72 46.91
CA LEU B 1131 18.66 18.58 47.62
C LEU B 1131 20.14 18.75 47.97
N LYS B 1132 20.87 19.64 47.29
CA LYS B 1132 22.28 19.97 47.57
C LYS B 1132 22.40 20.75 48.88
N GLN B 1133 21.97 22.01 48.88
CA GLN B 1133 22.14 22.93 50.01
C GLN B 1133 21.17 22.64 51.18
N GLN B 1134 19.99 22.05 50.90
CA GLN B 1134 18.95 21.58 51.84
C GLN B 1134 18.25 22.66 52.68
N GLN B 1135 19.00 23.64 53.22
CA GLN B 1135 18.59 24.85 53.95
C GLN B 1135 17.90 24.61 55.31
N GLU B 1136 16.95 23.68 55.40
CA GLU B 1136 16.17 23.29 56.58
C GLU B 1136 15.26 22.12 56.17
N VAL B 1137 15.03 21.13 57.04
CA VAL B 1137 14.17 19.97 56.73
C VAL B 1137 12.73 20.42 56.44
N ALA B 1138 12.23 21.41 57.18
CA ALA B 1138 10.96 22.07 56.87
C ALA B 1138 10.97 22.87 55.55
N LYS B 1139 12.13 23.21 54.97
CA LYS B 1139 12.27 23.81 53.63
C LYS B 1139 12.23 22.73 52.54
N LEU B 1140 12.89 21.58 52.76
CA LEU B 1140 12.67 20.40 51.90
C LEU B 1140 11.18 20.02 51.88
N ARG B 1141 10.52 19.92 53.05
CA ARG B 1141 9.07 19.73 53.13
C ARG B 1141 8.29 20.88 52.47
N GLU B 1142 8.70 22.15 52.58
CA GLU B 1142 8.01 23.29 51.95
C GLU B 1142 7.76 23.03 50.47
N PHE B 1143 8.82 22.83 49.68
CA PHE B 1143 8.66 22.69 48.24
C PHE B 1143 8.05 21.35 47.85
N ILE B 1144 8.56 20.25 48.41
CA ILE B 1144 8.12 18.88 48.09
C ILE B 1144 6.65 18.66 48.46
N GLN B 1145 6.20 19.13 49.64
CA GLN B 1145 4.78 19.10 49.97
C GLN B 1145 3.98 20.11 49.14
N ARG B 1146 4.40 21.38 49.00
CA ARG B 1146 3.63 22.40 48.26
C ARG B 1146 3.34 22.00 46.82
N ALA B 1147 4.24 21.27 46.17
CA ALA B 1147 4.00 20.69 44.85
C ALA B 1147 2.71 19.83 44.81
N TYR B 1148 2.48 18.99 45.82
CA TYR B 1148 1.22 18.26 45.99
C TYR B 1148 0.09 19.10 46.59
N ASP B 1149 0.36 19.91 47.61
CA ASP B 1149 -0.62 20.66 48.39
C ASP B 1149 -1.33 21.77 47.60
N LEU B 1150 -0.67 22.35 46.60
CA LEU B 1150 -1.18 23.45 45.78
C LEU B 1150 -2.31 22.99 44.84
N GLY B 1151 -3.55 23.32 45.19
CA GLY B 1151 -4.75 23.12 44.38
C GLY B 1151 -5.98 23.81 45.00
N ALA B 1152 -7.07 23.94 44.24
CA ALA B 1152 -8.26 24.70 44.67
C ALA B 1152 -9.61 24.21 44.10
N ASP B 1153 -9.60 23.20 43.23
CA ASP B 1153 -10.72 22.77 42.38
C ASP B 1153 -10.64 21.24 42.19
N VAL B 1154 -10.66 20.44 43.27
CA VAL B 1154 -10.15 19.06 43.22
C VAL B 1154 -10.78 18.07 44.23
N ARG B 1155 -11.03 16.84 43.75
CA ARG B 1155 -11.57 15.64 44.42
C ARG B 1155 -10.53 14.85 45.24
N GLN B 1156 -9.26 14.86 44.81
CA GLN B 1156 -8.16 14.08 45.41
C GLN B 1156 -7.23 14.97 46.25
N LYS B 1157 -6.40 14.38 47.12
CA LYS B 1157 -5.19 15.05 47.61
C LYS B 1157 -4.13 14.05 48.06
N VAL B 1158 -2.95 14.10 47.44
CA VAL B 1158 -1.70 13.61 48.03
C VAL B 1158 -1.29 14.52 49.20
N ASP B 1159 -2.06 14.50 50.29
CA ASP B 1159 -1.77 15.31 51.49
C ASP B 1159 -0.52 14.78 52.19
N LEU B 1160 0.64 15.34 51.84
CA LEU B 1160 1.92 14.89 52.35
C LEU B 1160 2.12 15.17 53.86
N SER B 1161 1.22 15.91 54.53
CA SER B 1161 1.20 15.96 56.01
C SER B 1161 0.63 14.68 56.64
N THR B 1162 -0.06 13.86 55.85
CA THR B 1162 -0.45 12.48 56.21
C THR B 1162 0.64 11.45 55.86
N PHE B 1163 1.88 11.91 55.67
CA PHE B 1163 3.11 11.15 55.47
C PHE B 1163 4.27 11.82 56.24
N SER B 1164 5.24 11.03 56.67
CA SER B 1164 6.34 11.45 57.54
C SER B 1164 7.53 12.04 56.78
N ASP B 1165 8.35 12.81 57.50
CA ASP B 1165 9.50 13.59 57.00
C ASP B 1165 10.69 12.75 56.47
N GLU B 1166 10.49 11.46 56.20
CA GLU B 1166 11.40 10.61 55.42
C GLU B 1166 10.69 9.92 54.24
N GLU B 1167 9.38 9.63 54.35
CA GLU B 1167 8.51 9.32 53.21
C GLU B 1167 8.44 10.48 52.21
N VAL B 1168 8.47 11.73 52.72
CA VAL B 1168 8.66 12.97 51.93
C VAL B 1168 9.94 12.93 51.08
N MET B 1169 10.99 12.25 51.56
CA MET B 1169 12.35 12.36 51.01
C MET B 1169 12.72 11.19 50.10
N ARG B 1170 12.30 9.96 50.44
CA ARG B 1170 12.41 8.78 49.55
C ARG B 1170 11.67 8.98 48.22
N LEU B 1171 10.57 9.73 48.26
CA LEU B 1171 9.79 10.18 47.11
C LEU B 1171 10.55 11.17 46.19
N ALA B 1172 11.55 11.91 46.71
CA ALA B 1172 12.21 13.00 45.99
C ALA B 1172 13.01 12.56 44.75
N GLU B 1173 13.59 11.36 44.75
CA GLU B 1173 14.25 10.75 43.58
C GLU B 1173 13.32 10.73 42.36
N ASN B 1174 12.17 10.07 42.50
CA ASN B 1174 11.24 9.93 41.38
C ASN B 1174 10.53 11.25 41.03
N LEU B 1175 10.52 12.24 41.94
CA LEU B 1175 10.16 13.62 41.65
C LEU B 1175 11.22 14.40 40.85
N ARG B 1176 12.50 14.02 40.84
CA ARG B 1176 13.55 14.65 40.00
C ARG B 1176 13.32 14.42 38.50
N LYS B 1177 12.75 13.26 38.12
CA LYS B 1177 12.15 13.07 36.79
C LYS B 1177 11.08 14.15 36.55
N GLY B 1178 10.15 14.25 37.50
CA GLY B 1178 9.16 15.31 37.66
C GLY B 1178 7.99 14.86 38.53
N MET B 1179 7.07 15.76 38.86
CA MET B 1179 5.81 15.41 39.53
C MET B 1179 4.86 14.63 38.59
N PRO B 1180 4.46 13.39 38.93
CA PRO B 1180 3.39 12.68 38.22
C PRO B 1180 1.99 13.24 38.59
N ILE B 1181 1.16 13.45 37.58
CA ILE B 1181 -0.17 14.10 37.64
C ILE B 1181 -1.25 13.18 37.06
N ALA B 1182 -2.50 13.35 37.50
CA ALA B 1182 -3.69 12.68 37.00
C ALA B 1182 -4.84 13.68 36.76
N THR B 1183 -5.88 13.24 36.05
CA THR B 1183 -6.93 14.04 35.41
C THR B 1183 -7.77 13.09 34.54
N PRO B 1184 -8.93 12.60 35.01
CA PRO B 1184 -9.87 11.93 34.11
C PRO B 1184 -10.18 12.85 32.93
N VAL B 1185 -10.07 12.33 31.71
CA VAL B 1185 -10.36 13.09 30.47
C VAL B 1185 -11.79 13.65 30.54
N PHE B 1186 -11.99 14.96 30.32
CA PHE B 1186 -13.25 15.71 30.55
C PHE B 1186 -13.58 16.04 32.03
N ASP B 1187 -12.63 15.89 32.95
CA ASP B 1187 -12.71 16.25 34.38
C ASP B 1187 -11.51 17.16 34.77
N GLY B 1188 -10.82 17.79 33.80
CA GLY B 1188 -9.38 18.04 33.94
C GLY B 1188 -8.85 19.37 34.52
N ALA B 1189 -7.52 19.40 34.64
CA ALA B 1189 -6.66 20.46 35.16
C ALA B 1189 -6.54 21.71 34.24
N LYS B 1190 -7.69 22.32 33.89
CA LYS B 1190 -7.85 23.47 32.98
C LYS B 1190 -6.90 24.66 33.25
N GLU B 1191 -6.73 25.52 32.24
CA GLU B 1191 -5.75 26.64 32.18
C GLU B 1191 -5.46 27.37 33.50
N ALA B 1192 -6.50 27.78 34.25
CA ALA B 1192 -6.35 28.50 35.51
C ALA B 1192 -5.55 27.72 36.58
N GLU B 1193 -5.66 26.39 36.60
CA GLU B 1193 -4.92 25.50 37.49
C GLU B 1193 -3.47 25.35 37.05
N ILE B 1194 -3.20 25.32 35.74
CA ILE B 1194 -1.84 25.37 35.17
C ILE B 1194 -1.16 26.68 35.61
N LYS B 1195 -1.85 27.82 35.47
CA LYS B 1195 -1.38 29.15 35.89
C LYS B 1195 -1.21 29.30 37.41
N GLU B 1196 -1.81 28.42 38.21
CA GLU B 1196 -1.51 28.33 39.64
C GLU B 1196 -0.30 27.42 39.92
N LEU B 1197 -0.28 26.20 39.38
CA LEU B 1197 0.79 25.22 39.59
C LEU B 1197 2.15 25.68 39.05
N LEU B 1198 2.17 26.50 37.99
CA LEU B 1198 3.40 27.07 37.43
C LEU B 1198 4.28 27.83 38.43
N LYS B 1199 3.75 28.30 39.57
CA LYS B 1199 4.52 28.90 40.70
C LYS B 1199 5.30 27.86 41.53
N LEU B 1200 5.95 26.95 40.82
CA LEU B 1200 6.89 25.91 41.24
C LEU B 1200 8.00 25.77 40.16
N GLY B 1201 7.63 25.86 38.87
CA GLY B 1201 8.58 26.17 37.79
C GLY B 1201 9.07 27.63 37.87
N ASP B 1202 8.21 28.54 38.32
CA ASP B 1202 8.42 29.97 38.57
C ASP B 1202 8.77 30.84 37.33
N LEU B 1203 9.04 30.20 36.19
CA LEU B 1203 9.00 30.81 34.84
C LEU B 1203 7.64 31.49 34.56
N PRO B 1204 7.59 32.47 33.62
CA PRO B 1204 6.40 33.28 33.34
C PRO B 1204 5.08 32.49 33.25
N THR B 1205 4.14 32.79 34.14
CA THR B 1205 2.80 32.17 34.22
C THR B 1205 1.88 32.47 33.02
N SER B 1206 2.37 33.18 32.00
CA SER B 1206 1.80 33.21 30.65
C SER B 1206 1.92 31.85 29.92
N GLY B 1207 2.92 31.03 30.26
CA GLY B 1207 3.38 29.92 29.40
C GLY B 1207 4.13 30.38 28.14
N GLN B 1208 4.31 31.69 27.97
CA GLN B 1208 4.85 32.31 26.77
C GLN B 1208 5.92 33.35 27.18
N ILE B 1209 7.18 33.09 26.81
CA ILE B 1209 8.41 33.50 27.51
C ILE B 1209 9.36 34.20 26.52
N ARG B 1210 10.21 35.13 26.97
CA ARG B 1210 11.21 35.83 26.16
C ARG B 1210 12.36 34.91 25.68
N LEU B 1211 12.08 33.96 24.79
CA LEU B 1211 13.11 33.10 24.20
C LEU B 1211 14.24 33.89 23.52
N TYR B 1212 15.43 33.30 23.57
CA TYR B 1212 16.68 33.76 22.96
C TYR B 1212 17.16 32.74 21.90
N ASP B 1213 18.31 33.00 21.24
CA ASP B 1213 18.99 32.09 20.30
C ASP B 1213 20.44 31.83 20.75
N GLY B 1214 20.80 30.56 20.97
CA GLY B 1214 22.11 30.16 21.52
C GLY B 1214 23.31 30.61 20.67
N ARG B 1215 23.14 30.68 19.35
CA ARG B 1215 24.20 31.07 18.40
C ARG B 1215 24.53 32.56 18.41
N THR B 1216 23.66 33.41 18.96
CA THR B 1216 23.71 34.86 18.70
C THR B 1216 23.42 35.76 19.90
N GLY B 1217 22.92 35.22 21.01
CA GLY B 1217 22.58 35.98 22.23
C GLY B 1217 21.37 36.92 22.08
N GLU B 1218 20.69 36.91 20.94
CA GLU B 1218 19.50 37.74 20.67
C GLU B 1218 18.30 37.36 21.53
N GLN B 1219 17.28 38.22 21.55
CA GLN B 1219 15.98 37.95 22.14
C GLN B 1219 14.88 38.47 21.19
N PHE B 1220 13.90 37.60 20.91
CA PHE B 1220 12.98 37.78 19.78
C PHE B 1220 11.95 38.92 19.98
N GLU B 1221 11.32 39.36 18.88
CA GLU B 1221 10.39 40.50 18.86
C GLU B 1221 9.11 40.35 19.71
N ARG B 1222 8.85 39.16 20.27
CA ARG B 1222 7.74 38.85 21.17
C ARG B 1222 8.07 37.65 22.07
N PRO B 1223 7.49 37.54 23.28
CA PRO B 1223 7.43 36.27 24.02
C PRO B 1223 6.80 35.14 23.18
N VAL B 1224 7.22 33.89 23.44
CA VAL B 1224 7.00 32.72 22.58
C VAL B 1224 6.56 31.54 23.43
N THR B 1225 5.68 30.67 22.93
CA THR B 1225 5.22 29.45 23.64
C THR B 1225 6.38 28.49 23.94
N VAL B 1226 6.53 28.12 25.22
CA VAL B 1226 7.53 27.14 25.68
C VAL B 1226 6.92 26.20 26.73
N GLY B 1227 7.63 25.12 27.02
CA GLY B 1227 7.40 24.28 28.17
C GLY B 1227 8.16 22.96 28.08
N TYR B 1228 7.60 21.90 28.62
CA TYR B 1228 8.15 20.54 28.55
C TYR B 1228 7.01 19.61 28.15
N MET B 1229 7.18 18.80 27.10
CA MET B 1229 6.15 17.90 26.57
C MET B 1229 6.55 16.44 26.80
N TYR B 1230 5.57 15.56 26.94
CA TYR B 1230 5.82 14.13 26.89
C TYR B 1230 5.89 13.63 25.45
N MET B 1231 7.01 13.00 25.06
CA MET B 1231 7.30 12.69 23.67
C MET B 1231 7.82 11.26 23.47
N LEU B 1232 7.75 10.82 22.21
CA LEU B 1232 7.73 9.43 21.79
C LEU B 1232 8.62 9.26 20.54
N LYS B 1233 9.22 8.09 20.34
CA LYS B 1233 9.89 7.65 19.09
C LYS B 1233 9.19 6.38 18.60
N LEU B 1234 8.93 6.28 17.29
CA LEU B 1234 7.85 5.46 16.75
C LEU B 1234 8.32 4.42 15.74
N ASN B 1235 7.71 3.23 15.77
CA ASN B 1235 8.16 2.04 15.03
C ASN B 1235 7.96 2.08 13.49
N HIS B 1236 7.74 3.27 12.89
CA HIS B 1236 7.94 3.46 11.45
C HIS B 1236 9.38 3.12 11.01
N LEU B 1237 10.35 3.39 11.91
CA LEU B 1237 11.81 3.30 11.76
C LEU B 1237 12.38 3.29 10.34
N VAL B 1238 12.96 4.44 9.92
CA VAL B 1238 13.82 4.53 8.73
C VAL B 1238 15.08 3.67 8.89
N ASP B 1239 15.50 3.45 10.14
CA ASP B 1239 16.64 2.60 10.49
C ASP B 1239 16.62 1.22 9.81
N ASP B 1240 15.44 0.64 9.71
CA ASP B 1240 15.15 -0.68 9.13
C ASP B 1240 14.94 -0.64 7.60
N LYS B 1241 14.85 0.54 6.99
CA LYS B 1241 14.20 0.76 5.68
C LYS B 1241 15.08 1.54 4.69
N MET B 1242 16.40 1.41 4.82
CA MET B 1242 17.45 1.95 3.94
C MET B 1242 17.44 1.40 2.48
N HIS B 1243 16.30 0.94 1.96
CA HIS B 1243 16.23 0.14 0.73
C HIS B 1243 16.42 0.93 -0.57
N ALA B 1244 17.69 0.99 -0.99
CA ALA B 1244 18.11 1.19 -2.38
C ALA B 1244 18.67 -0.10 -2.98
N ARG B 1245 18.98 -0.08 -4.28
CA ARG B 1245 19.52 -1.19 -5.08
C ARG B 1245 20.18 -0.68 -6.36
N SER B 1246 21.42 -1.09 -6.62
CA SER B 1246 22.01 -1.09 -7.97
C SER B 1246 21.35 -2.17 -8.85
N THR B 1247 21.61 -3.44 -8.56
CA THR B 1247 21.01 -4.63 -9.19
C THR B 1247 20.91 -5.75 -8.14
N GLY B 1248 20.26 -6.87 -8.45
CA GLY B 1248 20.00 -7.92 -7.47
C GLY B 1248 19.09 -9.03 -8.00
N SER B 1249 18.17 -9.51 -7.16
CA SER B 1249 17.16 -10.53 -7.48
C SER B 1249 16.31 -10.22 -8.74
N TYR B 1250 15.93 -11.25 -9.50
CA TYR B 1250 15.10 -11.15 -10.71
C TYR B 1250 14.04 -12.25 -10.75
N SER B 1251 12.81 -11.89 -11.11
CA SER B 1251 11.69 -12.80 -11.21
C SER B 1251 11.79 -13.65 -12.48
N LEU B 1252 12.15 -14.91 -12.34
CA LEU B 1252 12.23 -15.86 -13.47
C LEU B 1252 10.95 -15.85 -14.33
N VAL B 1253 9.77 -15.65 -13.72
CA VAL B 1253 8.46 -15.55 -14.40
C VAL B 1253 8.41 -14.46 -15.50
N THR B 1254 9.31 -13.46 -15.50
CA THR B 1254 9.23 -12.29 -16.42
C THR B 1254 10.58 -11.61 -16.70
N GLN B 1255 11.70 -12.12 -16.17
CA GLN B 1255 13.06 -11.52 -16.18
C GLN B 1255 13.21 -10.11 -15.57
N GLN B 1256 12.10 -9.44 -15.27
CA GLN B 1256 11.95 -8.22 -14.48
C GLN B 1256 12.55 -8.38 -13.07
N PRO B 1257 13.03 -7.30 -12.40
CA PRO B 1257 13.33 -7.35 -10.97
C PRO B 1257 12.19 -8.00 -10.16
N LEU B 1258 12.55 -8.77 -9.13
CA LEU B 1258 11.66 -8.95 -7.98
C LEU B 1258 11.49 -7.60 -7.25
N GLY B 1259 10.53 -7.49 -6.34
CA GLY B 1259 10.28 -6.33 -5.47
C GLY B 1259 10.11 -6.82 -4.03
N GLY B 1260 10.49 -6.00 -3.04
CA GLY B 1260 10.48 -6.35 -1.62
C GLY B 1260 11.84 -6.12 -0.94
N LYS B 1261 11.84 -5.49 0.24
CA LYS B 1261 12.96 -5.55 1.21
C LYS B 1261 13.31 -7.02 1.53
N ALA B 1262 12.33 -7.86 1.88
CA ALA B 1262 12.45 -9.32 1.97
C ALA B 1262 12.82 -10.06 0.65
N GLN B 1263 13.18 -9.34 -0.42
CA GLN B 1263 13.62 -9.88 -1.71
C GLN B 1263 14.84 -9.13 -2.29
N PHE B 1264 15.40 -8.14 -1.55
CA PHE B 1264 16.29 -7.09 -2.07
C PHE B 1264 15.91 -6.62 -3.50
N GLY B 1265 14.65 -6.28 -3.69
CA GLY B 1265 14.03 -6.06 -5.00
C GLY B 1265 14.33 -4.70 -5.65
N GLY B 1266 13.91 -4.54 -6.90
CA GLY B 1266 13.78 -3.24 -7.56
C GLY B 1266 12.36 -2.72 -7.36
N GLN B 1267 12.18 -1.40 -7.43
CA GLN B 1267 10.94 -0.74 -7.01
C GLN B 1267 10.17 -0.18 -8.22
N ARG B 1268 8.85 0.02 -8.09
CA ARG B 1268 7.90 0.19 -9.19
C ARG B 1268 7.89 1.62 -9.69
N PHE B 1269 8.45 1.82 -10.87
CA PHE B 1269 8.09 2.96 -11.70
C PHE B 1269 6.68 2.68 -12.25
N GLY B 1270 5.66 3.31 -11.66
CA GLY B 1270 4.24 3.04 -11.94
C GLY B 1270 3.69 3.80 -13.15
N GLU B 1271 2.44 3.52 -13.51
CA GLU B 1271 1.79 4.17 -14.67
C GLU B 1271 1.67 5.70 -14.48
N MET B 1272 1.42 6.17 -13.25
CA MET B 1272 1.35 7.61 -12.96
C MET B 1272 2.73 8.29 -13.08
N GLU B 1273 3.78 7.59 -12.68
CA GLU B 1273 5.17 8.01 -12.76
C GLU B 1273 5.62 8.13 -14.23
N VAL B 1274 5.16 7.21 -15.09
CA VAL B 1274 5.26 7.33 -16.56
C VAL B 1274 4.56 8.58 -17.08
N TRP B 1275 3.35 8.91 -16.63
CA TRP B 1275 2.64 10.12 -17.08
C TRP B 1275 3.45 11.40 -16.88
N ALA B 1276 4.26 11.51 -15.82
CA ALA B 1276 5.14 12.66 -15.63
C ALA B 1276 6.22 12.77 -16.72
N LEU B 1277 6.88 11.66 -17.08
CA LEU B 1277 7.91 11.66 -18.14
C LEU B 1277 7.30 11.87 -19.53
N GLU B 1278 6.15 11.26 -19.80
CA GLU B 1278 5.32 11.54 -20.98
C GLU B 1278 4.98 13.04 -21.07
N ALA B 1279 4.42 13.61 -20.00
CA ALA B 1279 4.08 15.03 -19.90
C ALA B 1279 5.31 15.94 -20.07
N TYR B 1280 6.49 15.59 -19.52
CA TYR B 1280 7.74 16.32 -19.73
C TYR B 1280 8.27 16.24 -21.18
N GLY B 1281 7.89 15.22 -21.95
CA GLY B 1281 8.53 14.86 -23.22
C GLY B 1281 9.93 14.25 -23.04
N ALA B 1282 10.14 13.51 -21.95
CA ALA B 1282 11.42 12.95 -21.51
C ALA B 1282 11.53 11.47 -21.88
N ALA B 1283 11.81 11.20 -23.16
CA ALA B 1283 11.73 9.87 -23.74
C ALA B 1283 12.92 8.94 -23.39
N TYR B 1284 14.13 9.45 -23.17
CA TYR B 1284 15.30 8.58 -22.87
C TYR B 1284 15.34 8.12 -21.41
N THR B 1285 14.98 9.00 -20.46
CA THR B 1285 14.78 8.66 -19.04
C THR B 1285 13.63 7.66 -18.86
N LEU B 1286 12.56 7.79 -19.65
CA LEU B 1286 11.47 6.82 -19.68
C LEU B 1286 11.89 5.49 -20.30
N GLN B 1287 12.50 5.50 -21.50
CA GLN B 1287 13.02 4.28 -22.13
C GLN B 1287 14.05 3.54 -21.24
N GLU B 1288 14.85 4.28 -20.47
CA GLU B 1288 15.74 3.69 -19.46
C GLU B 1288 15.01 2.77 -18.48
N MET B 1289 13.90 3.22 -17.90
CA MET B 1289 13.09 2.40 -16.97
C MET B 1289 12.50 1.16 -17.66
N LEU B 1290 12.12 1.30 -18.94
CA LEU B 1290 11.35 0.31 -19.69
C LEU B 1290 12.16 -0.88 -20.21
N THR B 1291 13.47 -0.75 -20.38
CA THR B 1291 14.37 -1.82 -20.85
C THR B 1291 15.63 -1.91 -19.98
N VAL B 1292 16.56 -0.96 -20.09
CA VAL B 1292 17.92 -1.09 -19.55
C VAL B 1292 18.04 -1.02 -18.02
N LYS B 1293 16.93 -0.78 -17.30
CA LYS B 1293 16.83 -0.91 -15.83
C LYS B 1293 15.77 -1.92 -15.40
N SER B 1294 15.31 -2.80 -16.29
CA SER B 1294 14.25 -3.75 -15.99
C SER B 1294 14.38 -5.02 -16.84
N ASP B 1295 13.28 -5.70 -17.15
CA ASP B 1295 13.20 -7.06 -17.75
C ASP B 1295 14.15 -7.37 -18.92
N ASP B 1296 14.51 -6.40 -19.77
CA ASP B 1296 15.51 -6.56 -20.83
C ASP B 1296 16.91 -6.92 -20.31
N VAL B 1297 17.16 -8.22 -20.10
CA VAL B 1297 18.43 -8.79 -19.62
C VAL B 1297 19.62 -8.29 -20.46
N ASN B 1298 19.43 -8.21 -21.77
CA ASN B 1298 20.43 -7.76 -22.74
C ASN B 1298 20.79 -6.29 -22.47
N GLY B 1299 19.76 -5.44 -22.43
CA GLY B 1299 19.89 -4.01 -22.16
C GLY B 1299 20.56 -3.72 -20.83
N ARG B 1300 20.02 -4.25 -19.72
CA ARG B 1300 20.59 -3.97 -18.40
C ARG B 1300 22.00 -4.51 -18.22
N THR B 1301 22.33 -5.69 -18.77
CA THR B 1301 23.70 -6.23 -18.64
C THR B 1301 24.73 -5.49 -19.48
N LYS B 1302 24.35 -4.85 -20.61
CA LYS B 1302 25.22 -3.95 -21.37
C LYS B 1302 25.30 -2.57 -20.69
N MET B 1303 24.18 -1.93 -20.38
CA MET B 1303 24.17 -0.58 -19.79
C MET B 1303 24.99 -0.49 -18.50
N TYR B 1304 24.89 -1.48 -17.59
CA TYR B 1304 25.74 -1.59 -16.39
C TYR B 1304 27.24 -1.43 -16.72
N LYS B 1305 27.69 -2.08 -17.79
CA LYS B 1305 29.10 -2.17 -18.20
C LYS B 1305 29.51 -1.06 -19.18
N ASN B 1306 28.56 -0.26 -19.65
CA ASN B 1306 28.80 0.82 -20.62
C ASN B 1306 29.62 2.00 -20.06
N ILE B 1307 29.92 1.97 -18.76
CA ILE B 1307 30.93 2.79 -18.10
C ILE B 1307 32.35 2.36 -18.51
N VAL B 1308 32.58 1.05 -18.72
CA VAL B 1308 33.85 0.48 -19.21
C VAL B 1308 34.08 0.76 -20.70
N ASP B 1309 33.01 0.83 -21.51
CA ASP B 1309 33.07 1.42 -22.86
C ASP B 1309 33.47 2.92 -22.85
N GLY B 1310 33.38 3.59 -21.69
CA GLY B 1310 33.45 5.05 -21.52
C GLY B 1310 32.24 5.79 -22.11
N ASN B 1311 31.80 5.38 -23.30
CA ASN B 1311 30.58 5.76 -23.98
C ASN B 1311 29.31 5.21 -23.30
N HIS B 1312 29.08 5.60 -22.05
CA HIS B 1312 27.87 5.33 -21.26
C HIS B 1312 26.57 5.67 -22.01
N GLN B 1313 26.04 4.67 -22.73
CA GLN B 1313 24.96 4.73 -23.72
C GLN B 1313 23.97 3.58 -23.44
N MET B 1314 22.92 3.40 -24.24
CA MET B 1314 21.80 2.52 -23.86
C MET B 1314 21.98 1.04 -24.22
N GLU B 1315 22.35 0.71 -25.46
CA GLU B 1315 22.35 -0.66 -26.04
C GLU B 1315 21.24 -1.61 -25.52
N PRO B 1316 19.94 -1.28 -25.71
CA PRO B 1316 18.83 -2.19 -25.39
C PRO B 1316 18.77 -3.36 -26.40
N GLY B 1317 17.93 -4.37 -26.12
CA GLY B 1317 17.75 -5.53 -27.00
C GLY B 1317 16.30 -5.99 -27.16
N MET B 1318 15.58 -6.19 -26.06
CA MET B 1318 14.14 -6.56 -26.06
C MET B 1318 13.56 -6.45 -24.64
N PRO B 1319 12.55 -5.60 -24.38
CA PRO B 1319 11.71 -5.67 -23.18
C PRO B 1319 11.10 -7.07 -23.00
N GLU B 1320 11.68 -7.89 -22.11
CA GLU B 1320 11.25 -9.27 -21.91
C GLU B 1320 9.80 -9.35 -21.40
N SER B 1321 9.30 -8.36 -20.65
CA SER B 1321 7.88 -8.35 -20.26
C SER B 1321 6.91 -8.18 -21.44
N PHE B 1322 7.37 -7.61 -22.56
CA PHE B 1322 6.61 -7.60 -23.82
C PHE B 1322 6.84 -8.89 -24.63
N ASN B 1323 8.05 -9.47 -24.60
CA ASN B 1323 8.32 -10.78 -25.20
C ASN B 1323 7.44 -11.88 -24.58
N VAL B 1324 7.35 -11.90 -23.26
CA VAL B 1324 6.40 -12.69 -22.45
C VAL B 1324 4.98 -12.52 -22.95
N LEU B 1325 4.48 -11.28 -23.00
CA LEU B 1325 3.11 -10.99 -23.43
C LEU B 1325 2.80 -11.48 -24.86
N LEU B 1326 3.75 -11.34 -25.80
CA LEU B 1326 3.64 -11.85 -27.18
C LEU B 1326 3.48 -13.39 -27.27
N LYS B 1327 3.75 -14.14 -26.19
CA LYS B 1327 3.52 -15.60 -26.12
C LYS B 1327 2.38 -15.96 -25.15
N GLU B 1328 2.10 -15.17 -24.13
CA GLU B 1328 0.88 -15.31 -23.31
C GLU B 1328 -0.38 -15.08 -24.16
N ILE B 1329 -0.40 -14.05 -25.01
CA ILE B 1329 -1.48 -13.79 -26.00
C ILE B 1329 -1.67 -15.00 -26.94
N ARG B 1330 -0.57 -15.59 -27.44
CA ARG B 1330 -0.61 -16.83 -28.25
C ARG B 1330 -1.04 -18.07 -27.47
N SER B 1331 -0.85 -18.10 -26.15
CA SER B 1331 -1.27 -19.20 -25.27
C SER B 1331 -2.76 -19.15 -24.92
N LEU B 1332 -3.38 -17.95 -24.95
CA LEU B 1332 -4.84 -17.80 -24.95
C LEU B 1332 -5.47 -18.26 -26.29
N GLY B 1333 -4.77 -18.09 -27.40
CA GLY B 1333 -5.25 -18.44 -28.75
C GLY B 1333 -5.26 -17.28 -29.75
N ILE B 1334 -4.73 -16.11 -29.39
CA ILE B 1334 -4.68 -14.93 -30.25
C ILE B 1334 -3.32 -14.89 -30.97
N ASN B 1335 -3.34 -14.79 -32.30
CA ASN B 1335 -2.13 -14.70 -33.12
C ASN B 1335 -1.65 -13.23 -33.17
N ILE B 1336 -0.34 -12.99 -33.01
CA ILE B 1336 0.23 -11.63 -32.94
C ILE B 1336 1.69 -11.61 -33.44
N GLU B 1337 2.00 -10.74 -34.41
CA GLU B 1337 3.35 -10.58 -35.00
C GLU B 1337 3.62 -9.16 -35.53
N LEU B 1338 4.70 -8.97 -36.31
CA LEU B 1338 5.38 -7.68 -36.51
C LEU B 1338 5.56 -7.34 -38.01
N GLU B 1339 5.85 -6.06 -38.29
CA GLU B 1339 6.17 -5.52 -39.62
C GLU B 1339 7.48 -4.69 -39.59
N ASP B 1340 7.89 -4.05 -40.69
CA ASP B 1340 9.12 -3.23 -40.78
C ASP B 1340 8.92 -1.89 -41.52
N GLU B 1341 9.69 -0.88 -41.09
CA GLU B 1341 9.70 0.52 -41.54
C GLU B 1341 11.09 1.12 -41.37
N GLU C 1 13.47 -0.71 -41.70
CA GLU C 1 14.75 -0.40 -41.03
C GLU C 1 14.77 -0.79 -39.54
N GLU C 2 13.65 -0.72 -38.80
CA GLU C 2 13.64 -0.73 -37.32
C GLU C 2 12.65 -1.75 -36.69
N PHE C 3 11.92 -2.53 -37.50
CA PHE C 3 10.62 -3.12 -37.16
C PHE C 3 9.57 -2.03 -36.84
N ASP C 4 8.48 -1.98 -37.60
CA ASP C 4 7.52 -0.87 -37.52
C ASP C 4 6.69 -0.93 -36.23
N ALA C 5 5.76 -1.89 -36.19
CA ALA C 5 4.66 -2.02 -35.24
C ALA C 5 4.16 -3.49 -35.24
N ILE C 6 2.93 -3.72 -34.74
CA ILE C 6 2.38 -5.06 -34.44
C ILE C 6 1.00 -5.23 -35.11
N LYS C 7 0.65 -6.47 -35.47
CA LYS C 7 -0.59 -6.91 -36.14
C LYS C 7 -1.16 -8.16 -35.46
N ILE C 8 -2.48 -8.38 -35.56
CA ILE C 8 -3.21 -9.47 -34.86
C ILE C 8 -4.06 -10.35 -35.82
N ALA C 9 -4.30 -11.60 -35.42
CA ALA C 9 -5.28 -12.55 -35.97
C ALA C 9 -5.62 -13.60 -34.87
N LEU C 10 -6.08 -14.81 -35.20
CA LEU C 10 -6.29 -15.91 -34.22
C LEU C 10 -5.55 -17.20 -34.59
N ALA C 11 -5.35 -18.07 -33.61
CA ALA C 11 -4.53 -19.29 -33.70
C ALA C 11 -5.22 -20.44 -34.47
N SER C 12 -5.19 -20.38 -35.80
CA SER C 12 -5.73 -21.45 -36.67
C SER C 12 -5.21 -22.85 -36.29
N PRO C 13 -6.08 -23.86 -36.06
CA PRO C 13 -5.72 -25.24 -35.70
C PRO C 13 -4.62 -25.91 -36.55
N ASP C 14 -4.49 -25.53 -37.82
CA ASP C 14 -3.38 -25.90 -38.71
C ASP C 14 -2.10 -25.08 -38.42
N MET C 15 -2.21 -23.76 -38.36
CA MET C 15 -1.07 -22.84 -38.26
C MET C 15 -0.29 -22.95 -36.94
N ILE C 16 -0.93 -23.43 -35.86
CA ILE C 16 -0.25 -23.80 -34.60
C ILE C 16 0.94 -24.76 -34.84
N ARG C 17 0.86 -25.62 -35.86
CA ARG C 17 1.92 -26.57 -36.23
C ARG C 17 3.10 -25.91 -36.98
N SER C 18 3.04 -24.60 -37.22
CA SER C 18 4.18 -23.77 -37.60
C SER C 18 4.91 -23.18 -36.37
N TRP C 19 4.42 -23.39 -35.15
CA TRP C 19 4.95 -22.82 -33.90
C TRP C 19 5.16 -23.86 -32.79
N SER C 20 4.77 -25.12 -33.01
CA SER C 20 4.69 -26.16 -31.99
C SER C 20 4.99 -27.58 -32.53
N PHE C 21 5.09 -28.56 -31.62
CA PHE C 21 5.92 -29.76 -31.81
C PHE C 21 5.28 -31.10 -31.38
N GLY C 22 4.10 -31.09 -30.75
CA GLY C 22 3.36 -32.31 -30.38
C GLY C 22 2.37 -32.13 -29.21
N GLU C 23 1.61 -33.18 -28.93
CA GLU C 23 0.78 -33.31 -27.71
C GLU C 23 1.63 -33.18 -26.44
N VAL C 24 1.38 -32.16 -25.63
CA VAL C 24 1.79 -32.13 -24.21
C VAL C 24 0.94 -33.16 -23.46
N LYS C 25 1.41 -34.41 -23.40
CA LYS C 25 0.52 -35.58 -23.36
C LYS C 25 0.13 -36.05 -21.95
N LYS C 26 0.94 -35.77 -20.94
CA LYS C 26 0.75 -36.28 -19.56
C LYS C 26 0.82 -35.18 -18.48
N PRO C 27 0.20 -35.37 -17.30
CA PRO C 27 0.20 -34.38 -16.22
C PRO C 27 1.52 -34.19 -15.44
N GLU C 28 2.37 -35.21 -15.32
CA GLU C 28 3.53 -35.21 -14.41
C GLU C 28 4.68 -34.29 -14.86
N THR C 29 5.69 -34.13 -13.98
CA THR C 29 6.91 -33.36 -14.26
C THR C 29 8.24 -34.02 -13.85
N ILE C 30 8.26 -35.23 -13.25
CA ILE C 30 9.49 -35.97 -12.82
C ILE C 30 9.33 -37.51 -12.96
N ASN C 31 10.37 -38.31 -12.66
CA ASN C 31 10.33 -39.79 -12.69
C ASN C 31 11.18 -40.48 -11.61
N TYR C 32 10.58 -40.69 -10.43
CA TYR C 32 11.14 -41.35 -9.23
C TYR C 32 12.67 -41.21 -9.09
N ARG C 33 13.45 -42.28 -9.30
CA ARG C 33 14.93 -42.28 -9.12
C ARG C 33 15.72 -41.42 -10.13
N THR C 34 15.04 -40.59 -10.91
CA THR C 34 15.63 -39.62 -11.86
C THR C 34 14.87 -38.30 -11.85
N PHE C 35 15.58 -37.19 -11.65
CA PHE C 35 14.99 -35.85 -11.82
C PHE C 35 14.41 -35.63 -13.22
N LYS C 36 15.03 -36.21 -14.28
CA LYS C 36 14.73 -36.03 -15.72
C LYS C 36 13.29 -35.61 -16.03
N PRO C 37 13.01 -34.28 -16.07
CA PRO C 37 11.64 -33.79 -16.09
C PRO C 37 10.77 -34.36 -17.21
N GLU C 38 9.55 -34.73 -16.85
CA GLU C 38 8.75 -35.76 -17.50
C GLU C 38 8.78 -35.72 -19.04
N ARG C 39 9.39 -36.79 -19.57
CA ARG C 39 9.61 -37.17 -20.99
C ARG C 39 8.57 -36.61 -21.96
N ASP C 40 7.28 -36.74 -21.63
CA ASP C 40 6.14 -36.47 -22.51
C ASP C 40 5.05 -35.59 -21.86
N GLY C 41 5.33 -34.98 -20.70
CA GLY C 41 4.34 -34.30 -19.83
C GLY C 41 4.47 -32.77 -19.78
N LEU C 42 4.04 -32.14 -18.68
CA LEU C 42 4.03 -30.68 -18.54
C LEU C 42 5.42 -30.01 -18.61
N PHE C 43 6.50 -30.79 -18.49
CA PHE C 43 7.90 -30.37 -18.62
C PHE C 43 8.60 -31.13 -19.78
N CYS C 44 7.84 -31.67 -20.76
CA CYS C 44 8.33 -32.36 -21.95
C CYS C 44 9.45 -31.61 -22.69
N ALA C 45 10.71 -31.91 -22.39
CA ALA C 45 11.87 -31.25 -23.00
C ALA C 45 11.93 -31.42 -24.54
N ARG C 46 11.30 -32.48 -25.08
CA ARG C 46 11.11 -32.68 -26.54
C ARG C 46 10.20 -31.64 -27.19
N ILE C 47 9.27 -31.05 -26.43
CA ILE C 47 8.33 -30.01 -26.88
C ILE C 47 8.82 -28.62 -26.45
N PHE C 48 9.43 -28.47 -25.27
CA PHE C 48 9.72 -27.15 -24.70
C PHE C 48 11.22 -26.75 -24.69
N GLY C 49 12.16 -27.68 -24.87
CA GLY C 49 13.60 -27.40 -24.83
C GLY C 49 14.30 -27.93 -23.57
N PRO C 50 15.60 -27.68 -23.40
CA PRO C 50 16.43 -28.24 -22.33
C PRO C 50 16.10 -27.72 -20.92
N VAL C 51 16.65 -28.37 -19.90
CA VAL C 51 16.26 -28.25 -18.48
C VAL C 51 17.22 -27.33 -17.72
N LYS C 52 18.39 -27.82 -17.25
CA LYS C 52 19.52 -26.93 -16.92
C LYS C 52 20.06 -26.34 -18.24
N ASP C 53 20.95 -25.34 -18.20
CA ASP C 53 21.26 -24.64 -19.46
C ASP C 53 21.97 -25.57 -20.46
N TYR C 54 21.55 -25.47 -21.72
CA TYR C 54 21.83 -26.38 -22.85
C TYR C 54 21.37 -27.85 -22.67
N GLU C 55 21.19 -28.34 -21.44
CA GLU C 55 20.95 -29.74 -21.02
C GLU C 55 19.69 -30.43 -21.55
N CYS C 56 19.86 -31.41 -22.45
CA CYS C 56 18.81 -32.39 -22.69
C CYS C 56 18.68 -33.43 -21.56
N LEU C 57 17.55 -34.13 -21.51
CA LEU C 57 17.37 -35.34 -20.69
C LEU C 57 18.38 -36.45 -21.06
N CYS C 58 18.41 -37.52 -20.25
CA CYS C 58 19.11 -38.80 -20.44
C CYS C 58 20.63 -38.82 -20.73
N GLY C 59 21.30 -37.68 -21.00
CA GLY C 59 22.76 -37.54 -20.95
C GLY C 59 23.43 -36.81 -22.12
N LYS C 60 24.77 -36.79 -22.15
CA LYS C 60 25.65 -36.54 -23.31
C LYS C 60 25.70 -35.11 -23.87
N TYR C 61 24.73 -34.26 -23.56
CA TYR C 61 24.66 -32.88 -24.06
C TYR C 61 24.27 -31.91 -22.94
N LYS C 62 25.26 -31.56 -22.10
CA LYS C 62 25.18 -30.66 -20.94
C LYS C 62 26.34 -29.64 -21.00
N ARG C 63 26.37 -28.69 -20.04
CA ARG C 63 27.30 -27.53 -19.97
C ARG C 63 27.28 -26.68 -21.26
N LEU C 64 28.09 -25.62 -21.35
CA LEU C 64 28.23 -24.86 -22.59
C LEU C 64 28.92 -25.66 -23.73
N LYS C 65 29.47 -26.84 -23.42
CA LYS C 65 30.11 -27.81 -24.32
C LYS C 65 29.25 -28.25 -25.52
N HIS C 66 27.95 -28.51 -25.33
CA HIS C 66 27.08 -29.01 -26.40
C HIS C 66 25.82 -28.15 -26.57
N ARG C 67 25.42 -27.91 -27.84
CA ARG C 67 24.39 -26.93 -28.24
C ARG C 67 24.12 -27.01 -29.74
N GLY C 68 22.86 -26.90 -30.15
CA GLY C 68 22.43 -26.98 -31.55
C GLY C 68 22.19 -28.41 -32.04
N VAL C 69 21.77 -29.31 -31.15
CA VAL C 69 21.69 -30.77 -31.38
C VAL C 69 20.35 -31.31 -30.84
N ILE C 70 20.04 -32.59 -31.10
CA ILE C 70 18.95 -33.35 -30.48
C ILE C 70 19.55 -34.69 -30.05
N CYS C 71 19.51 -34.99 -28.75
CA CYS C 71 19.97 -36.24 -28.17
C CYS C 71 19.15 -37.43 -28.67
N GLU C 72 19.82 -38.44 -29.19
CA GLU C 72 19.23 -39.71 -29.65
C GLU C 72 18.52 -40.48 -28.52
N LYS C 73 19.25 -40.81 -27.44
CA LYS C 73 18.86 -41.74 -26.36
C LYS C 73 17.44 -41.56 -25.77
N CYS C 74 16.87 -40.35 -25.84
CA CYS C 74 15.49 -40.07 -25.44
C CYS C 74 14.77 -39.05 -26.35
N GLY C 75 15.39 -38.67 -27.48
CA GLY C 75 14.82 -37.74 -28.46
C GLY C 75 14.53 -36.34 -27.90
N VAL C 76 15.54 -35.60 -27.42
CA VAL C 76 15.35 -34.30 -26.73
C VAL C 76 16.32 -33.23 -27.25
N GLU C 77 15.84 -31.99 -27.41
CA GLU C 77 16.60 -30.85 -27.94
C GLU C 77 17.69 -30.33 -26.99
N VAL C 78 18.76 -29.79 -27.58
CA VAL C 78 19.95 -29.22 -26.91
C VAL C 78 20.10 -27.75 -27.35
N THR C 79 19.39 -26.82 -26.69
CA THR C 79 19.39 -25.38 -27.02
C THR C 79 19.76 -24.49 -25.83
N GLN C 80 18.83 -23.94 -25.03
CA GLN C 80 19.08 -23.23 -23.75
C GLN C 80 17.83 -23.24 -22.85
N THR C 81 17.96 -23.19 -21.51
CA THR C 81 16.84 -23.31 -20.55
C THR C 81 15.67 -22.37 -20.84
N LYS C 82 15.99 -21.13 -21.24
CA LYS C 82 15.01 -20.10 -21.62
C LYS C 82 14.22 -20.38 -22.90
N VAL C 83 14.58 -21.40 -23.70
CA VAL C 83 13.77 -21.83 -24.85
C VAL C 83 12.40 -22.36 -24.42
N ARG C 84 12.30 -22.89 -23.19
CA ARG C 84 11.04 -23.18 -22.46
C ARG C 84 10.11 -21.95 -22.31
N ARG C 85 10.51 -20.74 -22.72
CA ARG C 85 9.71 -19.50 -22.70
C ARG C 85 8.89 -19.26 -23.97
N GLU C 86 9.23 -19.93 -25.07
CA GLU C 86 8.58 -19.66 -26.37
C GLU C 86 8.53 -20.83 -27.37
N ARG C 87 9.22 -21.94 -27.12
CA ARG C 87 9.01 -23.20 -27.86
C ARG C 87 7.69 -23.86 -27.42
N MET C 88 6.57 -23.33 -27.94
CA MET C 88 5.21 -23.68 -27.49
C MET C 88 4.86 -25.17 -27.66
N GLY C 89 3.96 -25.66 -26.81
CA GLY C 89 3.31 -26.97 -26.98
C GLY C 89 1.88 -26.84 -27.52
N HIS C 90 1.23 -27.96 -27.82
CA HIS C 90 -0.20 -27.99 -28.10
C HIS C 90 -0.87 -29.24 -27.51
N ILE C 91 -2.20 -29.23 -27.47
CA ILE C 91 -3.07 -30.31 -27.03
C ILE C 91 -4.20 -30.39 -28.05
N GLU C 92 -4.30 -31.53 -28.74
CA GLU C 92 -5.35 -31.77 -29.75
C GLU C 92 -6.67 -31.98 -29.02
N LEU C 93 -7.67 -31.11 -29.20
CA LEU C 93 -8.96 -31.24 -28.51
C LEU C 93 -9.82 -32.27 -29.25
N ALA C 94 -10.26 -33.32 -28.55
CA ALA C 94 -11.16 -34.36 -29.11
C ALA C 94 -12.63 -33.88 -29.30
N SER C 95 -12.85 -32.57 -29.39
CA SER C 95 -14.07 -31.92 -29.86
C SER C 95 -13.69 -30.54 -30.41
N PRO C 96 -14.38 -30.02 -31.44
CA PRO C 96 -14.54 -28.57 -31.58
C PRO C 96 -15.05 -27.99 -30.26
N THR C 97 -14.46 -26.89 -29.81
CA THR C 97 -14.61 -26.33 -28.46
C THR C 97 -14.61 -24.80 -28.57
N ALA C 98 -15.31 -24.13 -27.64
CA ALA C 98 -15.31 -22.68 -27.51
C ALA C 98 -13.92 -22.08 -27.17
N HIS C 99 -13.90 -20.74 -27.07
CA HIS C 99 -12.87 -19.95 -26.43
C HIS C 99 -13.57 -18.80 -25.70
N ILE C 100 -13.54 -18.81 -24.37
CA ILE C 100 -14.41 -18.01 -23.49
C ILE C 100 -14.62 -16.54 -23.90
N TRP C 101 -13.58 -15.81 -24.29
CA TRP C 101 -13.67 -14.39 -24.70
C TRP C 101 -14.49 -14.15 -25.99
N PHE C 102 -14.98 -15.18 -26.68
CA PHE C 102 -15.93 -15.03 -27.80
C PHE C 102 -17.40 -15.29 -27.39
N LEU C 103 -17.62 -15.74 -26.15
CA LEU C 103 -18.92 -16.16 -25.62
C LEU C 103 -19.30 -15.39 -24.35
N LYS C 104 -18.43 -15.40 -23.32
CA LYS C 104 -18.51 -14.58 -22.11
C LYS C 104 -17.61 -13.37 -22.30
N SER C 105 -18.20 -12.33 -22.88
CA SER C 105 -17.51 -11.13 -23.38
C SER C 105 -18.50 -10.00 -23.73
N LEU C 106 -19.67 -9.91 -23.06
CA LEU C 106 -20.84 -9.09 -23.46
C LEU C 106 -20.41 -7.69 -23.95
N PRO C 107 -20.64 -7.29 -25.23
CA PRO C 107 -21.60 -7.82 -26.24
C PRO C 107 -21.49 -9.27 -26.72
N SER C 108 -20.36 -9.96 -26.49
CA SER C 108 -20.04 -11.29 -27.04
C SER C 108 -19.68 -11.24 -28.53
N ARG C 109 -19.36 -12.38 -29.15
CA ARG C 109 -18.89 -12.42 -30.56
C ARG C 109 -19.43 -13.58 -31.39
N ILE C 110 -19.68 -14.77 -30.83
CA ILE C 110 -20.18 -15.93 -31.61
C ILE C 110 -21.57 -15.64 -32.24
N GLY C 111 -22.48 -15.00 -31.50
CA GLY C 111 -23.80 -14.61 -32.02
C GLY C 111 -23.73 -13.72 -33.27
N LEU C 112 -22.75 -12.80 -33.33
CA LEU C 112 -22.52 -11.86 -34.43
C LEU C 112 -22.01 -12.50 -35.74
N LEU C 113 -22.00 -13.84 -35.83
CA LEU C 113 -21.69 -14.63 -37.01
C LEU C 113 -22.80 -15.65 -37.35
N LEU C 114 -23.89 -15.70 -36.57
CA LEU C 114 -24.97 -16.69 -36.69
C LEU C 114 -26.38 -16.08 -36.54
N ASP C 115 -26.51 -14.91 -35.91
CA ASP C 115 -27.74 -14.18 -35.61
C ASP C 115 -28.88 -15.06 -35.05
N MET C 116 -28.54 -15.85 -34.03
CA MET C 116 -29.34 -16.94 -33.46
C MET C 116 -29.16 -16.93 -31.92
N PRO C 117 -30.18 -17.24 -31.10
CA PRO C 117 -30.21 -16.99 -29.65
C PRO C 117 -28.93 -17.25 -28.86
N LEU C 118 -28.26 -16.16 -28.47
CA LEU C 118 -27.03 -16.17 -27.66
C LEU C 118 -27.20 -16.89 -26.30
N ARG C 119 -28.43 -16.91 -25.76
CA ARG C 119 -28.82 -17.64 -24.54
C ARG C 119 -28.44 -19.14 -24.59
N ASP C 120 -28.50 -19.73 -25.78
CA ASP C 120 -28.48 -21.20 -25.95
C ASP C 120 -27.53 -21.70 -27.04
N ILE C 121 -26.86 -20.81 -27.80
CA ILE C 121 -25.65 -21.14 -28.58
C ILE C 121 -24.64 -21.95 -27.74
N GLU C 122 -24.49 -21.63 -26.44
CA GLU C 122 -23.63 -22.36 -25.52
C GLU C 122 -23.98 -23.87 -25.40
N ARG C 123 -25.27 -24.25 -25.43
CA ARG C 123 -25.71 -25.65 -25.42
C ARG C 123 -25.34 -26.43 -26.67
N VAL C 124 -25.40 -25.76 -27.83
CA VAL C 124 -24.94 -26.35 -29.09
C VAL C 124 -23.44 -26.65 -29.02
N LEU C 125 -22.66 -25.82 -28.33
CA LEU C 125 -21.23 -26.07 -28.07
C LEU C 125 -20.98 -27.12 -26.97
N TYR C 126 -21.81 -27.19 -25.93
CA TYR C 126 -21.89 -28.33 -25.00
C TYR C 126 -22.44 -29.62 -25.62
N PHE C 127 -22.74 -29.62 -26.93
CA PHE C 127 -23.09 -30.82 -27.70
C PHE C 127 -24.41 -31.45 -27.17
N GLU C 128 -25.47 -30.65 -27.10
CA GLU C 128 -26.80 -31.03 -26.60
C GLU C 128 -27.88 -31.17 -27.70
N SER C 129 -27.61 -30.75 -28.95
CA SER C 129 -28.62 -30.71 -30.04
C SER C 129 -28.01 -30.75 -31.45
N TYR C 130 -28.85 -30.85 -32.49
CA TYR C 130 -28.47 -30.95 -33.91
C TYR C 130 -28.93 -29.74 -34.74
N VAL C 131 -28.34 -29.58 -35.93
CA VAL C 131 -28.71 -28.55 -36.91
C VAL C 131 -28.42 -29.00 -38.36
N VAL C 132 -29.21 -28.51 -39.32
CA VAL C 132 -29.02 -28.73 -40.77
C VAL C 132 -27.90 -27.84 -41.32
N ILE C 133 -27.04 -28.40 -42.19
CA ILE C 133 -25.72 -27.81 -42.53
C ILE C 133 -25.59 -27.49 -44.02
N GLU C 134 -25.95 -28.40 -44.93
CA GLU C 134 -25.58 -28.25 -46.35
C GLU C 134 -26.50 -29.04 -47.30
N GLY C 135 -26.62 -28.59 -48.56
CA GLY C 135 -27.18 -29.41 -49.64
C GLY C 135 -27.69 -28.70 -50.89
N GLY C 136 -28.04 -29.53 -51.87
CA GLY C 136 -28.78 -29.19 -53.09
C GLY C 136 -29.96 -30.13 -53.38
N MET C 137 -30.00 -31.30 -52.71
CA MET C 137 -31.17 -32.20 -52.62
C MET C 137 -31.91 -31.98 -51.29
N THR C 138 -31.99 -30.73 -50.87
CA THR C 138 -32.64 -30.21 -49.65
C THR C 138 -34.13 -30.57 -49.55
N ASN C 139 -34.62 -30.69 -48.32
CA ASN C 139 -36.04 -30.84 -47.99
C ASN C 139 -36.37 -30.03 -46.73
N LEU C 140 -35.58 -30.22 -45.66
CA LEU C 140 -35.25 -29.14 -44.73
C LEU C 140 -34.14 -28.24 -45.33
N GLU C 141 -33.87 -27.12 -44.67
CA GLU C 141 -32.84 -26.13 -45.04
C GLU C 141 -32.00 -25.73 -43.81
N ARG C 142 -30.90 -25.02 -44.06
CA ARG C 142 -29.81 -24.72 -43.10
C ARG C 142 -30.30 -23.93 -41.87
N GLN C 143 -29.57 -24.07 -40.76
CA GLN C 143 -29.90 -23.52 -39.42
C GLN C 143 -31.21 -24.02 -38.78
N GLN C 144 -32.04 -24.83 -39.46
CA GLN C 144 -33.07 -25.65 -38.79
C GLN C 144 -32.42 -26.57 -37.74
N ILE C 145 -32.78 -26.39 -36.46
CA ILE C 145 -32.36 -27.25 -35.35
C ILE C 145 -33.19 -28.54 -35.27
N LEU C 146 -32.66 -29.56 -34.58
CA LEU C 146 -33.29 -30.86 -34.32
C LEU C 146 -32.78 -31.48 -33.01
N THR C 147 -33.51 -32.49 -32.51
CA THR C 147 -32.99 -33.60 -31.68
C THR C 147 -32.31 -34.64 -32.60
N GLU C 148 -32.37 -35.96 -32.36
CA GLU C 148 -31.62 -36.95 -33.18
C GLU C 148 -32.34 -38.25 -33.59
N GLU C 149 -33.50 -38.55 -33.02
CA GLU C 149 -34.25 -39.81 -33.20
C GLU C 149 -35.00 -40.00 -34.54
N GLN C 150 -34.62 -39.30 -35.63
CA GLN C 150 -35.16 -39.53 -36.99
C GLN C 150 -34.21 -39.07 -38.13
N TYR C 151 -34.19 -39.80 -39.26
CA TYR C 151 -33.36 -39.47 -40.44
C TYR C 151 -33.67 -40.23 -41.77
N LEU C 152 -34.46 -41.32 -41.75
CA LEU C 152 -34.08 -42.56 -42.48
C LEU C 152 -34.21 -42.59 -44.03
N ASP C 153 -35.36 -43.00 -44.58
CA ASP C 153 -35.43 -43.67 -45.92
C ASP C 153 -35.04 -42.79 -47.13
N ALA C 154 -35.33 -41.48 -47.07
CA ALA C 154 -35.21 -40.56 -48.20
C ALA C 154 -33.81 -40.53 -48.87
N LEU C 155 -32.78 -40.99 -48.16
CA LEU C 155 -31.40 -41.14 -48.66
C LEU C 155 -31.29 -41.98 -49.95
N GLU C 156 -32.23 -42.88 -50.26
CA GLU C 156 -32.23 -43.63 -51.53
C GLU C 156 -32.54 -42.78 -52.77
N GLU C 157 -33.25 -41.64 -52.66
CA GLU C 157 -33.52 -40.72 -53.81
C GLU C 157 -32.91 -39.31 -53.62
N PHE C 158 -32.59 -38.88 -52.39
CA PHE C 158 -32.01 -37.56 -52.08
C PHE C 158 -30.59 -37.62 -51.51
N GLY C 159 -30.16 -38.78 -50.97
CA GLY C 159 -28.92 -38.96 -50.21
C GLY C 159 -27.66 -39.05 -51.09
N ASP C 160 -27.46 -38.06 -51.94
CA ASP C 160 -26.23 -37.84 -52.72
C ASP C 160 -25.69 -36.41 -52.51
N GLU C 161 -26.54 -35.44 -52.13
CA GLU C 161 -26.21 -34.00 -52.08
C GLU C 161 -26.96 -33.24 -50.95
N PHE C 162 -26.93 -33.74 -49.69
CA PHE C 162 -27.51 -33.07 -48.48
C PHE C 162 -26.89 -33.61 -47.16
N ASP C 163 -26.80 -32.81 -46.09
CA ASP C 163 -26.32 -33.23 -44.75
C ASP C 163 -26.80 -32.35 -43.56
N ALA C 164 -26.96 -32.97 -42.38
CA ALA C 164 -27.30 -32.35 -41.08
C ALA C 164 -26.63 -33.11 -39.92
N LYS C 165 -26.24 -32.45 -38.80
CA LYS C 165 -25.45 -33.11 -37.72
C LYS C 165 -25.46 -32.36 -36.37
N MET C 166 -24.77 -32.93 -35.36
CA MET C 166 -24.78 -32.47 -33.97
C MET C 166 -23.81 -31.30 -33.68
N GLY C 167 -24.26 -30.39 -32.82
CA GLY C 167 -23.45 -29.51 -31.96
C GLY C 167 -22.31 -28.71 -32.59
N ALA C 168 -21.23 -28.54 -31.82
CA ALA C 168 -20.04 -27.78 -32.19
C ALA C 168 -19.44 -28.17 -33.55
N GLU C 169 -19.41 -29.47 -33.88
CA GLU C 169 -19.07 -29.99 -35.20
C GLU C 169 -19.93 -29.40 -36.31
N ALA C 170 -21.25 -29.36 -36.13
CA ALA C 170 -22.19 -28.83 -37.11
C ALA C 170 -22.07 -27.30 -37.28
N ILE C 171 -21.92 -26.54 -36.18
CA ILE C 171 -21.62 -25.09 -36.26
C ILE C 171 -20.31 -24.86 -37.02
N GLN C 172 -19.22 -25.55 -36.63
CA GLN C 172 -17.94 -25.36 -37.30
C GLN C 172 -17.98 -25.81 -38.78
N ALA C 173 -18.81 -26.80 -39.14
CA ALA C 173 -19.04 -27.22 -40.52
C ALA C 173 -19.81 -26.17 -41.35
N LEU C 174 -20.89 -25.59 -40.82
CA LEU C 174 -21.68 -24.55 -41.49
C LEU C 174 -20.81 -23.34 -41.89
N LEU C 175 -19.86 -22.96 -41.03
CA LEU C 175 -18.85 -21.91 -41.24
C LEU C 175 -17.79 -22.22 -42.34
N LYS C 176 -18.11 -23.08 -43.32
CA LYS C 176 -17.35 -23.34 -44.56
C LYS C 176 -18.04 -22.82 -45.83
N SER C 177 -19.33 -22.50 -45.79
CA SER C 177 -20.18 -22.40 -47.00
C SER C 177 -20.71 -20.99 -47.32
N MET C 178 -20.30 -19.97 -46.56
CA MET C 178 -20.48 -18.56 -46.95
C MET C 178 -19.50 -18.13 -48.07
N ASP C 179 -19.81 -17.03 -48.77
CA ASP C 179 -18.99 -16.51 -49.87
C ASP C 179 -18.82 -14.99 -49.79
N LEU C 180 -17.64 -14.55 -49.31
CA LEU C 180 -17.29 -13.14 -49.14
C LEU C 180 -17.07 -12.38 -50.46
N GLU C 181 -16.96 -13.03 -51.63
CA GLU C 181 -17.01 -12.33 -52.93
C GLU C 181 -18.45 -11.88 -53.29
N GLN C 182 -19.46 -12.30 -52.51
CA GLN C 182 -20.88 -11.98 -52.77
C GLN C 182 -21.67 -11.51 -51.53
N GLU C 183 -21.36 -11.94 -50.30
CA GLU C 183 -22.07 -11.52 -49.08
C GLU C 183 -21.84 -10.03 -48.79
N CYS C 184 -20.58 -9.64 -48.51
CA CYS C 184 -20.24 -8.29 -48.05
C CYS C 184 -20.62 -7.18 -49.06
N GLU C 185 -20.51 -7.46 -50.37
CA GLU C 185 -20.91 -6.49 -51.40
C GLU C 185 -22.43 -6.28 -51.48
N GLN C 186 -23.25 -7.28 -51.11
CA GLN C 186 -24.72 -7.18 -51.16
C GLN C 186 -25.34 -6.68 -49.85
N LEU C 187 -24.67 -6.84 -48.70
CA LEU C 187 -25.08 -6.33 -47.37
C LEU C 187 -25.20 -4.78 -47.25
N ARG C 188 -25.15 -4.02 -48.36
CA ARG C 188 -25.03 -2.55 -48.33
C ARG C 188 -26.03 -1.78 -49.23
N GLU C 189 -26.95 -2.41 -49.97
CA GLU C 189 -27.89 -1.66 -50.84
C GLU C 189 -29.13 -1.07 -50.10
N GLU C 190 -29.46 -1.54 -48.89
CA GLU C 190 -30.41 -0.89 -47.95
C GLU C 190 -30.12 0.61 -47.75
N LEU C 191 -28.82 0.96 -47.81
CA LEU C 191 -28.27 2.31 -47.60
C LEU C 191 -28.62 3.31 -48.73
N ASN C 192 -29.28 2.86 -49.81
CA ASN C 192 -29.76 3.72 -50.88
C ASN C 192 -30.98 4.57 -50.46
N GLU C 193 -32.05 3.94 -49.95
CA GLU C 193 -33.36 4.60 -49.75
C GLU C 193 -34.20 4.05 -48.56
N THR C 194 -33.77 3.01 -47.82
CA THR C 194 -34.73 2.21 -46.99
C THR C 194 -34.32 1.78 -45.57
N ASN C 195 -33.04 1.83 -45.18
CA ASN C 195 -32.54 1.24 -43.92
C ASN C 195 -33.34 1.57 -42.61
N SER C 196 -33.58 0.54 -41.79
CA SER C 196 -34.29 0.59 -40.48
C SER C 196 -33.36 0.95 -39.28
N GLU C 197 -33.75 0.67 -38.01
CA GLU C 197 -33.09 1.17 -36.78
C GLU C 197 -32.71 0.13 -35.71
N THR C 198 -33.57 -0.48 -34.88
CA THR C 198 -33.12 -1.53 -33.92
C THR C 198 -32.45 -2.73 -34.60
N LYS C 199 -32.95 -3.19 -35.74
CA LYS C 199 -32.21 -4.20 -36.53
C LYS C 199 -30.82 -3.69 -36.94
N ARG C 200 -30.66 -2.39 -37.18
CA ARG C 200 -29.36 -1.72 -37.39
C ARG C 200 -28.53 -1.64 -36.10
N LYS C 201 -29.13 -1.33 -34.94
CA LYS C 201 -28.50 -1.32 -33.60
C LYS C 201 -27.87 -2.67 -33.24
N LYS C 202 -28.48 -3.81 -33.62
CA LYS C 202 -27.86 -5.15 -33.58
C LYS C 202 -26.96 -5.41 -34.79
N LEU C 203 -27.53 -5.59 -35.99
CA LEU C 203 -26.85 -6.18 -37.15
C LEU C 203 -25.66 -5.38 -37.69
N THR C 204 -25.56 -4.06 -37.45
CA THR C 204 -24.31 -3.34 -37.79
C THR C 204 -23.09 -3.88 -37.06
N LYS C 205 -23.25 -4.50 -35.89
CA LYS C 205 -22.17 -5.22 -35.20
C LYS C 205 -21.63 -6.39 -36.06
N ARG C 206 -22.50 -7.22 -36.65
CA ARG C 206 -22.13 -8.25 -37.64
C ARG C 206 -21.54 -7.64 -38.93
N ILE C 207 -22.20 -6.62 -39.50
CA ILE C 207 -21.74 -6.03 -40.78
C ILE C 207 -20.33 -5.44 -40.62
N LYS C 208 -20.05 -4.74 -39.51
CA LYS C 208 -18.71 -4.27 -39.16
C LYS C 208 -17.73 -5.42 -38.93
N LEU C 209 -18.13 -6.46 -38.21
CA LEU C 209 -17.30 -7.66 -37.98
C LEU C 209 -16.88 -8.32 -39.30
N LEU C 210 -17.81 -8.55 -40.24
CA LEU C 210 -17.53 -9.17 -41.53
C LEU C 210 -16.68 -8.29 -42.45
N GLU C 211 -16.99 -7.00 -42.58
CA GLU C 211 -16.16 -6.06 -43.34
C GLU C 211 -14.74 -5.97 -42.72
N ALA C 212 -14.65 -5.86 -41.39
CA ALA C 212 -13.37 -5.90 -40.67
C ALA C 212 -12.60 -7.22 -40.88
N PHE C 213 -13.27 -8.37 -40.94
CA PHE C 213 -12.64 -9.64 -41.29
C PHE C 213 -12.02 -9.59 -42.69
N VAL C 214 -12.77 -9.12 -43.70
CA VAL C 214 -12.30 -8.96 -45.09
C VAL C 214 -11.10 -8.02 -45.18
N GLN C 215 -11.18 -6.84 -44.53
CA GLN C 215 -10.11 -5.84 -44.57
C GLN C 215 -8.90 -6.15 -43.66
N SER C 216 -8.91 -7.24 -42.87
CA SER C 216 -7.82 -7.57 -41.92
C SER C 216 -7.27 -8.99 -41.99
N GLY C 217 -7.97 -9.93 -42.63
CA GLY C 217 -7.53 -11.31 -42.88
C GLY C 217 -8.04 -12.36 -41.88
N ASN C 218 -9.18 -12.12 -41.22
CA ASN C 218 -9.76 -13.06 -40.26
C ASN C 218 -10.64 -14.16 -40.90
N LYS C 219 -10.97 -15.19 -40.12
CA LYS C 219 -11.71 -16.39 -40.56
C LYS C 219 -12.62 -16.92 -39.43
N PRO C 220 -13.92 -17.18 -39.66
CA PRO C 220 -14.88 -17.49 -38.59
C PRO C 220 -14.67 -18.85 -37.91
N GLU C 221 -13.95 -19.79 -38.55
CA GLU C 221 -13.54 -21.06 -37.90
C GLU C 221 -12.84 -20.85 -36.55
N TRP C 222 -12.15 -19.72 -36.38
CA TRP C 222 -11.38 -19.39 -35.19
C TRP C 222 -12.23 -19.09 -33.94
N MET C 223 -13.56 -19.03 -34.07
CA MET C 223 -14.47 -19.02 -32.91
C MET C 223 -14.52 -20.37 -32.19
N ILE C 224 -14.42 -21.50 -32.93
CA ILE C 224 -14.70 -22.86 -32.43
C ILE C 224 -13.49 -23.76 -32.74
N LEU C 225 -12.45 -23.65 -31.91
CA LEU C 225 -11.15 -24.28 -32.10
C LEU C 225 -11.16 -25.79 -31.83
N THR C 226 -10.12 -26.49 -32.29
CA THR C 226 -9.90 -27.95 -32.08
C THR C 226 -8.50 -28.24 -31.52
N VAL C 227 -7.78 -27.21 -31.08
CA VAL C 227 -6.40 -27.30 -30.57
C VAL C 227 -6.21 -26.23 -29.51
N LEU C 228 -5.77 -26.64 -28.32
CA LEU C 228 -5.31 -25.74 -27.26
C LEU C 228 -3.79 -25.56 -27.40
N PRO C 229 -3.28 -24.34 -27.69
CA PRO C 229 -1.86 -24.04 -27.51
C PRO C 229 -1.49 -24.08 -26.02
N VAL C 230 -0.25 -24.44 -25.69
CA VAL C 230 0.19 -24.65 -24.30
C VAL C 230 1.26 -23.62 -23.92
N LEU C 231 0.97 -22.88 -22.84
CA LEU C 231 1.86 -21.91 -22.21
C LEU C 231 3.26 -22.51 -21.96
N PRO C 232 4.31 -21.99 -22.64
CA PRO C 232 5.70 -22.40 -22.42
C PRO C 232 6.11 -22.43 -20.93
N PRO C 233 6.65 -23.56 -20.40
CA PRO C 233 6.97 -23.74 -18.98
C PRO C 233 7.71 -22.63 -18.26
N ASP C 234 8.59 -21.88 -18.92
CA ASP C 234 9.39 -20.80 -18.30
C ASP C 234 8.57 -19.54 -17.95
N LEU C 235 7.35 -19.43 -18.49
CA LEU C 235 6.34 -18.42 -18.13
C LEU C 235 5.50 -18.83 -16.90
N ARG C 236 5.66 -20.08 -16.45
CA ARG C 236 5.00 -20.72 -15.30
C ARG C 236 6.03 -21.53 -14.49
N PRO C 237 7.21 -20.93 -14.21
CA PRO C 237 8.53 -21.56 -14.26
C PRO C 237 8.66 -22.89 -13.50
N LEU C 238 8.43 -23.99 -14.21
CA LEU C 238 8.68 -25.34 -13.71
C LEU C 238 10.17 -25.54 -13.37
N VAL C 239 10.42 -25.78 -12.08
CA VAL C 239 11.68 -26.17 -11.42
C VAL C 239 11.32 -26.93 -10.13
N PRO C 240 12.22 -27.77 -9.58
CA PRO C 240 12.13 -28.24 -8.19
C PRO C 240 12.52 -27.11 -7.22
N LEU C 241 12.32 -27.38 -5.92
CA LEU C 241 12.73 -26.54 -4.79
C LEU C 241 13.59 -27.38 -3.83
N ASP C 242 14.48 -26.73 -3.08
CA ASP C 242 15.38 -27.36 -2.10
C ASP C 242 14.63 -28.14 -1.02
N GLY C 243 13.47 -27.64 -0.58
CA GLY C 243 12.54 -28.34 0.34
C GLY C 243 11.83 -29.57 -0.23
N GLY C 244 12.40 -30.26 -1.22
CA GLY C 244 11.85 -31.48 -1.87
C GLY C 244 10.45 -31.35 -2.46
N ARG C 245 10.04 -30.12 -2.79
CA ARG C 245 8.73 -29.72 -3.31
C ARG C 245 8.94 -29.09 -4.71
N PHE C 246 7.90 -28.81 -5.49
CA PHE C 246 8.04 -28.42 -6.91
C PHE C 246 7.20 -27.18 -7.27
N ALA C 247 7.56 -26.49 -8.34
CA ALA C 247 6.85 -25.31 -8.86
C ALA C 247 5.49 -25.62 -9.54
N THR C 248 4.72 -26.59 -9.03
CA THR C 248 3.45 -27.12 -9.57
C THR C 248 2.29 -26.11 -9.72
N SER C 249 2.49 -24.82 -9.43
CA SER C 249 1.45 -23.78 -9.37
C SER C 249 0.55 -23.70 -10.62
N ASP C 250 -0.75 -23.53 -10.34
CA ASP C 250 -1.83 -22.91 -11.12
C ASP C 250 -1.78 -23.10 -12.64
N LEU C 251 -0.96 -22.32 -13.35
CA LEU C 251 -0.78 -22.39 -14.81
C LEU C 251 -0.10 -23.68 -15.30
N ASN C 252 0.28 -24.57 -14.38
CA ASN C 252 0.62 -25.97 -14.62
C ASN C 252 -0.58 -26.87 -14.31
N ASP C 253 -1.13 -26.82 -13.09
CA ASP C 253 -2.21 -27.69 -12.65
C ASP C 253 -3.51 -27.59 -13.48
N LEU C 254 -3.90 -26.39 -13.92
CA LEU C 254 -5.02 -26.21 -14.85
C LEU C 254 -4.86 -27.05 -16.13
N TYR C 255 -3.63 -27.14 -16.66
CA TYR C 255 -3.35 -28.02 -17.80
C TYR C 255 -3.39 -29.51 -17.42
N ARG C 256 -3.03 -29.93 -16.19
CA ARG C 256 -3.21 -31.32 -15.75
C ARG C 256 -4.68 -31.75 -15.88
N ARG C 257 -5.60 -30.93 -15.34
CA ARG C 257 -7.04 -31.20 -15.38
C ARG C 257 -7.59 -31.24 -16.82
N VAL C 258 -7.18 -30.31 -17.68
CA VAL C 258 -7.52 -30.33 -19.13
C VAL C 258 -6.94 -31.57 -19.84
N ILE C 259 -5.67 -31.90 -19.64
CA ILE C 259 -5.02 -33.09 -20.21
C ILE C 259 -5.76 -34.36 -19.81
N ASN C 260 -6.13 -34.50 -18.54
CA ASN C 260 -6.82 -35.69 -18.05
C ASN C 260 -8.19 -35.88 -18.71
N ARG C 261 -9.02 -34.83 -18.71
CA ARG C 261 -10.35 -34.81 -19.34
C ARG C 261 -10.28 -35.12 -20.83
N ASN C 262 -9.38 -34.46 -21.55
CA ASN C 262 -9.16 -34.71 -22.98
C ASN C 262 -8.61 -36.13 -23.25
N ASN C 263 -7.72 -36.66 -22.42
CA ASN C 263 -7.23 -38.04 -22.54
C ASN C 263 -8.31 -39.09 -22.21
N ARG C 264 -9.31 -38.77 -21.37
CA ARG C 264 -10.53 -39.60 -21.26
C ARG C 264 -11.37 -39.51 -22.53
N LEU C 265 -11.72 -38.31 -23.00
CA LEU C 265 -12.54 -38.10 -24.21
C LEU C 265 -11.95 -38.83 -25.43
N LYS C 266 -10.63 -38.79 -25.60
CA LYS C 266 -9.88 -39.61 -26.58
C LYS C 266 -10.14 -41.10 -26.38
N ARG C 267 -9.77 -41.68 -25.23
CA ARG C 267 -9.97 -43.11 -24.92
C ARG C 267 -11.41 -43.60 -25.12
N LEU C 268 -12.40 -42.78 -24.77
CA LEU C 268 -13.81 -43.08 -24.95
C LEU C 268 -14.21 -43.19 -26.43
N LEU C 269 -13.69 -42.30 -27.29
CA LEU C 269 -13.85 -42.38 -28.75
C LEU C 269 -13.01 -43.52 -29.36
N ASP C 270 -11.76 -43.70 -28.91
CA ASP C 270 -10.84 -44.77 -29.34
C ASP C 270 -11.42 -46.19 -29.10
N LEU C 271 -12.25 -46.33 -28.05
CA LEU C 271 -12.97 -47.57 -27.70
C LEU C 271 -14.43 -47.62 -28.22
N ALA C 272 -14.93 -46.52 -28.81
CA ALA C 272 -16.36 -46.30 -29.06
C ALA C 272 -17.26 -46.71 -27.87
N ALA C 273 -17.06 -46.03 -26.74
CA ALA C 273 -17.83 -46.13 -25.50
C ALA C 273 -19.31 -45.71 -25.66
N PRO C 274 -20.18 -45.94 -24.65
CA PRO C 274 -21.44 -45.20 -24.47
C PRO C 274 -21.29 -43.69 -24.68
N ASP C 275 -22.07 -43.13 -25.60
CA ASP C 275 -21.97 -41.71 -25.98
C ASP C 275 -22.33 -40.75 -24.82
N ILE C 276 -23.07 -41.21 -23.80
CA ILE C 276 -23.24 -40.51 -22.51
C ILE C 276 -21.88 -40.03 -21.95
N ILE C 277 -20.93 -40.95 -21.86
CA ILE C 277 -19.64 -40.70 -21.21
C ILE C 277 -18.82 -39.72 -22.08
N VAL C 278 -18.95 -39.80 -23.40
CA VAL C 278 -18.38 -38.87 -24.39
C VAL C 278 -18.99 -37.46 -24.27
N ARG C 279 -20.32 -37.36 -24.20
CA ARG C 279 -21.08 -36.11 -24.06
C ARG C 279 -20.73 -35.38 -22.76
N ASN C 280 -20.74 -36.09 -21.62
CA ASN C 280 -20.25 -35.57 -20.34
C ASN C 280 -18.78 -35.10 -20.43
N GLU C 281 -17.88 -35.90 -20.99
CA GLU C 281 -16.46 -35.51 -21.09
C GLU C 281 -16.21 -34.34 -22.07
N LYS C 282 -17.01 -34.17 -23.14
CA LYS C 282 -17.00 -32.94 -23.96
C LYS C 282 -17.32 -31.71 -23.11
N ARG C 283 -18.40 -31.78 -22.32
CA ARG C 283 -18.88 -30.70 -21.46
C ARG C 283 -17.86 -30.37 -20.37
N MET C 284 -17.30 -31.39 -19.71
CA MET C 284 -16.19 -31.26 -18.77
C MET C 284 -14.90 -30.73 -19.43
N LEU C 285 -14.58 -31.09 -20.67
CA LEU C 285 -13.41 -30.55 -21.38
C LEU C 285 -13.59 -29.05 -21.68
N GLN C 286 -14.73 -28.63 -22.23
CA GLN C 286 -15.01 -27.21 -22.46
C GLN C 286 -14.97 -26.40 -21.14
N GLU C 287 -15.62 -26.91 -20.08
CA GLU C 287 -15.50 -26.36 -18.73
C GLU C 287 -14.04 -26.12 -18.29
N ALA C 288 -13.16 -27.10 -18.49
CA ALA C 288 -11.76 -27.00 -18.09
C ALA C 288 -10.93 -26.10 -19.01
N VAL C 289 -11.19 -26.08 -20.31
CA VAL C 289 -10.53 -25.19 -21.28
C VAL C 289 -10.90 -23.74 -21.00
N ASP C 290 -12.19 -23.42 -20.87
CA ASP C 290 -12.64 -22.04 -20.64
C ASP C 290 -12.28 -21.53 -19.23
N ALA C 291 -12.23 -22.40 -18.22
CA ALA C 291 -11.66 -22.05 -16.91
C ALA C 291 -10.12 -21.87 -16.93
N LEU C 292 -9.38 -22.64 -17.73
CA LEU C 292 -7.96 -22.38 -17.98
C LEU C 292 -7.73 -21.01 -18.66
N LEU C 293 -8.59 -20.66 -19.62
CA LEU C 293 -8.57 -19.37 -20.30
C LEU C 293 -8.88 -18.20 -19.34
N ASP C 294 -10.04 -18.18 -18.66
CA ASP C 294 -10.47 -17.07 -17.79
C ASP C 294 -11.30 -17.53 -16.57
N ASN C 295 -10.63 -18.25 -15.65
CA ASN C 295 -11.17 -18.87 -14.45
C ASN C 295 -12.14 -17.97 -13.65
N GLY C 296 -13.31 -18.50 -13.32
CA GLY C 296 -14.40 -17.77 -12.64
C GLY C 296 -15.48 -17.31 -13.62
N ARG C 297 -15.09 -16.75 -14.77
CA ARG C 297 -16.00 -16.11 -15.73
C ARG C 297 -17.09 -17.04 -16.28
N ARG C 298 -16.80 -18.33 -16.44
CA ARG C 298 -17.75 -19.38 -16.87
C ARG C 298 -18.74 -19.78 -15.75
N GLY C 299 -19.24 -18.81 -14.96
CA GLY C 299 -20.13 -19.00 -13.82
C GLY C 299 -19.63 -19.95 -12.72
N ARG C 300 -18.34 -20.30 -12.70
CA ARG C 300 -17.65 -21.24 -11.79
C ARG C 300 -16.13 -21.09 -11.91
N ALA C 301 -15.40 -21.57 -10.90
CA ALA C 301 -13.94 -21.55 -10.88
C ALA C 301 -13.33 -22.91 -10.46
N ILE C 302 -12.16 -23.21 -11.00
CA ILE C 302 -11.30 -24.35 -10.60
C ILE C 302 -10.38 -23.91 -9.44
N THR C 303 -10.27 -24.77 -8.42
CA THR C 303 -9.72 -24.46 -7.09
C THR C 303 -8.73 -25.52 -6.56
N GLY C 304 -8.15 -25.29 -5.38
CA GLY C 304 -7.30 -26.25 -4.65
C GLY C 304 -7.49 -26.17 -3.12
N SER C 305 -6.86 -27.08 -2.36
CA SER C 305 -7.20 -27.40 -0.96
C SER C 305 -7.25 -26.21 0.00
N ASN C 306 -6.38 -25.21 -0.13
CA ASN C 306 -6.46 -23.93 0.60
C ASN C 306 -7.57 -22.99 0.04
N LYS C 307 -8.74 -23.59 -0.28
CA LYS C 307 -9.98 -23.11 -0.92
C LYS C 307 -9.90 -22.29 -2.22
N ARG C 308 -8.80 -21.56 -2.44
CA ARG C 308 -8.64 -20.54 -3.48
C ARG C 308 -8.88 -21.06 -4.91
N PRO C 309 -9.28 -20.17 -5.84
CA PRO C 309 -9.16 -20.44 -7.27
C PRO C 309 -7.69 -20.50 -7.72
N LEU C 310 -7.46 -21.12 -8.86
CA LEU C 310 -6.17 -21.10 -9.58
C LEU C 310 -6.10 -19.91 -10.55
N LYS C 311 -4.92 -19.27 -10.69
CA LYS C 311 -4.70 -18.18 -11.64
C LYS C 311 -4.86 -18.65 -13.10
N SER C 312 -5.75 -18.01 -13.86
CA SER C 312 -5.96 -18.29 -15.30
C SER C 312 -4.93 -17.64 -16.21
N LEU C 313 -4.96 -18.01 -17.50
CA LEU C 313 -4.20 -17.32 -18.55
C LEU C 313 -4.62 -15.84 -18.69
N ALA C 314 -5.93 -15.56 -18.65
CA ALA C 314 -6.48 -14.21 -18.74
C ALA C 314 -6.12 -13.32 -17.53
N ASP C 315 -5.76 -13.88 -16.38
CA ASP C 315 -5.24 -13.11 -15.24
C ASP C 315 -3.80 -12.60 -15.45
N MET C 316 -3.14 -12.97 -16.56
CA MET C 316 -2.00 -12.21 -17.08
C MET C 316 -2.42 -10.96 -17.87
N ILE C 317 -3.71 -10.70 -18.09
CA ILE C 317 -4.18 -9.62 -18.98
C ILE C 317 -5.39 -8.83 -18.44
N LYS C 318 -6.56 -9.44 -18.18
CA LYS C 318 -7.87 -8.74 -18.23
C LYS C 318 -8.04 -7.62 -17.19
N GLY C 319 -7.89 -7.95 -15.91
CA GLY C 319 -8.07 -7.01 -14.79
C GLY C 319 -6.73 -6.46 -14.28
N LYS C 320 -6.78 -5.66 -13.20
CA LYS C 320 -5.64 -4.95 -12.61
C LYS C 320 -4.26 -5.62 -12.73
N GLN C 321 -4.12 -6.88 -12.29
CA GLN C 321 -2.84 -7.61 -12.21
C GLN C 321 -2.15 -7.88 -13.58
N GLY C 322 -2.83 -7.67 -14.71
CA GLY C 322 -2.30 -8.03 -16.03
C GLY C 322 -1.03 -7.29 -16.45
N ARG C 323 -0.25 -7.90 -17.37
CA ARG C 323 1.07 -7.42 -17.84
C ARG C 323 1.09 -5.95 -18.20
N PHE C 324 0.06 -5.48 -18.90
CA PHE C 324 -0.12 -4.08 -19.29
C PHE C 324 0.12 -3.10 -18.15
N ARG C 325 -0.42 -3.37 -16.95
CA ARG C 325 -0.42 -2.45 -15.81
C ARG C 325 0.59 -2.85 -14.73
N GLN C 326 0.85 -4.15 -14.55
CA GLN C 326 1.78 -4.65 -13.52
C GLN C 326 3.24 -4.84 -14.00
N ASN C 327 3.49 -4.99 -15.32
CA ASN C 327 4.83 -5.30 -15.85
C ASN C 327 5.26 -4.49 -17.09
N LEU C 328 4.47 -3.53 -17.58
CA LEU C 328 4.74 -2.79 -18.83
C LEU C 328 4.60 -1.28 -18.66
N LEU C 329 3.37 -0.77 -18.51
CA LEU C 329 3.09 0.67 -18.30
C LEU C 329 3.51 1.16 -16.91
N GLY C 330 3.64 0.22 -15.97
CA GLY C 330 4.52 0.35 -14.82
C GLY C 330 5.21 -0.99 -14.56
N LYS C 331 6.42 -0.97 -13.99
CA LYS C 331 7.26 -2.16 -13.76
C LYS C 331 8.29 -1.94 -12.64
N ARG C 332 8.80 -3.01 -12.03
CA ARG C 332 9.91 -2.94 -11.05
C ARG C 332 11.23 -2.61 -11.76
N VAL C 333 12.08 -1.79 -11.13
CA VAL C 333 13.22 -1.11 -11.79
C VAL C 333 14.49 -1.13 -10.91
N ASP C 334 15.62 -1.48 -11.52
CA ASP C 334 16.99 -1.42 -10.99
C ASP C 334 17.52 0.04 -10.88
N TYR C 335 18.68 0.23 -10.24
CA TYR C 335 19.35 1.53 -10.01
C TYR C 335 18.42 2.55 -9.33
N SER C 336 17.71 2.09 -8.29
CA SER C 336 16.59 2.79 -7.66
C SER C 336 16.54 2.56 -6.14
N GLY C 337 15.63 3.26 -5.44
CA GLY C 337 15.39 3.07 -4.01
C GLY C 337 14.33 3.99 -3.44
N ARG C 338 14.03 3.86 -2.15
CA ARG C 338 13.11 4.73 -1.39
C ARG C 338 13.59 4.93 0.04
N SER C 339 13.19 6.04 0.65
CA SER C 339 13.33 6.28 2.09
C SER C 339 12.47 7.48 2.55
N VAL C 340 12.41 7.69 3.86
CA VAL C 340 11.67 8.78 4.50
C VAL C 340 12.25 10.15 4.13
N ILE C 341 11.36 11.08 3.78
CA ILE C 341 11.69 12.48 3.46
C ILE C 341 12.20 13.27 4.68
N THR C 342 13.18 14.14 4.47
CA THR C 342 13.73 15.07 5.47
C THR C 342 14.04 16.43 4.83
N VAL C 343 13.76 17.53 5.53
CA VAL C 343 13.95 18.89 5.00
C VAL C 343 15.44 19.26 4.94
N GLY C 344 15.93 19.74 3.79
CA GLY C 344 17.35 20.04 3.54
C GLY C 344 17.61 21.51 3.19
N PRO C 345 17.59 22.43 4.17
CA PRO C 345 17.59 23.88 3.93
C PRO C 345 18.90 24.48 3.42
N TYR C 346 19.99 23.70 3.34
CA TYR C 346 21.29 24.12 2.79
C TYR C 346 21.56 23.55 1.38
N LEU C 347 20.70 22.65 0.89
CA LEU C 347 20.67 22.25 -0.51
C LEU C 347 20.27 23.45 -1.37
N ARG C 348 21.05 23.80 -2.39
CA ARG C 348 20.65 24.80 -3.40
C ARG C 348 19.59 24.18 -4.34
N LEU C 349 18.74 24.96 -5.01
CA LEU C 349 17.52 24.46 -5.69
C LEU C 349 17.73 23.29 -6.68
N HIS C 350 18.91 23.16 -7.29
CA HIS C 350 19.24 22.07 -8.21
C HIS C 350 19.69 20.76 -7.53
N GLN C 351 19.56 20.61 -6.19
CA GLN C 351 20.26 19.57 -5.41
C GLN C 351 19.35 18.74 -4.48
N CYS C 352 19.85 17.56 -4.07
CA CYS C 352 19.22 16.63 -3.14
C CYS C 352 20.27 15.86 -2.32
N GLY C 353 19.98 15.55 -1.04
CA GLY C 353 20.93 14.88 -0.15
C GLY C 353 20.67 13.37 -0.03
N LEU C 354 21.75 12.59 -0.02
CA LEU C 354 21.75 11.13 -0.15
C LEU C 354 22.86 10.51 0.75
N PRO C 355 22.53 9.62 1.71
CA PRO C 355 23.50 8.98 2.59
C PRO C 355 24.66 8.30 1.85
N LYS C 356 25.90 8.38 2.36
CA LYS C 356 27.09 7.77 1.71
C LYS C 356 26.88 6.31 1.28
N LYS C 357 26.34 5.45 2.14
CA LYS C 357 26.09 4.04 1.80
C LYS C 357 24.92 3.82 0.82
N MET C 358 23.96 4.76 0.73
CA MET C 358 22.97 4.76 -0.36
C MET C 358 23.59 5.23 -1.69
N ALA C 359 24.47 6.22 -1.68
CA ALA C 359 25.25 6.61 -2.85
C ALA C 359 26.13 5.44 -3.34
N LEU C 360 26.82 4.74 -2.43
CA LEU C 360 27.55 3.51 -2.73
C LEU C 360 26.66 2.47 -3.44
N GLU C 361 25.50 2.14 -2.85
CA GLU C 361 24.56 1.18 -3.44
C GLU C 361 24.08 1.62 -4.83
N LEU C 362 23.59 2.85 -4.97
CA LEU C 362 23.08 3.40 -6.23
C LEU C 362 24.17 3.58 -7.32
N PHE C 363 25.45 3.63 -6.94
CA PHE C 363 26.58 3.86 -7.84
C PHE C 363 27.54 2.67 -7.96
N LYS C 364 27.27 1.48 -7.40
CA LYS C 364 28.04 0.24 -7.67
C LYS C 364 28.48 0.00 -9.13
N PRO C 365 27.67 0.24 -10.19
CA PRO C 365 28.14 0.09 -11.58
C PRO C 365 29.27 1.06 -11.97
N PHE C 366 29.40 2.20 -11.29
CA PHE C 366 30.54 3.09 -11.46
C PHE C 366 31.79 2.60 -10.73
N ILE C 367 31.70 1.67 -9.76
CA ILE C 367 32.83 1.25 -8.91
C ILE C 367 33.32 -0.12 -9.33
N TYR C 368 32.44 -1.13 -9.28
CA TYR C 368 32.54 -2.44 -9.95
C TYR C 368 32.38 -2.26 -11.48
N GLY C 369 33.27 -1.44 -12.05
CA GLY C 369 33.19 -0.83 -13.37
C GLY C 369 34.23 0.28 -13.63
N LYS C 370 34.99 0.73 -12.60
CA LYS C 370 36.14 1.64 -12.78
C LYS C 370 37.41 1.27 -12.00
N LEU C 371 37.35 0.43 -10.96
CA LEU C 371 38.55 -0.09 -10.30
C LEU C 371 39.45 -0.83 -11.32
N GLU C 372 38.85 -1.79 -12.04
CA GLU C 372 39.38 -2.48 -13.24
C GLU C 372 39.75 -1.56 -14.44
N LEU C 373 39.58 -0.23 -14.31
CA LEU C 373 39.83 0.78 -15.35
C LEU C 373 40.78 1.89 -14.86
N ARG C 374 41.31 1.77 -13.63
CA ARG C 374 42.40 2.62 -13.08
C ARG C 374 43.48 1.84 -12.32
N GLY C 375 43.24 0.57 -11.96
CA GLY C 375 44.15 -0.22 -11.11
C GLY C 375 43.94 -0.03 -9.61
N LEU C 376 42.94 0.77 -9.23
CA LEU C 376 42.59 1.12 -7.84
C LEU C 376 42.03 -0.04 -7.00
N ALA C 377 41.95 -1.25 -7.58
CA ALA C 377 41.92 -2.53 -6.86
C ALA C 377 42.56 -3.59 -7.77
N THR C 378 43.06 -4.69 -7.19
CA THR C 378 43.73 -5.75 -7.97
C THR C 378 42.78 -6.55 -8.87
N THR C 379 41.52 -6.75 -8.41
CA THR C 379 40.40 -7.30 -9.19
C THR C 379 39.06 -6.90 -8.56
N ILE C 380 37.98 -6.96 -9.34
CA ILE C 380 36.59 -6.87 -8.89
C ILE C 380 36.24 -7.90 -7.79
N LYS C 381 36.90 -9.07 -7.75
CA LYS C 381 36.71 -10.06 -6.65
C LYS C 381 37.32 -9.56 -5.35
N ALA C 382 38.60 -9.18 -5.38
CA ALA C 382 39.29 -8.63 -4.21
C ALA C 382 38.64 -7.34 -3.68
N ALA C 383 38.13 -6.49 -4.59
CA ALA C 383 37.48 -5.22 -4.32
C ALA C 383 36.29 -5.27 -3.36
N LYS C 384 35.69 -6.45 -3.09
CA LYS C 384 34.70 -6.65 -2.01
C LYS C 384 35.16 -6.05 -0.67
N LYS C 385 36.45 -6.20 -0.36
CA LYS C 385 37.12 -5.67 0.85
C LYS C 385 37.21 -4.13 0.90
N MET C 386 36.91 -3.43 -0.19
CA MET C 386 37.22 -2.01 -0.40
C MET C 386 35.95 -1.22 -0.75
N VAL C 387 35.07 -1.77 -1.60
CA VAL C 387 33.82 -1.11 -2.00
C VAL C 387 32.79 -1.13 -0.86
N GLU C 388 32.49 -2.29 -0.27
CA GLU C 388 31.58 -2.37 0.88
C GLU C 388 32.11 -1.57 2.10
N ARG C 389 33.44 -1.45 2.23
CA ARG C 389 34.18 -0.64 3.21
C ARG C 389 34.00 0.88 3.03
N GLU C 390 33.49 1.35 1.88
CA GLU C 390 33.43 2.78 1.51
C GLU C 390 34.81 3.47 1.46
N GLU C 391 35.85 2.71 1.14
CA GLU C 391 37.26 3.12 1.09
C GLU C 391 37.53 4.31 0.14
N ALA C 392 38.61 5.06 0.38
CA ALA C 392 38.96 6.31 -0.31
C ALA C 392 38.78 6.28 -1.84
N VAL C 393 39.28 5.22 -2.50
CA VAL C 393 39.22 5.03 -3.97
C VAL C 393 37.81 5.02 -4.57
N VAL C 394 36.77 4.80 -3.76
CA VAL C 394 35.36 4.93 -4.17
C VAL C 394 35.01 6.38 -4.57
N TRP C 395 35.69 7.39 -4.02
CA TRP C 395 35.16 8.75 -4.00
C TRP C 395 35.67 9.63 -5.15
N ASP C 396 36.87 9.41 -5.71
CA ASP C 396 37.22 9.91 -7.06
C ASP C 396 36.24 9.35 -8.09
N ILE C 397 36.00 8.04 -7.99
CA ILE C 397 35.10 7.26 -8.83
C ILE C 397 33.66 7.79 -8.77
N LEU C 398 33.27 8.45 -7.67
CA LEU C 398 31.95 9.06 -7.47
C LEU C 398 31.91 10.58 -7.74
N ASP C 399 32.94 11.39 -7.50
CA ASP C 399 32.96 12.80 -7.97
C ASP C 399 32.90 12.87 -9.50
N GLU C 400 33.61 11.96 -10.16
CA GLU C 400 33.54 11.69 -11.60
C GLU C 400 32.09 11.44 -12.09
N VAL C 401 31.16 11.11 -11.19
CA VAL C 401 29.71 11.16 -11.39
C VAL C 401 29.15 12.48 -10.83
N ILE C 402 29.06 12.63 -9.51
CA ILE C 402 28.35 13.66 -8.72
C ILE C 402 28.53 15.09 -9.27
N ARG C 403 29.77 15.50 -9.57
CA ARG C 403 30.14 16.87 -9.96
C ARG C 403 29.36 17.45 -11.15
N GLU C 404 28.77 16.58 -11.98
CA GLU C 404 27.76 16.91 -13.00
C GLU C 404 26.97 15.64 -13.34
N HIS C 405 26.03 15.29 -12.46
CA HIS C 405 25.14 14.14 -12.64
C HIS C 405 23.73 14.43 -12.07
N PRO C 406 22.66 14.39 -12.89
CA PRO C 406 21.30 14.64 -12.45
C PRO C 406 20.58 13.39 -11.90
N VAL C 407 20.59 13.19 -10.58
CA VAL C 407 19.67 12.23 -9.92
C VAL C 407 18.21 12.61 -10.20
N LEU C 408 17.35 11.61 -10.43
CA LEU C 408 15.90 11.80 -10.50
C LEU C 408 15.26 11.45 -9.14
N LEU C 409 14.22 12.19 -8.77
CA LEU C 409 13.45 11.99 -7.54
C LEU C 409 11.95 11.95 -7.81
N ASN C 410 11.22 11.28 -6.91
CA ASN C 410 9.85 10.80 -7.14
C ASN C 410 9.03 10.84 -5.84
N ARG C 411 7.81 11.38 -5.91
CA ARG C 411 6.76 11.40 -4.87
C ARG C 411 5.45 10.88 -5.49
N ALA C 412 5.43 9.59 -5.75
CA ALA C 412 4.21 8.83 -6.07
C ALA C 412 3.09 9.04 -5.03
N PRO C 413 1.81 8.81 -5.39
CA PRO C 413 1.30 8.53 -6.75
C PRO C 413 1.28 9.79 -7.62
N THR C 414 1.97 9.75 -8.76
CA THR C 414 2.31 10.93 -9.58
C THR C 414 1.15 11.42 -10.48
N LEU C 415 0.02 11.77 -9.86
CA LEU C 415 -1.15 12.39 -10.51
C LEU C 415 -0.82 13.69 -11.29
N HIS C 416 0.35 14.30 -11.07
CA HIS C 416 0.80 15.54 -11.71
C HIS C 416 2.33 15.59 -11.81
N ARG C 417 2.83 15.94 -13.00
CA ARG C 417 4.22 16.20 -13.42
C ARG C 417 5.21 16.50 -12.28
N LEU C 418 4.93 17.50 -11.45
CA LEU C 418 5.86 17.98 -10.41
C LEU C 418 6.13 16.97 -9.28
N GLY C 419 5.34 15.88 -9.19
CA GLY C 419 5.65 14.70 -8.37
C GLY C 419 6.93 13.96 -8.78
N ILE C 420 7.50 14.23 -9.96
CA ILE C 420 8.83 13.75 -10.39
C ILE C 420 9.64 14.93 -10.92
N GLN C 421 10.90 15.05 -10.50
CA GLN C 421 11.82 16.12 -10.92
C GLN C 421 13.28 15.59 -10.94
N ALA C 422 14.25 16.43 -11.34
CA ALA C 422 15.68 16.07 -11.37
C ALA C 422 16.55 17.11 -10.65
N PHE C 423 17.69 16.63 -10.11
CA PHE C 423 18.51 17.34 -9.12
C PHE C 423 20.01 17.07 -9.38
N GLU C 424 20.75 16.73 -8.32
CA GLU C 424 22.21 16.67 -8.20
C GLU C 424 22.54 16.11 -6.80
N PRO C 425 23.38 15.08 -6.65
CA PRO C 425 23.71 14.53 -5.33
C PRO C 425 24.44 15.52 -4.42
N VAL C 426 24.20 15.38 -3.12
CA VAL C 426 25.03 15.86 -2.00
C VAL C 426 25.14 14.70 -1.02
N LEU C 427 26.35 14.34 -0.61
CA LEU C 427 26.59 13.23 0.33
C LEU C 427 26.24 13.65 1.76
N ILE C 428 25.65 12.75 2.55
CA ILE C 428 25.28 12.98 3.95
C ILE C 428 25.43 11.71 4.82
N GLU C 429 25.15 11.87 6.10
CA GLU C 429 24.96 10.81 7.11
C GLU C 429 23.67 9.99 6.89
N GLY C 430 23.37 9.10 7.84
CA GLY C 430 21.99 8.66 8.08
C GLY C 430 21.45 7.60 7.10
N LYS C 431 20.12 7.53 7.03
CA LYS C 431 19.36 6.55 6.23
C LYS C 431 18.14 7.17 5.50
N ALA C 432 17.99 8.50 5.55
CA ALA C 432 16.86 9.26 4.98
C ALA C 432 17.10 9.71 3.52
N ILE C 433 16.18 10.50 2.96
CA ILE C 433 16.38 11.29 1.73
C ILE C 433 16.15 12.76 2.05
N GLN C 434 17.15 13.61 1.78
CA GLN C 434 17.11 15.02 2.14
C GLN C 434 16.67 15.90 0.97
N LEU C 435 15.73 16.80 1.22
CA LEU C 435 14.84 17.37 0.21
C LEU C 435 14.81 18.90 0.29
N HIS C 436 15.20 19.56 -0.80
CA HIS C 436 15.27 21.03 -0.89
C HIS C 436 13.89 21.71 -0.62
N PRO C 437 13.79 22.65 0.34
CA PRO C 437 12.52 23.23 0.80
C PRO C 437 11.58 23.84 -0.26
N LEU C 438 12.08 24.42 -1.36
CA LEU C 438 11.19 25.02 -2.37
C LEU C 438 10.46 23.97 -3.23
N VAL C 439 11.05 22.79 -3.44
CA VAL C 439 10.39 21.69 -4.17
C VAL C 439 9.49 20.85 -3.25
N CYS C 440 9.68 20.90 -1.92
CA CYS C 440 8.78 20.26 -0.95
C CYS C 440 7.31 20.69 -1.14
N ALA C 441 7.07 21.93 -1.57
CA ALA C 441 5.75 22.43 -1.98
C ALA C 441 5.27 21.79 -3.30
N ALA C 442 6.11 21.77 -4.33
CA ALA C 442 5.82 21.19 -5.64
C ALA C 442 5.51 19.68 -5.61
N TYR C 443 6.13 18.94 -4.68
CA TYR C 443 5.86 17.52 -4.44
C TYR C 443 4.62 17.24 -3.58
N ASN C 444 4.11 18.23 -2.83
CA ASN C 444 3.35 18.00 -1.60
C ASN C 444 4.00 16.91 -0.72
N ALA C 445 5.14 17.24 -0.10
CA ALA C 445 5.85 16.38 0.84
C ALA C 445 5.20 16.42 2.25
N ASP C 446 4.78 15.28 2.79
CA ASP C 446 4.01 15.16 4.05
C ASP C 446 4.81 14.36 5.09
N PHE C 447 5.55 15.07 5.96
CA PHE C 447 6.61 14.54 6.83
C PHE C 447 6.17 13.64 8.02
N ASP C 448 5.13 12.81 7.88
CA ASP C 448 4.68 11.83 8.89
C ASP C 448 5.37 10.44 8.76
N GLY C 449 6.58 10.39 8.20
CA GLY C 449 7.27 9.13 7.90
C GLY C 449 6.78 8.45 6.61
N ASP C 450 6.02 9.18 5.78
CA ASP C 450 5.90 8.89 4.34
C ASP C 450 7.26 9.04 3.64
N GLN C 451 7.36 8.64 2.38
CA GLN C 451 8.63 8.45 1.68
C GLN C 451 8.66 9.14 0.31
N MET C 452 9.87 9.19 -0.25
CA MET C 452 10.11 9.46 -1.66
C MET C 452 11.05 8.40 -2.23
N ALA C 453 11.13 8.36 -3.55
CA ALA C 453 11.95 7.40 -4.30
C ALA C 453 12.98 8.10 -5.19
N VAL C 454 13.99 7.34 -5.58
CA VAL C 454 15.23 7.78 -6.24
C VAL C 454 15.48 6.91 -7.46
N HIS C 455 15.93 7.50 -8.57
CA HIS C 455 16.31 6.77 -9.78
C HIS C 455 17.57 7.39 -10.39
N VAL C 456 18.61 6.59 -10.63
CA VAL C 456 19.86 7.05 -11.27
C VAL C 456 19.74 6.91 -12.79
N PRO C 457 19.85 7.99 -13.60
CA PRO C 457 20.03 7.89 -15.04
C PRO C 457 21.50 7.62 -15.40
N LEU C 458 21.76 6.77 -16.39
CA LEU C 458 23.10 6.22 -16.64
C LEU C 458 23.58 6.37 -18.09
N THR C 459 22.66 6.40 -19.05
CA THR C 459 22.94 6.87 -20.41
C THR C 459 23.28 8.36 -20.41
N LEU C 460 24.16 8.79 -21.32
CA LEU C 460 24.50 10.19 -21.54
C LEU C 460 23.27 11.01 -21.96
N GLU C 461 22.37 10.41 -22.75
CA GLU C 461 21.11 11.00 -23.22
C GLU C 461 20.11 11.28 -22.10
N ALA C 462 19.85 10.30 -21.22
CA ALA C 462 18.95 10.50 -20.08
C ALA C 462 19.44 11.62 -19.15
N GLN C 463 20.76 11.71 -18.93
CA GLN C 463 21.36 12.78 -18.13
C GLN C 463 21.26 14.15 -18.82
N LEU C 464 21.49 14.21 -20.13
CA LEU C 464 21.27 15.42 -20.95
C LEU C 464 19.82 15.92 -20.85
N GLU C 465 18.84 15.04 -21.08
CA GLU C 465 17.44 15.45 -20.99
C GLU C 465 16.97 15.70 -19.56
N ALA C 466 17.50 15.03 -18.53
CA ALA C 466 17.14 15.31 -17.14
C ALA C 466 17.48 16.76 -16.75
N ARG C 467 18.71 17.23 -17.03
CA ARG C 467 19.08 18.65 -16.86
C ARG C 467 18.22 19.58 -17.71
N ALA C 468 17.93 19.24 -18.98
CA ALA C 468 17.16 20.10 -19.89
C ALA C 468 15.64 20.12 -19.66
N LEU C 469 15.04 19.05 -19.14
CA LEU C 469 13.58 18.80 -19.17
C LEU C 469 12.96 18.56 -17.79
N MET C 470 13.69 18.03 -16.81
CA MET C 470 13.12 17.58 -15.52
C MET C 470 13.67 18.34 -14.31
N MET C 471 14.81 19.02 -14.47
CA MET C 471 15.44 19.87 -13.47
C MET C 471 14.45 20.87 -12.84
N SER C 472 14.45 20.95 -11.51
CA SER C 472 13.62 21.86 -10.70
C SER C 472 13.69 23.33 -11.17
N THR C 473 14.90 23.84 -11.40
CA THR C 473 15.18 25.22 -11.85
C THR C 473 14.59 25.55 -13.23
N ASN C 474 14.11 24.53 -13.96
CA ASN C 474 13.78 24.58 -15.38
C ASN C 474 12.31 24.18 -15.64
N ASN C 475 11.47 24.11 -14.60
CA ASN C 475 10.04 23.71 -14.64
C ASN C 475 9.21 24.38 -13.52
N ILE C 476 9.58 25.60 -13.11
CA ILE C 476 9.18 26.24 -11.84
C ILE C 476 7.64 26.38 -11.60
N LEU C 477 6.84 26.41 -12.67
CA LEU C 477 5.47 26.95 -12.63
C LEU C 477 4.36 25.89 -12.74
N SER C 478 3.17 26.28 -12.28
CA SER C 478 1.90 25.57 -12.39
C SER C 478 1.49 25.32 -13.85
N PRO C 479 1.42 24.06 -14.35
CA PRO C 479 0.97 23.78 -15.70
C PRO C 479 -0.48 24.21 -15.97
N ALA C 480 -1.31 24.38 -14.94
CA ALA C 480 -2.70 24.82 -15.09
C ALA C 480 -2.85 26.34 -15.38
N ASN C 481 -1.86 27.17 -15.07
CA ASN C 481 -1.97 28.64 -15.20
C ASN C 481 -0.62 29.39 -15.26
N GLY C 482 0.27 29.19 -14.28
CA GLY C 482 1.63 29.75 -14.29
C GLY C 482 2.00 30.61 -13.08
N GLU C 483 1.42 30.37 -11.90
CA GLU C 483 2.07 30.74 -10.62
C GLU C 483 3.14 29.69 -10.26
N PRO C 484 4.23 30.04 -9.54
CA PRO C 484 5.22 29.06 -9.10
C PRO C 484 4.64 28.10 -8.06
N ILE C 485 5.03 26.82 -8.16
CA ILE C 485 4.75 25.79 -7.14
C ILE C 485 6.07 25.20 -6.60
N ILE C 486 7.14 25.23 -7.40
CA ILE C 486 8.51 25.29 -6.89
C ILE C 486 8.70 26.71 -6.34
N VAL C 487 8.47 26.89 -5.03
CA VAL C 487 8.13 28.22 -4.46
C VAL C 487 8.56 28.34 -2.99
N PRO C 488 8.89 29.55 -2.50
CA PRO C 488 9.04 29.84 -1.07
C PRO C 488 7.92 29.19 -0.24
N SER C 489 8.31 28.29 0.66
CA SER C 489 7.44 27.26 1.23
C SER C 489 7.10 27.52 2.72
N GLN C 490 6.79 26.47 3.48
CA GLN C 490 5.74 26.56 4.52
C GLN C 490 5.94 27.64 5.57
N ASP C 491 7.11 27.73 6.19
CA ASP C 491 7.42 28.76 7.20
C ASP C 491 8.39 29.83 6.66
N VAL C 492 9.06 29.55 5.53
CA VAL C 492 9.90 30.50 4.77
C VAL C 492 9.16 31.81 4.55
N VAL C 493 7.88 31.70 4.17
CA VAL C 493 7.03 32.85 3.87
C VAL C 493 6.50 33.56 5.12
N LEU C 494 6.49 32.94 6.31
CA LEU C 494 6.32 33.74 7.53
C LEU C 494 7.56 34.60 7.79
N GLY C 495 8.77 34.09 7.56
CA GLY C 495 10.00 34.90 7.63
C GLY C 495 9.94 36.13 6.72
N LEU C 496 9.61 35.94 5.45
CA LEU C 496 9.42 37.02 4.48
C LEU C 496 8.28 37.98 4.85
N TYR C 497 7.15 37.48 5.37
CA TYR C 497 6.07 38.31 5.91
C TYR C 497 6.50 39.13 7.13
N TYR C 498 7.25 38.53 8.05
CA TYR C 498 7.81 39.16 9.25
C TYR C 498 8.79 40.28 8.91
N MET C 499 9.75 40.03 8.02
CA MET C 499 10.65 41.06 7.45
C MET C 499 9.90 42.22 6.78
N THR C 500 8.62 42.03 6.43
CA THR C 500 7.80 42.99 5.70
C THR C 500 6.49 43.34 6.43
N ARG C 501 6.48 43.24 7.76
CA ARG C 501 5.44 43.79 8.65
C ARG C 501 6.07 44.89 9.51
N ASP C 502 5.28 45.85 9.96
CA ASP C 502 5.73 47.00 10.76
C ASP C 502 4.75 47.31 11.90
N CYS C 503 5.25 47.99 12.95
CA CYS C 503 4.62 48.03 14.28
C CYS C 503 4.58 49.46 14.85
N VAL C 504 3.76 49.73 15.87
CA VAL C 504 3.88 50.93 16.71
C VAL C 504 4.84 50.63 17.88
N ASN C 505 5.55 51.64 18.38
CA ASN C 505 6.77 51.58 19.21
C ASN C 505 7.96 50.79 18.61
N ALA C 506 7.75 49.53 18.19
CA ALA C 506 8.56 48.73 17.25
C ALA C 506 10.06 48.57 17.52
N LYS C 507 10.58 48.87 18.72
CA LYS C 507 12.02 49.18 18.94
C LYS C 507 12.60 50.10 17.84
N GLY C 508 11.79 51.04 17.33
CA GLY C 508 12.13 51.81 16.13
C GLY C 508 10.92 52.34 15.34
N MET C 509 9.95 52.94 16.04
CA MET C 509 8.67 53.42 15.46
C MET C 509 8.81 54.23 14.15
N VAL C 510 9.90 54.99 14.03
CA VAL C 510 10.66 55.26 12.80
C VAL C 510 12.15 55.19 13.16
N LEU C 511 12.93 54.40 12.43
CA LEU C 511 14.36 54.14 12.66
C LEU C 511 14.91 53.33 11.46
N THR C 512 16.22 53.40 11.22
CA THR C 512 16.92 52.68 10.14
C THR C 512 18.31 52.20 10.58
N GLY C 513 18.82 51.17 9.91
CA GLY C 513 20.25 50.85 9.80
C GLY C 513 20.47 49.73 8.76
N PRO C 514 21.72 49.59 8.26
CA PRO C 514 22.24 48.36 7.63
C PRO C 514 22.69 47.37 8.73
N ALA C 515 23.60 46.45 8.39
CA ALA C 515 24.42 45.65 9.29
C ALA C 515 23.65 44.78 10.30
N GLU C 516 23.45 43.50 9.96
CA GLU C 516 23.01 42.43 10.88
C GLU C 516 23.69 42.51 12.27
N ARG C 517 24.98 42.83 12.38
CA ARG C 517 25.70 43.06 13.65
C ARG C 517 25.06 44.15 14.53
N LEU C 518 24.28 45.09 13.98
CA LEU C 518 23.47 46.08 14.72
C LEU C 518 22.20 45.50 15.38
N TYR C 519 21.78 44.26 15.07
CA TYR C 519 20.91 43.52 16.01
C TYR C 519 21.62 43.24 17.35
N ARG C 520 22.95 43.42 17.42
CA ARG C 520 23.81 43.36 18.61
C ARG C 520 24.41 44.75 18.96
N SER C 521 23.77 45.87 18.58
CA SER C 521 24.18 47.21 19.05
C SER C 521 23.30 47.79 20.17
N GLY C 522 22.09 47.23 20.35
CA GLY C 522 21.22 47.50 21.50
C GLY C 522 19.78 47.88 21.14
N LEU C 523 19.55 48.52 19.98
CA LEU C 523 18.23 49.02 19.58
C LEU C 523 18.02 48.92 18.06
N ALA C 524 17.41 47.80 17.65
CA ALA C 524 16.98 47.53 16.27
C ALA C 524 15.75 46.63 16.23
N SER C 525 15.05 46.60 15.09
CA SER C 525 14.00 45.63 14.77
C SER C 525 13.78 45.52 13.26
N LEU C 526 13.47 44.33 12.76
CA LEU C 526 12.95 44.12 11.40
C LEU C 526 11.55 44.73 11.18
N HIS C 527 10.85 45.13 12.26
CA HIS C 527 9.60 45.91 12.23
C HIS C 527 9.82 47.43 12.40
N ALA C 528 11.06 47.88 12.63
CA ALA C 528 11.39 49.30 12.71
C ALA C 528 11.17 49.99 11.35
N ARG C 529 10.61 51.21 11.36
CA ARG C 529 9.97 51.80 10.17
C ARG C 529 10.86 52.79 9.41
N VAL C 530 11.81 52.22 8.66
CA VAL C 530 12.70 52.86 7.69
C VAL C 530 11.93 53.74 6.68
N LYS C 531 12.57 54.81 6.20
CA LYS C 531 12.14 55.60 5.03
C LYS C 531 13.37 55.99 4.21
N VAL C 532 13.32 55.85 2.89
CA VAL C 532 14.47 56.08 1.99
C VAL C 532 14.09 56.20 0.51
N ARG C 533 14.44 57.33 -0.09
CA ARG C 533 14.40 57.77 -1.50
C ARG C 533 14.67 56.78 -2.66
N ILE C 534 15.06 55.53 -2.41
CA ILE C 534 15.65 54.53 -3.35
C ILE C 534 15.28 54.75 -4.82
N THR C 535 16.26 55.18 -5.61
CA THR C 535 16.27 55.07 -7.08
C THR C 535 16.13 53.60 -7.48
N GLU C 536 15.24 53.33 -8.45
CA GLU C 536 14.69 52.01 -8.72
C GLU C 536 14.39 51.87 -10.22
N TYR C 537 14.49 50.66 -10.79
CA TYR C 537 14.54 50.46 -12.24
C TYR C 537 13.56 49.39 -12.70
N GLU C 538 13.15 49.44 -13.98
CA GLU C 538 12.14 48.54 -14.54
C GLU C 538 12.46 48.24 -16.01
N LYS C 539 12.88 47.01 -16.31
CA LYS C 539 13.24 46.55 -17.66
C LYS C 539 12.04 46.59 -18.63
N ASP C 540 12.18 47.25 -19.77
CA ASP C 540 11.21 47.19 -20.88
C ASP C 540 11.33 45.88 -21.70
N ALA C 541 10.30 45.56 -22.46
CA ALA C 541 10.30 44.47 -23.44
C ALA C 541 11.43 44.58 -24.49
N ASN C 542 11.93 45.79 -24.81
CA ASN C 542 13.06 45.98 -25.72
C ASN C 542 14.45 45.73 -25.07
N GLY C 543 14.54 45.69 -23.74
CA GLY C 543 15.78 45.46 -22.98
C GLY C 543 16.36 46.67 -22.26
N GLU C 544 15.90 47.90 -22.55
CA GLU C 544 16.28 49.12 -21.81
C GLU C 544 15.67 49.15 -20.40
N LEU C 545 16.08 50.12 -19.57
CA LEU C 545 15.70 50.23 -18.15
C LEU C 545 15.00 51.57 -17.87
N VAL C 546 13.69 51.50 -17.62
CA VAL C 546 12.87 52.63 -17.17
C VAL C 546 13.22 52.98 -15.72
N ALA C 547 14.25 53.83 -15.55
CA ALA C 547 14.66 54.37 -14.26
C ALA C 547 13.56 55.24 -13.60
N LYS C 548 13.44 55.13 -12.29
CA LYS C 548 12.44 55.78 -11.41
C LYS C 548 13.11 56.13 -10.07
N THR C 549 12.45 56.90 -9.20
CA THR C 549 12.92 57.25 -7.86
C THR C 549 11.71 57.65 -7.01
N SER C 550 11.71 57.31 -5.72
CA SER C 550 10.58 57.58 -4.82
C SER C 550 11.02 57.55 -3.35
N LEU C 551 10.52 58.49 -2.55
CA LEU C 551 10.34 58.30 -1.11
C LEU C 551 9.63 56.96 -0.83
N LYS C 552 9.92 56.33 0.31
CA LYS C 552 9.39 55.01 0.70
C LYS C 552 8.92 55.04 2.16
N ASP C 553 8.07 54.08 2.54
CA ASP C 553 7.66 53.91 3.94
C ASP C 553 7.65 52.40 4.26
N THR C 554 8.69 51.97 4.95
CA THR C 554 9.31 50.65 4.75
C THR C 554 9.90 50.14 6.08
N THR C 555 10.71 49.08 6.08
CA THR C 555 11.39 48.54 7.27
C THR C 555 12.81 48.08 6.95
N VAL C 556 13.59 47.73 7.98
CA VAL C 556 14.92 47.12 7.82
C VAL C 556 14.83 45.83 7.00
N GLY C 557 13.84 44.96 7.27
CA GLY C 557 13.66 43.72 6.49
C GLY C 557 13.25 43.98 5.03
N ARG C 558 12.37 44.97 4.77
CA ARG C 558 12.05 45.45 3.41
C ARG C 558 13.29 46.02 2.70
N ALA C 559 14.21 46.66 3.42
CA ALA C 559 15.45 47.21 2.88
C ALA C 559 16.50 46.12 2.58
N ILE C 560 16.73 45.17 3.49
CA ILE C 560 17.57 43.97 3.27
C ILE C 560 17.11 43.19 2.03
N LEU C 561 15.80 43.10 1.78
CA LEU C 561 15.28 42.48 0.55
C LEU C 561 15.70 43.20 -0.75
N TRP C 562 16.20 44.44 -0.72
CA TRP C 562 16.84 45.09 -1.89
C TRP C 562 18.24 44.53 -2.20
N MET C 563 18.89 43.81 -1.27
CA MET C 563 20.04 42.95 -1.56
C MET C 563 19.60 41.79 -2.46
N ILE C 564 18.52 41.10 -2.08
CA ILE C 564 18.01 39.85 -2.70
C ILE C 564 17.22 40.08 -4.01
N VAL C 565 16.44 41.17 -4.10
CA VAL C 565 15.61 41.47 -5.28
C VAL C 565 16.46 41.70 -6.53
N PRO C 566 16.11 41.12 -7.70
CA PRO C 566 16.77 41.43 -8.97
C PRO C 566 16.41 42.86 -9.42
N LYS C 567 17.24 43.82 -8.97
CA LYS C 567 17.19 45.30 -9.11
C LYS C 567 16.84 45.92 -10.48
N GLY C 568 16.63 45.11 -11.53
CA GLY C 568 15.98 45.50 -12.78
C GLY C 568 14.43 45.52 -12.71
N LEU C 569 13.86 45.26 -11.53
CA LEU C 569 12.48 45.58 -11.15
C LEU C 569 12.50 46.43 -9.86
N PRO C 570 11.54 47.35 -9.67
CA PRO C 570 11.72 48.46 -8.72
C PRO C 570 11.42 48.10 -7.26
N TYR C 571 12.18 48.71 -6.34
CA TYR C 571 12.04 48.58 -4.88
C TYR C 571 10.58 48.67 -4.42
N SER C 572 9.80 49.61 -4.97
CA SER C 572 8.40 49.84 -4.57
C SER C 572 7.51 48.59 -4.54
N ILE C 573 7.83 47.51 -5.27
CA ILE C 573 7.13 46.21 -5.21
C ILE C 573 7.27 45.55 -3.81
N VAL C 574 8.38 45.77 -3.09
CA VAL C 574 8.61 45.22 -1.74
C VAL C 574 7.89 45.99 -0.62
N ASN C 575 7.32 47.17 -0.92
CA ASN C 575 6.73 48.11 0.04
C ASN C 575 5.33 47.66 0.55
N GLN C 576 5.20 46.40 0.94
CA GLN C 576 3.97 45.69 1.32
C GLN C 576 4.27 44.63 2.42
N ALA C 577 3.46 43.57 2.54
CA ALA C 577 3.63 42.47 3.49
C ALA C 577 3.53 41.10 2.79
N LEU C 578 4.68 40.48 2.55
CA LEU C 578 4.94 39.36 1.62
C LEU C 578 4.51 37.97 2.14
N GLY C 579 3.28 37.85 2.63
CA GLY C 579 2.65 36.54 2.88
C GLY C 579 2.45 35.72 1.59
N LYS C 580 2.03 34.46 1.71
CA LYS C 580 1.73 33.56 0.57
C LYS C 580 0.70 34.16 -0.39
N LYS C 581 -0.19 35.02 0.13
CA LYS C 581 -1.10 35.90 -0.62
C LYS C 581 -0.45 36.79 -1.70
N ALA C 582 0.84 37.06 -1.59
CA ALA C 582 1.55 38.08 -2.38
C ALA C 582 2.88 37.61 -2.96
N ILE C 583 3.70 36.86 -2.21
CA ILE C 583 5.10 36.59 -2.60
C ILE C 583 5.27 35.91 -3.97
N SER C 584 4.38 34.97 -4.34
CA SER C 584 4.45 34.28 -5.64
C SER C 584 4.44 35.27 -6.82
N LYS C 585 3.69 36.39 -6.68
CA LYS C 585 3.50 37.38 -7.73
C LYS C 585 4.76 38.21 -8.00
N MET C 586 5.68 38.32 -7.05
CA MET C 586 7.00 38.93 -7.32
C MET C 586 7.82 38.06 -8.29
N LEU C 587 7.91 36.75 -8.00
CA LEU C 587 8.55 35.77 -8.89
C LEU C 587 7.84 35.69 -10.24
N ASN C 588 6.51 35.70 -10.25
CA ASN C 588 5.68 35.74 -11.46
C ASN C 588 6.00 36.97 -12.33
N THR C 589 6.09 38.16 -11.73
CA THR C 589 6.48 39.41 -12.42
C THR C 589 7.90 39.33 -12.97
N CYS C 590 8.84 38.73 -12.23
CA CYS C 590 10.19 38.47 -12.72
C CYS C 590 10.19 37.56 -13.95
N TYR C 591 9.43 36.47 -13.93
CA TYR C 591 9.24 35.54 -15.05
C TYR C 591 8.62 36.22 -16.29
N ARG C 592 7.67 37.14 -16.09
CA ARG C 592 7.02 37.93 -17.16
C ARG C 592 7.95 38.93 -17.86
N ILE C 593 9.07 39.32 -17.24
CA ILE C 593 9.83 40.52 -17.66
C ILE C 593 11.35 40.28 -17.78
N LEU C 594 12.03 39.76 -16.76
CA LEU C 594 13.50 39.77 -16.72
C LEU C 594 14.13 38.63 -17.54
N GLY C 595 13.90 37.38 -17.16
CA GLY C 595 14.51 36.17 -17.74
C GLY C 595 14.59 35.01 -16.73
N LEU C 596 14.96 33.81 -17.20
CA LEU C 596 14.93 32.59 -16.38
C LEU C 596 15.94 32.62 -15.22
N LYS C 597 17.25 32.68 -15.47
CA LYS C 597 18.28 32.79 -14.40
C LYS C 597 17.96 33.85 -13.32
N PRO C 598 17.67 35.11 -13.65
CA PRO C 598 17.21 36.11 -12.68
C PRO C 598 16.03 35.67 -11.81
N THR C 599 15.05 34.97 -12.39
CA THR C 599 13.87 34.48 -11.68
C THR C 599 14.18 33.28 -10.78
N VAL C 600 15.07 32.38 -11.21
CA VAL C 600 15.54 31.27 -10.37
C VAL C 600 16.30 31.78 -9.16
N ILE C 601 17.29 32.66 -9.36
CA ILE C 601 18.09 33.23 -8.26
C ILE C 601 17.18 33.96 -7.25
N PHE C 602 16.21 34.73 -7.74
CA PHE C 602 15.23 35.41 -6.90
C PHE C 602 14.32 34.45 -6.10
N ALA C 603 14.02 33.25 -6.61
CA ALA C 603 13.29 32.23 -5.87
C ALA C 603 14.17 31.48 -4.85
N ASP C 604 15.36 31.05 -5.28
CA ASP C 604 16.34 30.30 -4.48
C ASP C 604 16.84 31.10 -3.27
N GLN C 605 17.36 32.31 -3.49
CA GLN C 605 17.98 33.13 -2.44
C GLN C 605 16.98 33.64 -1.38
N ILE C 606 15.69 33.75 -1.73
CA ILE C 606 14.60 34.00 -0.78
C ILE C 606 14.48 32.86 0.26
N MET C 607 14.91 31.64 -0.03
CA MET C 607 14.81 30.50 0.89
C MET C 607 15.61 30.73 2.18
N TYR C 608 16.93 30.92 2.05
CA TYR C 608 17.82 31.18 3.20
C TYR C 608 17.49 32.51 3.87
N THR C 609 17.08 33.52 3.08
CA THR C 609 16.53 34.79 3.59
C THR C 609 15.35 34.56 4.54
N GLY C 610 14.46 33.60 4.24
CA GLY C 610 13.42 33.18 5.17
C GLY C 610 13.96 32.52 6.43
N PHE C 611 14.90 31.57 6.30
CA PHE C 611 15.47 30.84 7.43
C PHE C 611 16.32 31.67 8.39
N ALA C 612 16.97 32.74 7.94
CA ALA C 612 17.71 33.68 8.78
C ALA C 612 16.82 34.48 9.77
N TYR C 613 15.51 34.56 9.50
CA TYR C 613 14.61 35.50 10.19
C TYR C 613 13.26 34.89 10.63
N ALA C 614 12.81 33.76 10.08
CA ALA C 614 11.55 33.10 10.48
C ALA C 614 11.50 32.78 11.98
N ALA C 615 12.58 32.23 12.55
CA ALA C 615 12.70 31.97 13.99
C ALA C 615 12.60 33.26 14.83
N ARG C 616 13.35 34.30 14.44
CA ARG C 616 13.44 35.60 15.14
C ARG C 616 12.11 36.37 15.20
N SER C 617 11.11 35.97 14.41
CA SER C 617 9.72 36.43 14.56
C SER C 617 9.04 36.06 15.89
N GLY C 618 9.52 35.01 16.57
CA GLY C 618 8.91 34.47 17.80
C GLY C 618 7.42 34.11 17.68
N ALA C 619 6.85 33.95 16.48
CA ALA C 619 5.44 33.62 16.29
C ALA C 619 5.08 32.24 16.86
N SER C 620 3.95 32.13 17.58
CA SER C 620 3.61 30.92 18.34
C SER C 620 2.12 30.55 18.30
N VAL C 621 1.75 29.48 19.00
CA VAL C 621 0.37 29.21 19.44
C VAL C 621 0.46 28.84 20.90
N GLY C 622 -0.34 29.46 21.74
CA GLY C 622 -0.25 29.38 23.20
C GLY C 622 -1.46 30.04 23.84
N ILE C 623 -1.61 29.86 25.15
CA ILE C 623 -2.87 30.16 25.85
C ILE C 623 -3.30 31.64 25.82
N ASP C 624 -2.43 32.61 25.56
CA ASP C 624 -2.80 34.03 25.39
C ASP C 624 -2.53 34.60 23.98
N ASP C 625 -1.96 33.79 23.08
CA ASP C 625 -2.27 33.90 21.64
C ASP C 625 -3.75 33.55 21.32
N MET C 626 -4.53 33.07 22.31
CA MET C 626 -5.96 32.76 22.21
C MET C 626 -6.82 33.75 23.02
N VAL C 627 -6.89 35.00 22.59
CA VAL C 627 -7.80 36.02 23.15
C VAL C 627 -9.27 35.75 22.80
N ILE C 628 -10.20 36.31 23.58
CA ILE C 628 -11.66 36.09 23.47
C ILE C 628 -12.39 37.45 23.66
N PRO C 629 -13.48 37.75 22.91
CA PRO C 629 -14.29 38.95 23.12
C PRO C 629 -15.10 38.89 24.42
N GLU C 630 -14.90 39.85 25.33
CA GLU C 630 -15.67 39.98 26.58
C GLU C 630 -17.18 40.17 26.31
N LYS C 631 -17.52 41.13 25.44
CA LYS C 631 -18.82 41.42 24.82
C LYS C 631 -19.52 40.24 24.10
N LYS C 632 -18.97 39.02 24.14
CA LYS C 632 -19.72 37.76 23.96
C LYS C 632 -20.85 37.62 24.99
N HIS C 633 -20.66 38.12 26.21
CA HIS C 633 -21.68 38.19 27.27
C HIS C 633 -22.98 38.85 26.78
N GLU C 634 -22.91 40.06 26.25
CA GLU C 634 -24.05 40.78 25.67
C GLU C 634 -24.70 40.01 24.50
N ILE C 635 -23.91 39.39 23.62
CA ILE C 635 -24.44 38.60 22.48
C ILE C 635 -25.26 37.39 22.93
N ILE C 636 -24.87 36.71 24.01
CA ILE C 636 -25.64 35.61 24.62
C ILE C 636 -26.98 36.12 25.22
N SER C 637 -27.07 37.41 25.58
CA SER C 637 -28.36 38.03 25.96
C SER C 637 -29.28 38.34 24.77
N GLU C 638 -28.82 38.16 23.53
CA GLU C 638 -29.64 38.20 22.32
C GLU C 638 -30.01 36.78 21.86
N ALA C 639 -29.05 35.98 21.38
CA ALA C 639 -29.34 34.80 20.57
C ALA C 639 -30.04 33.65 21.34
N GLU C 640 -29.49 33.24 22.47
CA GLU C 640 -30.12 32.25 23.36
C GLU C 640 -31.49 32.73 23.88
N ALA C 641 -31.72 34.05 24.00
CA ALA C 641 -33.02 34.62 24.39
C ALA C 641 -34.04 34.64 23.24
N GLU C 642 -33.60 34.87 22.00
CA GLU C 642 -34.44 34.73 20.79
C GLU C 642 -34.98 33.29 20.67
N VAL C 643 -34.09 32.29 20.81
CA VAL C 643 -34.48 30.87 20.85
C VAL C 643 -35.44 30.55 21.99
N ALA C 644 -35.24 31.14 23.18
CA ALA C 644 -36.04 30.84 24.37
C ALA C 644 -37.55 31.10 24.20
N GLU C 645 -37.97 32.18 23.52
CA GLU C 645 -39.39 32.38 23.21
C GLU C 645 -39.83 31.52 22.01
N ILE C 646 -38.98 31.35 20.99
CA ILE C 646 -39.33 30.59 19.77
C ILE C 646 -39.64 29.11 20.05
N GLN C 647 -38.95 28.49 21.02
CA GLN C 647 -39.28 27.13 21.49
C GLN C 647 -40.58 27.08 22.32
N GLU C 648 -41.05 28.19 22.88
CA GLU C 648 -42.41 28.31 23.47
C GLU C 648 -43.46 28.48 22.38
N GLN C 649 -43.23 29.36 21.39
CA GLN C 649 -44.14 29.62 20.26
C GLN C 649 -44.57 28.32 19.54
N PHE C 650 -43.67 27.34 19.42
CA PHE C 650 -43.98 25.99 18.97
C PHE C 650 -45.03 25.29 19.85
N GLN C 651 -44.83 25.27 21.16
CA GLN C 651 -45.69 24.59 22.14
C GLN C 651 -47.03 25.30 22.37
N SER C 652 -47.07 26.63 22.29
CA SER C 652 -48.30 27.43 22.41
C SER C 652 -49.16 27.46 21.13
N GLY C 653 -48.62 27.01 19.99
CA GLY C 653 -49.40 26.69 18.78
C GLY C 653 -49.16 27.62 17.58
N LEU C 654 -47.97 28.22 17.47
CA LEU C 654 -47.61 29.28 16.51
C LEU C 654 -46.45 28.89 15.57
N VAL C 655 -45.94 27.65 15.69
CA VAL C 655 -44.97 26.99 14.80
C VAL C 655 -45.24 25.48 14.86
N THR C 656 -44.96 24.68 13.84
CA THR C 656 -44.84 23.22 14.01
C THR C 656 -43.43 22.85 14.52
N ALA C 657 -43.14 21.56 14.67
CA ALA C 657 -41.81 21.10 15.07
C ALA C 657 -40.73 21.34 13.99
N GLY C 658 -41.11 21.50 12.73
CA GLY C 658 -40.20 21.48 11.57
C GLY C 658 -39.58 22.84 11.23
N GLU C 659 -40.38 23.89 11.01
CA GLU C 659 -39.86 25.25 10.76
C GLU C 659 -39.02 25.73 11.94
N ARG C 660 -39.45 25.37 13.15
CA ARG C 660 -38.76 25.55 14.44
C ARG C 660 -37.30 25.02 14.45
N TYR C 661 -36.96 23.98 13.67
CA TYR C 661 -35.57 23.48 13.52
C TYR C 661 -34.68 24.51 12.79
N ASN C 662 -35.13 25.00 11.63
CA ASN C 662 -34.51 26.10 10.87
C ASN C 662 -34.47 27.39 11.70
N LYS C 663 -35.62 27.82 12.22
CA LYS C 663 -35.84 28.99 13.10
C LYS C 663 -35.09 28.95 14.45
N VAL C 664 -34.16 27.99 14.64
CA VAL C 664 -33.24 27.89 15.78
C VAL C 664 -31.81 27.63 15.30
N ILE C 665 -31.59 26.74 14.31
CA ILE C 665 -30.28 26.57 13.65
C ILE C 665 -29.77 27.87 13.02
N ASP C 666 -30.65 28.63 12.34
CA ASP C 666 -30.32 29.94 11.78
C ASP C 666 -29.91 30.93 12.88
N ILE C 667 -30.49 30.81 14.07
CA ILE C 667 -30.15 31.64 15.23
C ILE C 667 -28.81 31.21 15.84
N TRP C 668 -28.50 29.90 15.88
CA TRP C 668 -27.16 29.41 16.23
C TRP C 668 -26.08 29.88 15.22
N ALA C 669 -26.39 29.89 13.93
CA ALA C 669 -25.52 30.48 12.91
C ALA C 669 -25.36 32.00 13.13
N ALA C 670 -26.45 32.73 13.39
CA ALA C 670 -26.42 34.15 13.75
C ALA C 670 -25.69 34.44 15.07
N ALA C 671 -25.70 33.53 16.05
CA ALA C 671 -24.93 33.63 17.28
C ALA C 671 -23.42 33.52 17.00
N ASN C 672 -23.02 32.50 16.23
CA ASN C 672 -21.64 32.32 15.78
C ASN C 672 -21.14 33.53 14.98
N ASP C 673 -21.94 34.01 14.04
CA ASP C 673 -21.58 35.15 13.19
C ASP C 673 -21.62 36.49 13.94
N ARG C 674 -22.49 36.66 14.97
CA ARG C 674 -22.42 37.81 15.91
C ARG C 674 -21.12 37.78 16.72
N VAL C 675 -20.80 36.67 17.39
CA VAL C 675 -19.53 36.53 18.14
C VAL C 675 -18.32 36.72 17.24
N SER C 676 -18.36 36.22 16.00
CA SER C 676 -17.31 36.40 14.99
C SER C 676 -17.01 37.87 14.63
N LYS C 677 -17.91 38.83 14.90
CA LYS C 677 -17.64 40.26 14.69
C LYS C 677 -16.88 40.86 15.86
N ALA C 678 -17.36 40.64 17.09
CA ALA C 678 -16.67 41.05 18.31
C ALA C 678 -15.26 40.43 18.41
N MET C 679 -15.14 39.14 18.08
CA MET C 679 -13.89 38.40 18.01
C MET C 679 -12.79 39.15 17.22
N MET C 680 -13.13 39.72 16.06
CA MET C 680 -12.14 40.41 15.23
C MET C 680 -11.65 41.74 15.81
N ASP C 681 -12.51 42.50 16.51
CA ASP C 681 -12.04 43.69 17.24
C ASP C 681 -11.05 43.32 18.35
N ASN C 682 -11.38 42.34 19.19
CA ASN C 682 -10.49 41.88 20.27
C ASN C 682 -9.19 41.25 19.73
N LEU C 683 -9.26 40.44 18.68
CA LEU C 683 -8.11 39.77 18.06
C LEU C 683 -7.16 40.74 17.33
N GLN C 684 -7.70 41.88 16.84
CA GLN C 684 -6.99 42.74 15.89
C GLN C 684 -6.77 44.18 16.37
N THR C 685 -7.52 44.70 17.36
CA THR C 685 -7.41 46.13 17.75
C THR C 685 -7.72 46.52 19.21
N GLU C 686 -8.32 45.72 20.10
CA GLU C 686 -8.95 46.24 21.36
C GLU C 686 -8.00 46.69 22.53
N THR C 687 -6.95 47.46 22.26
CA THR C 687 -6.02 48.05 23.27
C THR C 687 -6.61 49.25 24.06
N VAL C 688 -7.94 49.32 24.28
CA VAL C 688 -8.63 50.50 24.84
C VAL C 688 -8.27 50.79 26.32
N ILE C 689 -7.91 52.05 26.59
CA ILE C 689 -7.64 52.60 27.95
C ILE C 689 -7.76 54.14 28.05
N ASN C 690 -7.77 54.84 26.91
CA ASN C 690 -8.06 56.26 26.66
C ASN C 690 -6.81 57.16 26.63
N ARG C 691 -6.20 57.29 25.44
CA ARG C 691 -5.08 58.21 25.14
C ARG C 691 -5.43 59.69 25.42
N ASP C 692 -4.48 60.59 25.72
CA ASP C 692 -3.01 60.52 25.65
C ASP C 692 -2.33 59.57 26.66
N GLY C 693 -1.05 59.25 26.42
CA GLY C 693 -0.22 58.45 27.33
C GLY C 693 -0.65 56.99 27.55
N GLN C 694 -1.54 56.48 26.71
CA GLN C 694 -2.18 55.16 26.80
C GLN C 694 -2.58 54.67 25.38
N GLU C 695 -3.27 53.53 25.29
CA GLU C 695 -4.15 53.17 24.16
C GLU C 695 -3.46 53.07 22.78
N GLU C 696 -2.42 52.25 22.71
CA GLU C 696 -1.81 51.81 21.45
C GLU C 696 -2.75 50.86 20.67
N LYS C 697 -3.90 51.38 20.19
CA LYS C 697 -4.93 50.66 19.42
C LYS C 697 -4.47 50.22 18.00
N GLN C 698 -3.24 49.71 17.88
CA GLN C 698 -2.63 49.25 16.62
C GLN C 698 -3.19 47.90 16.14
N VAL C 699 -2.83 47.51 14.91
CA VAL C 699 -3.38 46.38 14.12
C VAL C 699 -3.02 44.95 14.62
N SER C 700 -2.70 44.80 15.91
CA SER C 700 -2.35 43.55 16.60
C SER C 700 -1.11 42.80 16.07
N PHE C 701 -0.50 42.03 16.98
CA PHE C 701 0.60 41.08 16.72
C PHE C 701 0.27 39.70 17.33
N ASN C 702 -1.02 39.39 17.46
CA ASN C 702 -1.51 38.05 17.74
C ASN C 702 -1.07 37.05 16.65
N SER C 703 -0.48 35.93 17.06
CA SER C 703 0.12 34.96 16.13
C SER C 703 -0.92 34.20 15.32
N ILE C 704 -2.08 33.84 15.89
CA ILE C 704 -3.12 33.05 15.18
C ILE C 704 -3.72 33.87 14.03
N TYR C 705 -3.95 35.18 14.25
CA TYR C 705 -4.26 36.12 13.18
C TYR C 705 -3.11 36.24 12.15
N MET C 706 -1.86 36.41 12.59
CA MET C 706 -0.71 36.48 11.69
C MET C 706 -0.52 35.19 10.87
N MET C 707 -0.83 34.00 11.39
CA MET C 707 -0.84 32.72 10.66
C MET C 707 -1.84 32.67 9.50
N ALA C 708 -2.86 33.52 9.51
CA ALA C 708 -3.82 33.69 8.41
C ALA C 708 -3.45 34.86 7.48
N ASP C 709 -3.04 36.02 8.00
CA ASP C 709 -2.66 37.17 7.15
C ASP C 709 -1.30 36.99 6.44
N SER C 710 -0.38 36.22 7.00
CA SER C 710 0.79 35.68 6.26
C SER C 710 0.40 34.62 5.22
N GLY C 711 -0.81 34.07 5.30
CA GLY C 711 -1.23 32.86 4.61
C GLY C 711 -0.43 31.60 4.99
N ALA C 712 0.32 31.59 6.10
CA ALA C 712 1.16 30.46 6.50
C ALA C 712 0.38 29.14 6.57
N ARG C 713 -0.74 29.12 7.32
CA ARG C 713 -1.64 27.95 7.45
C ARG C 713 -3.03 28.24 8.03
N GLY C 714 -3.33 29.48 8.43
CA GLY C 714 -4.55 29.85 9.15
C GLY C 714 -5.70 30.32 8.25
N SER C 715 -6.91 30.36 8.81
CA SER C 715 -8.14 30.77 8.11
C SER C 715 -9.17 31.30 9.13
N ALA C 716 -10.22 32.00 8.66
CA ALA C 716 -11.35 32.41 9.50
C ALA C 716 -12.06 31.22 10.19
N ALA C 717 -12.16 30.06 9.52
CA ALA C 717 -12.75 28.85 10.09
C ALA C 717 -11.88 28.22 11.21
N GLN C 718 -10.55 28.43 11.19
CA GLN C 718 -9.70 28.08 12.33
C GLN C 718 -9.90 29.10 13.46
N ILE C 719 -9.82 30.40 13.13
CA ILE C 719 -9.88 31.51 14.09
C ILE C 719 -11.17 31.49 14.92
N ARG C 720 -12.34 31.25 14.30
CA ARG C 720 -13.62 31.10 15.03
C ARG C 720 -13.53 30.08 16.17
N GLN C 721 -12.98 28.90 15.89
CA GLN C 721 -12.78 27.83 16.86
C GLN C 721 -11.73 28.13 17.93
N LEU C 722 -10.86 29.12 17.73
CA LEU C 722 -9.69 29.42 18.57
C LEU C 722 -9.79 30.76 19.33
N ALA C 723 -10.82 31.58 19.04
CA ALA C 723 -10.95 32.93 19.60
C ALA C 723 -12.41 33.40 19.86
N GLY C 724 -13.44 32.56 19.66
CA GLY C 724 -14.81 33.00 19.94
C GLY C 724 -15.90 31.92 20.05
N MET C 725 -16.03 31.03 19.05
CA MET C 725 -17.06 29.98 19.01
C MET C 725 -16.79 28.95 17.89
N ARG C 726 -16.74 27.65 18.22
CA ARG C 726 -16.60 26.55 17.23
C ARG C 726 -17.84 26.35 16.34
N GLY C 727 -19.03 26.60 16.86
CA GLY C 727 -20.22 26.91 16.06
C GLY C 727 -21.14 25.73 15.81
N LEU C 728 -21.11 25.18 14.59
CA LEU C 728 -22.03 24.16 14.09
C LEU C 728 -21.27 23.09 13.28
N MET C 729 -21.93 21.97 13.05
CA MET C 729 -21.38 20.76 12.42
C MET C 729 -22.44 20.10 11.52
N ALA C 730 -22.01 19.13 10.71
CA ALA C 730 -22.91 18.20 10.03
C ALA C 730 -23.11 16.92 10.86
N LYS C 731 -24.26 16.26 10.70
CA LYS C 731 -24.46 14.84 11.04
C LYS C 731 -23.84 13.94 9.95
N PRO C 732 -23.70 12.61 10.15
CA PRO C 732 -23.35 11.66 9.09
C PRO C 732 -24.19 11.74 7.81
N ASP C 733 -25.47 12.16 7.89
CA ASP C 733 -26.33 12.43 6.73
C ASP C 733 -25.95 13.70 5.92
N GLY C 734 -25.00 14.49 6.41
CA GLY C 734 -24.51 15.71 5.75
C GLY C 734 -25.19 17.00 6.22
N SER C 735 -26.44 16.96 6.70
CA SER C 735 -27.17 18.16 7.12
C SER C 735 -26.90 18.58 8.57
N ILE C 736 -27.09 19.87 8.84
CA ILE C 736 -26.77 20.57 10.10
C ILE C 736 -27.67 20.09 11.27
N ILE C 737 -27.27 20.42 12.49
CA ILE C 737 -27.85 19.97 13.77
C ILE C 737 -28.24 21.17 14.66
N GLU C 738 -29.32 21.02 15.44
CA GLU C 738 -29.79 22.01 16.44
C GLU C 738 -28.90 22.09 17.71
N THR C 739 -27.73 21.41 17.71
CA THR C 739 -26.87 21.19 18.89
C THR C 739 -25.50 21.86 18.69
N PRO C 740 -25.37 23.18 18.97
CA PRO C 740 -24.16 23.95 18.67
C PRO C 740 -23.04 23.74 19.69
N ILE C 741 -21.84 24.21 19.32
CA ILE C 741 -20.69 24.36 20.21
C ILE C 741 -20.46 25.86 20.39
N THR C 742 -21.20 26.46 21.33
CA THR C 742 -21.13 27.88 21.70
C THR C 742 -19.80 28.28 22.34
N ALA C 743 -19.01 27.31 22.82
CA ALA C 743 -17.63 27.47 23.29
C ALA C 743 -16.59 27.48 22.15
N ASN C 744 -15.32 27.73 22.49
CA ASN C 744 -14.15 27.64 21.61
C ASN C 744 -13.02 26.86 22.33
N PHE C 745 -11.95 26.48 21.63
CA PHE C 745 -10.87 25.65 22.19
C PHE C 745 -10.16 26.20 23.45
N ARG C 746 -10.25 27.50 23.79
CA ARG C 746 -9.80 27.99 25.11
C ARG C 746 -10.88 27.88 26.20
N GLU C 747 -12.16 28.02 25.87
CA GLU C 747 -13.27 27.80 26.80
C GLU C 747 -13.48 26.30 27.12
N GLY C 748 -13.20 25.43 26.15
CA GLY C 748 -13.23 23.97 26.27
C GLY C 748 -14.36 23.29 25.48
N LEU C 749 -14.37 21.96 25.51
CA LEU C 749 -15.36 21.07 24.91
C LEU C 749 -15.73 20.00 25.93
N ASN C 750 -17.01 19.93 26.32
CA ASN C 750 -17.49 18.82 27.16
C ASN C 750 -17.64 17.51 26.34
N VAL C 751 -17.88 16.40 27.05
CA VAL C 751 -18.04 15.04 26.46
C VAL C 751 -18.99 15.03 25.27
N LEU C 752 -20.14 15.70 25.38
CA LEU C 752 -21.17 15.75 24.34
C LEU C 752 -20.72 16.56 23.12
N GLN C 753 -20.09 17.71 23.33
CA GLN C 753 -19.59 18.58 22.25
C GLN C 753 -18.47 17.90 21.45
N TYR C 754 -17.56 17.21 22.14
CA TYR C 754 -16.60 16.27 21.54
C TYR C 754 -17.35 15.18 20.74
N PHE C 755 -18.26 14.44 21.38
CA PHE C 755 -18.89 13.26 20.81
C PHE C 755 -19.72 13.55 19.56
N ILE C 756 -20.56 14.59 19.59
CA ILE C 756 -21.35 15.02 18.42
C ILE C 756 -20.44 15.48 17.27
N SER C 757 -19.47 16.37 17.52
CA SER C 757 -18.57 16.82 16.44
C SER C 757 -17.65 15.70 15.91
N THR C 758 -17.39 14.65 16.70
CA THR C 758 -16.68 13.45 16.26
C THR C 758 -17.46 12.64 15.20
N HIS C 759 -18.80 12.67 15.19
CA HIS C 759 -19.58 12.03 14.11
C HIS C 759 -19.30 12.74 12.76
N GLY C 760 -19.39 14.07 12.72
CA GLY C 760 -19.06 14.86 11.52
C GLY C 760 -17.60 14.69 11.07
N ALA C 761 -16.67 14.62 12.03
CA ALA C 761 -15.26 14.31 11.74
C ALA C 761 -15.07 12.89 11.15
N ARG C 762 -15.71 11.85 11.72
CA ARG C 762 -15.67 10.48 11.16
C ARG C 762 -16.20 10.44 9.73
N LYS C 763 -17.38 11.03 9.47
CA LYS C 763 -17.97 11.07 8.12
C LYS C 763 -17.02 11.73 7.11
N GLY C 764 -16.52 12.93 7.43
CA GLY C 764 -15.62 13.69 6.57
C GLY C 764 -14.28 13.00 6.31
N LEU C 765 -13.67 12.39 7.34
CA LEU C 765 -12.42 11.63 7.19
C LEU C 765 -12.62 10.27 6.47
N ALA C 766 -13.79 9.64 6.60
CA ALA C 766 -14.14 8.45 5.83
C ALA C 766 -14.41 8.79 4.34
N ASP C 767 -15.11 9.89 4.01
CA ASP C 767 -15.21 10.36 2.62
C ASP C 767 -13.83 10.76 2.05
N THR C 768 -12.98 11.45 2.84
CA THR C 768 -11.57 11.74 2.51
C THR C 768 -10.82 10.46 2.10
N ALA C 769 -11.02 9.38 2.84
CA ALA C 769 -10.34 8.10 2.65
C ALA C 769 -10.96 7.18 1.57
N LEU C 770 -12.00 7.64 0.84
CA LEU C 770 -12.73 6.80 -0.12
C LEU C 770 -13.06 7.52 -1.44
N LYS C 771 -13.54 8.78 -1.39
CA LYS C 771 -13.99 9.51 -2.59
C LYS C 771 -12.86 9.93 -3.53
N THR C 772 -11.61 9.82 -3.09
CA THR C 772 -10.42 9.84 -3.95
C THR C 772 -10.47 8.77 -5.04
N ALA C 773 -10.97 7.56 -4.76
CA ALA C 773 -11.11 6.50 -5.77
C ALA C 773 -12.02 6.91 -6.93
N ASN C 774 -13.10 7.65 -6.63
CA ASN C 774 -14.02 8.23 -7.62
C ASN C 774 -13.39 9.36 -8.48
N SER C 775 -12.10 9.65 -8.30
CA SER C 775 -11.31 10.64 -9.05
C SER C 775 -10.02 10.03 -9.62
N GLY C 776 -9.35 9.14 -8.89
CA GLY C 776 -8.12 8.47 -9.32
C GLY C 776 -8.33 7.40 -10.40
N TYR C 777 -9.33 6.51 -10.24
CA TYR C 777 -9.70 5.54 -11.29
C TYR C 777 -10.13 6.25 -12.59
N LEU C 778 -10.93 7.32 -12.47
CA LEU C 778 -11.30 8.20 -13.58
C LEU C 778 -10.07 8.86 -14.22
N THR C 779 -9.10 9.32 -13.43
CA THR C 779 -7.83 9.87 -13.93
C THR C 779 -7.04 8.82 -14.72
N ARG C 780 -6.98 7.57 -14.26
CA ARG C 780 -6.30 6.48 -14.99
C ARG C 780 -6.94 6.24 -16.38
N ARG C 781 -8.26 6.04 -16.42
CA ARG C 781 -9.03 5.91 -17.68
C ARG C 781 -8.98 7.16 -18.57
N LEU C 782 -8.83 8.36 -18.01
CA LEU C 782 -8.71 9.61 -18.76
C LEU C 782 -7.45 9.67 -19.63
N VAL C 783 -6.28 9.20 -19.14
CA VAL C 783 -5.03 9.32 -19.89
C VAL C 783 -5.03 8.48 -21.18
N ASP C 784 -5.67 7.31 -21.16
CA ASP C 784 -5.85 6.45 -22.34
C ASP C 784 -6.54 7.20 -23.50
N VAL C 785 -7.53 8.02 -23.16
CA VAL C 785 -8.26 8.89 -24.10
C VAL C 785 -7.47 10.17 -24.44
N ALA C 786 -6.73 10.72 -23.47
CA ALA C 786 -6.09 12.04 -23.57
C ALA C 786 -4.70 12.08 -24.24
N GLN C 787 -3.98 10.96 -24.32
CA GLN C 787 -2.52 10.98 -24.56
C GLN C 787 -2.00 11.73 -25.82
N ASP C 788 -2.60 11.53 -27.00
CA ASP C 788 -1.94 11.81 -28.32
C ASP C 788 -1.60 13.28 -28.67
N LEU C 789 -2.04 14.27 -27.89
CA LEU C 789 -1.84 15.70 -28.17
C LEU C 789 -0.39 16.21 -27.95
N VAL C 790 0.59 15.65 -28.64
CA VAL C 790 1.94 16.24 -28.75
C VAL C 790 1.92 17.45 -29.68
N VAL C 791 2.45 18.60 -29.25
CA VAL C 791 2.64 19.78 -30.11
C VAL C 791 3.57 19.42 -31.28
N THR C 792 2.98 19.21 -32.44
CA THR C 792 3.61 18.60 -33.62
C THR C 792 3.69 19.60 -34.77
N GLU C 793 2.71 20.48 -34.87
CA GLU C 793 2.43 21.32 -36.03
C GLU C 793 2.24 22.77 -35.56
N ASP C 794 1.71 23.69 -36.37
CA ASP C 794 1.99 25.12 -36.20
C ASP C 794 0.74 26.01 -36.28
N ASP C 795 -0.17 25.78 -37.25
CA ASP C 795 -1.40 26.59 -37.42
C ASP C 795 -2.64 25.77 -37.83
N CYS C 796 -2.47 24.57 -38.38
CA CYS C 796 -3.51 23.67 -38.85
C CYS C 796 -4.61 24.26 -39.77
N GLY C 797 -4.50 25.50 -40.26
CA GLY C 797 -5.39 26.11 -41.26
C GLY C 797 -6.85 26.34 -40.81
N THR C 798 -7.20 25.92 -39.60
CA THR C 798 -8.53 26.02 -38.97
C THR C 798 -8.94 27.47 -38.69
N HIS C 799 -9.24 28.25 -39.73
CA HIS C 799 -9.68 29.65 -39.71
C HIS C 799 -11.09 29.83 -39.10
N GLU C 800 -11.29 29.31 -37.89
CA GLU C 800 -12.49 29.36 -37.06
C GLU C 800 -12.08 29.31 -35.57
N GLY C 801 -13.00 29.48 -34.62
CA GLY C 801 -12.66 29.40 -33.19
C GLY C 801 -13.82 29.70 -32.25
N ILE C 802 -13.63 29.39 -30.97
CA ILE C 802 -14.66 29.56 -29.94
C ILE C 802 -14.75 31.02 -29.52
N MET C 803 -15.96 31.58 -29.49
CA MET C 803 -16.26 32.87 -28.84
C MET C 803 -16.22 32.73 -27.31
N MET C 804 -15.00 32.69 -26.75
CA MET C 804 -14.79 32.76 -25.30
C MET C 804 -15.08 34.17 -24.77
N THR C 805 -15.29 34.25 -23.46
CA THR C 805 -15.63 35.46 -22.72
C THR C 805 -14.90 35.44 -21.38
N PRO C 806 -14.68 36.59 -20.70
CA PRO C 806 -14.51 36.59 -19.24
C PRO C 806 -15.62 35.76 -18.59
N VAL C 807 -15.39 35.18 -17.41
CA VAL C 807 -16.48 34.51 -16.68
C VAL C 807 -17.36 35.60 -16.07
N ILE C 808 -18.44 35.88 -16.79
CA ILE C 808 -19.50 36.82 -16.45
C ILE C 808 -20.79 36.00 -16.41
N GLU C 809 -21.16 35.55 -15.22
CA GLU C 809 -22.39 34.78 -14.90
C GLU C 809 -23.66 35.66 -15.01
N GLY C 810 -23.70 36.56 -16.01
CA GLY C 810 -24.67 37.64 -16.15
C GLY C 810 -24.42 38.81 -15.18
N GLY C 811 -24.27 38.48 -13.89
CA GLY C 811 -24.21 39.39 -12.75
C GLY C 811 -23.02 39.18 -11.81
N ASP C 812 -21.85 38.77 -12.32
CA ASP C 812 -20.54 38.91 -11.66
C ASP C 812 -19.39 38.97 -12.70
N VAL C 813 -18.13 39.17 -12.29
CA VAL C 813 -16.90 39.11 -13.13
C VAL C 813 -15.84 38.17 -12.53
N LYS C 814 -16.31 37.03 -11.99
CA LYS C 814 -15.61 35.84 -11.45
C LYS C 814 -14.28 35.46 -12.11
N GLU C 815 -14.11 35.79 -13.39
CA GLU C 815 -12.81 35.75 -14.07
C GLU C 815 -12.73 36.88 -15.11
N PRO C 816 -11.73 37.78 -15.04
CA PRO C 816 -11.53 38.83 -16.04
C PRO C 816 -11.03 38.25 -17.37
N LEU C 817 -10.84 39.10 -18.39
CA LEU C 817 -10.40 38.62 -19.71
C LEU C 817 -9.05 37.88 -19.66
N ARG C 818 -8.14 38.38 -18.82
CA ARG C 818 -6.72 37.98 -18.70
C ARG C 818 -6.54 36.48 -18.49
N ASP C 819 -7.10 35.95 -17.41
CA ASP C 819 -6.81 34.61 -16.87
C ASP C 819 -7.22 33.51 -17.86
N ARG C 820 -8.40 33.68 -18.47
CA ARG C 820 -8.96 32.76 -19.48
C ARG C 820 -8.25 32.85 -20.83
N VAL C 821 -7.81 34.04 -21.23
CA VAL C 821 -7.13 34.29 -22.51
C VAL C 821 -5.64 33.91 -22.47
N LEU C 822 -5.03 33.83 -21.28
CA LEU C 822 -3.60 33.64 -20.99
C LEU C 822 -2.79 32.82 -22.02
N GLY C 823 -2.18 33.53 -22.98
CA GLY C 823 -1.33 32.96 -24.02
C GLY C 823 -2.03 31.96 -24.94
N ARG C 824 -3.34 32.11 -25.15
CA ARG C 824 -4.09 31.55 -26.29
C ARG C 824 -3.88 32.44 -27.53
N VAL C 825 -4.59 32.19 -28.63
CA VAL C 825 -4.41 32.92 -29.91
C VAL C 825 -5.76 33.32 -30.50
N THR C 826 -5.87 34.49 -31.12
CA THR C 826 -7.10 34.94 -31.82
C THR C 826 -7.45 34.10 -33.05
N ALA C 827 -8.73 34.07 -33.39
CA ALA C 827 -9.30 33.45 -34.59
C ALA C 827 -10.16 34.42 -35.43
N GLU C 828 -10.18 35.71 -35.07
CA GLU C 828 -10.85 36.79 -35.81
C GLU C 828 -10.10 38.11 -35.58
N ASP C 829 -10.27 39.11 -36.46
CA ASP C 829 -9.74 40.47 -36.28
C ASP C 829 -10.61 41.28 -35.30
N VAL C 830 -10.60 40.89 -34.03
CA VAL C 830 -11.46 41.44 -32.97
C VAL C 830 -11.23 42.94 -32.76
N LEU C 831 -12.32 43.70 -32.64
CA LEU C 831 -12.33 45.15 -32.45
C LEU C 831 -13.52 45.53 -31.56
N LYS C 832 -13.30 46.38 -30.54
CA LYS C 832 -14.39 46.95 -29.72
C LYS C 832 -14.15 48.45 -29.48
N PRO C 833 -14.96 49.35 -30.06
CA PRO C 833 -14.99 50.75 -29.69
C PRO C 833 -15.33 50.97 -28.21
N GLY C 834 -14.80 52.03 -27.60
CA GLY C 834 -15.20 52.42 -26.24
C GLY C 834 -14.35 53.52 -25.62
N THR C 835 -13.03 53.33 -25.54
CA THR C 835 -12.09 54.27 -24.91
C THR C 835 -10.82 54.51 -25.73
N ALA C 836 -10.41 53.51 -26.52
CA ALA C 836 -9.23 53.57 -27.40
C ALA C 836 -9.43 52.83 -28.74
N ASP C 837 -10.66 52.37 -29.03
CA ASP C 837 -11.12 51.69 -30.25
C ASP C 837 -10.14 50.64 -30.81
N ILE C 838 -9.59 49.83 -29.90
CA ILE C 838 -8.54 48.86 -30.15
C ILE C 838 -9.00 47.73 -31.10
N LEU C 839 -8.05 47.26 -31.91
CA LEU C 839 -8.17 46.16 -32.86
C LEU C 839 -7.01 45.19 -32.62
N VAL C 840 -7.32 43.90 -32.42
CA VAL C 840 -6.35 42.82 -32.21
C VAL C 840 -6.57 41.76 -33.30
N PRO C 841 -5.75 41.74 -34.36
CA PRO C 841 -5.87 40.82 -35.49
C PRO C 841 -5.93 39.33 -35.12
N ARG C 842 -6.44 38.51 -36.04
CA ARG C 842 -6.31 37.03 -36.02
C ARG C 842 -4.84 36.59 -35.95
N ASN C 843 -4.59 35.37 -35.49
CA ASN C 843 -3.24 34.78 -35.35
C ASN C 843 -2.28 35.61 -34.47
N THR C 844 -2.77 36.32 -33.45
CA THR C 844 -1.93 37.04 -32.45
C THR C 844 -1.91 36.29 -31.12
N LEU C 845 -0.71 36.04 -30.58
CA LEU C 845 -0.47 35.31 -29.32
C LEU C 845 -0.78 36.21 -28.11
N LEU C 846 -1.92 35.96 -27.47
CA LEU C 846 -2.52 36.78 -26.42
C LEU C 846 -1.86 36.61 -25.04
N HIS C 847 -0.57 36.95 -24.94
CA HIS C 847 0.03 37.30 -23.65
C HIS C 847 -0.70 38.51 -23.01
N GLU C 848 -0.58 38.65 -21.69
CA GLU C 848 -1.46 39.48 -20.86
C GLU C 848 -1.70 40.91 -21.39
N GLN C 849 -0.69 41.63 -21.86
CA GLN C 849 -0.83 43.03 -22.26
C GLN C 849 -1.63 43.24 -23.56
N TRP C 850 -1.91 42.19 -24.35
CA TRP C 850 -2.97 42.25 -25.37
C TRP C 850 -4.36 42.37 -24.71
N CYS C 851 -4.56 41.68 -23.59
CA CYS C 851 -5.80 41.78 -22.81
C CYS C 851 -5.95 43.17 -22.18
N ASP C 852 -4.88 43.80 -21.67
CA ASP C 852 -4.96 45.16 -21.08
C ASP C 852 -5.60 46.19 -22.04
N LEU C 853 -5.18 46.19 -23.32
CA LEU C 853 -5.73 47.09 -24.35
C LEU C 853 -7.19 46.77 -24.71
N LEU C 854 -7.59 45.50 -24.58
CA LEU C 854 -8.98 45.06 -24.79
C LEU C 854 -9.86 45.36 -23.55
N GLU C 855 -9.34 45.19 -22.33
CA GLU C 855 -10.06 45.46 -21.09
C GLU C 855 -10.32 46.95 -20.86
N GLU C 856 -9.47 47.87 -21.33
CA GLU C 856 -9.81 49.31 -21.36
C GLU C 856 -11.09 49.58 -22.18
N ASN C 857 -11.26 48.88 -23.30
CA ASN C 857 -12.50 48.94 -24.09
C ASN C 857 -13.61 48.00 -23.52
N SER C 858 -13.46 47.53 -22.28
CA SER C 858 -14.29 46.53 -21.59
C SER C 858 -14.73 45.36 -22.48
N VAL C 859 -13.76 44.71 -23.13
CA VAL C 859 -13.98 43.52 -23.97
C VAL C 859 -14.42 42.30 -23.16
N ASP C 860 -15.56 41.78 -23.59
CA ASP C 860 -16.41 40.78 -22.95
C ASP C 860 -16.64 39.55 -23.84
N ALA C 861 -16.17 39.56 -25.09
CA ALA C 861 -16.11 38.39 -25.98
C ALA C 861 -14.94 38.48 -26.96
N VAL C 862 -14.25 37.36 -27.19
CA VAL C 862 -13.11 37.24 -28.12
C VAL C 862 -13.17 35.87 -28.80
N LYS C 863 -13.21 35.83 -30.14
CA LYS C 863 -13.09 34.56 -30.87
C LYS C 863 -11.64 34.10 -30.89
N VAL C 864 -11.36 32.94 -30.29
CA VAL C 864 -10.01 32.40 -30.10
C VAL C 864 -9.89 30.99 -30.66
N ARG C 865 -8.67 30.63 -31.06
CA ARG C 865 -8.26 29.25 -31.32
C ARG C 865 -8.45 28.40 -30.05
N SER C 866 -8.55 27.10 -30.25
CA SER C 866 -8.99 26.11 -29.27
C SER C 866 -8.29 24.77 -29.53
N VAL C 867 -8.01 23.99 -28.48
CA VAL C 867 -7.52 22.62 -28.68
C VAL C 867 -8.53 21.72 -29.42
N VAL C 868 -9.83 22.08 -29.40
CA VAL C 868 -10.87 21.47 -30.26
C VAL C 868 -10.80 21.97 -31.71
N SER C 869 -10.43 23.23 -31.95
CA SER C 869 -10.30 23.81 -33.31
C SER C 869 -9.01 23.36 -34.02
N CYS C 870 -8.63 22.08 -33.89
CA CYS C 870 -7.32 21.56 -34.22
C CYS C 870 -7.43 20.31 -35.13
N ASP C 871 -7.24 20.49 -36.43
CA ASP C 871 -7.35 19.43 -37.44
C ASP C 871 -6.24 18.37 -37.38
N THR C 872 -5.05 18.74 -36.87
CA THR C 872 -3.81 17.95 -36.90
C THR C 872 -4.00 16.48 -36.48
N ASP C 873 -3.46 15.58 -37.30
CA ASP C 873 -3.51 14.13 -37.11
C ASP C 873 -2.71 13.67 -35.86
N PHE C 874 -3.42 13.07 -34.90
CA PHE C 874 -2.95 12.62 -33.57
C PHE C 874 -2.35 13.75 -32.71
N GLY C 875 -1.23 14.34 -33.11
CA GLY C 875 -0.66 15.54 -32.49
C GLY C 875 -1.50 16.80 -32.73
N VAL C 876 -1.00 17.96 -32.30
CA VAL C 876 -1.72 19.24 -32.35
C VAL C 876 -0.87 20.41 -32.87
N CYS C 877 -1.51 21.48 -33.33
CA CYS C 877 -0.86 22.66 -33.91
C CYS C 877 -0.69 23.80 -32.90
N ALA C 878 0.48 24.45 -32.90
CA ALA C 878 0.88 25.41 -31.87
C ALA C 878 -0.14 26.55 -31.62
N HIS C 879 -0.76 27.10 -32.67
CA HIS C 879 -1.80 28.15 -32.55
C HIS C 879 -2.98 27.78 -31.63
N CYS C 880 -3.30 26.48 -31.48
CA CYS C 880 -4.44 26.02 -30.67
C CYS C 880 -4.19 26.06 -29.14
N TYR C 881 -2.96 26.33 -28.69
CA TYR C 881 -2.58 26.34 -27.28
C TYR C 881 -1.65 27.53 -26.90
N GLY C 882 -0.77 27.93 -27.84
CA GLY C 882 0.01 29.18 -27.84
C GLY C 882 1.21 29.23 -26.90
N ARG C 883 0.97 29.16 -25.59
CA ARG C 883 1.99 29.31 -24.53
C ARG C 883 1.83 28.22 -23.48
N ASP C 884 2.92 27.53 -23.18
CA ASP C 884 3.04 26.63 -22.03
C ASP C 884 3.08 27.42 -20.71
N LEU C 885 2.69 26.76 -19.62
CA LEU C 885 2.39 27.42 -18.35
C LEU C 885 3.33 26.97 -17.21
N ALA C 886 4.18 25.95 -17.44
CA ALA C 886 5.05 25.34 -16.42
C ALA C 886 6.55 25.61 -16.63
N ARG C 887 7.00 25.57 -17.89
CA ARG C 887 8.32 26.01 -18.36
C ARG C 887 8.24 27.48 -18.81
N GLY C 888 7.09 27.87 -19.36
CA GLY C 888 6.60 29.24 -19.42
C GLY C 888 6.68 29.94 -20.79
N HIS C 889 7.04 29.22 -21.85
CA HIS C 889 7.44 29.75 -23.15
C HIS C 889 6.33 29.60 -24.21
N ILE C 890 6.54 30.14 -25.42
CA ILE C 890 5.76 29.76 -26.62
C ILE C 890 5.88 28.24 -26.76
N ILE C 891 4.77 27.50 -26.73
CA ILE C 891 4.81 26.08 -26.36
C ILE C 891 5.71 25.25 -27.29
N ASN C 892 6.69 24.57 -26.68
CA ASN C 892 7.72 23.80 -27.36
C ASN C 892 7.10 22.76 -28.31
N LYS C 893 7.53 22.72 -29.57
CA LYS C 893 7.22 21.64 -30.51
C LYS C 893 7.85 20.34 -30.00
N GLY C 894 7.02 19.49 -29.39
CA GLY C 894 7.37 18.28 -28.64
C GLY C 894 6.67 18.19 -27.27
N GLU C 895 6.15 19.28 -26.71
CA GLU C 895 5.44 19.29 -25.42
C GLU C 895 4.12 18.48 -25.51
N ALA C 896 3.84 17.62 -24.52
CA ALA C 896 2.70 16.69 -24.55
C ALA C 896 1.46 17.24 -23.84
N ILE C 897 0.73 18.15 -24.50
CA ILE C 897 -0.50 18.79 -23.97
C ILE C 897 -1.50 17.76 -23.40
N GLY C 898 -1.63 16.59 -24.04
CA GLY C 898 -2.61 15.56 -23.68
C GLY C 898 -2.53 15.10 -22.23
N VAL C 899 -1.38 14.53 -21.86
CA VAL C 899 -1.12 14.05 -20.50
C VAL C 899 -1.03 15.22 -19.50
N ILE C 900 -0.42 16.35 -19.90
CA ILE C 900 -0.39 17.58 -19.08
C ILE C 900 -1.80 18.00 -18.68
N ALA C 901 -2.76 18.01 -19.61
CA ALA C 901 -4.13 18.42 -19.36
C ALA C 901 -4.87 17.44 -18.44
N ALA C 902 -4.75 16.12 -18.65
CA ALA C 902 -5.32 15.12 -17.76
C ALA C 902 -4.80 15.27 -16.32
N GLN C 903 -3.48 15.37 -16.15
CA GLN C 903 -2.84 15.62 -14.86
C GLN C 903 -3.30 16.94 -14.21
N SER C 904 -3.48 18.00 -15.00
CA SER C 904 -3.98 19.33 -14.54
C SER C 904 -5.42 19.32 -14.00
N ILE C 905 -6.11 18.18 -14.01
CA ILE C 905 -7.51 18.01 -13.59
C ILE C 905 -7.61 16.86 -12.58
N GLY C 906 -6.94 15.73 -12.85
CA GLY C 906 -6.93 14.56 -11.97
C GLY C 906 -6.27 14.81 -10.61
N GLU C 907 -5.14 15.53 -10.57
CA GLU C 907 -4.52 15.93 -9.30
C GLU C 907 -5.44 16.86 -8.48
N PRO C 908 -5.85 18.06 -8.95
CA PRO C 908 -6.60 18.99 -8.10
C PRO C 908 -7.98 18.47 -7.65
N GLY C 909 -8.65 17.62 -8.45
CA GLY C 909 -9.88 16.94 -8.04
C GLY C 909 -9.65 15.96 -6.89
N THR C 910 -8.66 15.08 -7.03
CA THR C 910 -8.28 14.08 -6.01
C THR C 910 -7.68 14.74 -4.76
N GLN C 911 -6.92 15.82 -4.95
CA GLN C 911 -6.31 16.61 -3.88
C GLN C 911 -7.37 17.27 -2.98
N LEU C 912 -8.34 17.99 -3.55
CA LEU C 912 -9.30 18.78 -2.77
C LEU C 912 -10.48 17.95 -2.24
N THR C 913 -10.81 16.81 -2.87
CA THR C 913 -11.66 15.77 -2.25
C THR C 913 -11.02 15.11 -1.01
N MET C 914 -9.73 15.36 -0.73
CA MET C 914 -9.17 15.15 0.61
C MET C 914 -9.08 16.47 1.41
N ARG C 915 -8.43 17.49 0.84
CA ARG C 915 -7.98 18.70 1.58
C ARG C 915 -9.08 19.64 2.10
N THR C 916 -10.35 19.34 1.80
CA THR C 916 -11.52 20.01 2.39
C THR C 916 -12.30 19.08 3.33
N PHE C 917 -12.38 17.79 3.05
CA PHE C 917 -13.28 16.87 3.78
C PHE C 917 -12.73 16.43 5.15
N HIS C 918 -11.41 16.44 5.36
CA HIS C 918 -10.75 16.16 6.65
C HIS C 918 -10.96 17.24 7.74
N ILE C 919 -12.05 18.02 7.66
CA ILE C 919 -12.31 19.24 8.47
C ILE C 919 -13.70 19.18 9.15
N GLY C 920 -14.54 18.17 8.84
CA GLY C 920 -15.96 18.04 9.23
C GLY C 920 -16.35 18.11 10.71
N GLY C 921 -15.41 18.32 11.65
CA GLY C 921 -15.69 18.60 13.05
C GLY C 921 -16.27 20.00 13.33
N ALA C 922 -16.21 20.93 12.38
CA ALA C 922 -16.81 22.27 12.49
C ALA C 922 -17.09 22.91 11.11
N ALA C 923 -17.96 23.92 11.06
CA ALA C 923 -18.33 24.63 9.83
C ALA C 923 -18.55 26.14 10.06
N SER C 924 -18.20 26.95 9.05
CA SER C 924 -18.43 28.41 8.96
C SER C 924 -18.01 28.96 7.59
N ARG C 925 -18.58 30.10 7.20
CA ARG C 925 -18.13 30.92 6.06
C ARG C 925 -18.00 32.39 6.50
N ALA C 926 -17.20 33.18 5.78
CA ALA C 926 -17.10 34.64 5.93
C ALA C 926 -16.55 35.25 4.63
N ALA C 927 -17.01 36.46 4.29
CA ALA C 927 -16.71 37.11 3.00
C ALA C 927 -16.55 38.64 3.15
N ALA C 928 -15.92 39.25 2.14
CA ALA C 928 -15.70 40.70 2.02
C ALA C 928 -15.77 41.21 0.56
N GLU C 929 -16.07 40.33 -0.40
CA GLU C 929 -16.14 40.49 -1.87
C GLU C 929 -17.11 41.58 -2.42
N SER C 930 -17.50 42.59 -1.63
CA SER C 930 -18.61 43.53 -1.89
C SER C 930 -18.20 45.02 -1.96
N SER C 931 -16.94 45.38 -1.72
CA SER C 931 -16.51 46.79 -1.71
C SER C 931 -15.06 47.07 -2.11
N ILE C 932 -14.75 48.33 -2.40
CA ILE C 932 -13.41 48.83 -2.74
C ILE C 932 -13.10 50.06 -1.89
N GLN C 933 -11.88 50.14 -1.35
CA GLN C 933 -11.50 51.11 -0.31
C GLN C 933 -10.08 51.67 -0.55
N VAL C 934 -9.96 53.00 -0.57
CA VAL C 934 -8.71 53.76 -0.76
C VAL C 934 -7.98 53.94 0.57
N LYS C 935 -6.65 54.11 0.50
CA LYS C 935 -5.70 53.89 1.61
C LYS C 935 -4.72 55.05 1.87
N ASN C 936 -4.65 56.04 0.99
CA ASN C 936 -3.79 57.23 1.13
C ASN C 936 -4.44 58.44 0.43
N LYS C 937 -3.88 59.65 0.65
CA LYS C 937 -4.25 60.85 -0.09
C LYS C 937 -3.93 60.69 -1.58
N GLY C 938 -4.84 61.13 -2.43
CA GLY C 938 -4.68 61.12 -3.89
C GLY C 938 -5.89 61.66 -4.64
N SER C 939 -5.98 61.34 -5.92
CA SER C 939 -7.07 61.68 -6.82
C SER C 939 -7.58 60.45 -7.58
N ILE C 940 -8.86 60.48 -7.93
CA ILE C 940 -9.58 59.37 -8.56
C ILE C 940 -9.47 59.44 -10.09
N LYS C 941 -9.19 58.29 -10.72
CA LYS C 941 -9.25 58.11 -12.17
C LYS C 941 -10.09 56.88 -12.52
N LEU C 942 -11.34 57.12 -12.89
CA LEU C 942 -12.19 56.14 -13.58
C LEU C 942 -11.51 55.73 -14.90
N SER C 943 -11.61 54.46 -15.27
CA SER C 943 -10.91 53.87 -16.42
C SER C 943 -11.56 52.57 -16.85
N ASN C 944 -11.26 52.10 -18.05
CA ASN C 944 -11.88 50.93 -18.66
C ASN C 944 -13.43 51.06 -18.81
N VAL C 945 -13.96 52.29 -18.95
CA VAL C 945 -15.25 52.70 -18.33
C VAL C 945 -16.34 53.24 -19.27
N LYS C 946 -17.59 52.85 -18.98
CA LYS C 946 -18.79 53.69 -19.06
C LYS C 946 -19.48 53.74 -17.68
N SER C 947 -20.24 54.80 -17.42
CA SER C 947 -20.94 55.01 -16.15
C SER C 947 -22.06 56.04 -16.28
N VAL C 948 -23.10 55.94 -15.46
CA VAL C 948 -24.30 56.79 -15.53
C VAL C 948 -24.78 57.24 -14.14
N VAL C 949 -25.58 58.31 -14.10
CA VAL C 949 -26.20 58.87 -12.88
C VAL C 949 -27.69 58.52 -12.88
N ASN C 950 -28.23 58.28 -11.70
CA ASN C 950 -29.52 57.60 -11.49
C ASN C 950 -30.49 58.47 -10.69
N SER C 951 -31.74 58.61 -11.15
CA SER C 951 -32.79 59.38 -10.45
C SER C 951 -33.07 58.90 -9.04
N SER C 952 -32.89 57.60 -8.77
CA SER C 952 -33.10 56.97 -7.46
C SER C 952 -31.93 57.21 -6.49
N GLY C 953 -30.87 57.92 -6.92
CA GLY C 953 -29.83 58.49 -6.05
C GLY C 953 -28.39 58.13 -6.39
N LYS C 954 -28.16 57.15 -7.28
CA LYS C 954 -26.84 56.52 -7.46
C LYS C 954 -25.97 57.20 -8.55
N LEU C 955 -24.69 56.84 -8.52
CA LEU C 955 -23.74 56.91 -9.64
C LEU C 955 -23.23 55.48 -9.85
N VAL C 956 -23.27 54.95 -11.08
CA VAL C 956 -23.10 53.50 -11.32
C VAL C 956 -22.27 53.25 -12.57
N ILE C 957 -21.39 52.24 -12.51
CA ILE C 957 -20.61 51.74 -13.66
C ILE C 957 -21.50 50.89 -14.59
N THR C 958 -21.25 50.97 -15.89
CA THR C 958 -22.07 50.32 -16.94
C THR C 958 -21.22 49.56 -17.97
N SER C 959 -20.01 49.14 -17.58
CA SER C 959 -19.03 48.42 -18.42
C SER C 959 -18.42 47.20 -17.72
N ARG C 960 -18.07 46.14 -18.47
CA ARG C 960 -17.83 44.79 -17.96
C ARG C 960 -16.44 44.51 -17.32
N ASN C 961 -15.39 45.30 -17.61
CA ASN C 961 -14.01 45.05 -17.14
C ASN C 961 -13.39 46.27 -16.42
N THR C 962 -14.28 47.13 -15.89
CA THR C 962 -13.99 48.50 -15.43
C THR C 962 -12.89 48.59 -14.37
N GLU C 963 -12.22 49.73 -14.26
CA GLU C 963 -11.17 49.97 -13.28
C GLU C 963 -11.20 51.38 -12.67
N LEU C 964 -10.59 51.47 -11.48
CA LEU C 964 -10.55 52.63 -10.62
C LEU C 964 -9.10 52.86 -10.17
N LYS C 965 -8.32 53.59 -10.98
CA LYS C 965 -6.94 53.97 -10.63
C LYS C 965 -6.96 55.05 -9.54
N LEU C 966 -5.99 54.97 -8.64
CA LEU C 966 -5.65 56.00 -7.65
C LEU C 966 -4.36 56.68 -8.10
N ILE C 967 -4.36 58.01 -8.15
CA ILE C 967 -3.23 58.84 -8.61
C ILE C 967 -2.75 59.71 -7.44
N ASP C 968 -1.46 60.05 -7.39
CA ASP C 968 -0.93 61.10 -6.50
C ASP C 968 -1.32 62.53 -6.94
N GLU C 969 -0.74 63.54 -6.30
CA GLU C 969 -0.99 64.96 -6.58
C GLU C 969 -0.43 65.48 -7.92
N PHE C 970 0.29 64.64 -8.69
CA PHE C 970 1.15 65.09 -9.79
C PHE C 970 0.98 64.28 -11.09
N GLY C 971 0.65 62.99 -11.00
CA GLY C 971 0.42 62.11 -12.15
C GLY C 971 0.85 60.65 -11.97
N ARG C 972 1.46 60.25 -10.84
CA ARG C 972 1.88 58.86 -10.59
C ARG C 972 0.66 58.03 -10.14
N THR C 973 0.32 56.98 -10.88
CA THR C 973 -0.56 55.92 -10.36
C THR C 973 0.06 55.29 -9.10
N LYS C 974 -0.75 55.07 -8.06
CA LYS C 974 -0.34 54.49 -6.76
C LYS C 974 -1.10 53.22 -6.40
N GLU C 975 -2.28 53.00 -6.97
CA GLU C 975 -3.09 51.78 -6.87
C GLU C 975 -4.03 51.68 -8.09
N SER C 976 -4.58 50.50 -8.35
CA SER C 976 -5.74 50.30 -9.24
C SER C 976 -6.59 49.16 -8.71
N TYR C 977 -7.87 49.15 -9.05
CA TYR C 977 -8.84 48.14 -8.64
C TYR C 977 -9.72 47.79 -9.85
N LYS C 978 -9.91 46.50 -10.14
CA LYS C 978 -11.05 46.06 -10.98
C LYS C 978 -12.36 46.44 -10.28
N VAL C 979 -13.39 46.78 -11.05
CA VAL C 979 -14.71 47.15 -10.55
C VAL C 979 -15.78 46.53 -11.45
N PRO C 980 -16.72 45.74 -10.90
CA PRO C 980 -17.81 45.13 -11.67
C PRO C 980 -18.70 46.13 -12.44
N TYR C 981 -19.36 45.63 -13.49
CA TYR C 981 -20.53 46.28 -14.10
C TYR C 981 -21.66 46.41 -13.07
N GLY C 982 -22.40 47.52 -13.06
CA GLY C 982 -23.46 47.76 -12.05
C GLY C 982 -22.94 48.14 -10.66
N ALA C 983 -21.63 48.14 -10.41
CA ALA C 983 -21.06 48.64 -9.16
C ALA C 983 -21.41 50.12 -8.94
N VAL C 984 -21.94 50.43 -7.76
CA VAL C 984 -22.23 51.80 -7.32
C VAL C 984 -20.93 52.48 -6.93
N LEU C 985 -20.61 53.60 -7.57
CA LEU C 985 -19.48 54.45 -7.22
C LEU C 985 -19.87 55.44 -6.11
N ALA C 986 -18.96 55.64 -5.17
CA ALA C 986 -19.04 56.70 -4.16
C ALA C 986 -18.09 57.88 -4.48
N LYS C 987 -17.57 57.94 -5.72
CA LYS C 987 -16.61 58.94 -6.20
C LYS C 987 -16.80 59.30 -7.67
N GLY C 988 -16.45 60.54 -8.03
CA GLY C 988 -16.40 61.02 -9.41
C GLY C 988 -14.99 61.04 -10.01
N ASP C 989 -14.89 61.17 -11.33
CA ASP C 989 -13.60 61.26 -12.02
C ASP C 989 -12.89 62.59 -11.76
N GLY C 990 -11.59 62.55 -11.42
CA GLY C 990 -10.83 63.73 -10.99
C GLY C 990 -11.15 64.23 -9.58
N GLU C 991 -12.05 63.56 -8.86
CA GLU C 991 -12.30 63.81 -7.44
C GLU C 991 -11.07 63.45 -6.58
N GLN C 992 -11.17 63.61 -5.27
CA GLN C 992 -10.06 63.59 -4.32
C GLN C 992 -10.37 62.64 -3.16
N VAL C 993 -9.32 62.13 -2.54
CA VAL C 993 -9.39 61.10 -1.49
C VAL C 993 -8.27 61.32 -0.47
N ALA C 994 -8.43 60.74 0.72
CA ALA C 994 -7.52 60.81 1.87
C ALA C 994 -7.14 59.42 2.42
N GLY C 995 -8.04 58.44 2.31
CA GLY C 995 -7.81 57.05 2.75
C GLY C 995 -8.68 56.63 3.95
N GLY C 996 -8.79 55.32 4.18
CA GLY C 996 -9.81 54.76 5.08
C GLY C 996 -11.21 54.91 4.50
N GLU C 997 -11.33 54.83 3.17
CA GLU C 997 -12.35 55.55 2.42
C GLU C 997 -12.94 54.65 1.32
N THR C 998 -14.16 54.15 1.52
CA THR C 998 -14.90 53.35 0.53
C THR C 998 -15.20 54.17 -0.73
N VAL C 999 -15.00 53.57 -1.90
CA VAL C 999 -15.12 54.24 -3.21
C VAL C 999 -16.00 53.50 -4.22
N ALA C 1000 -16.29 52.20 -4.01
CA ALA C 1000 -17.30 51.45 -4.76
C ALA C 1000 -17.91 50.30 -3.93
N ASN C 1001 -19.12 49.85 -4.29
CA ASN C 1001 -19.85 48.78 -3.61
C ASN C 1001 -20.89 48.09 -4.55
N TRP C 1002 -21.24 46.83 -4.24
CA TRP C 1002 -22.26 46.01 -4.90
C TRP C 1002 -22.80 44.94 -3.91
N ASP C 1003 -23.78 44.13 -4.35
CA ASP C 1003 -24.42 43.09 -3.52
C ASP C 1003 -23.41 41.99 -3.13
N PRO C 1004 -23.43 41.46 -1.88
CA PRO C 1004 -22.52 40.39 -1.42
C PRO C 1004 -22.39 39.15 -2.33
N HIS C 1005 -23.37 38.91 -3.21
CA HIS C 1005 -23.45 37.74 -4.10
C HIS C 1005 -23.62 38.15 -5.57
N THR C 1006 -23.44 39.42 -5.93
CA THR C 1006 -23.84 39.94 -7.26
C THR C 1006 -23.28 41.33 -7.59
N MET C 1007 -22.79 41.50 -8.82
CA MET C 1007 -22.79 42.80 -9.51
C MET C 1007 -24.19 43.04 -10.10
N PRO C 1008 -24.98 44.01 -9.59
CA PRO C 1008 -26.39 44.13 -9.96
C PRO C 1008 -26.55 44.47 -11.44
N VAL C 1009 -27.31 43.65 -12.18
CA VAL C 1009 -27.48 43.85 -13.64
C VAL C 1009 -28.30 45.12 -13.89
N ILE C 1010 -27.64 46.14 -14.43
CA ILE C 1010 -28.11 47.54 -14.39
C ILE C 1010 -28.12 48.23 -15.77
N THR C 1011 -29.05 49.17 -15.92
CA THR C 1011 -29.30 49.98 -17.11
C THR C 1011 -28.31 51.14 -17.35
N GLU C 1012 -28.03 51.43 -18.62
CA GLU C 1012 -27.54 52.75 -19.08
C GLU C 1012 -28.68 53.80 -19.18
N VAL C 1013 -29.92 53.35 -19.37
CA VAL C 1013 -31.03 54.17 -19.90
C VAL C 1013 -32.33 54.01 -19.13
N SER C 1014 -33.25 54.96 -19.31
CA SER C 1014 -34.55 55.04 -18.63
C SER C 1014 -35.67 54.78 -19.64
N GLY C 1015 -36.69 54.01 -19.27
CA GLY C 1015 -37.76 53.58 -20.16
C GLY C 1015 -38.60 52.43 -19.59
N PHE C 1016 -39.50 51.88 -20.40
CA PHE C 1016 -40.13 50.59 -20.08
C PHE C 1016 -39.09 49.46 -20.13
N VAL C 1017 -39.22 48.49 -19.23
CA VAL C 1017 -38.49 47.21 -19.26
C VAL C 1017 -39.07 46.33 -20.35
N ARG C 1018 -38.22 45.51 -21.00
CA ARG C 1018 -38.63 44.52 -22.00
C ARG C 1018 -37.68 43.31 -22.02
N PHE C 1019 -38.13 42.21 -22.58
CA PHE C 1019 -37.32 41.02 -22.86
C PHE C 1019 -36.99 40.93 -24.37
N THR C 1020 -35.90 40.22 -24.71
CA THR C 1020 -35.46 39.96 -26.09
C THR C 1020 -34.56 38.73 -26.14
N ASP C 1021 -34.48 38.08 -27.30
CA ASP C 1021 -33.69 36.85 -27.51
C ASP C 1021 -34.00 35.74 -26.45
N MET C 1022 -35.21 35.83 -25.90
CA MET C 1022 -35.79 35.12 -24.75
C MET C 1022 -37.13 34.52 -25.18
N ILE C 1023 -37.45 33.35 -24.64
CA ILE C 1023 -38.72 32.63 -24.71
C ILE C 1023 -38.90 31.88 -23.38
N ASP C 1024 -40.06 32.00 -22.76
CA ASP C 1024 -40.42 31.31 -21.50
C ASP C 1024 -40.34 29.78 -21.63
N GLY C 1025 -39.92 29.11 -20.56
CA GLY C 1025 -39.41 27.74 -20.54
C GLY C 1025 -38.11 27.55 -21.34
N GLN C 1026 -38.19 27.75 -22.64
CA GLN C 1026 -37.11 27.49 -23.62
C GLN C 1026 -35.83 28.33 -23.42
N THR C 1027 -35.84 29.35 -22.54
CA THR C 1027 -34.66 30.13 -22.12
C THR C 1027 -34.67 30.63 -20.66
N ILE C 1028 -35.81 30.58 -19.98
CA ILE C 1028 -36.05 31.13 -18.63
C ILE C 1028 -37.20 30.35 -17.97
N THR C 1029 -37.25 30.26 -16.64
CA THR C 1029 -38.35 29.61 -15.90
C THR C 1029 -38.69 30.38 -14.62
N ARG C 1030 -39.91 30.22 -14.08
CA ARG C 1030 -40.51 31.16 -13.13
C ARG C 1030 -40.33 30.77 -11.65
N GLN C 1031 -40.24 31.81 -10.82
CA GLN C 1031 -40.37 31.81 -9.36
C GLN C 1031 -41.33 32.93 -8.94
N THR C 1032 -41.94 32.82 -7.76
CA THR C 1032 -42.98 33.77 -7.27
C THR C 1032 -43.04 33.74 -5.75
N ASP C 1033 -43.43 34.86 -5.15
CA ASP C 1033 -43.56 35.08 -3.70
C ASP C 1033 -44.75 36.03 -3.44
N GLU C 1034 -45.11 36.28 -2.19
CA GLU C 1034 -46.19 37.19 -1.77
C GLU C 1034 -45.61 38.59 -1.44
N LEU C 1035 -45.82 39.12 -0.22
CA LEU C 1035 -45.44 40.46 0.26
C LEU C 1035 -46.24 41.61 -0.41
N THR C 1036 -46.39 41.55 -1.73
CA THR C 1036 -47.24 42.41 -2.59
C THR C 1036 -47.80 41.62 -3.80
N GLY C 1037 -47.64 40.30 -3.79
CA GLY C 1037 -47.19 39.52 -4.96
C GLY C 1037 -45.80 39.96 -5.45
N LEU C 1038 -44.95 38.98 -5.80
CA LEU C 1038 -43.57 39.19 -6.26
C LEU C 1038 -43.14 38.12 -7.29
N SER C 1039 -42.08 38.42 -8.04
CA SER C 1039 -41.59 37.63 -9.19
C SER C 1039 -40.08 37.42 -9.15
N SER C 1040 -39.60 36.34 -9.77
CA SER C 1040 -38.23 36.21 -10.28
C SER C 1040 -38.20 35.13 -11.37
N LEU C 1041 -37.24 35.17 -12.31
CA LEU C 1041 -37.13 34.21 -13.41
C LEU C 1041 -35.69 33.70 -13.53
N VAL C 1042 -35.45 32.41 -13.31
CA VAL C 1042 -34.13 31.78 -13.48
C VAL C 1042 -33.83 31.66 -14.97
N VAL C 1043 -32.63 32.07 -15.40
CA VAL C 1043 -32.21 31.98 -16.81
C VAL C 1043 -31.56 30.62 -17.07
N LEU C 1044 -31.79 30.05 -18.25
CA LEU C 1044 -31.45 28.66 -18.61
C LEU C 1044 -30.71 28.66 -19.96
N ASP C 1045 -29.64 27.86 -20.14
CA ASP C 1045 -28.81 27.96 -21.35
C ASP C 1045 -28.23 26.69 -21.97
N SER C 1046 -27.75 25.71 -21.21
CA SER C 1046 -26.89 24.61 -21.72
C SER C 1046 -26.91 23.31 -20.88
N ALA C 1047 -27.84 23.18 -19.94
CA ALA C 1047 -28.11 21.97 -19.17
C ALA C 1047 -29.63 21.73 -19.03
N GLU C 1048 -30.45 22.46 -19.78
CA GLU C 1048 -31.81 22.82 -19.37
C GLU C 1048 -32.83 22.95 -20.52
N ARG C 1049 -32.41 23.06 -21.79
CA ARG C 1049 -33.31 23.47 -22.89
C ARG C 1049 -33.85 22.32 -23.74
N THR C 1050 -35.09 22.48 -24.18
CA THR C 1050 -35.74 21.79 -25.31
C THR C 1050 -35.02 22.00 -26.65
N ALA C 1051 -35.28 21.12 -27.61
CA ALA C 1051 -34.75 21.13 -28.97
C ALA C 1051 -35.15 22.39 -29.77
N GLY C 1052 -36.41 22.81 -29.70
CA GLY C 1052 -37.00 23.87 -30.52
C GLY C 1052 -36.34 25.26 -30.47
N GLY C 1053 -35.51 25.52 -29.46
CA GLY C 1053 -34.85 26.82 -29.26
C GLY C 1053 -33.47 26.73 -28.60
N LYS C 1054 -32.80 25.58 -28.74
CA LYS C 1054 -31.51 25.25 -28.09
C LYS C 1054 -30.56 26.44 -27.92
N ASP C 1055 -30.22 27.16 -28.98
CA ASP C 1055 -29.10 28.11 -28.96
C ASP C 1055 -29.50 29.60 -28.92
N LEU C 1056 -30.67 29.92 -28.36
CA LEU C 1056 -31.09 31.29 -27.99
C LEU C 1056 -30.12 31.99 -27.01
N ARG C 1057 -30.29 33.31 -26.82
CA ARG C 1057 -29.29 34.23 -26.22
C ARG C 1057 -29.93 35.28 -25.29
N PRO C 1058 -30.51 34.86 -24.15
CA PRO C 1058 -31.45 35.68 -23.39
C PRO C 1058 -30.92 37.06 -23.00
N ALA C 1059 -31.71 38.11 -23.27
CA ALA C 1059 -31.25 39.50 -23.19
C ALA C 1059 -32.36 40.47 -22.74
N LEU C 1060 -32.24 40.98 -21.52
CA LEU C 1060 -33.09 42.03 -20.97
C LEU C 1060 -32.93 43.34 -21.76
N LYS C 1061 -33.87 44.28 -21.67
CA LYS C 1061 -33.95 45.45 -22.58
C LYS C 1061 -34.63 46.66 -21.94
N ILE C 1062 -34.39 47.86 -22.49
CA ILE C 1062 -35.10 49.10 -22.13
C ILE C 1062 -35.61 49.80 -23.41
N VAL C 1063 -36.89 50.18 -23.40
CA VAL C 1063 -37.63 50.63 -24.59
C VAL C 1063 -38.49 51.88 -24.36
N ASP C 1064 -38.91 52.49 -25.48
CA ASP C 1064 -39.79 53.66 -25.52
C ASP C 1064 -41.19 53.42 -24.91
N ALA C 1065 -42.04 54.45 -24.92
CA ALA C 1065 -43.39 54.44 -24.36
C ALA C 1065 -44.34 53.33 -24.87
N GLN C 1066 -43.98 52.58 -25.91
CA GLN C 1066 -44.72 51.41 -26.42
C GLN C 1066 -43.79 50.26 -26.86
N GLY C 1067 -42.66 50.52 -27.54
CA GLY C 1067 -42.10 49.54 -28.48
C GLY C 1067 -40.63 49.13 -28.30
N ASN C 1068 -39.68 50.02 -28.64
CA ASN C 1068 -38.31 49.66 -29.04
C ASN C 1068 -37.20 50.53 -28.39
N ASP C 1069 -35.94 50.15 -28.63
CA ASP C 1069 -34.75 50.56 -27.86
C ASP C 1069 -34.58 52.07 -27.57
N VAL C 1070 -34.42 52.40 -26.29
CA VAL C 1070 -33.84 53.68 -25.84
C VAL C 1070 -32.33 53.66 -26.06
N LEU C 1071 -31.88 53.89 -27.30
CA LEU C 1071 -30.49 53.71 -27.75
C LEU C 1071 -29.42 54.26 -26.79
N ILE C 1072 -28.41 53.45 -26.48
CA ILE C 1072 -27.38 53.67 -25.46
C ILE C 1072 -26.55 54.96 -25.73
N PRO C 1073 -26.69 56.04 -24.93
CA PRO C 1073 -26.04 57.33 -25.16
C PRO C 1073 -24.51 57.27 -25.35
N GLY C 1074 -24.02 57.95 -26.39
CA GLY C 1074 -22.59 58.09 -26.69
C GLY C 1074 -22.01 56.88 -27.43
N THR C 1075 -22.78 55.81 -27.52
CA THR C 1075 -22.49 54.56 -28.24
C THR C 1075 -23.78 54.08 -28.93
N ASP C 1076 -24.50 55.05 -29.51
CA ASP C 1076 -25.91 55.06 -29.94
C ASP C 1076 -26.40 53.80 -30.69
N MET C 1077 -26.72 52.75 -29.94
CA MET C 1077 -27.04 51.39 -30.40
C MET C 1077 -28.10 50.75 -29.47
N PRO C 1078 -28.75 49.63 -29.85
CA PRO C 1078 -29.75 48.92 -29.03
C PRO C 1078 -29.40 48.78 -27.54
N ALA C 1079 -30.39 49.00 -26.68
CA ALA C 1079 -30.29 48.98 -25.23
C ALA C 1079 -30.70 47.59 -24.70
N GLN C 1080 -29.87 46.61 -25.02
CA GLN C 1080 -30.14 45.18 -24.83
C GLN C 1080 -28.95 44.51 -24.12
N TYR C 1081 -29.24 43.70 -23.10
CA TYR C 1081 -28.35 43.32 -22.01
C TYR C 1081 -28.29 41.79 -21.90
N PHE C 1082 -27.53 41.17 -22.81
CA PHE C 1082 -27.35 39.72 -22.94
C PHE C 1082 -26.77 39.05 -21.67
N LEU C 1083 -27.24 37.83 -21.39
CA LEU C 1083 -26.89 37.01 -20.23
C LEU C 1083 -26.63 35.54 -20.64
N PRO C 1084 -25.84 34.78 -19.87
CA PRO C 1084 -25.91 33.31 -19.83
C PRO C 1084 -27.09 32.84 -18.97
N GLY C 1085 -27.22 31.53 -18.77
CA GLY C 1085 -28.05 30.94 -17.74
C GLY C 1085 -27.55 31.22 -16.31
N LYS C 1086 -28.25 30.66 -15.31
CA LYS C 1086 -27.91 30.60 -13.88
C LYS C 1086 -27.99 31.94 -13.14
N ALA C 1087 -27.95 33.06 -13.85
CA ALA C 1087 -28.50 34.33 -13.40
C ALA C 1087 -30.03 34.24 -13.14
N ILE C 1088 -30.57 35.19 -12.38
CA ILE C 1088 -31.99 35.27 -12.02
C ILE C 1088 -32.50 36.70 -12.25
N VAL C 1089 -33.43 36.87 -13.19
CA VAL C 1089 -34.16 38.12 -13.47
C VAL C 1089 -35.10 38.43 -12.30
N GLN C 1090 -35.23 39.71 -11.93
CA GLN C 1090 -36.06 40.16 -10.79
C GLN C 1090 -36.95 41.38 -11.12
N LEU C 1091 -37.07 41.78 -12.40
CA LEU C 1091 -38.11 42.68 -12.92
C LEU C 1091 -38.49 42.29 -14.37
N GLU C 1092 -39.69 42.67 -14.80
CA GLU C 1092 -40.40 42.07 -15.94
C GLU C 1092 -40.88 43.14 -16.96
N ASP C 1093 -41.39 42.73 -18.14
CA ASP C 1093 -41.94 43.66 -19.14
C ASP C 1093 -43.10 44.50 -18.56
N GLY C 1094 -43.36 45.67 -19.15
CA GLY C 1094 -44.40 46.60 -18.69
C GLY C 1094 -44.05 47.39 -17.41
N VAL C 1095 -43.11 46.92 -16.59
CA VAL C 1095 -42.45 47.74 -15.55
C VAL C 1095 -41.70 48.90 -16.21
N GLN C 1096 -41.47 50.01 -15.51
CA GLN C 1096 -40.80 51.20 -16.04
C GLN C 1096 -39.76 51.72 -15.04
N ILE C 1097 -38.51 51.89 -15.48
CA ILE C 1097 -37.36 52.21 -14.61
C ILE C 1097 -36.42 53.27 -15.19
N SER C 1098 -35.34 53.55 -14.46
CA SER C 1098 -34.38 54.64 -14.69
C SER C 1098 -33.01 54.12 -15.13
N SER C 1099 -32.15 55.00 -15.63
CA SER C 1099 -30.71 54.76 -15.80
C SER C 1099 -30.07 54.46 -14.44
N GLY C 1100 -29.17 53.47 -14.37
CA GLY C 1100 -28.51 53.09 -13.12
C GLY C 1100 -29.43 52.39 -12.11
N ASP C 1101 -30.43 51.63 -12.59
CA ASP C 1101 -31.30 50.77 -11.78
C ASP C 1101 -31.38 49.34 -12.36
N THR C 1102 -31.84 48.39 -11.53
CA THR C 1102 -31.47 46.96 -11.63
C THR C 1102 -32.57 46.08 -12.22
N LEU C 1103 -32.20 44.98 -12.86
CA LEU C 1103 -33.11 43.98 -13.45
C LEU C 1103 -32.81 42.51 -13.12
N ALA C 1104 -31.58 42.14 -12.68
CA ALA C 1104 -31.22 40.73 -12.40
C ALA C 1104 -30.05 40.57 -11.40
N ARG C 1105 -29.88 39.33 -10.93
CA ARG C 1105 -29.03 38.89 -9.79
C ARG C 1105 -28.43 37.48 -10.03
N ILE C 1106 -27.63 36.98 -9.08
CA ILE C 1106 -27.18 35.59 -8.93
C ILE C 1106 -27.22 35.24 -7.42
N PRO C 1107 -27.57 34.01 -7.01
CA PRO C 1107 -27.32 33.50 -5.66
C PRO C 1107 -25.85 33.04 -5.45
N GLN C 1108 -24.87 33.85 -5.87
CA GLN C 1108 -23.45 33.43 -5.87
C GLN C 1108 -22.83 33.39 -4.46
N GLU C 1109 -22.86 32.25 -3.79
CA GLU C 1109 -21.85 31.92 -2.76
C GLU C 1109 -20.47 31.78 -3.42
N SER C 1110 -19.70 32.88 -3.39
CA SER C 1110 -18.48 33.18 -4.17
C SER C 1110 -17.38 32.12 -4.32
N GLY C 1111 -17.38 31.05 -3.50
CA GLY C 1111 -16.21 30.17 -3.31
C GLY C 1111 -14.91 30.96 -3.11
N GLY C 1112 -13.82 30.49 -3.71
CA GLY C 1112 -12.55 31.19 -3.87
C GLY C 1112 -11.36 30.28 -3.60
N THR C 1113 -10.15 30.85 -3.46
CA THR C 1113 -9.00 30.12 -2.87
C THR C 1113 -9.14 29.95 -1.35
N LYS C 1114 -10.38 29.74 -0.86
CA LYS C 1114 -10.82 29.73 0.54
C LYS C 1114 -12.25 29.22 0.65
N ASP C 1115 -12.62 28.75 1.85
CA ASP C 1115 -13.95 28.31 2.29
C ASP C 1115 -14.80 27.24 1.53
N ILE C 1116 -14.33 26.34 0.65
CA ILE C 1116 -13.00 25.99 0.13
C ILE C 1116 -13.10 25.55 -1.35
N THR C 1117 -14.03 24.69 -1.79
CA THR C 1117 -14.96 23.79 -1.09
C THR C 1117 -14.66 22.34 -1.52
N GLY C 1118 -15.62 21.46 -1.84
CA GLY C 1118 -15.33 20.17 -2.48
C GLY C 1118 -16.56 19.42 -2.98
N GLY C 1119 -16.38 18.63 -4.05
CA GLY C 1119 -17.41 17.79 -4.68
C GLY C 1119 -16.98 17.37 -6.10
N LEU C 1120 -17.70 16.41 -6.72
CA LEU C 1120 -17.37 15.91 -8.07
C LEU C 1120 -18.54 15.31 -8.89
N PRO C 1121 -19.42 14.42 -8.38
CA PRO C 1121 -20.25 13.52 -9.20
C PRO C 1121 -21.04 14.14 -10.37
N ARG C 1122 -21.60 15.35 -10.21
CA ARG C 1122 -22.33 16.08 -11.27
C ARG C 1122 -21.49 16.40 -12.54
N VAL C 1123 -20.17 16.21 -12.50
CA VAL C 1123 -19.28 16.29 -13.67
C VAL C 1123 -19.38 15.06 -14.59
N ALA C 1124 -19.75 13.88 -14.08
CA ALA C 1124 -19.51 12.60 -14.77
C ALA C 1124 -20.01 12.51 -16.22
N ASP C 1125 -21.31 12.70 -16.48
CA ASP C 1125 -21.86 12.58 -17.84
C ASP C 1125 -21.46 13.73 -18.79
N LEU C 1126 -20.77 14.77 -18.31
CA LEU C 1126 -20.11 15.75 -19.17
C LEU C 1126 -18.88 15.16 -19.89
N PHE C 1127 -18.40 13.99 -19.45
CA PHE C 1127 -17.29 13.23 -20.05
C PHE C 1127 -17.67 11.77 -20.39
N GLU C 1128 -18.88 11.31 -20.01
CA GLU C 1128 -19.46 10.02 -20.44
C GLU C 1128 -20.66 10.15 -21.41
N ALA C 1129 -21.19 11.38 -21.55
CA ALA C 1129 -21.96 11.91 -22.67
C ALA C 1129 -23.10 11.04 -23.24
N ARG C 1130 -24.13 10.82 -22.41
CA ARG C 1130 -25.36 10.08 -22.72
C ARG C 1130 -26.56 11.04 -22.84
N ARG C 1131 -27.72 10.57 -22.34
CA ARG C 1131 -28.91 11.33 -21.92
C ARG C 1131 -29.26 10.87 -20.49
N PRO C 1132 -30.01 11.64 -19.68
CA PRO C 1132 -30.66 11.11 -18.49
C PRO C 1132 -31.43 9.83 -18.82
N LYS C 1133 -31.27 8.78 -18.00
CA LYS C 1133 -32.02 7.51 -18.15
C LYS C 1133 -33.52 7.63 -17.85
N GLU C 1134 -33.97 8.78 -17.34
CA GLU C 1134 -35.38 9.14 -17.21
C GLU C 1134 -35.67 10.36 -18.11
N PRO C 1135 -36.36 10.18 -19.25
CA PRO C 1135 -36.79 11.29 -20.11
C PRO C 1135 -38.03 11.99 -19.53
N ALA C 1136 -37.89 12.69 -18.39
CA ALA C 1136 -38.92 13.52 -17.77
C ALA C 1136 -39.27 14.77 -18.63
N ILE C 1137 -40.00 14.55 -19.74
CA ILE C 1137 -40.20 15.49 -20.86
C ILE C 1137 -40.58 16.93 -20.45
N LEU C 1138 -39.97 17.87 -21.16
CA LEU C 1138 -40.37 19.28 -21.28
C LEU C 1138 -40.85 19.47 -22.74
N ALA C 1139 -42.12 19.83 -22.95
CA ALA C 1139 -42.78 19.71 -24.25
C ALA C 1139 -42.20 20.64 -25.36
N GLU C 1140 -42.24 20.16 -26.60
CA GLU C 1140 -41.67 20.86 -27.78
C GLU C 1140 -42.71 21.68 -28.57
N ILE C 1141 -43.98 21.73 -28.15
CA ILE C 1141 -45.07 22.49 -28.82
C ILE C 1141 -45.83 23.36 -27.81
N SER C 1142 -46.11 24.60 -28.21
CA SER C 1142 -46.65 25.68 -27.37
C SER C 1142 -48.13 25.49 -26.98
N GLY C 1143 -48.43 25.55 -25.68
CA GLY C 1143 -49.75 25.88 -25.11
C GLY C 1143 -50.88 24.84 -25.23
N ILE C 1144 -51.22 24.36 -26.44
CA ILE C 1144 -52.29 23.38 -26.63
C ILE C 1144 -51.72 21.98 -26.37
N VAL C 1145 -52.07 21.42 -25.21
CA VAL C 1145 -51.47 20.22 -24.61
C VAL C 1145 -52.55 19.40 -23.89
N SER C 1146 -52.54 18.09 -24.09
CA SER C 1146 -53.54 17.13 -23.58
C SER C 1146 -52.97 15.70 -23.54
N PHE C 1147 -53.77 14.71 -23.17
CA PHE C 1147 -53.47 13.28 -23.36
C PHE C 1147 -54.61 12.65 -24.18
N GLY C 1148 -54.30 11.66 -25.04
CA GLY C 1148 -55.32 11.12 -25.95
C GLY C 1148 -54.97 9.88 -26.78
N LYS C 1149 -53.75 9.35 -26.68
CA LYS C 1149 -53.30 8.17 -27.45
C LYS C 1149 -52.42 7.25 -26.59
N GLU C 1150 -52.87 7.03 -25.36
CA GLU C 1150 -52.22 6.22 -24.32
C GLU C 1150 -51.83 4.83 -24.84
N THR C 1151 -50.79 4.21 -24.28
CA THR C 1151 -50.18 2.97 -24.83
C THR C 1151 -49.69 2.08 -23.68
N LYS C 1152 -49.29 0.82 -23.97
CA LYS C 1152 -49.03 -0.25 -22.99
C LYS C 1152 -47.80 -0.06 -22.05
N GLY C 1153 -47.42 1.18 -21.75
CA GLY C 1153 -46.49 1.52 -20.65
C GLY C 1153 -46.39 3.02 -20.43
N LYS C 1154 -45.58 3.74 -21.21
CA LYS C 1154 -45.54 5.21 -21.20
C LYS C 1154 -46.87 5.87 -21.55
N ARG C 1155 -47.06 7.07 -20.98
CA ARG C 1155 -48.13 8.01 -21.30
C ARG C 1155 -48.00 8.44 -22.77
N ARG C 1156 -49.08 8.89 -23.43
CA ARG C 1156 -48.96 9.64 -24.70
C ARG C 1156 -49.73 10.96 -24.68
N LEU C 1157 -48.94 12.02 -24.47
CA LEU C 1157 -49.35 13.42 -24.63
C LEU C 1157 -49.75 13.67 -26.09
N VAL C 1158 -50.66 14.63 -26.31
CA VAL C 1158 -51.14 15.07 -27.63
C VAL C 1158 -51.24 16.60 -27.63
N ILE C 1159 -50.58 17.24 -28.60
CA ILE C 1159 -50.22 18.68 -28.57
C ILE C 1159 -50.43 19.35 -29.93
N THR C 1160 -50.52 20.69 -30.01
CA THR C 1160 -50.79 21.44 -31.27
C THR C 1160 -50.30 22.91 -31.18
N PRO C 1161 -49.73 23.52 -32.24
CA PRO C 1161 -49.39 24.95 -32.23
C PRO C 1161 -50.59 25.88 -32.03
N VAL C 1162 -50.41 26.98 -31.28
CA VAL C 1162 -51.47 27.93 -30.87
C VAL C 1162 -52.25 28.61 -32.01
N ASP C 1163 -51.69 28.68 -33.21
CA ASP C 1163 -52.31 29.25 -34.43
C ASP C 1163 -52.22 28.30 -35.63
N GLY C 1164 -51.95 27.01 -35.38
CA GLY C 1164 -51.71 25.97 -36.38
C GLY C 1164 -52.95 25.20 -36.83
N SER C 1165 -52.74 23.99 -37.35
CA SER C 1165 -53.78 23.04 -37.79
C SER C 1165 -53.26 21.59 -37.79
N ASP C 1166 -52.26 21.32 -36.95
CA ASP C 1166 -51.31 20.20 -37.07
C ASP C 1166 -50.95 19.64 -35.67
N PRO C 1167 -51.47 18.45 -35.30
CA PRO C 1167 -51.19 17.84 -33.99
C PRO C 1167 -49.92 16.98 -33.99
N TYR C 1168 -49.35 16.75 -32.80
CA TYR C 1168 -48.16 15.94 -32.54
C TYR C 1168 -48.33 15.13 -31.22
N GLU C 1169 -47.35 14.26 -30.90
CA GLU C 1169 -47.43 13.27 -29.80
C GLU C 1169 -46.10 13.23 -28.99
N GLU C 1170 -46.16 12.98 -27.67
CA GLU C 1170 -44.95 12.81 -26.81
C GLU C 1170 -45.12 11.69 -25.76
N MET C 1171 -44.11 10.82 -25.64
CA MET C 1171 -44.10 9.61 -24.78
C MET C 1171 -43.56 9.87 -23.36
N ILE C 1172 -44.31 10.57 -22.50
CA ILE C 1172 -43.91 10.82 -21.10
C ILE C 1172 -43.82 9.49 -20.29
N PRO C 1173 -42.77 9.23 -19.49
CA PRO C 1173 -42.62 8.03 -18.66
C PRO C 1173 -43.85 7.62 -17.83
N LYS C 1174 -44.10 6.31 -17.78
CA LYS C 1174 -45.22 5.56 -17.17
C LYS C 1174 -45.98 6.22 -16.02
N TRP C 1175 -45.27 6.77 -15.04
CA TRP C 1175 -45.79 7.23 -13.75
C TRP C 1175 -45.41 8.67 -13.39
N ARG C 1176 -44.56 9.33 -14.21
CA ARG C 1176 -43.79 10.50 -13.78
C ARG C 1176 -44.66 11.70 -13.40
N GLN C 1177 -44.23 12.41 -12.36
CA GLN C 1177 -44.86 13.64 -11.91
C GLN C 1177 -45.02 14.66 -13.05
N LEU C 1178 -46.23 15.23 -13.11
CA LEU C 1178 -46.60 16.37 -13.93
C LEU C 1178 -46.98 17.51 -12.98
N ASN C 1179 -46.52 18.71 -13.26
CA ASN C 1179 -46.79 19.89 -12.43
C ASN C 1179 -48.01 20.70 -12.95
N VAL C 1180 -48.82 20.08 -13.81
CA VAL C 1180 -49.90 20.67 -14.63
C VAL C 1180 -51.05 19.67 -14.79
N PHE C 1181 -52.27 20.13 -15.13
CA PHE C 1181 -53.39 19.23 -15.44
C PHE C 1181 -54.36 19.73 -16.52
N GLU C 1182 -54.70 21.03 -16.58
CA GLU C 1182 -55.74 21.53 -17.51
C GLU C 1182 -55.57 23.00 -17.93
N GLY C 1183 -55.15 23.90 -17.03
CA GLY C 1183 -55.05 25.35 -17.31
C GLY C 1183 -53.61 25.87 -17.38
N GLU C 1184 -52.65 25.07 -16.96
CA GLU C 1184 -51.28 25.47 -16.61
C GLU C 1184 -50.39 25.40 -17.86
N ARG C 1185 -50.48 26.44 -18.71
CA ARG C 1185 -50.05 26.37 -20.12
C ARG C 1185 -48.99 27.41 -20.45
N VAL C 1186 -47.99 26.96 -21.21
CA VAL C 1186 -46.66 27.58 -21.33
C VAL C 1186 -46.10 27.49 -22.76
N GLU C 1187 -44.99 28.17 -23.01
CA GLU C 1187 -44.17 27.97 -24.19
C GLU C 1187 -43.40 26.61 -24.16
N ARG C 1188 -42.74 26.28 -25.28
CA ARG C 1188 -41.99 25.03 -25.57
C ARG C 1188 -40.85 24.68 -24.57
N GLY C 1189 -41.19 24.35 -23.32
CA GLY C 1189 -40.29 23.64 -22.41
C GLY C 1189 -40.20 24.18 -20.99
N ASP C 1190 -41.22 24.87 -20.46
CA ASP C 1190 -41.26 25.19 -19.03
C ASP C 1190 -41.61 23.93 -18.19
N VAL C 1191 -41.59 24.04 -16.85
CA VAL C 1191 -41.59 22.95 -15.84
C VAL C 1191 -42.84 22.02 -15.80
N ILE C 1192 -43.34 21.55 -16.94
CA ILE C 1192 -44.35 20.47 -17.05
C ILE C 1192 -43.89 19.20 -16.30
N SER C 1193 -42.61 18.89 -16.45
CA SER C 1193 -41.81 17.97 -15.63
C SER C 1193 -40.42 18.64 -15.46
N ASP C 1194 -39.31 17.91 -15.33
CA ASP C 1194 -38.02 18.52 -14.92
C ASP C 1194 -36.73 17.91 -15.56
N GLY C 1195 -36.86 17.12 -16.62
CA GLY C 1195 -35.74 16.48 -17.31
C GLY C 1195 -34.66 17.44 -17.87
N PRO C 1196 -33.40 17.40 -17.38
CA PRO C 1196 -32.32 18.26 -17.85
C PRO C 1196 -31.81 17.87 -19.25
N GLU C 1197 -31.21 18.81 -19.98
CA GLU C 1197 -30.84 18.56 -21.38
C GLU C 1197 -29.63 17.64 -21.53
N ALA C 1198 -29.79 16.60 -22.35
CA ALA C 1198 -28.76 15.58 -22.60
C ALA C 1198 -27.48 16.17 -23.25
N PRO C 1199 -26.28 15.91 -22.72
CA PRO C 1199 -25.03 16.52 -23.20
C PRO C 1199 -24.69 16.15 -24.65
N HIS C 1200 -24.94 14.91 -25.08
CA HIS C 1200 -24.70 14.48 -26.47
C HIS C 1200 -25.55 15.27 -27.48
N ASP C 1201 -26.78 15.62 -27.13
CA ASP C 1201 -27.66 16.43 -27.96
C ASP C 1201 -27.27 17.93 -27.99
N ILE C 1202 -26.46 18.41 -27.05
CA ILE C 1202 -25.83 19.74 -27.17
C ILE C 1202 -24.85 19.76 -28.37
N LEU C 1203 -24.14 18.66 -28.66
CA LEU C 1203 -23.43 18.55 -29.93
C LEU C 1203 -24.44 18.44 -31.09
N ARG C 1204 -25.32 17.44 -31.08
CA ARG C 1204 -26.25 17.14 -32.20
C ARG C 1204 -27.11 18.32 -32.65
N LEU C 1205 -27.42 19.27 -31.76
CA LEU C 1205 -28.33 20.39 -32.01
C LEU C 1205 -27.69 21.78 -31.84
N ARG C 1206 -26.38 21.88 -31.57
CA ARG C 1206 -25.66 23.18 -31.53
C ARG C 1206 -24.26 23.18 -32.16
N GLY C 1207 -23.64 22.01 -32.33
CA GLY C 1207 -22.34 21.86 -33.02
C GLY C 1207 -21.12 21.99 -32.10
N VAL C 1208 -19.96 21.54 -32.61
CA VAL C 1208 -18.76 21.26 -31.81
C VAL C 1208 -18.24 22.45 -30.99
N HIS C 1209 -18.13 23.66 -31.58
CA HIS C 1209 -17.67 24.85 -30.85
C HIS C 1209 -18.68 25.32 -29.80
N ALA C 1210 -19.99 25.10 -29.98
CA ALA C 1210 -21.01 25.48 -29.01
C ALA C 1210 -20.98 24.57 -27.77
N VAL C 1211 -21.02 23.23 -27.95
CA VAL C 1211 -20.91 22.28 -26.83
C VAL C 1211 -19.59 22.44 -26.07
N THR C 1212 -18.48 22.67 -26.79
CA THR C 1212 -17.18 22.97 -26.15
C THR C 1212 -17.26 24.22 -25.27
N ARG C 1213 -17.94 25.29 -25.72
CA ARG C 1213 -18.10 26.52 -24.93
C ARG C 1213 -18.96 26.36 -23.66
N TYR C 1214 -19.54 25.18 -23.38
CA TYR C 1214 -20.18 24.91 -22.08
C TYR C 1214 -19.53 23.79 -21.28
N ILE C 1215 -19.04 22.69 -21.88
CA ILE C 1215 -18.24 21.70 -21.13
C ILE C 1215 -16.94 22.36 -20.59
N VAL C 1216 -16.30 23.19 -21.42
CA VAL C 1216 -15.19 24.08 -21.02
C VAL C 1216 -15.73 25.39 -20.40
N ASN C 1217 -16.84 25.30 -19.65
CA ASN C 1217 -17.24 26.34 -18.71
C ASN C 1217 -17.83 25.75 -17.43
N GLU C 1218 -18.69 24.74 -17.46
CA GLU C 1218 -19.30 24.19 -16.24
C GLU C 1218 -18.26 23.50 -15.35
N VAL C 1219 -17.47 22.55 -15.89
CA VAL C 1219 -16.38 21.89 -15.14
C VAL C 1219 -15.28 22.88 -14.75
N GLN C 1220 -14.96 23.81 -15.66
CA GLN C 1220 -14.03 24.90 -15.40
C GLN C 1220 -14.48 25.76 -14.20
N ASP C 1221 -15.78 26.06 -14.07
CA ASP C 1221 -16.28 26.94 -13.02
C ASP C 1221 -16.53 26.25 -11.68
N VAL C 1222 -16.65 24.91 -11.64
CA VAL C 1222 -16.40 24.15 -10.40
C VAL C 1222 -14.98 24.42 -9.90
N TYR C 1223 -13.96 24.23 -10.75
CA TYR C 1223 -12.56 24.49 -10.36
C TYR C 1223 -12.29 25.98 -10.04
N ARG C 1224 -12.93 26.94 -10.71
CA ARG C 1224 -12.86 28.37 -10.33
C ARG C 1224 -13.48 28.65 -8.96
N LEU C 1225 -14.57 27.98 -8.57
CA LEU C 1225 -15.13 28.06 -7.21
C LEU C 1225 -14.21 27.42 -6.15
N GLN C 1226 -13.45 26.39 -6.51
CA GLN C 1226 -12.32 25.87 -5.72
C GLN C 1226 -11.09 26.82 -5.70
N GLY C 1227 -11.15 27.98 -6.37
CA GLY C 1227 -10.03 28.90 -6.57
C GLY C 1227 -8.97 28.42 -7.57
N VAL C 1228 -9.01 27.15 -7.98
CA VAL C 1228 -8.14 26.52 -8.98
C VAL C 1228 -8.50 27.03 -10.39
N LYS C 1229 -8.09 28.25 -10.73
CA LYS C 1229 -8.17 28.79 -12.10
C LYS C 1229 -7.29 28.00 -13.09
N ILE C 1230 -7.73 26.83 -13.52
CA ILE C 1230 -7.20 26.12 -14.70
C ILE C 1230 -7.54 26.96 -15.94
N ASN C 1231 -6.59 27.23 -16.83
CA ASN C 1231 -6.93 27.84 -18.12
C ASN C 1231 -7.74 26.87 -19.01
N ASP C 1232 -8.74 27.38 -19.73
CA ASP C 1232 -9.61 26.62 -20.63
C ASP C 1232 -8.88 25.66 -21.59
N LYS C 1233 -7.62 25.97 -21.97
CA LYS C 1233 -6.78 25.14 -22.85
C LYS C 1233 -6.49 23.71 -22.34
N HIS C 1234 -6.97 23.33 -21.14
CA HIS C 1234 -6.81 21.99 -20.57
C HIS C 1234 -8.09 21.16 -20.70
N ILE C 1235 -9.26 21.64 -20.25
CA ILE C 1235 -10.52 20.89 -20.42
C ILE C 1235 -10.93 20.77 -21.90
N GLU C 1236 -10.48 21.68 -22.78
CA GLU C 1236 -10.58 21.49 -24.24
C GLU C 1236 -9.94 20.18 -24.76
N VAL C 1237 -8.97 19.60 -24.05
CA VAL C 1237 -8.39 18.30 -24.42
C VAL C 1237 -9.44 17.19 -24.31
N ILE C 1238 -10.12 17.06 -23.17
CA ILE C 1238 -11.13 16.00 -22.99
C ILE C 1238 -12.23 16.14 -24.04
N VAL C 1239 -12.64 17.38 -24.35
CA VAL C 1239 -13.61 17.64 -25.42
C VAL C 1239 -13.07 17.28 -26.82
N ARG C 1240 -11.80 17.57 -27.16
CA ARG C 1240 -11.17 17.08 -28.41
C ARG C 1240 -11.24 15.55 -28.51
N GLN C 1241 -11.11 14.85 -27.39
CA GLN C 1241 -10.99 13.39 -27.37
C GLN C 1241 -12.32 12.64 -27.19
N MET C 1242 -13.40 13.29 -26.75
CA MET C 1242 -14.77 12.83 -27.06
C MET C 1242 -15.05 13.01 -28.55
N LEU C 1243 -14.69 14.19 -29.10
CA LEU C 1243 -14.66 14.49 -30.54
C LEU C 1243 -13.57 13.71 -31.31
N ARG C 1244 -12.91 12.70 -30.72
CA ARG C 1244 -11.91 11.83 -31.36
C ARG C 1244 -12.48 11.10 -32.57
N LYS C 1245 -13.75 10.73 -32.48
CA LYS C 1245 -14.50 10.02 -33.51
C LYS C 1245 -15.21 10.98 -34.46
N ALA C 1246 -15.54 10.43 -35.63
CA ALA C 1246 -16.09 11.15 -36.75
C ALA C 1246 -17.14 10.29 -37.46
N THR C 1247 -18.42 10.58 -37.18
CA THR C 1247 -19.60 9.95 -37.80
C THR C 1247 -19.46 9.84 -39.31
N ILE C 1248 -19.93 8.74 -39.91
CA ILE C 1248 -20.09 8.59 -41.36
C ILE C 1248 -21.45 7.94 -41.64
N VAL C 1249 -22.12 8.41 -42.69
CA VAL C 1249 -23.57 8.19 -42.92
C VAL C 1249 -23.89 7.73 -44.35
N ASN C 1250 -22.94 7.13 -45.07
CA ASN C 1250 -23.17 6.25 -46.23
C ASN C 1250 -21.87 5.58 -46.74
N ALA C 1251 -22.02 4.56 -47.59
CA ALA C 1251 -20.91 3.91 -48.29
C ALA C 1251 -20.20 4.84 -49.30
N GLY C 1252 -19.14 4.34 -49.96
CA GLY C 1252 -18.36 5.13 -50.91
C GLY C 1252 -17.36 4.32 -51.74
N SER C 1253 -16.13 4.82 -51.83
CA SER C 1253 -15.00 4.19 -52.56
C SER C 1253 -13.65 4.47 -51.88
N SER C 1254 -13.72 4.85 -50.62
CA SER C 1254 -12.61 5.28 -49.74
C SER C 1254 -13.04 4.93 -48.30
N ASP C 1255 -12.40 5.50 -47.29
CA ASP C 1255 -12.85 5.53 -45.89
C ASP C 1255 -14.27 6.14 -45.74
N PHE C 1256 -15.32 5.33 -45.95
CA PHE C 1256 -16.75 5.71 -45.92
C PHE C 1256 -17.66 4.50 -45.66
N LEU C 1257 -18.56 4.62 -44.67
CA LEU C 1257 -19.63 3.64 -44.37
C LEU C 1257 -20.85 4.35 -43.75
N GLU C 1258 -21.93 3.63 -43.45
CA GLU C 1258 -23.06 4.12 -42.63
C GLU C 1258 -22.96 3.50 -41.22
N GLY C 1259 -23.57 4.15 -40.22
CA GLY C 1259 -23.58 3.65 -38.84
C GLY C 1259 -22.20 3.62 -38.17
N GLU C 1260 -21.23 4.40 -38.67
CA GLU C 1260 -19.83 4.37 -38.22
C GLU C 1260 -19.39 5.70 -37.61
N GLN C 1261 -18.31 5.66 -36.83
CA GLN C 1261 -17.77 6.74 -35.99
C GLN C 1261 -16.23 6.62 -35.97
N VAL C 1262 -15.64 6.64 -37.16
CA VAL C 1262 -14.21 6.39 -37.43
C VAL C 1262 -13.30 7.36 -36.65
N GLU C 1263 -12.08 6.92 -36.28
CA GLU C 1263 -11.04 7.80 -35.72
C GLU C 1263 -10.72 8.94 -36.70
N TYR C 1264 -10.89 10.21 -36.30
CA TYR C 1264 -10.84 11.35 -37.24
C TYR C 1264 -9.56 11.42 -38.10
N SER C 1265 -8.42 10.97 -37.58
CA SER C 1265 -7.15 10.92 -38.32
C SER C 1265 -7.18 10.01 -39.55
N ARG C 1266 -8.09 9.03 -39.61
CA ARG C 1266 -8.34 8.18 -40.78
C ARG C 1266 -9.28 8.89 -41.78
N VAL C 1267 -10.53 9.21 -41.40
CA VAL C 1267 -11.61 9.68 -42.29
C VAL C 1267 -11.24 10.89 -43.18
N LYS C 1268 -10.28 11.71 -42.76
CA LYS C 1268 -9.62 12.73 -43.61
C LYS C 1268 -9.09 12.20 -44.95
N ILE C 1269 -8.97 10.87 -45.12
CA ILE C 1269 -8.87 10.16 -46.41
C ILE C 1269 -9.85 10.70 -47.47
N ALA C 1270 -11.04 11.14 -47.06
CA ALA C 1270 -11.97 11.92 -47.87
C ALA C 1270 -11.28 13.11 -48.56
N ASN C 1271 -10.90 14.17 -47.84
CA ASN C 1271 -10.22 15.33 -48.42
C ASN C 1271 -8.89 14.97 -49.11
N ARG C 1272 -8.14 13.99 -48.57
CA ARG C 1272 -6.87 13.51 -49.13
C ARG C 1272 -6.98 12.94 -50.55
N GLU C 1273 -8.17 12.54 -51.03
CA GLU C 1273 -8.33 12.08 -52.43
C GLU C 1273 -9.55 12.65 -53.19
N LEU C 1274 -10.64 13.05 -52.54
CA LEU C 1274 -11.78 13.72 -53.20
C LEU C 1274 -11.31 14.94 -54.01
N GLU C 1275 -10.47 15.78 -53.40
CA GLU C 1275 -9.98 17.03 -54.00
C GLU C 1275 -8.85 16.82 -55.02
N ALA C 1276 -8.43 15.58 -55.26
CA ALA C 1276 -7.33 15.22 -56.18
C ALA C 1276 -7.75 14.26 -57.30
N ASN C 1277 -8.75 13.41 -57.07
CA ASN C 1277 -9.19 12.34 -57.98
C ASN C 1277 -10.73 12.17 -58.02
N GLY C 1278 -11.49 12.97 -57.28
CA GLY C 1278 -12.96 13.03 -57.32
C GLY C 1278 -13.65 11.93 -56.52
N LYS C 1279 -13.29 10.66 -56.76
CA LYS C 1279 -13.81 9.45 -56.07
C LYS C 1279 -15.35 9.44 -55.89
N VAL C 1280 -15.83 8.70 -54.89
CA VAL C 1280 -17.21 8.61 -54.40
C VAL C 1280 -17.15 8.45 -52.87
N GLY C 1281 -18.07 9.08 -52.15
CA GLY C 1281 -18.11 9.14 -50.69
C GLY C 1281 -19.37 9.84 -50.18
N ALA C 1282 -19.47 10.00 -48.86
CA ALA C 1282 -20.69 10.30 -48.14
C ALA C 1282 -20.59 11.51 -47.19
N THR C 1283 -21.65 11.77 -46.41
CA THR C 1283 -21.64 12.69 -45.27
C THR C 1283 -20.72 12.16 -44.16
N TYR C 1284 -19.92 13.04 -43.56
CA TYR C 1284 -19.11 12.74 -42.36
C TYR C 1284 -19.08 13.94 -41.39
N SER C 1285 -18.86 13.68 -40.09
CA SER C 1285 -19.02 14.66 -39.01
C SER C 1285 -18.12 14.39 -37.78
N ARG C 1286 -18.61 14.61 -36.55
CA ARG C 1286 -17.91 14.48 -35.25
C ARG C 1286 -18.93 14.20 -34.15
N ASP C 1287 -18.49 13.56 -33.07
CA ASP C 1287 -19.37 12.90 -32.09
C ASP C 1287 -18.99 13.27 -30.65
N LEU C 1288 -19.79 12.87 -29.67
CA LEU C 1288 -19.51 13.09 -28.25
C LEU C 1288 -19.51 11.75 -27.49
N LEU C 1289 -18.83 10.73 -28.02
CA LEU C 1289 -18.68 9.46 -27.30
C LEU C 1289 -17.96 9.69 -25.96
N GLY C 1290 -18.57 9.23 -24.88
CA GLY C 1290 -17.98 9.21 -23.54
C GLY C 1290 -16.69 8.40 -23.45
N ILE C 1291 -15.90 8.61 -22.39
CA ILE C 1291 -14.64 7.89 -22.12
C ILE C 1291 -14.83 6.37 -22.19
N THR C 1292 -15.88 5.82 -21.57
CA THR C 1292 -16.27 4.39 -21.63
C THR C 1292 -16.62 3.85 -23.03
N LYS C 1293 -16.59 4.67 -24.09
CA LYS C 1293 -16.85 4.24 -25.48
C LYS C 1293 -15.76 4.73 -26.45
N ALA C 1294 -15.34 5.99 -26.36
CA ALA C 1294 -14.30 6.57 -27.22
C ALA C 1294 -12.94 5.86 -27.09
N SER C 1295 -12.61 5.34 -25.89
CA SER C 1295 -11.35 4.64 -25.61
C SER C 1295 -11.28 3.23 -26.21
N LEU C 1296 -12.42 2.53 -26.30
CA LEU C 1296 -12.47 1.08 -26.63
C LEU C 1296 -11.89 0.72 -28.01
N ALA C 1297 -11.78 1.70 -28.92
CA ALA C 1297 -11.45 1.48 -30.33
C ALA C 1297 -10.53 2.58 -30.89
N THR C 1298 -9.56 3.10 -30.14
CA THR C 1298 -8.53 4.01 -30.68
C THR C 1298 -7.69 3.34 -31.77
N GLU C 1299 -7.01 4.13 -32.61
CA GLU C 1299 -6.05 3.59 -33.59
C GLU C 1299 -4.71 3.17 -32.97
N SER C 1300 -4.30 3.88 -31.92
CA SER C 1300 -3.24 3.54 -30.97
C SER C 1300 -3.61 2.35 -30.07
N PHE C 1301 -4.26 1.32 -30.63
CA PHE C 1301 -4.98 0.29 -29.88
C PHE C 1301 -4.12 -0.49 -28.87
N ILE C 1302 -2.80 -0.55 -29.04
CA ILE C 1302 -1.85 -1.10 -28.05
C ILE C 1302 -2.03 -0.40 -26.69
N SER C 1303 -2.29 0.91 -26.67
CA SER C 1303 -2.64 1.65 -25.45
C SER C 1303 -4.01 1.27 -24.88
N ALA C 1304 -5.03 1.16 -25.74
CA ALA C 1304 -6.42 0.89 -25.36
C ALA C 1304 -6.59 -0.45 -24.63
N ALA C 1305 -5.78 -1.46 -24.93
CA ALA C 1305 -5.79 -2.73 -24.19
C ALA C 1305 -5.59 -2.56 -22.67
N SER C 1306 -4.89 -1.50 -22.24
CA SER C 1306 -4.69 -1.16 -20.82
C SER C 1306 -5.87 -0.43 -20.15
N PHE C 1307 -6.86 0.05 -20.92
CA PHE C 1307 -7.99 0.86 -20.46
C PHE C 1307 -8.84 0.21 -19.37
N GLN C 1308 -8.88 -1.13 -19.34
CA GLN C 1308 -9.79 -2.00 -18.59
C GLN C 1308 -11.08 -2.20 -19.41
N GLU C 1309 -11.99 -3.09 -18.99
CA GLU C 1309 -12.93 -3.76 -19.92
C GLU C 1309 -12.15 -4.45 -21.07
N THR C 1310 -11.00 -5.02 -20.72
CA THR C 1310 -9.97 -5.46 -21.67
C THR C 1310 -10.46 -6.61 -22.57
N THR C 1311 -11.47 -7.41 -22.22
CA THR C 1311 -12.14 -8.33 -23.16
C THR C 1311 -12.87 -7.61 -24.29
N ARG C 1312 -13.67 -6.59 -23.97
CA ARG C 1312 -14.39 -5.74 -24.94
C ARG C 1312 -13.42 -5.11 -25.94
N VAL C 1313 -12.29 -4.60 -25.45
CA VAL C 1313 -11.22 -4.03 -26.29
C VAL C 1313 -10.47 -5.09 -27.11
N LEU C 1314 -9.98 -6.17 -26.49
CA LEU C 1314 -9.16 -7.16 -27.18
C LEU C 1314 -9.95 -8.02 -28.17
N THR C 1315 -11.24 -8.25 -27.95
CA THR C 1315 -12.10 -8.88 -28.97
C THR C 1315 -12.24 -7.99 -30.21
N GLU C 1316 -12.37 -6.67 -30.06
CA GLU C 1316 -12.40 -5.76 -31.22
C GLU C 1316 -11.04 -5.68 -31.92
N ALA C 1317 -9.93 -5.69 -31.16
CA ALA C 1317 -8.59 -5.82 -31.71
C ALA C 1317 -8.38 -7.13 -32.47
N ALA C 1318 -8.97 -8.24 -32.01
CA ALA C 1318 -8.98 -9.51 -32.72
C ALA C 1318 -9.84 -9.45 -33.99
N VAL C 1319 -11.08 -8.96 -33.92
CA VAL C 1319 -12.03 -8.82 -35.04
C VAL C 1319 -11.46 -7.95 -36.18
N ALA C 1320 -10.92 -6.78 -35.84
CA ALA C 1320 -10.24 -5.90 -36.78
C ALA C 1320 -8.82 -6.37 -37.16
N GLY C 1321 -8.38 -7.54 -36.67
CA GLY C 1321 -7.02 -8.09 -36.82
C GLY C 1321 -5.93 -7.04 -36.64
N LYS C 1322 -6.12 -6.17 -35.64
CA LYS C 1322 -5.73 -4.76 -35.73
C LYS C 1322 -4.22 -4.56 -35.79
N ARG C 1323 -3.83 -3.45 -36.40
CA ARG C 1323 -2.45 -3.10 -36.80
C ARG C 1323 -2.18 -1.65 -36.38
N ASP C 1324 -1.29 -1.47 -35.42
CA ASP C 1324 -1.02 -0.16 -34.81
C ASP C 1324 -0.12 0.72 -35.72
N GLU C 1325 0.08 1.98 -35.36
CA GLU C 1325 0.96 2.93 -36.04
C GLU C 1325 1.91 3.70 -35.10
N LEU C 1326 1.82 3.52 -33.78
CA LEU C 1326 2.68 4.13 -32.75
C LEU C 1326 2.64 5.67 -32.78
N ARG C 1327 1.52 6.26 -32.34
CA ARG C 1327 1.18 7.70 -32.53
C ARG C 1327 0.61 8.42 -31.32
N GLY C 1328 0.28 7.69 -30.25
CA GLY C 1328 0.10 8.21 -28.90
C GLY C 1328 1.45 8.15 -28.17
N LEU C 1329 1.44 7.63 -26.95
CA LEU C 1329 2.59 7.60 -26.05
C LEU C 1329 2.73 6.20 -25.43
N LYS C 1330 1.67 5.70 -24.78
CA LYS C 1330 1.56 4.37 -24.17
C LYS C 1330 1.98 3.21 -25.09
N GLU C 1331 1.74 3.29 -26.40
CA GLU C 1331 2.18 2.22 -27.31
C GLU C 1331 3.71 2.04 -27.28
N ASN C 1332 4.46 3.14 -27.28
CA ASN C 1332 5.92 3.11 -27.17
C ASN C 1332 6.43 2.85 -25.75
N VAL C 1333 5.62 3.14 -24.72
CA VAL C 1333 5.88 2.65 -23.36
C VAL C 1333 5.87 1.11 -23.35
N ILE C 1334 4.81 0.50 -23.89
CA ILE C 1334 4.62 -0.96 -23.96
C ILE C 1334 5.72 -1.65 -24.78
N VAL C 1335 6.15 -1.09 -25.91
CA VAL C 1335 7.22 -1.68 -26.74
C VAL C 1335 8.64 -1.18 -26.40
N GLY C 1336 8.81 -0.49 -25.26
CA GLY C 1336 10.10 -0.01 -24.75
C GLY C 1336 10.90 0.87 -25.73
N ARG C 1337 10.21 1.75 -26.46
CA ARG C 1337 10.76 2.71 -27.43
C ARG C 1337 10.88 4.11 -26.83
N LEU C 1338 11.53 5.03 -27.57
CA LEU C 1338 11.38 6.47 -27.34
C LEU C 1338 9.92 6.90 -27.58
N ILE C 1339 9.22 7.32 -26.53
CA ILE C 1339 7.84 7.82 -26.61
C ILE C 1339 7.75 9.01 -27.59
N PRO C 1340 6.74 9.09 -28.50
CA PRO C 1340 6.55 10.18 -29.48
C PRO C 1340 6.40 11.63 -28.97
N ALA C 1341 6.76 11.95 -27.73
CA ALA C 1341 6.83 13.30 -27.17
C ALA C 1341 8.29 13.76 -26.98
N GLY C 1342 8.51 15.07 -26.88
CA GLY C 1342 9.80 15.75 -26.74
C GLY C 1342 11.02 15.10 -27.41
N THR C 1343 11.91 14.48 -26.64
CA THR C 1343 13.14 13.84 -27.15
C THR C 1343 12.90 12.58 -28.01
N GLY C 1344 11.69 12.01 -27.97
CA GLY C 1344 11.26 10.91 -28.85
C GLY C 1344 10.29 11.37 -29.95
N TYR C 1345 9.59 12.49 -29.78
CA TYR C 1345 9.04 13.27 -30.91
C TYR C 1345 10.16 13.61 -31.91
N ALA C 1346 11.30 14.07 -31.37
CA ALA C 1346 12.55 14.30 -32.10
C ALA C 1346 13.15 13.04 -32.76
N TYR C 1347 12.59 11.84 -32.55
CA TYR C 1347 12.93 10.61 -33.27
C TYR C 1347 11.81 10.13 -34.21
N HIS C 1348 10.53 10.25 -33.82
CA HIS C 1348 9.38 9.93 -34.67
C HIS C 1348 9.39 10.68 -36.02
N GLN C 1349 10.00 11.88 -36.08
CA GLN C 1349 10.26 12.57 -37.34
C GLN C 1349 11.06 11.76 -38.39
N ASP C 1350 11.94 10.84 -37.98
CA ASP C 1350 12.67 9.96 -38.91
C ASP C 1350 11.76 8.89 -39.51
N ARG C 1351 10.90 8.29 -38.68
CA ARG C 1351 9.87 7.34 -39.11
C ARG C 1351 8.90 7.99 -40.11
N MET C 1352 8.50 9.24 -39.86
CA MET C 1352 7.73 10.07 -40.79
C MET C 1352 8.46 10.45 -42.11
N ARG C 1353 9.74 10.07 -42.29
CA ARG C 1353 10.45 10.12 -43.59
C ARG C 1353 10.91 8.74 -44.07
N ARG C 1354 10.55 7.65 -43.38
CA ARG C 1354 10.49 6.28 -43.95
C ARG C 1354 9.11 6.03 -44.56
N ARG C 1355 8.04 6.26 -43.79
CA ARG C 1355 6.62 6.23 -44.22
C ARG C 1355 6.24 7.24 -45.34
N ALA C 1356 7.21 7.95 -45.94
CA ALA C 1356 7.00 9.00 -46.93
C ALA C 1356 8.16 9.14 -47.97
N ALA C 1357 8.99 8.11 -48.15
CA ALA C 1357 10.11 8.14 -49.09
C ALA C 1357 9.68 8.17 -50.59
N GLY C 1358 10.56 8.65 -51.48
CA GLY C 1358 10.37 8.72 -52.94
C GLY C 1358 11.57 9.29 -53.69
N THR D 1 45.49 43.51 22.52
CA THR D 1 45.87 42.76 23.73
C THR D 1 45.22 43.39 24.94
N GLU D 2 44.15 42.79 25.44
CA GLU D 2 43.35 43.23 26.61
C GLU D 2 42.54 42.04 27.17
N PHE D 3 43.22 40.90 27.35
CA PHE D 3 42.64 39.68 27.92
C PHE D 3 42.19 39.88 29.38
N LEU D 4 41.39 38.94 29.90
CA LEU D 4 40.76 39.08 31.22
C LEU D 4 41.02 37.90 32.17
N LYS D 5 41.13 36.68 31.62
CA LYS D 5 41.44 35.38 32.28
C LYS D 5 41.02 35.25 33.79
N PRO D 6 39.79 35.62 34.22
CA PRO D 6 39.47 35.78 35.65
C PRO D 6 39.67 34.53 36.53
N ARG D 7 39.88 34.72 37.84
CA ARG D 7 40.30 33.72 38.85
C ARG D 7 39.54 33.88 40.20
N LEU D 8 39.78 32.97 41.15
CA LEU D 8 39.62 33.08 42.64
C LEU D 8 38.24 32.74 43.26
N VAL D 9 37.19 32.55 42.47
CA VAL D 9 35.86 33.11 42.81
C VAL D 9 35.12 32.52 44.04
N ASP D 10 34.80 31.22 44.08
CA ASP D 10 33.75 30.68 44.97
C ASP D 10 34.01 29.22 45.43
N ILE D 11 33.29 28.76 46.47
CA ILE D 11 33.35 27.41 47.08
C ILE D 11 31.98 27.05 47.68
N GLU D 12 31.44 25.87 47.36
CA GLU D 12 30.33 25.24 48.13
C GLU D 12 30.33 23.71 47.95
N GLN D 13 31.27 23.05 48.63
CA GLN D 13 31.38 21.59 48.74
C GLN D 13 30.15 20.98 49.43
N VAL D 14 29.67 19.83 48.95
CA VAL D 14 28.43 19.21 49.46
C VAL D 14 28.66 17.75 49.90
N SER D 15 29.29 16.92 49.05
CA SER D 15 29.63 15.52 49.35
C SER D 15 30.48 14.93 48.23
N SER D 16 31.72 14.51 48.53
CA SER D 16 32.70 13.89 47.63
C SER D 16 32.12 13.10 46.44
N THR D 17 31.98 13.79 45.31
CA THR D 17 31.28 13.49 44.02
C THR D 17 30.42 14.68 43.56
N HIS D 18 30.15 15.64 44.45
CA HIS D 18 29.48 16.89 44.16
C HIS D 18 29.91 18.05 45.09
N ALA D 19 30.36 19.12 44.44
CA ALA D 19 30.59 20.46 44.96
C ALA D 19 30.09 21.50 43.94
N LYS D 20 30.00 22.78 44.34
CA LYS D 20 29.19 23.78 43.63
C LYS D 20 29.87 25.16 43.56
N VAL D 21 31.02 25.26 42.92
CA VAL D 21 31.59 26.58 42.53
C VAL D 21 30.60 27.34 41.63
N THR D 22 30.57 28.67 41.74
CA THR D 22 29.72 29.57 40.93
C THR D 22 30.48 30.84 40.53
N LEU D 23 29.98 31.60 39.55
CA LEU D 23 30.78 32.64 38.87
C LEU D 23 30.02 33.96 38.70
N GLU D 24 30.53 35.03 39.32
CA GLU D 24 30.04 36.41 39.18
C GLU D 24 31.13 37.45 39.51
N PRO D 25 31.04 38.68 38.97
CA PRO D 25 30.09 39.10 37.92
C PRO D 25 30.46 38.53 36.54
N LEU D 26 29.49 38.44 35.64
CA LEU D 26 29.68 38.09 34.24
C LEU D 26 29.16 39.19 33.32
N GLU D 27 29.76 39.31 32.14
CA GLU D 27 29.50 40.42 31.21
C GLU D 27 28.20 40.17 30.44
N ARG D 28 27.09 40.75 30.93
CA ARG D 28 25.88 41.11 30.16
C ARG D 28 25.12 39.93 29.53
N GLY D 29 25.49 38.68 29.81
CA GLY D 29 24.89 37.48 29.22
C GLY D 29 25.76 36.23 29.17
N PHE D 30 27.07 36.30 29.46
CA PHE D 30 28.00 35.16 29.31
C PHE D 30 27.51 33.86 30.01
N GLY D 31 26.94 33.97 31.22
CA GLY D 31 26.45 32.83 31.99
C GLY D 31 25.26 32.11 31.35
N HIS D 32 24.52 32.77 30.46
CA HIS D 32 23.34 32.20 29.82
C HIS D 32 23.65 31.09 28.80
N THR D 33 24.89 30.98 28.29
CA THR D 33 25.21 30.01 27.21
C THR D 33 26.44 29.14 27.44
N LEU D 34 27.48 29.63 28.13
CA LEU D 34 28.80 28.99 28.14
C LEU D 34 28.79 27.55 28.71
N GLY D 35 27.92 27.26 29.68
CA GLY D 35 27.82 25.93 30.33
C GLY D 35 27.48 24.75 29.40
N ASN D 36 27.19 24.99 28.13
CA ASN D 36 26.94 23.95 27.11
C ASN D 36 28.23 23.43 26.44
N ALA D 37 29.37 24.12 26.54
CA ALA D 37 30.62 23.66 25.94
C ALA D 37 31.15 22.37 26.62
N LEU D 38 31.40 22.42 27.95
CA LEU D 38 31.88 21.25 28.72
C LEU D 38 30.94 20.04 28.69
N ARG D 39 29.66 20.24 28.32
CA ARG D 39 28.66 19.17 28.10
C ARG D 39 29.08 18.14 27.04
N ARG D 40 30.08 18.44 26.20
CA ARG D 40 30.75 17.47 25.32
C ARG D 40 31.91 16.79 26.06
N ILE D 41 32.91 17.55 26.50
CA ILE D 41 34.17 17.06 27.08
C ILE D 41 33.93 16.13 28.28
N LEU D 42 33.13 16.58 29.26
CA LEU D 42 32.68 15.82 30.44
C LEU D 42 31.52 14.86 30.08
N LEU D 43 31.77 14.12 29.00
CA LEU D 43 31.09 12.91 28.54
C LEU D 43 32.04 12.11 27.63
N SER D 44 32.46 12.66 26.49
CA SER D 44 33.01 11.86 25.37
C SER D 44 34.47 11.42 25.53
N SER D 45 35.36 12.34 25.90
CA SER D 45 36.78 12.25 25.54
C SER D 45 37.73 12.32 26.75
N MET D 46 37.17 12.49 27.95
CA MET D 46 37.90 12.68 29.20
C MET D 46 38.81 11.51 29.62
N PRO D 47 40.01 11.79 30.18
CA PRO D 47 40.71 10.87 31.07
C PRO D 47 40.02 10.75 32.44
N GLY D 48 40.24 9.66 33.17
CA GLY D 48 39.73 9.50 34.52
C GLY D 48 40.16 8.19 35.17
N CYS D 49 39.34 7.13 35.00
CA CYS D 49 39.69 5.74 35.31
C CYS D 49 38.59 4.77 34.86
N ALA D 50 38.95 3.55 34.46
CA ALA D 50 38.05 2.43 34.17
C ALA D 50 38.81 1.09 34.22
N VAL D 51 38.06 -0.02 34.16
CA VAL D 51 38.62 -1.37 33.94
C VAL D 51 38.83 -1.58 32.44
N THR D 52 39.96 -2.18 32.06
CA THR D 52 40.40 -2.33 30.66
C THR D 52 40.32 -3.77 30.18
N GLU D 53 40.74 -4.73 31.02
CA GLU D 53 40.78 -6.16 30.71
C GLU D 53 40.60 -7.01 31.99
N VAL D 54 40.07 -8.23 31.88
CA VAL D 54 39.78 -9.14 33.00
C VAL D 54 40.07 -10.60 32.62
N GLU D 55 40.50 -11.41 33.59
CA GLU D 55 40.76 -12.85 33.47
C GLU D 55 40.27 -13.57 34.75
N ILE D 56 39.50 -14.66 34.68
CA ILE D 56 38.65 -15.13 35.81
C ILE D 56 38.86 -16.62 36.16
N ASP D 57 38.81 -16.97 37.46
CA ASP D 57 38.96 -18.32 38.05
C ASP D 57 37.85 -19.36 37.70
N GLY D 58 37.46 -19.44 36.42
CA GLY D 58 36.56 -20.46 35.88
C GLY D 58 35.42 -19.93 35.01
N VAL D 59 35.60 -18.77 34.35
CA VAL D 59 34.55 -18.07 33.59
C VAL D 59 35.13 -17.47 32.31
N LEU D 60 35.05 -18.22 31.22
CA LEU D 60 35.66 -17.86 29.92
C LEU D 60 34.96 -16.69 29.19
N HIS D 61 33.71 -16.36 29.57
CA HIS D 61 32.91 -15.29 28.96
C HIS D 61 31.86 -14.76 29.95
N GLU D 62 31.62 -13.44 29.99
CA GLU D 62 30.69 -12.84 30.96
C GLU D 62 29.22 -13.21 30.73
N TYR D 63 28.86 -13.65 29.53
CA TYR D 63 27.52 -14.07 29.08
C TYR D 63 27.01 -15.39 29.75
N SER D 64 27.40 -15.66 31.00
CA SER D 64 27.31 -16.96 31.65
C SER D 64 27.10 -16.86 33.17
N THR D 65 27.42 -17.92 33.92
CA THR D 65 27.46 -17.91 35.39
C THR D 65 28.35 -19.04 35.94
N LYS D 66 28.67 -19.00 37.24
CA LYS D 66 29.63 -19.91 37.92
C LYS D 66 28.93 -20.67 39.04
N GLU D 67 29.02 -21.99 38.99
CA GLU D 67 28.31 -22.96 39.85
C GLU D 67 28.74 -22.88 41.34
N GLY D 68 28.22 -21.88 42.06
CA GLY D 68 28.51 -21.62 43.48
C GLY D 68 28.18 -20.20 43.95
N VAL D 69 27.98 -19.26 43.02
CA VAL D 69 27.49 -17.88 43.25
C VAL D 69 25.97 -17.88 43.50
N GLN D 70 25.35 -16.77 43.92
CA GLN D 70 23.89 -16.65 44.16
C GLN D 70 23.25 -15.55 43.29
N GLU D 71 23.99 -15.08 42.30
CA GLU D 71 23.76 -13.99 41.35
C GLU D 71 24.51 -14.36 40.04
N ASP D 72 24.22 -13.72 38.89
CA ASP D 72 24.61 -14.25 37.56
C ASP D 72 25.30 -13.22 36.64
N ILE D 73 26.30 -13.68 35.87
CA ILE D 73 27.54 -12.90 35.67
C ILE D 73 27.43 -11.71 34.71
N LEU D 74 26.66 -11.78 33.62
CA LEU D 74 26.56 -10.66 32.67
C LEU D 74 26.00 -9.40 33.37
N GLU D 75 24.89 -9.55 34.08
CA GLU D 75 24.22 -8.44 34.77
C GLU D 75 24.90 -8.09 36.12
N ILE D 76 25.79 -8.96 36.66
CA ILE D 76 26.82 -8.57 37.63
C ILE D 76 27.88 -7.65 36.98
N LEU D 77 28.48 -8.05 35.85
CA LEU D 77 29.62 -7.33 35.26
C LEU D 77 29.24 -5.92 34.83
N LEU D 78 28.01 -5.74 34.33
CA LEU D 78 27.37 -4.43 34.10
C LEU D 78 27.48 -3.49 35.32
N ASN D 79 27.47 -4.02 36.55
CA ASN D 79 27.67 -3.26 37.78
C ASN D 79 29.14 -3.23 38.26
N LEU D 80 29.94 -4.30 38.02
CA LEU D 80 31.36 -4.38 38.37
C LEU D 80 32.20 -3.33 37.60
N LYS D 81 31.95 -3.18 36.30
CA LYS D 81 32.68 -2.28 35.38
C LYS D 81 32.74 -0.81 35.84
N GLY D 82 31.81 -0.37 36.68
CA GLY D 82 31.80 0.97 37.30
C GLY D 82 32.79 1.20 38.46
N LEU D 83 33.58 0.19 38.86
CA LEU D 83 34.51 0.21 40.01
C LEU D 83 35.63 1.28 39.97
N ALA D 84 35.80 2.02 38.86
CA ALA D 84 36.82 3.06 38.61
C ALA D 84 37.35 3.86 39.83
N VAL D 85 38.68 4.04 39.88
CA VAL D 85 39.50 4.41 41.07
C VAL D 85 40.49 5.56 40.77
N ARG D 86 41.56 5.76 41.55
CA ARG D 86 42.72 6.60 41.18
C ARG D 86 44.04 5.84 41.35
N VAL D 87 45.07 6.22 40.58
CA VAL D 87 46.39 5.54 40.44
C VAL D 87 47.50 6.61 40.43
N GLN D 88 48.68 6.34 41.03
CA GLN D 88 49.63 7.39 41.46
C GLN D 88 51.09 7.20 40.98
N GLY D 89 51.44 6.13 40.28
CA GLY D 89 52.69 6.01 39.51
C GLY D 89 52.43 6.19 38.00
N LYS D 90 53.08 5.36 37.16
CA LYS D 90 52.60 5.04 35.80
C LYS D 90 51.09 4.77 35.73
N ASP D 91 50.49 4.89 34.55
CA ASP D 91 49.03 4.96 34.40
C ASP D 91 48.26 3.69 34.82
N GLU D 92 48.85 2.52 34.63
CA GLU D 92 48.18 1.23 34.81
C GLU D 92 48.44 0.55 36.16
N VAL D 93 47.47 -0.24 36.63
CA VAL D 93 47.65 -1.30 37.62
C VAL D 93 46.81 -2.52 37.25
N ILE D 94 47.42 -3.71 37.23
CA ILE D 94 46.70 -4.99 37.10
C ILE D 94 46.35 -5.49 38.51
N LEU D 95 45.20 -5.03 39.01
CA LEU D 95 44.65 -5.42 40.32
C LEU D 95 44.20 -6.89 40.34
N THR D 96 43.89 -7.40 41.53
CA THR D 96 43.32 -8.74 41.71
C THR D 96 42.17 -8.75 42.72
N LEU D 97 41.13 -9.53 42.41
CA LEU D 97 40.10 -9.96 43.35
C LEU D 97 40.56 -11.28 43.98
N ASN D 98 40.60 -11.36 45.31
CA ASN D 98 41.36 -12.41 46.02
C ASN D 98 40.44 -13.38 46.80
N LYS D 99 39.18 -13.54 46.36
CA LYS D 99 38.08 -13.90 47.27
C LYS D 99 37.84 -15.40 47.38
N SER D 100 37.68 -15.87 48.61
CA SER D 100 37.13 -17.19 48.94
C SER D 100 36.34 -17.15 50.26
N GLY D 101 35.42 -18.10 50.44
CA GLY D 101 34.63 -18.26 51.66
C GLY D 101 33.25 -17.58 51.65
N ILE D 102 32.33 -18.14 52.44
CA ILE D 102 30.89 -17.75 52.57
C ILE D 102 30.68 -16.24 52.69
N GLY D 103 29.74 -15.70 51.90
CA GLY D 103 29.20 -14.35 52.06
C GLY D 103 29.45 -13.44 50.85
N PRO D 104 29.04 -12.16 50.93
CA PRO D 104 29.28 -11.14 49.91
C PRO D 104 30.72 -11.07 49.39
N VAL D 105 30.88 -10.52 48.20
CA VAL D 105 32.11 -10.31 47.43
C VAL D 105 32.14 -8.84 47.03
N THR D 106 33.22 -8.13 47.35
CA THR D 106 33.21 -6.66 47.46
C THR D 106 34.52 -6.01 47.05
N ALA D 107 34.53 -4.67 46.94
CA ALA D 107 35.76 -3.89 46.82
C ALA D 107 36.73 -4.02 48.01
N ALA D 108 36.29 -4.59 49.15
CA ALA D 108 37.16 -4.89 50.30
C ALA D 108 37.83 -6.28 50.21
N ASP D 109 37.57 -7.05 49.14
CA ASP D 109 38.20 -8.35 48.84
C ASP D 109 39.30 -8.22 47.74
N ILE D 110 39.66 -6.97 47.38
CA ILE D 110 40.54 -6.59 46.27
C ILE D 110 41.86 -6.01 46.81
N THR D 111 42.95 -6.22 46.06
CA THR D 111 44.31 -5.75 46.39
C THR D 111 44.40 -4.22 46.46
N HIS D 112 44.71 -3.68 47.65
CA HIS D 112 44.70 -2.24 47.94
C HIS D 112 45.69 -1.85 49.05
N ASP D 113 46.99 -2.04 48.81
CA ASP D 113 48.10 -1.65 49.71
C ASP D 113 49.31 -1.19 48.87
N GLY D 114 49.07 -0.22 47.97
CA GLY D 114 49.97 0.22 46.88
C GLY D 114 49.61 1.63 46.37
N ASP D 115 50.03 2.01 45.15
CA ASP D 115 49.86 3.35 44.54
C ASP D 115 48.40 3.71 44.14
N VAL D 116 47.39 3.11 44.78
CA VAL D 116 46.00 3.09 44.29
C VAL D 116 45.04 3.55 45.40
N GLU D 117 44.07 4.39 45.05
CA GLU D 117 42.98 4.82 45.94
C GLU D 117 41.63 4.32 45.39
N ILE D 118 41.17 3.18 45.90
CA ILE D 118 39.86 2.60 45.59
C ILE D 118 38.77 3.41 46.30
N VAL D 119 38.44 4.60 45.77
CA VAL D 119 37.36 5.50 46.23
C VAL D 119 35.95 4.88 46.28
N LYS D 120 35.80 3.64 45.84
CA LYS D 120 34.56 2.84 45.89
C LYS D 120 34.66 1.63 46.85
N PRO D 121 35.09 1.79 48.13
CA PRO D 121 35.28 0.69 49.09
C PRO D 121 33.95 0.17 49.67
N GLN D 122 32.83 0.39 48.97
CA GLN D 122 31.47 0.00 49.34
C GLN D 122 30.72 -0.66 48.16
N HIS D 123 31.37 -0.81 47.01
CA HIS D 123 30.89 -1.63 45.88
C HIS D 123 30.83 -3.13 46.25
N VAL D 124 29.87 -3.84 45.66
CA VAL D 124 29.54 -5.26 45.90
C VAL D 124 29.25 -5.93 44.56
N ILE D 125 29.67 -7.19 44.42
CA ILE D 125 29.68 -7.95 43.17
C ILE D 125 28.67 -9.09 43.24
N CYS D 126 28.78 -9.98 44.24
CA CYS D 126 27.97 -11.20 44.37
C CYS D 126 28.15 -11.86 45.76
N HIS D 127 27.77 -13.14 45.93
CA HIS D 127 28.01 -13.97 47.11
C HIS D 127 28.79 -15.27 46.80
N LEU D 128 29.30 -15.91 47.85
CA LEU D 128 29.80 -17.30 47.86
C LEU D 128 29.13 -18.11 48.98
N THR D 129 29.18 -19.44 48.87
CA THR D 129 28.24 -20.36 49.55
C THR D 129 28.87 -21.38 50.51
N ASP D 130 30.19 -21.62 50.46
CA ASP D 130 30.92 -22.54 51.34
C ASP D 130 32.23 -21.90 51.87
N GLU D 131 32.77 -22.38 53.00
CA GLU D 131 34.01 -21.86 53.59
C GLU D 131 35.29 -22.18 52.78
N ASN D 132 35.18 -22.94 51.68
CA ASN D 132 36.28 -23.21 50.73
C ASN D 132 35.93 -22.85 49.25
N ALA D 133 34.77 -22.25 48.96
CA ALA D 133 34.41 -21.77 47.61
C ALA D 133 35.19 -20.50 47.21
N SER D 134 35.34 -20.20 45.90
CA SER D 134 36.13 -19.05 45.37
C SER D 134 35.45 -18.25 44.25
N ILE D 135 35.83 -16.97 44.16
CA ILE D 135 35.74 -16.17 42.93
C ILE D 135 36.89 -15.16 42.91
N SER D 136 37.70 -15.19 41.85
CA SER D 136 38.97 -14.46 41.76
C SER D 136 39.27 -14.11 40.30
N MET D 137 40.02 -13.02 40.09
CA MET D 137 40.34 -12.51 38.75
C MET D 137 41.54 -11.57 38.77
N ARG D 138 42.29 -11.47 37.66
CA ARG D 138 43.10 -10.27 37.33
C ARG D 138 42.19 -9.22 36.71
N ILE D 139 42.53 -7.94 36.93
CA ILE D 139 41.72 -6.77 36.53
C ILE D 139 42.69 -5.65 36.12
N LYS D 140 42.96 -5.49 34.81
CA LYS D 140 43.70 -4.32 34.30
C LYS D 140 42.86 -3.06 34.50
N VAL D 141 43.48 -2.00 35.02
CA VAL D 141 42.85 -0.70 35.32
C VAL D 141 43.84 0.40 34.96
N GLN D 142 43.37 1.42 34.26
CA GLN D 142 44.16 2.59 33.83
C GLN D 142 43.41 3.89 34.20
N ARG D 143 44.06 5.06 34.11
CA ARG D 143 43.36 6.37 34.06
C ARG D 143 42.78 6.61 32.66
N GLY D 144 43.52 6.22 31.62
CA GLY D 144 43.13 6.17 30.21
C GLY D 144 42.46 7.44 29.65
N ARG D 145 41.70 7.32 28.56
CA ARG D 145 40.83 8.39 28.01
C ARG D 145 39.62 7.87 27.23
N GLY D 146 38.48 8.54 27.35
CA GLY D 146 37.29 8.33 26.51
C GLY D 146 36.11 7.63 27.19
N TYR D 147 35.07 7.33 26.42
CA TYR D 147 33.88 6.57 26.83
C TYR D 147 33.79 5.28 26.00
N VAL D 148 34.77 4.39 26.18
CA VAL D 148 34.99 3.17 25.37
C VAL D 148 34.18 1.98 25.92
N PRO D 149 33.15 1.47 25.23
CA PRO D 149 32.58 0.14 25.52
C PRO D 149 33.49 -1.01 25.03
N ALA D 150 33.21 -2.23 25.50
CA ALA D 150 33.99 -3.45 25.21
C ALA D 150 34.05 -3.89 23.72
N SER D 151 33.41 -3.14 22.83
CA SER D 151 33.53 -3.25 21.38
C SER D 151 33.51 -1.84 20.77
N THR D 152 34.66 -1.34 20.35
CA THR D 152 34.87 0.04 19.86
C THR D 152 35.81 0.09 18.65
N ARG D 153 36.81 -0.78 18.58
CA ARG D 153 37.74 -0.96 17.44
C ARG D 153 37.02 -1.51 16.20
N ILE D 154 35.87 -2.18 16.42
CA ILE D 154 34.85 -2.76 15.52
C ILE D 154 35.31 -3.76 14.43
N HIS D 155 36.57 -3.73 14.02
CA HIS D 155 37.27 -4.84 13.33
C HIS D 155 38.76 -4.78 13.64
N SER D 156 39.47 -5.90 13.40
CA SER D 156 40.57 -6.35 14.29
C SER D 156 40.13 -6.42 15.76
N GLU D 157 38.83 -6.66 16.00
CA GLU D 157 38.18 -6.79 17.32
C GLU D 157 37.49 -8.15 17.49
N GLU D 158 37.50 -8.96 16.44
CA GLU D 158 37.58 -10.43 16.47
C GLU D 158 38.82 -10.98 17.19
N ASP D 159 39.80 -10.13 17.54
CA ASP D 159 41.18 -10.45 17.95
C ASP D 159 41.38 -11.60 18.97
N GLU D 160 42.55 -12.23 18.87
CA GLU D 160 42.90 -13.58 19.31
C GLU D 160 43.13 -13.74 20.83
N ARG D 161 42.61 -12.79 21.62
CA ARG D 161 42.66 -12.70 23.10
C ARG D 161 42.48 -14.08 23.77
N PRO D 162 43.54 -14.70 24.35
CA PRO D 162 43.51 -16.07 24.88
C PRO D 162 42.27 -16.40 25.71
N ILE D 163 41.48 -17.38 25.25
CA ILE D 163 40.07 -17.64 25.60
C ILE D 163 39.77 -17.56 27.12
N GLY D 164 39.33 -16.38 27.57
CA GLY D 164 39.12 -16.03 28.98
C GLY D 164 39.66 -14.64 29.34
N ARG D 165 40.57 -14.10 28.53
CA ARG D 165 41.03 -12.71 28.49
C ARG D 165 39.93 -11.79 27.95
N LEU D 166 39.04 -11.34 28.82
CA LEU D 166 37.95 -10.42 28.49
C LEU D 166 38.50 -9.00 28.24
N LEU D 167 38.25 -8.45 27.05
CA LEU D 167 38.23 -7.01 26.83
C LEU D 167 37.03 -6.40 27.60
N VAL D 168 37.16 -5.16 28.10
CA VAL D 168 36.17 -4.56 29.02
C VAL D 168 35.80 -3.14 28.59
N ASP D 169 34.60 -2.69 28.98
CA ASP D 169 34.06 -1.34 28.85
C ASP D 169 34.89 -0.27 29.59
N ALA D 170 36.06 0.03 29.04
CA ALA D 170 37.04 1.06 29.40
C ALA D 170 36.51 2.52 29.31
N CYS D 171 35.32 2.78 29.86
CA CYS D 171 34.67 4.09 29.95
C CYS D 171 35.36 5.03 30.95
N TYR D 172 36.62 5.39 30.69
CA TYR D 172 37.50 6.22 31.52
C TYR D 172 36.88 7.55 31.99
N SER D 173 36.01 8.13 31.17
CA SER D 173 35.28 9.38 31.43
C SER D 173 34.58 9.42 32.80
N PRO D 174 34.99 10.29 33.73
CA PRO D 174 34.49 10.30 35.09
C PRO D 174 33.18 11.08 35.27
N VAL D 175 32.53 11.53 34.18
CA VAL D 175 31.25 12.27 34.20
C VAL D 175 30.46 11.99 32.93
N GLU D 176 29.15 11.84 33.04
CA GLU D 176 28.19 12.01 31.91
C GLU D 176 27.17 13.12 32.19
N ARG D 177 26.92 13.44 33.47
CA ARG D 177 25.68 14.08 33.94
C ARG D 177 25.63 15.60 33.78
N ILE D 178 26.79 16.27 33.64
CA ILE D 178 26.98 17.74 33.81
C ILE D 178 25.87 18.64 33.22
N ALA D 179 25.50 19.69 33.97
CA ALA D 179 24.59 20.77 33.57
C ALA D 179 24.86 22.04 34.41
N TYR D 180 24.14 23.14 34.12
CA TYR D 180 24.30 24.44 34.75
C TYR D 180 22.94 25.14 35.01
N ASN D 181 22.99 26.26 35.73
CA ASN D 181 21.88 27.17 36.05
C ASN D 181 22.41 28.63 36.12
N VAL D 182 21.53 29.62 36.27
CA VAL D 182 21.88 31.06 36.13
C VAL D 182 21.17 31.91 37.20
N GLU D 183 21.79 33.02 37.61
CA GLU D 183 21.17 34.11 38.38
C GLU D 183 21.49 35.48 37.74
N ALA D 184 20.91 36.56 38.29
CA ALA D 184 21.48 37.89 38.12
C ALA D 184 22.69 38.07 39.06
N ALA D 185 23.66 38.89 38.67
CA ALA D 185 24.81 39.24 39.51
C ALA D 185 24.37 39.83 40.86
N ARG D 186 25.01 39.34 41.93
CA ARG D 186 24.60 39.50 43.32
C ARG D 186 25.76 39.96 44.22
N VAL D 187 27.01 39.98 43.70
CA VAL D 187 28.14 40.71 44.29
C VAL D 187 27.71 42.12 44.66
N GLU D 188 27.70 42.43 45.96
CA GLU D 188 27.09 43.62 46.59
C GLU D 188 27.63 45.01 46.17
N GLN D 189 28.44 45.09 45.11
CA GLN D 189 28.63 46.30 44.30
C GLN D 189 27.45 46.57 43.34
N ARG D 190 26.66 45.54 42.98
CA ARG D 190 25.78 45.48 41.80
C ARG D 190 24.44 44.76 42.04
N THR D 191 23.51 44.97 41.13
CA THR D 191 22.34 44.12 40.82
C THR D 191 22.00 44.19 39.32
N ASP D 192 23.01 44.17 38.45
CA ASP D 192 22.98 44.77 37.10
C ASP D 192 23.82 44.03 36.03
N LEU D 193 24.20 42.77 36.29
CA LEU D 193 24.94 41.86 35.40
C LEU D 193 24.40 40.42 35.57
N ASP D 194 25.05 39.38 35.03
CA ASP D 194 24.64 37.97 35.21
C ASP D 194 25.65 37.09 35.99
N LYS D 195 25.26 35.85 36.28
CA LYS D 195 25.88 34.94 37.25
C LYS D 195 25.65 33.48 36.84
N LEU D 196 26.72 32.69 36.70
CA LEU D 196 26.66 31.26 36.37
C LEU D 196 26.69 30.38 37.63
N VAL D 197 25.97 29.25 37.60
CA VAL D 197 25.91 28.23 38.68
C VAL D 197 26.08 26.84 38.07
N ILE D 198 26.89 25.98 38.70
CA ILE D 198 27.27 24.67 38.16
C ILE D 198 26.57 23.54 38.93
N GLU D 199 26.12 22.51 38.24
CA GLU D 199 25.53 21.28 38.81
C GLU D 199 26.22 20.03 38.22
N MET D 200 27.55 19.99 38.25
CA MET D 200 28.35 18.77 37.97
C MET D 200 28.16 17.74 39.10
N GLU D 201 27.97 16.47 38.73
CA GLU D 201 27.87 15.28 39.60
C GLU D 201 28.58 14.14 38.86
N THR D 202 29.33 13.27 39.55
CA THR D 202 30.41 12.46 38.94
C THR D 202 30.25 10.94 39.10
N ASN D 203 31.09 10.17 38.38
CA ASN D 203 31.39 8.74 38.54
C ASN D 203 32.03 8.41 39.92
N GLY D 204 32.20 9.39 40.82
CA GLY D 204 32.90 9.24 42.09
C GLY D 204 34.43 9.20 41.97
N THR D 205 34.97 9.13 40.75
CA THR D 205 36.41 9.14 40.45
C THR D 205 37.10 10.44 40.91
N ILE D 206 36.38 11.57 40.89
CA ILE D 206 36.77 12.86 41.47
C ILE D 206 35.56 13.61 42.04
N ASP D 207 35.81 14.70 42.79
CA ASP D 207 34.82 15.71 43.16
C ASP D 207 34.97 17.01 42.33
N PRO D 208 33.90 17.75 42.00
CA PRO D 208 33.95 19.05 41.31
C PRO D 208 34.81 20.17 41.94
N GLU D 209 35.36 20.02 43.14
CA GLU D 209 36.35 20.92 43.73
C GLU D 209 37.73 20.23 43.95
N GLU D 210 38.08 19.22 43.14
CA GLU D 210 39.33 18.44 43.28
C GLU D 210 40.36 18.65 42.14
N ALA D 211 39.96 18.69 40.87
CA ALA D 211 40.83 18.98 39.70
C ALA D 211 39.99 19.35 38.44
N ILE D 212 40.57 19.98 37.41
CA ILE D 212 39.80 20.35 36.19
C ILE D 212 40.50 20.59 34.84
N ARG D 213 41.77 21.06 34.69
CA ARG D 213 42.22 21.67 33.39
C ARG D 213 42.04 20.77 32.15
N ARG D 214 42.57 19.54 32.09
CA ARG D 214 42.29 18.59 30.97
C ARG D 214 40.78 18.45 30.63
N ALA D 215 39.87 18.60 31.60
CA ALA D 215 38.42 18.55 31.42
C ALA D 215 37.78 19.81 30.82
N ALA D 216 38.55 20.88 30.69
CA ALA D 216 38.18 22.16 30.07
C ALA D 216 39.12 22.52 28.90
N THR D 217 40.12 21.70 28.62
CA THR D 217 41.15 21.96 27.61
C THR D 217 40.65 22.00 26.17
N ILE D 218 39.66 21.16 25.80
CA ILE D 218 38.95 21.28 24.49
C ILE D 218 37.95 22.46 24.49
N LEU D 219 38.36 23.60 25.06
CA LEU D 219 37.68 24.88 25.16
C LEU D 219 38.66 26.00 25.56
N ALA D 220 39.69 25.69 26.35
CA ALA D 220 40.78 26.61 26.68
C ALA D 220 41.88 26.60 25.59
N GLU D 221 42.52 25.46 25.36
CA GLU D 221 43.36 25.17 24.18
C GLU D 221 42.48 24.97 22.90
N GLN D 222 41.71 26.01 22.59
CA GLN D 222 40.92 26.23 21.37
C GLN D 222 40.96 27.74 21.02
N LEU D 223 42.10 28.39 21.27
CA LEU D 223 42.34 29.83 21.38
C LEU D 223 43.62 30.23 20.62
N GLU D 224 44.74 29.55 20.89
CA GLU D 224 45.92 29.41 20.00
C GLU D 224 45.50 29.04 18.56
N ALA D 225 44.40 28.28 18.46
CA ALA D 225 43.67 28.02 17.22
C ALA D 225 43.37 29.25 16.33
N PHE D 226 43.39 30.48 16.84
CA PHE D 226 42.99 31.69 16.10
C PHE D 226 44.12 32.70 15.87
N VAL D 227 45.34 32.42 16.32
CA VAL D 227 46.48 33.34 16.36
C VAL D 227 47.79 32.54 16.17
N ASP D 228 49.00 33.09 16.43
CA ASP D 228 50.29 32.35 16.41
C ASP D 228 50.44 31.34 15.23
N LEU D 229 50.15 31.83 14.02
CA LEU D 229 49.38 31.08 13.01
C LEU D 229 50.12 30.03 12.16
N ARG D 230 51.11 29.33 12.73
CA ARG D 230 51.90 28.24 12.11
C ARG D 230 51.28 26.86 12.42
N ASP D 231 51.26 25.94 11.46
CA ASP D 231 50.47 24.69 11.50
C ASP D 231 51.26 23.38 11.22
N VAL D 232 50.65 22.32 10.64
CA VAL D 232 51.04 20.90 10.82
C VAL D 232 50.56 19.98 9.67
N ARG D 233 51.37 19.00 9.20
CA ARG D 233 51.12 18.15 7.99
C ARG D 233 52.20 17.10 7.62
N GLN D 234 51.82 16.07 6.85
CA GLN D 234 52.70 14.93 6.45
C GLN D 234 52.69 14.64 4.92
N PRO D 235 53.77 14.02 4.36
CA PRO D 235 54.00 13.88 2.91
C PRO D 235 53.66 12.50 2.28
N GLU D 236 53.90 12.39 0.97
CA GLU D 236 54.09 11.16 0.17
C GLU D 236 55.51 11.20 -0.44
N VAL D 237 56.17 10.04 -0.56
CA VAL D 237 57.65 9.95 -0.64
C VAL D 237 58.23 8.85 -1.56
N LYS D 238 57.43 7.89 -2.04
CA LYS D 238 57.93 6.71 -2.81
C LYS D 238 57.58 6.72 -4.31
N GLU D 239 58.19 5.79 -5.04
CA GLU D 239 58.00 5.54 -6.48
C GLU D 239 57.50 4.11 -6.77
N GLU D 240 57.12 3.83 -8.03
CA GLU D 240 56.19 2.71 -8.33
C GLU D 240 56.85 1.37 -8.75
N LYS D 241 58.19 1.33 -8.92
CA LYS D 241 59.02 0.12 -9.16
C LYS D 241 58.83 -0.53 -10.57
N PRO D 242 59.55 -1.61 -10.95
CA PRO D 242 61.02 -1.72 -11.01
C PRO D 242 61.57 -2.26 -12.35
N GLU D 243 62.77 -1.84 -12.78
CA GLU D 243 63.44 -2.27 -14.04
C GLU D 243 64.97 -2.55 -13.90
N PHE D 244 65.63 -2.86 -15.02
CA PHE D 244 67.09 -3.11 -15.11
C PHE D 244 67.96 -1.84 -14.91
N ASP D 245 69.27 -1.92 -14.66
CA ASP D 245 70.14 -3.10 -14.51
C ASP D 245 69.96 -3.75 -13.10
N PRO D 246 70.07 -5.08 -12.95
CA PRO D 246 69.68 -5.81 -11.72
C PRO D 246 70.59 -5.61 -10.48
N ILE D 247 71.23 -4.46 -10.36
CA ILE D 247 71.89 -3.97 -9.15
C ILE D 247 70.87 -3.72 -8.01
N LEU D 248 69.63 -3.34 -8.33
CA LEU D 248 68.55 -3.11 -7.35
C LEU D 248 67.61 -4.33 -7.22
N LEU D 249 67.45 -5.12 -8.28
CA LEU D 249 66.64 -6.36 -8.34
C LEU D 249 67.28 -7.53 -7.57
N ARG D 250 67.43 -7.40 -6.25
CA ARG D 250 68.10 -8.38 -5.37
C ARG D 250 67.46 -8.40 -3.97
N PRO D 251 67.15 -9.56 -3.38
CA PRO D 251 66.80 -9.66 -1.95
C PRO D 251 68.04 -9.53 -1.05
N VAL D 252 67.84 -9.53 0.27
CA VAL D 252 68.91 -9.44 1.29
C VAL D 252 69.96 -10.56 1.20
N ASP D 253 69.63 -11.69 0.57
CA ASP D 253 70.52 -12.84 0.32
C ASP D 253 71.90 -12.44 -0.23
N ASP D 254 71.93 -11.38 -1.05
CA ASP D 254 73.13 -10.91 -1.74
C ASP D 254 74.12 -10.15 -0.82
N LEU D 255 73.71 -9.79 0.40
CA LEU D 255 74.44 -8.87 1.29
C LEU D 255 75.54 -9.50 2.16
N GLU D 256 75.44 -10.81 2.46
CA GLU D 256 76.28 -11.52 3.46
C GLU D 256 76.20 -10.86 4.87
N LEU D 257 75.09 -11.08 5.57
CA LEU D 257 74.72 -10.50 6.89
C LEU D 257 74.13 -11.54 7.88
N THR D 258 73.87 -11.17 9.14
CA THR D 258 73.46 -12.08 10.23
C THR D 258 71.96 -12.44 10.28
N VAL D 259 71.58 -13.42 11.11
CA VAL D 259 70.27 -14.10 11.04
C VAL D 259 69.13 -13.32 11.73
N ARG D 260 69.28 -12.80 12.96
CA ARG D 260 68.25 -11.93 13.59
C ARG D 260 67.94 -10.70 12.71
N SER D 261 68.98 -10.06 12.12
CA SER D 261 68.80 -9.07 11.04
C SER D 261 67.94 -9.60 9.88
N ALA D 262 68.23 -10.79 9.37
CA ALA D 262 67.46 -11.43 8.29
C ALA D 262 66.04 -11.88 8.71
N ASN D 263 65.71 -11.97 9.99
CA ASN D 263 64.35 -12.19 10.50
C ASN D 263 63.57 -10.88 10.62
N CYS D 264 64.16 -9.82 11.15
CA CYS D 264 63.44 -8.57 11.39
C CYS D 264 63.37 -7.68 10.14
N LEU D 265 64.40 -7.67 9.28
CA LEU D 265 64.32 -7.08 7.92
C LEU D 265 63.35 -7.84 6.98
N LYS D 266 63.06 -9.12 7.30
CA LYS D 266 62.02 -9.94 6.64
C LYS D 266 60.61 -9.52 7.12
N ALA D 267 60.43 -9.27 8.42
CA ALA D 267 59.18 -8.71 8.97
C ALA D 267 58.90 -7.29 8.45
N GLU D 268 59.91 -6.41 8.43
CA GLU D 268 59.95 -5.10 7.77
C GLU D 268 59.88 -5.18 6.22
N ALA D 269 59.65 -6.38 5.69
CA ALA D 269 59.30 -6.70 4.31
C ALA D 269 60.26 -6.22 3.20
N ILE D 270 61.51 -5.84 3.51
CA ILE D 270 62.48 -5.23 2.58
C ILE D 270 63.11 -6.24 1.58
N HIS D 271 62.27 -7.09 0.98
CA HIS D 271 62.61 -8.16 0.02
C HIS D 271 63.29 -7.70 -1.28
N TYR D 272 63.52 -6.39 -1.47
CA TYR D 272 64.43 -5.85 -2.48
C TYR D 272 65.36 -4.79 -1.87
N ILE D 273 66.67 -5.08 -1.87
CA ILE D 273 67.71 -4.12 -1.46
C ILE D 273 67.74 -2.87 -2.34
N GLY D 274 67.08 -2.89 -3.51
CA GLY D 274 66.75 -1.71 -4.31
C GLY D 274 66.02 -0.60 -3.56
N ASP D 275 65.38 -0.90 -2.42
CA ASP D 275 64.81 0.10 -1.53
C ASP D 275 65.55 0.22 -0.19
N LEU D 276 66.20 -0.84 0.29
CA LEU D 276 67.18 -0.74 1.38
C LEU D 276 68.35 0.21 1.03
N VAL D 277 68.64 0.42 -0.26
CA VAL D 277 69.62 1.41 -0.73
C VAL D 277 69.21 2.87 -0.46
N GLN D 278 67.93 3.14 -0.15
CA GLN D 278 67.38 4.51 -0.09
C GLN D 278 66.45 4.80 1.10
N ARG D 279 65.94 3.80 1.85
CA ARG D 279 65.24 4.00 3.12
C ARG D 279 66.19 4.65 4.16
N THR D 280 65.71 5.68 4.85
CA THR D 280 66.47 6.39 5.90
C THR D 280 66.79 5.46 7.08
N GLU D 281 67.93 5.67 7.75
CA GLU D 281 68.32 4.85 8.91
C GLU D 281 67.32 4.97 10.08
N VAL D 282 66.83 6.17 10.40
CA VAL D 282 65.72 6.39 11.36
C VAL D 282 64.42 5.69 10.94
N GLU D 283 64.21 5.52 9.63
CA GLU D 283 63.02 4.84 9.10
C GLU D 283 63.18 3.31 9.06
N LEU D 284 64.32 2.75 9.52
CA LEU D 284 64.42 1.33 9.86
C LEU D 284 64.01 1.07 11.33
N LEU D 285 64.08 2.06 12.23
CA LEU D 285 63.39 2.01 13.52
C LEU D 285 61.89 2.26 13.32
N LYS D 286 61.20 1.25 12.74
CA LYS D 286 59.74 1.23 12.49
C LYS D 286 59.10 -0.14 12.70
N THR D 287 59.89 -1.16 13.03
CA THR D 287 59.45 -2.47 13.52
C THR D 287 60.39 -2.92 14.65
N PRO D 288 59.89 -3.41 15.81
CA PRO D 288 60.71 -3.92 16.91
C PRO D 288 61.61 -5.12 16.57
N ASN D 289 62.42 -5.52 17.55
CA ASN D 289 63.50 -6.51 17.45
C ASN D 289 64.53 -6.13 16.36
N LEU D 290 64.83 -4.83 16.19
CA LEU D 290 65.63 -4.30 15.08
C LEU D 290 66.63 -3.22 15.55
N GLY D 291 67.18 -3.42 16.75
CA GLY D 291 67.81 -2.40 17.58
C GLY D 291 69.27 -2.05 17.26
N LYS D 292 69.95 -1.50 18.29
CA LYS D 292 71.25 -0.81 18.20
C LYS D 292 72.37 -1.59 17.48
N LYS D 293 72.32 -2.92 17.38
CA LYS D 293 73.34 -3.74 16.68
C LYS D 293 72.92 -4.08 15.24
N SER D 294 71.72 -4.60 14.99
CA SER D 294 71.22 -4.88 13.63
C SER D 294 71.14 -3.60 12.78
N LEU D 295 70.65 -2.49 13.35
CA LEU D 295 70.64 -1.16 12.74
C LEU D 295 72.07 -0.66 12.38
N THR D 296 73.08 -1.18 13.07
CA THR D 296 74.51 -0.87 12.85
C THR D 296 75.19 -1.79 11.82
N GLU D 297 74.71 -3.01 11.61
CA GLU D 297 75.22 -3.92 10.57
C GLU D 297 75.03 -3.33 9.15
N ILE D 298 73.86 -2.74 8.88
CA ILE D 298 73.47 -2.14 7.59
C ILE D 298 74.57 -1.20 7.03
N LYS D 299 75.25 -0.48 7.94
CA LYS D 299 76.16 0.63 7.67
C LYS D 299 77.44 0.25 6.89
N ASP D 300 77.80 -1.03 6.80
CA ASP D 300 78.90 -1.50 5.91
C ASP D 300 78.56 -2.75 5.08
N VAL D 301 77.58 -3.59 5.45
CA VAL D 301 77.20 -4.74 4.59
C VAL D 301 76.72 -4.32 3.20
N LEU D 302 76.00 -3.19 3.08
CA LEU D 302 75.69 -2.58 1.78
C LEU D 302 76.95 -2.11 1.03
N ALA D 303 77.87 -1.44 1.73
CA ALA D 303 79.12 -0.96 1.15
C ALA D 303 80.03 -2.11 0.66
N SER D 304 80.04 -3.24 1.37
CA SER D 304 80.82 -4.45 1.03
C SER D 304 80.56 -4.98 -0.37
N ARG D 305 79.32 -4.81 -0.89
CA ARG D 305 78.91 -5.16 -2.27
C ARG D 305 79.66 -4.36 -3.34
N GLY D 306 80.25 -3.23 -2.97
CA GLY D 306 80.65 -2.16 -3.89
C GLY D 306 79.54 -1.13 -4.13
N LEU D 307 78.61 -0.99 -3.17
CA LEU D 307 77.42 -0.13 -3.21
C LEU D 307 77.49 0.89 -2.05
N SER D 308 76.36 1.40 -1.58
CA SER D 308 76.23 2.32 -0.43
C SER D 308 74.79 2.32 0.05
N LEU D 309 74.54 2.75 1.29
CA LEU D 309 73.24 3.30 1.70
C LEU D 309 73.08 4.75 1.17
N GLY D 310 71.88 5.31 1.23
CA GLY D 310 71.64 6.74 0.96
C GLY D 310 71.63 7.14 -0.51
N MET D 311 71.10 6.30 -1.41
CA MET D 311 71.13 6.50 -2.88
C MET D 311 69.75 6.50 -3.53
N ARG D 312 68.91 7.49 -3.16
CA ARG D 312 67.71 7.90 -3.92
C ARG D 312 68.02 8.08 -5.42
N LEU D 313 67.03 7.80 -6.27
CA LEU D 313 67.14 7.88 -7.74
C LEU D 313 65.82 8.31 -8.42
N GLU D 314 65.90 8.99 -9.57
CA GLU D 314 64.71 9.57 -10.22
C GLU D 314 63.88 8.55 -11.05
N ASN D 315 64.34 7.30 -11.20
CA ASN D 315 63.66 6.20 -11.91
C ASN D 315 64.19 4.86 -11.37
N TRP D 316 63.30 3.93 -11.02
CA TRP D 316 63.54 2.61 -10.42
C TRP D 316 62.56 1.63 -11.06
N THR E 1 48.12 16.39 22.01
CA THR E 1 46.87 15.61 21.75
C THR E 1 46.12 16.21 20.54
N GLU E 2 45.05 15.56 20.05
CA GLU E 2 44.27 16.02 18.88
C GLU E 2 43.59 17.40 19.00
N PHE E 3 43.60 18.06 20.17
CA PHE E 3 43.62 19.53 20.22
C PHE E 3 45.00 20.02 19.74
N LEU E 4 45.25 19.81 18.45
CA LEU E 4 46.55 19.81 17.79
C LEU E 4 47.05 21.24 17.49
N LYS E 5 46.88 22.16 18.44
CA LYS E 5 47.12 23.61 18.27
C LYS E 5 46.52 24.13 16.95
N PRO E 6 45.17 24.00 16.78
CA PRO E 6 44.50 23.96 15.48
C PRO E 6 44.32 25.35 14.84
N ARG E 7 45.44 25.99 14.46
CA ARG E 7 45.53 27.33 13.86
C ARG E 7 44.57 27.54 12.65
N LEU E 8 44.16 28.78 12.38
CA LEU E 8 43.20 29.19 11.33
C LEU E 8 43.78 29.13 9.89
N VAL E 9 44.31 27.98 9.46
CA VAL E 9 45.12 27.81 8.23
C VAL E 9 44.46 28.26 6.92
N ASP E 10 43.12 28.15 6.81
CA ASP E 10 42.38 28.22 5.54
C ASP E 10 41.26 29.28 5.61
N ILE E 11 41.57 30.48 5.08
CA ILE E 11 40.77 31.70 5.26
C ILE E 11 39.98 32.07 3.99
N GLU E 12 40.59 32.00 2.78
CA GLU E 12 40.00 32.33 1.46
C GLU E 12 39.16 33.62 1.41
N GLN E 13 39.81 34.77 1.23
CA GLN E 13 39.16 36.05 0.90
C GLN E 13 38.30 36.00 -0.38
N VAL E 14 37.34 36.92 -0.46
CA VAL E 14 36.38 37.07 -1.57
C VAL E 14 36.34 38.52 -2.12
N SER E 15 37.00 39.48 -1.44
CA SER E 15 37.33 40.88 -1.82
C SER E 15 36.93 41.89 -0.74
N SER E 16 37.86 42.23 0.15
CA SER E 16 37.83 43.39 1.07
C SER E 16 36.49 43.66 1.77
N THR E 17 35.84 42.58 2.25
CA THR E 17 34.59 42.57 3.01
C THR E 17 34.12 41.17 3.45
N HIS E 18 34.73 40.08 2.99
CA HIS E 18 34.24 38.70 3.14
C HIS E 18 35.36 37.69 2.86
N ALA E 19 35.54 36.72 3.77
CA ALA E 19 36.33 35.51 3.55
C ALA E 19 35.54 34.23 3.95
N LYS E 20 36.03 33.03 3.60
CA LYS E 20 35.45 31.73 3.98
C LYS E 20 35.56 31.48 5.49
N VAL E 21 36.71 31.81 6.08
CA VAL E 21 37.11 31.65 7.49
C VAL E 21 36.91 30.22 8.03
N THR E 22 37.99 29.45 8.18
CA THR E 22 37.92 28.07 8.70
C THR E 22 39.02 27.71 9.70
N LEU E 23 38.70 26.77 10.58
CA LEU E 23 39.47 26.41 11.78
C LEU E 23 39.61 24.88 11.81
N GLU E 24 40.85 24.37 11.85
CA GLU E 24 41.17 22.95 11.68
C GLU E 24 42.50 22.54 12.36
N PRO E 25 42.71 21.24 12.61
CA PRO E 25 41.73 20.15 12.63
C PRO E 25 40.94 20.12 13.96
N LEU E 26 39.81 19.41 14.01
CA LEU E 26 38.93 19.38 15.18
C LEU E 26 38.46 17.97 15.57
N GLU E 27 38.17 17.80 16.86
CA GLU E 27 37.95 16.53 17.57
C GLU E 27 36.69 15.77 17.10
N ARG E 28 36.82 14.97 16.03
CA ARG E 28 35.80 14.06 15.45
C ARG E 28 34.41 14.71 15.18
N GLY E 29 34.35 16.02 15.00
CA GLY E 29 33.11 16.79 14.79
C GLY E 29 33.02 18.09 15.62
N PHE E 30 34.09 18.50 16.31
CA PHE E 30 34.06 19.57 17.32
C PHE E 30 33.77 20.98 16.77
N GLY E 31 33.79 21.18 15.44
CA GLY E 31 33.21 22.35 14.78
C GLY E 31 31.74 22.58 15.16
N HIS E 32 31.01 21.53 15.58
CA HIS E 32 29.68 21.64 16.17
C HIS E 32 29.65 22.37 17.53
N THR E 33 30.70 22.24 18.36
CA THR E 33 30.87 23.05 19.57
C THR E 33 31.29 24.47 19.18
N LEU E 34 32.43 24.61 18.49
CA LEU E 34 33.05 25.92 18.24
C LEU E 34 32.15 26.84 17.40
N GLY E 35 31.54 26.30 16.34
CA GLY E 35 30.69 27.02 15.41
C GLY E 35 29.37 27.55 15.99
N ASN E 36 29.07 27.28 17.26
CA ASN E 36 27.88 27.78 17.92
C ASN E 36 28.20 28.43 19.28
N ALA E 37 29.17 27.91 20.04
CA ALA E 37 29.69 28.57 21.24
C ALA E 37 30.52 29.82 20.90
N LEU E 38 31.58 29.70 20.09
CA LEU E 38 32.47 30.84 19.76
C LEU E 38 31.76 31.86 18.85
N ARG E 39 30.90 31.40 17.94
CA ARG E 39 30.06 32.28 17.11
C ARG E 39 29.17 33.24 17.93
N ARG E 40 28.75 32.85 19.14
CA ARG E 40 28.06 33.77 20.08
C ARG E 40 29.00 34.84 20.65
N ILE E 41 30.29 34.53 20.88
CA ILE E 41 31.31 35.51 21.28
C ILE E 41 31.41 36.60 20.20
N LEU E 42 31.56 36.19 18.93
CA LEU E 42 31.60 37.04 17.72
C LEU E 42 30.35 37.92 17.47
N LEU E 43 29.39 37.90 18.40
CA LEU E 43 28.15 38.68 18.41
C LEU E 43 27.87 39.32 19.79
N SER E 44 28.85 39.34 20.71
CA SER E 44 28.67 39.82 22.10
C SER E 44 29.39 41.14 22.43
N SER E 45 30.70 41.23 22.17
CA SER E 45 31.60 42.22 22.82
C SER E 45 32.77 42.63 21.90
N MET E 46 32.42 43.07 20.68
CA MET E 46 33.32 43.16 19.52
C MET E 46 33.81 44.60 19.23
N PRO E 47 35.00 44.78 18.61
CA PRO E 47 35.55 46.07 18.21
C PRO E 47 34.97 46.65 16.89
N GLY E 48 35.53 47.79 16.50
CA GLY E 48 35.11 48.71 15.43
C GLY E 48 34.72 50.07 16.00
N CYS E 49 34.26 51.02 15.18
CA CYS E 49 33.77 52.31 15.67
C CYS E 49 32.58 52.86 14.84
N ALA E 50 31.67 53.63 15.46
CA ALA E 50 30.50 54.18 14.76
C ALA E 50 29.76 55.34 15.46
N VAL E 51 28.86 55.97 14.69
CA VAL E 51 27.95 57.06 15.10
C VAL E 51 27.05 56.67 16.28
N THR E 52 26.90 57.59 17.24
CA THR E 52 26.16 57.38 18.50
C THR E 52 25.14 58.48 18.84
N GLU E 53 25.37 59.74 18.45
CA GLU E 53 24.45 60.89 18.60
C GLU E 53 24.70 61.91 17.48
N VAL E 54 23.75 62.80 17.16
CA VAL E 54 23.84 63.72 15.99
C VAL E 54 23.12 65.05 16.26
N GLU E 55 23.60 66.18 15.74
CA GLU E 55 22.98 67.51 15.91
C GLU E 55 22.91 68.25 14.56
N ILE E 56 21.71 68.52 14.02
CA ILE E 56 21.52 68.90 12.60
C ILE E 56 20.84 70.27 12.46
N ASP E 57 21.28 71.08 11.49
CA ASP E 57 20.76 72.43 11.13
C ASP E 57 19.32 72.46 10.54
N GLY E 58 18.40 71.67 11.09
CA GLY E 58 16.98 71.68 10.76
C GLY E 58 16.13 70.68 11.56
N VAL E 59 16.70 69.54 11.95
CA VAL E 59 15.98 68.43 12.62
C VAL E 59 15.79 68.68 14.13
N LEU E 60 15.25 69.85 14.49
CA LEU E 60 14.81 70.20 15.85
C LEU E 60 13.70 69.25 16.34
N HIS E 61 13.02 68.58 15.42
CA HIS E 61 12.12 67.44 15.60
C HIS E 61 12.04 66.67 14.26
N GLU E 62 11.68 65.40 14.28
CA GLU E 62 11.67 64.55 13.07
C GLU E 62 10.57 64.93 12.07
N TYR E 63 9.43 65.46 12.55
CA TYR E 63 8.34 66.01 11.73
C TYR E 63 8.66 67.41 11.17
N SER E 64 9.85 67.61 10.59
CA SER E 64 10.32 68.88 9.99
C SER E 64 10.75 68.70 8.53
N THR E 65 11.17 69.79 7.88
CA THR E 65 11.23 69.95 6.41
C THR E 65 12.29 70.99 6.01
N LYS E 66 12.90 70.84 4.82
CA LYS E 66 14.01 71.68 4.34
C LYS E 66 14.02 71.80 2.80
N GLU E 67 13.05 72.54 2.26
CA GLU E 67 12.89 72.89 0.82
C GLU E 67 14.23 73.18 0.09
N GLY E 68 14.80 72.16 -0.55
CA GLY E 68 16.13 72.18 -1.17
C GLY E 68 16.88 70.83 -1.04
N VAL E 69 16.61 70.11 0.05
CA VAL E 69 16.91 68.68 0.27
C VAL E 69 16.00 67.81 -0.64
N GLN E 70 16.21 66.49 -0.75
CA GLN E 70 15.31 65.57 -1.47
C GLN E 70 14.66 64.52 -0.55
N GLU E 71 15.33 64.20 0.55
CA GLU E 71 14.82 63.48 1.73
C GLU E 71 13.74 64.27 2.53
N ASP E 72 13.45 65.51 2.09
CA ASP E 72 12.89 66.67 2.82
C ASP E 72 13.57 66.95 4.17
N ILE E 73 13.51 65.99 5.09
CA ILE E 73 14.41 65.85 6.24
C ILE E 73 14.37 64.41 6.80
N LEU E 74 13.19 63.77 6.82
CA LEU E 74 13.00 62.51 7.53
C LEU E 74 13.73 61.32 6.89
N GLU E 75 13.90 61.29 5.56
CA GLU E 75 14.69 60.22 4.89
C GLU E 75 16.22 60.43 4.98
N ILE E 76 16.70 61.42 5.75
CA ILE E 76 18.11 61.51 6.19
C ILE E 76 18.40 60.45 7.26
N LEU E 77 17.38 60.04 8.05
CA LEU E 77 17.44 58.99 9.07
C LEU E 77 17.53 57.59 8.41
N LEU E 78 18.66 57.35 7.76
CA LEU E 78 18.91 56.26 6.82
C LEU E 78 20.34 55.70 6.94
N ASN E 79 21.33 56.57 7.17
CA ASN E 79 22.75 56.18 7.23
C ASN E 79 23.49 56.77 8.45
N LEU E 80 22.74 57.08 9.50
CA LEU E 80 23.22 57.55 10.80
C LEU E 80 22.45 56.72 11.83
N LYS E 81 23.19 55.89 12.59
CA LYS E 81 22.97 54.43 12.55
C LYS E 81 23.17 53.88 11.13
N GLY E 82 24.41 53.91 10.64
CA GLY E 82 24.77 53.32 9.35
C GLY E 82 26.22 53.61 8.94
N LEU E 83 26.65 54.86 9.01
CA LEU E 83 28.07 55.23 8.98
C LEU E 83 28.82 54.59 10.16
N ALA E 84 29.98 54.04 9.86
CA ALA E 84 30.96 53.42 10.76
C ALA E 84 32.37 53.75 10.25
N VAL E 85 33.38 53.55 11.10
CA VAL E 85 34.75 54.10 11.01
C VAL E 85 35.69 53.24 11.89
N ARG E 86 36.99 53.56 11.93
CA ARG E 86 37.89 53.18 13.05
C ARG E 86 38.45 54.46 13.71
N VAL E 87 39.05 54.31 14.91
CA VAL E 87 39.50 55.43 15.77
C VAL E 87 40.69 55.00 16.63
N GLN E 88 41.85 55.65 16.50
CA GLN E 88 43.06 55.45 17.31
C GLN E 88 42.80 55.35 18.82
N GLY E 89 42.00 56.29 19.35
CA GLY E 89 42.03 56.66 20.75
C GLY E 89 40.73 56.45 21.55
N LYS E 90 40.61 57.27 22.60
CA LYS E 90 39.55 57.26 23.63
C LYS E 90 38.10 57.28 23.10
N ASP E 91 37.20 56.70 23.89
CA ASP E 91 35.78 56.44 23.56
C ASP E 91 34.83 57.68 23.58
N GLU E 92 35.25 58.79 23.00
CA GLU E 92 34.34 59.80 22.43
C GLU E 92 35.09 60.66 21.42
N VAL E 93 34.59 60.69 20.18
CA VAL E 93 35.09 61.56 19.10
C VAL E 93 33.94 62.18 18.31
N ILE E 94 34.29 63.11 17.41
CA ILE E 94 33.34 64.06 16.81
C ILE E 94 33.70 64.26 15.34
N LEU E 95 32.68 64.37 14.49
CA LEU E 95 32.78 64.88 13.11
C LEU E 95 31.75 65.99 12.90
N THR E 96 31.90 66.75 11.82
CA THR E 96 30.81 67.50 11.21
C THR E 96 30.66 67.14 9.74
N LEU E 97 29.53 67.50 9.13
CA LEU E 97 29.15 67.11 7.77
C LEU E 97 28.35 68.25 7.13
N ASN E 98 28.91 68.89 6.09
CA ASN E 98 28.75 70.33 5.86
C ASN E 98 28.43 70.70 4.39
N LYS E 99 27.79 69.78 3.64
CA LYS E 99 27.50 69.95 2.20
C LYS E 99 26.88 71.31 1.86
N SER E 100 27.48 71.97 0.88
CA SER E 100 26.97 73.19 0.27
C SER E 100 26.83 73.04 -1.26
N GLY E 101 25.83 73.71 -1.83
CA GLY E 101 25.39 73.58 -3.22
C GLY E 101 24.82 72.20 -3.59
N ILE E 102 24.37 72.08 -4.85
CA ILE E 102 23.88 70.85 -5.49
C ILE E 102 24.78 69.63 -5.21
N GLY E 103 24.21 68.47 -4.90
CA GLY E 103 24.93 67.19 -4.88
C GLY E 103 24.31 66.11 -3.98
N PRO E 104 24.98 64.95 -3.84
CA PRO E 104 24.88 64.07 -2.67
C PRO E 104 25.33 64.77 -1.37
N VAL E 105 25.49 63.99 -0.30
CA VAL E 105 26.15 64.33 0.96
C VAL E 105 26.95 63.09 1.38
N THR E 106 28.26 63.24 1.54
CA THR E 106 29.24 62.14 1.38
C THR E 106 30.48 62.35 2.25
N ALA E 107 31.41 61.38 2.30
CA ALA E 107 32.69 61.52 3.00
C ALA E 107 33.48 62.78 2.55
N ALA E 108 33.51 63.05 1.24
CA ALA E 108 34.05 64.29 0.64
C ALA E 108 33.35 65.61 1.08
N ASP E 109 32.39 65.57 2.01
CA ASP E 109 31.68 66.71 2.58
C ASP E 109 31.78 66.78 4.13
N ILE E 110 32.57 65.88 4.74
CA ILE E 110 32.86 65.81 6.18
C ILE E 110 33.84 66.91 6.62
N THR E 111 33.98 67.12 7.93
CA THR E 111 35.13 67.79 8.55
C THR E 111 35.44 67.09 9.89
N HIS E 112 36.73 66.93 10.20
CA HIS E 112 37.20 66.12 11.33
C HIS E 112 37.31 66.98 12.61
N ASP E 113 36.24 67.00 13.39
CA ASP E 113 36.13 67.65 14.70
C ASP E 113 36.84 66.84 15.84
N GLY E 114 37.56 65.77 15.52
CA GLY E 114 38.28 64.88 16.44
C GLY E 114 39.12 63.83 15.72
N ASP E 115 39.77 62.92 16.46
CA ASP E 115 40.51 61.76 15.95
C ASP E 115 39.56 60.70 15.38
N VAL E 116 39.39 60.66 14.05
CA VAL E 116 38.51 59.71 13.34
C VAL E 116 39.07 59.41 11.95
N GLU E 117 39.49 58.16 11.73
CA GLU E 117 39.66 57.53 10.42
C GLU E 117 38.28 57.30 9.77
N ILE E 118 38.19 57.03 8.45
CA ILE E 118 36.90 56.82 7.75
C ILE E 118 36.97 55.74 6.65
N VAL E 119 37.20 54.47 7.00
CA VAL E 119 37.01 53.31 6.09
C VAL E 119 35.54 53.02 5.69
N LYS E 120 34.77 54.07 5.31
CA LYS E 120 33.41 54.05 4.71
C LYS E 120 33.09 55.25 3.79
N PRO E 121 33.83 55.47 2.69
CA PRO E 121 33.64 56.62 1.78
C PRO E 121 32.30 56.57 1.03
N GLN E 122 31.85 55.35 0.72
CA GLN E 122 30.66 55.03 -0.07
C GLN E 122 29.32 55.21 0.68
N HIS E 123 29.36 55.44 2.00
CA HIS E 123 28.18 55.69 2.85
C HIS E 123 27.54 57.09 2.65
N VAL E 124 27.00 57.34 1.45
CA VAL E 124 26.19 58.53 1.12
C VAL E 124 24.99 58.72 2.09
N ILE E 125 24.79 59.94 2.56
CA ILE E 125 23.85 60.27 3.65
C ILE E 125 22.52 60.84 3.12
N CYS E 126 22.54 61.85 2.24
CA CYS E 126 21.36 62.57 1.71
C CYS E 126 21.71 63.44 0.48
N HIS E 127 20.87 64.42 0.09
CA HIS E 127 21.10 65.25 -1.12
C HIS E 127 20.71 66.75 -0.96
N LEU E 128 21.18 67.60 -1.89
CA LEU E 128 20.82 69.01 -2.08
C LEU E 128 20.71 69.37 -3.57
N THR E 129 19.96 70.44 -3.91
CA THR E 129 19.47 70.66 -5.31
C THR E 129 19.70 72.02 -5.96
N ASP E 130 20.17 73.05 -5.26
CA ASP E 130 20.29 74.43 -5.79
C ASP E 130 21.71 75.02 -5.70
N GLU E 131 22.02 76.02 -6.54
CA GLU E 131 23.32 76.71 -6.56
C GLU E 131 23.61 77.58 -5.30
N ASN E 132 22.64 77.74 -4.40
CA ASN E 132 22.77 78.42 -3.10
C ASN E 132 22.30 77.54 -1.91
N ALA E 133 22.09 76.23 -2.10
CA ALA E 133 21.68 75.31 -1.02
C ALA E 133 22.79 75.03 0.03
N SER E 134 22.43 74.60 1.24
CA SER E 134 23.35 74.09 2.27
C SER E 134 22.68 73.22 3.34
N ILE E 135 23.46 72.40 4.04
CA ILE E 135 23.10 71.60 5.22
C ILE E 135 24.37 71.44 6.09
N SER E 136 24.23 71.34 7.41
CA SER E 136 25.34 71.13 8.34
C SER E 136 24.88 70.36 9.58
N MET E 137 25.75 69.51 10.12
CA MET E 137 25.51 68.79 11.39
C MET E 137 26.80 68.46 12.12
N ARG E 138 26.73 68.29 13.45
CA ARG E 138 27.73 67.52 14.22
C ARG E 138 27.30 66.05 14.33
N ILE E 139 28.27 65.18 14.57
CA ILE E 139 28.11 63.74 14.74
C ILE E 139 29.02 63.31 15.90
N LYS E 140 28.48 62.59 16.89
CA LYS E 140 29.22 61.94 17.98
C LYS E 140 29.50 60.49 17.58
N VAL E 141 30.68 59.98 17.90
CA VAL E 141 31.17 58.64 17.52
C VAL E 141 31.86 57.98 18.73
N GLN E 142 31.76 56.65 18.82
CA GLN E 142 32.32 55.80 19.89
C GLN E 142 32.71 54.41 19.36
N ARG E 143 33.59 53.72 20.08
CA ARG E 143 34.36 52.52 19.69
C ARG E 143 34.09 51.37 20.68
N GLY E 144 34.25 51.64 21.98
CA GLY E 144 34.11 50.69 23.10
C GLY E 144 34.51 49.24 22.75
N ARG E 145 33.58 48.31 23.01
CA ARG E 145 33.48 46.92 22.48
C ARG E 145 32.35 46.12 23.15
N GLY E 146 31.13 46.68 23.17
CA GLY E 146 29.94 46.08 23.81
C GLY E 146 28.68 46.94 23.63
N TYR E 147 27.48 46.42 23.96
CA TYR E 147 26.20 47.02 23.53
C TYR E 147 25.23 47.45 24.64
N VAL E 148 24.53 48.57 24.41
CA VAL E 148 23.44 49.12 25.25
C VAL E 148 22.39 49.85 24.39
N PRO E 149 21.06 49.74 24.67
CA PRO E 149 20.01 50.45 23.94
C PRO E 149 20.07 51.97 24.09
N ALA E 150 19.70 52.72 23.04
CA ALA E 150 19.71 54.19 22.98
C ALA E 150 18.90 54.89 24.09
N SER E 151 17.86 54.22 24.60
CA SER E 151 17.00 54.67 25.70
C SER E 151 16.90 53.62 26.80
N THR E 152 18.02 52.95 27.08
CA THR E 152 18.26 52.15 28.29
C THR E 152 19.75 52.23 28.68
N ARG E 153 20.39 53.34 28.32
CA ARG E 153 21.72 53.78 28.77
C ARG E 153 21.67 54.20 30.26
N ILE E 154 20.48 54.60 30.72
CA ILE E 154 19.95 54.83 32.09
C ILE E 154 20.71 55.73 33.07
N HIS E 155 22.04 55.75 33.08
CA HIS E 155 22.88 56.65 33.89
C HIS E 155 24.07 57.13 33.06
N SER E 156 23.85 58.29 32.42
CA SER E 156 24.45 58.91 31.21
C SER E 156 23.35 59.16 30.13
N GLU E 157 22.08 59.05 30.52
CA GLU E 157 20.88 59.28 29.69
C GLU E 157 20.05 60.48 30.21
N GLU E 158 20.53 61.16 31.25
CA GLU E 158 19.91 62.30 31.92
C GLU E 158 20.78 63.59 31.83
N ASP E 159 21.72 63.64 30.88
CA ASP E 159 22.48 64.85 30.51
C ASP E 159 21.67 65.88 29.69
N GLU E 160 22.21 67.09 29.54
CA GLU E 160 21.64 68.17 28.73
C GLU E 160 21.72 67.85 27.22
N ARG E 161 20.58 67.48 26.63
CA ARG E 161 20.47 67.14 25.19
C ARG E 161 19.57 68.16 24.47
N PRO E 162 20.16 69.12 23.71
CA PRO E 162 19.43 70.13 22.97
C PRO E 162 18.28 69.60 22.10
N ILE E 163 17.28 70.47 21.85
CA ILE E 163 16.17 70.23 20.91
C ILE E 163 16.70 70.18 19.47
N GLY E 164 17.29 69.04 19.10
CA GLY E 164 18.04 68.80 17.86
C GLY E 164 19.16 67.75 17.99
N ARG E 165 19.59 67.41 19.21
CA ARG E 165 20.52 66.31 19.52
C ARG E 165 19.81 64.95 19.49
N LEU E 166 19.85 64.31 18.33
CA LEU E 166 19.39 62.93 18.08
C LEU E 166 20.29 61.93 18.82
N LEU E 167 19.74 60.74 19.12
CA LEU E 167 20.30 59.76 20.07
C LEU E 167 20.21 58.34 19.50
N VAL E 168 21.27 57.55 19.63
CA VAL E 168 21.44 56.21 19.04
C VAL E 168 22.06 55.25 20.06
N ASP E 169 21.96 53.94 19.78
CA ASP E 169 22.59 52.85 20.53
C ASP E 169 24.04 52.59 20.07
N ALA E 170 24.73 51.65 20.71
CA ALA E 170 26.16 51.36 20.56
C ALA E 170 26.54 50.69 19.21
N CYS E 171 26.39 51.41 18.09
CA CYS E 171 26.45 50.90 16.72
C CYS E 171 27.83 50.43 16.20
N TYR E 172 28.80 50.17 17.07
CA TYR E 172 30.25 50.25 16.80
C TYR E 172 30.86 49.17 15.88
N SER E 173 30.09 48.42 15.08
CA SER E 173 30.65 47.28 14.32
C SER E 173 29.77 46.92 13.08
N PRO E 174 30.28 47.01 11.84
CA PRO E 174 29.46 47.07 10.61
C PRO E 174 29.17 45.74 9.88
N VAL E 175 29.46 44.59 10.49
CA VAL E 175 29.30 43.25 9.90
C VAL E 175 27.83 42.95 9.48
N GLU E 176 27.63 42.28 8.35
CA GLU E 176 26.35 42.14 7.63
C GLU E 176 25.89 40.67 7.49
N ARG E 177 26.81 39.70 7.51
CA ARG E 177 26.49 38.28 7.69
C ARG E 177 27.55 37.60 8.56
N ILE E 178 27.11 36.57 9.29
CA ILE E 178 27.97 35.49 9.77
C ILE E 178 27.19 34.18 9.61
N ALA E 179 27.79 33.20 8.95
CA ALA E 179 27.16 31.95 8.56
C ALA E 179 27.58 30.82 9.51
N TYR E 180 27.89 29.61 9.01
CA TYR E 180 28.24 28.37 9.74
C TYR E 180 27.99 27.12 8.90
N ASN E 181 29.05 26.35 8.65
CA ASN E 181 29.03 24.97 8.14
C ASN E 181 30.14 24.13 8.83
N VAL E 182 30.13 22.81 8.64
CA VAL E 182 31.15 21.87 9.14
C VAL E 182 31.34 20.76 8.10
N GLU E 183 32.56 20.58 7.62
CA GLU E 183 32.99 19.48 6.71
C GLU E 183 34.44 19.07 7.09
N ALA E 184 35.12 18.24 6.29
CA ALA E 184 36.45 17.70 6.63
C ALA E 184 37.58 18.76 6.62
N ALA E 185 38.59 18.58 7.48
CA ALA E 185 39.83 19.36 7.47
C ALA E 185 40.64 19.19 6.16
N ARG E 186 41.55 20.13 5.87
CA ARG E 186 42.58 19.98 4.83
C ARG E 186 43.65 18.97 5.23
N VAL E 187 44.02 18.94 6.52
CA VAL E 187 45.22 18.27 7.07
C VAL E 187 45.47 16.89 6.46
N GLU E 188 46.37 16.84 5.48
CA GLU E 188 46.40 15.85 4.39
C GLU E 188 46.65 14.38 4.79
N GLN E 189 46.88 14.11 6.07
CA GLN E 189 47.10 12.78 6.63
C GLN E 189 46.33 12.56 7.96
N ARG E 190 46.13 13.60 8.77
CA ARG E 190 45.43 13.57 10.08
C ARG E 190 43.91 13.81 9.87
N THR E 191 43.23 12.84 9.25
CA THR E 191 41.98 13.04 8.48
C THR E 191 40.69 12.46 9.10
N ASP E 192 40.75 11.93 10.33
CA ASP E 192 39.57 11.60 11.15
C ASP E 192 38.88 12.83 11.79
N LEU E 193 39.27 14.04 11.36
CA LEU E 193 39.05 15.31 12.05
C LEU E 193 38.34 16.33 11.13
N ASP E 194 37.54 17.21 11.72
CA ASP E 194 36.69 18.17 10.98
C ASP E 194 37.28 19.59 10.92
N LYS E 195 36.60 20.48 10.19
CA LYS E 195 36.81 21.92 10.25
C LYS E 195 35.51 22.67 10.47
N LEU E 196 35.58 23.72 11.29
CA LEU E 196 34.55 24.75 11.32
C LEU E 196 34.70 25.67 10.09
N VAL E 197 33.58 26.13 9.53
CA VAL E 197 33.48 27.15 8.47
C VAL E 197 32.46 28.21 8.92
N ILE E 198 32.67 29.51 8.62
CA ILE E 198 31.80 30.58 9.17
C ILE E 198 31.34 31.68 8.18
N GLU E 199 31.87 31.73 6.96
CA GLU E 199 31.50 32.63 5.84
C GLU E 199 31.00 34.04 6.23
N MET E 200 31.78 34.78 7.03
CA MET E 200 31.44 36.14 7.48
C MET E 200 31.49 37.15 6.32
N GLU E 201 30.71 38.24 6.41
CA GLU E 201 30.57 39.29 5.36
C GLU E 201 30.23 40.65 6.02
N THR E 202 30.73 41.74 5.46
CA THR E 202 30.72 43.08 6.09
C THR E 202 30.12 44.15 5.16
N ASN E 203 30.71 45.36 5.11
CA ASN E 203 30.30 46.47 4.26
C ASN E 203 31.55 47.26 3.79
N GLY E 204 32.69 46.58 3.62
CA GLY E 204 34.03 47.12 3.90
C GLY E 204 34.22 47.48 5.38
N THR E 205 35.40 48.01 5.74
CA THR E 205 35.88 48.51 7.06
C THR E 205 36.79 47.49 7.74
N ILE E 206 36.45 46.22 7.55
CA ILE E 206 37.24 45.04 7.86
C ILE E 206 36.80 43.94 6.90
N ASP E 207 37.73 43.26 6.26
CA ASP E 207 37.52 41.88 5.83
C ASP E 207 37.55 40.96 7.07
N PRO E 208 36.76 39.89 7.13
CA PRO E 208 36.99 38.75 8.02
C PRO E 208 38.40 38.15 8.03
N GLU E 209 39.29 38.52 7.10
CA GLU E 209 40.73 38.21 7.10
C GLU E 209 41.56 39.06 8.10
N GLU E 210 41.10 40.28 8.44
CA GLU E 210 41.59 41.03 9.61
C GLU E 210 40.84 40.62 10.88
N ALA E 211 39.50 40.66 10.83
CA ALA E 211 38.61 40.68 11.99
C ALA E 211 38.41 39.31 12.69
N ILE E 212 39.52 38.66 13.01
CA ILE E 212 39.63 37.29 13.51
C ILE E 212 40.73 37.13 14.56
N ARG E 213 41.94 37.63 14.32
CA ARG E 213 43.16 37.07 14.95
C ARG E 213 43.41 37.58 16.38
N ARG E 214 42.79 38.69 16.78
CA ARG E 214 42.47 38.93 18.21
C ARG E 214 40.97 39.03 18.46
N ALA E 215 40.14 39.33 17.45
CA ALA E 215 38.68 39.33 17.59
C ALA E 215 38.08 37.99 18.07
N ALA E 216 38.68 36.84 17.78
CA ALA E 216 38.24 35.53 18.27
C ALA E 216 38.83 35.16 19.64
N THR E 217 40.08 35.55 19.91
CA THR E 217 40.78 35.30 21.20
C THR E 217 40.16 36.05 22.39
N ILE E 218 39.05 36.79 22.18
CA ILE E 218 38.05 37.15 23.20
C ILE E 218 37.57 35.92 24.01
N LEU E 219 37.79 34.68 23.53
CA LEU E 219 37.75 33.46 24.32
C LEU E 219 38.56 33.53 25.65
N ALA E 220 39.65 34.31 25.72
CA ALA E 220 40.40 34.66 26.94
C ALA E 220 39.58 35.46 28.00
N GLU E 221 38.28 35.64 27.77
CA GLU E 221 37.30 36.37 28.58
C GLU E 221 36.04 35.51 28.84
N GLN E 222 36.12 34.19 28.62
CA GLN E 222 35.02 33.20 28.70
C GLN E 222 35.42 31.88 29.42
N LEU E 223 36.47 31.91 30.24
CA LEU E 223 37.23 30.71 30.67
C LEU E 223 37.43 30.59 32.19
N GLU E 224 37.22 31.68 32.94
CA GLU E 224 37.01 31.70 34.39
C GLU E 224 35.96 30.71 34.91
N ALA E 225 34.96 30.38 34.09
CA ALA E 225 33.96 29.37 34.40
C ALA E 225 34.50 27.92 34.41
N PHE E 226 35.69 27.65 33.86
CA PHE E 226 36.07 26.28 33.44
C PHE E 226 37.53 25.86 33.72
N VAL E 227 38.53 26.70 33.46
CA VAL E 227 39.95 26.29 33.51
C VAL E 227 40.65 26.97 34.68
N ASP E 228 40.79 26.22 35.78
CA ASP E 228 41.06 26.73 37.14
C ASP E 228 40.20 27.96 37.52
N LEU E 229 38.97 27.68 37.95
CA LEU E 229 38.03 28.69 38.46
C LEU E 229 38.56 29.49 39.67
N ARG E 230 39.72 29.10 40.26
CA ARG E 230 40.14 29.56 41.58
C ARG E 230 41.61 29.97 41.69
N ASP E 231 42.53 29.04 41.97
CA ASP E 231 43.89 29.29 42.47
C ASP E 231 44.68 27.97 42.65
N VAL E 232 44.47 27.01 41.73
CA VAL E 232 44.86 25.60 41.87
C VAL E 232 45.38 24.93 40.57
N ARG E 233 46.05 25.65 39.65
CA ARG E 233 46.87 25.04 38.55
C ARG E 233 47.59 23.78 39.05
N GLN E 234 47.36 22.68 38.34
CA GLN E 234 47.77 21.32 38.71
C GLN E 234 48.80 20.79 37.69
N PRO E 235 49.63 19.80 38.05
CA PRO E 235 50.57 19.17 37.12
C PRO E 235 49.82 18.30 36.10
N GLU E 236 49.64 18.83 34.90
CA GLU E 236 49.22 18.14 33.68
C GLU E 236 49.64 18.98 32.46
N VAL E 237 49.95 18.32 31.33
CA VAL E 237 50.83 18.89 30.29
C VAL E 237 50.12 19.75 29.23
N LYS E 238 50.79 20.15 28.13
CA LYS E 238 50.15 20.74 26.91
C LYS E 238 50.31 19.86 25.65
N GLU E 239 51.32 18.99 25.64
CA GLU E 239 51.67 17.91 24.70
C GLU E 239 51.47 18.16 23.19
N GLU E 240 52.58 18.42 22.48
CA GLU E 240 52.66 19.40 21.37
C GLU E 240 52.58 18.86 19.92
N LYS E 241 53.33 19.43 18.96
CA LYS E 241 53.13 19.23 17.50
C LYS E 241 54.33 19.41 16.51
N PRO E 242 55.63 19.39 16.91
CA PRO E 242 56.74 19.94 16.10
C PRO E 242 57.00 19.28 14.73
N GLU E 243 57.46 20.08 13.75
CA GLU E 243 57.79 19.62 12.37
C GLU E 243 59.07 20.24 11.73
N PHE E 244 59.76 21.19 12.38
CA PHE E 244 61.18 21.60 12.17
C PHE E 244 61.57 22.41 10.90
N ASP E 245 62.63 23.24 11.01
CA ASP E 245 63.31 23.89 9.87
C ASP E 245 64.21 22.92 9.07
N PRO E 246 64.45 23.14 7.76
CA PRO E 246 63.73 23.99 6.80
C PRO E 246 62.79 23.14 5.93
N ILE E 247 61.98 22.25 6.53
CA ILE E 247 61.27 21.23 5.75
C ILE E 247 60.36 21.84 4.66
N LEU E 248 60.28 21.20 3.49
CA LEU E 248 59.53 21.71 2.33
C LEU E 248 58.01 21.89 2.58
N LEU E 249 57.51 21.36 3.69
CA LEU E 249 56.11 21.43 4.12
C LEU E 249 55.81 22.64 5.04
N LEU E 250 56.83 23.31 5.59
CA LEU E 250 56.75 24.39 6.59
C LEU E 250 55.94 25.62 6.07
N PRO E 251 55.20 26.35 6.93
CA PRO E 251 54.34 27.45 6.49
C PRO E 251 55.11 28.69 6.00
N VAL E 252 54.47 29.54 5.20
CA VAL E 252 55.08 30.78 4.66
C VAL E 252 55.56 31.77 5.72
N ASP E 253 55.02 31.65 6.94
CA ASP E 253 55.43 32.36 8.14
C ASP E 253 56.92 32.13 8.45
N ASP E 254 57.46 30.95 8.15
CA ASP E 254 58.90 30.58 8.21
C ASP E 254 59.76 31.21 7.10
N LEU E 255 59.43 32.45 6.78
CA LEU E 255 60.24 33.41 6.02
C LEU E 255 60.37 34.75 6.77
N GLU E 256 59.66 34.88 7.90
CA GLU E 256 59.53 36.02 8.81
C GLU E 256 58.91 37.26 8.12
N LEU E 257 57.75 37.70 8.63
CA LEU E 257 56.75 38.49 7.90
C LEU E 257 56.45 39.83 8.61
N THR E 258 55.34 40.48 8.26
CA THR E 258 55.07 41.89 8.61
C THR E 258 53.56 42.15 8.85
N VAL E 259 53.06 41.87 10.05
CA VAL E 259 51.62 42.02 10.41
C VAL E 259 50.75 41.10 9.52
N ARG E 260 49.42 41.31 9.41
CA ARG E 260 48.44 40.46 8.69
C ARG E 260 48.76 40.09 7.23
N SER E 261 49.84 40.60 6.63
CA SER E 261 50.55 39.96 5.51
C SER E 261 50.57 38.42 5.60
N ALA E 262 50.82 37.84 6.79
CA ALA E 262 50.77 36.41 7.04
C ALA E 262 49.38 35.78 6.78
N ASN E 263 48.30 36.44 7.22
CA ASN E 263 46.92 35.98 7.02
C ASN E 263 46.55 36.05 5.52
N CYS E 264 46.69 37.21 4.89
CA CYS E 264 46.22 37.46 3.53
C CYS E 264 47.07 36.75 2.45
N LEU E 265 48.34 36.42 2.73
CA LEU E 265 49.13 35.51 1.88
C LEU E 265 48.57 34.07 1.95
N LYS E 266 48.50 33.47 3.14
CA LYS E 266 48.06 32.06 3.28
C LYS E 266 46.61 31.84 2.86
N ALA E 267 45.78 32.89 2.86
CA ALA E 267 44.43 32.89 2.26
C ALA E 267 44.38 32.52 0.76
N GLU E 268 45.46 32.70 -0.01
CA GLU E 268 45.55 32.21 -1.41
C GLU E 268 45.77 30.68 -1.51
N ALA E 269 45.72 29.95 -0.38
CA ALA E 269 46.13 28.55 -0.22
C ALA E 269 47.60 28.25 -0.57
N ILE E 270 48.42 29.29 -0.77
CA ILE E 270 49.89 29.21 -0.81
C ILE E 270 50.41 29.24 0.64
N HIS E 271 49.85 28.42 1.53
CA HIS E 271 50.16 28.46 2.97
C HIS E 271 51.61 28.07 3.31
N TYR E 272 52.38 27.49 2.36
CA TYR E 272 53.62 26.76 2.64
C TYR E 272 54.76 27.11 1.67
N ILE E 273 56.00 27.16 2.18
CA ILE E 273 57.18 27.63 1.44
C ILE E 273 57.48 26.85 0.15
N GLY E 274 57.12 25.56 0.12
CA GLY E 274 57.44 24.63 -0.97
C GLY E 274 57.05 25.08 -2.39
N ASP E 275 55.90 25.75 -2.54
CA ASP E 275 55.45 26.25 -3.87
C ASP E 275 55.70 27.76 -4.08
N LEU E 276 56.03 28.50 -3.01
CA LEU E 276 56.41 29.91 -3.11
C LEU E 276 57.63 30.11 -4.04
N VAL E 277 58.46 29.07 -4.18
CA VAL E 277 59.54 28.91 -5.17
C VAL E 277 59.11 29.17 -6.63
N GLN E 278 57.82 29.03 -6.97
CA GLN E 278 57.30 29.35 -8.31
C GLN E 278 57.09 30.85 -8.57
N ARG E 279 57.09 31.71 -7.54
CA ARG E 279 56.50 33.06 -7.58
C ARG E 279 57.45 34.16 -8.11
N THR E 280 58.26 33.86 -9.12
CA THR E 280 59.17 34.83 -9.79
C THR E 280 58.47 36.17 -10.13
N GLU E 281 59.22 37.28 -10.03
CA GLU E 281 58.90 38.66 -10.46
C GLU E 281 58.58 38.82 -11.97
N VAL E 282 57.53 38.12 -12.40
CA VAL E 282 56.93 38.13 -13.74
C VAL E 282 55.43 37.84 -13.66
N GLU E 283 55.01 37.03 -12.68
CA GLU E 283 53.61 36.64 -12.41
C GLU E 283 53.31 36.54 -10.90
N LEU E 284 54.19 37.04 -10.02
CA LEU E 284 54.14 36.93 -8.54
C LEU E 284 52.76 37.23 -7.93
N LEU E 285 52.13 38.34 -8.31
CA LEU E 285 50.83 38.78 -7.79
C LEU E 285 49.67 37.93 -8.34
N LYS E 286 49.00 37.21 -7.43
CA LYS E 286 47.73 36.46 -7.60
C LYS E 286 46.90 36.47 -6.30
N THR E 287 47.62 36.59 -5.19
CA THR E 287 47.24 36.79 -3.79
C THR E 287 46.22 37.91 -3.57
N PRO E 288 45.42 37.85 -2.49
CA PRO E 288 44.87 39.03 -1.83
C PRO E 288 45.92 40.10 -1.47
N ASN E 289 45.42 41.24 -0.98
CA ASN E 289 46.07 42.41 -0.38
C ASN E 289 47.62 42.49 -0.55
N LEU E 290 48.39 42.00 0.44
CA LEU E 290 49.86 41.86 0.48
C LEU E 290 50.63 42.98 -0.25
N GLY E 291 50.49 44.23 0.22
CA GLY E 291 50.66 45.42 -0.61
C GLY E 291 52.00 46.14 -0.50
N LYS E 292 52.81 45.94 0.57
CA LYS E 292 53.98 46.81 0.81
C LYS E 292 55.25 46.16 1.40
N LYS E 293 55.52 46.21 2.72
CA LYS E 293 56.92 45.96 3.20
C LYS E 293 57.30 44.50 2.99
N SER E 294 56.38 43.58 3.30
CA SER E 294 56.37 42.17 2.89
C SER E 294 56.82 41.95 1.43
N LEU E 295 56.07 42.53 0.49
CA LEU E 295 56.28 42.45 -0.97
C LEU E 295 57.62 43.03 -1.45
N THR E 296 58.21 43.97 -0.71
CA THR E 296 59.30 44.85 -1.19
C THR E 296 60.64 44.10 -1.38
N GLU E 297 61.23 43.52 -0.33
CA GLU E 297 62.67 43.10 -0.35
C GLU E 297 62.93 41.73 0.34
N ILE E 298 61.96 41.11 1.03
CA ILE E 298 62.10 39.82 1.74
C ILE E 298 62.71 38.69 0.86
N LYS E 299 62.54 38.80 -0.46
CA LYS E 299 63.08 37.94 -1.52
C LYS E 299 64.59 37.66 -1.47
N ASP E 300 65.41 38.43 -0.74
CA ASP E 300 66.85 38.13 -0.53
C ASP E 300 67.12 37.39 0.81
N VAL E 301 66.28 37.57 1.86
CA VAL E 301 66.37 36.75 3.09
C VAL E 301 65.66 35.40 2.97
N LEU E 302 64.70 35.28 2.05
CA LEU E 302 64.24 34.01 1.45
C LEU E 302 65.42 33.11 1.04
N ALA E 303 66.47 33.71 0.47
CA ALA E 303 67.72 33.03 0.07
C ALA E 303 68.74 32.87 1.22
N SER E 304 68.34 33.12 2.48
CA SER E 304 69.20 33.00 3.66
C SER E 304 68.82 31.83 4.59
N ARG E 305 67.52 31.48 4.72
CA ARG E 305 67.11 30.08 5.02
C ARG E 305 67.49 29.17 3.85
N GLY E 306 67.25 29.60 2.59
CA GLY E 306 68.00 29.08 1.43
C GLY E 306 67.28 28.93 0.09
N LEU E 307 66.03 29.40 -0.06
CA LEU E 307 65.25 29.26 -1.29
C LEU E 307 65.68 30.25 -2.40
N SER E 308 65.02 30.24 -3.56
CA SER E 308 65.35 31.08 -4.73
C SER E 308 64.23 31.16 -5.75
N LEU E 309 64.31 32.13 -6.66
CA LEU E 309 63.40 32.37 -7.80
C LEU E 309 64.23 32.56 -9.10
N GLY E 310 63.60 32.54 -10.29
CA GLY E 310 64.29 32.71 -11.59
C GLY E 310 63.44 32.59 -12.86
N ALA F 1 26.62 25.37 -18.57
CA ALA F 1 26.60 25.75 -17.14
C ALA F 1 25.60 24.90 -16.35
N ARG F 2 26.11 24.10 -15.40
CA ARG F 2 25.40 23.29 -14.41
C ARG F 2 24.40 24.10 -13.56
N VAL F 3 24.79 25.29 -13.13
CA VAL F 3 24.00 26.16 -12.23
C VAL F 3 22.82 26.80 -12.98
N THR F 4 21.71 26.05 -13.06
CA THR F 4 20.45 26.36 -13.79
C THR F 4 20.63 26.33 -15.32
N VAL F 5 19.64 25.85 -16.10
CA VAL F 5 19.91 25.41 -17.49
C VAL F 5 18.85 25.76 -18.54
N GLN F 6 17.62 26.14 -18.18
CA GLN F 6 16.58 26.48 -19.18
C GLN F 6 16.97 27.68 -20.07
N ASP F 7 17.89 28.56 -19.69
CA ASP F 7 18.31 29.68 -20.54
C ASP F 7 18.83 29.22 -21.93
N ALA F 8 19.35 27.98 -22.05
CA ALA F 8 19.72 27.35 -23.32
C ALA F 8 18.53 27.05 -24.26
N VAL F 9 17.30 27.01 -23.74
CA VAL F 9 16.05 26.92 -24.51
C VAL F 9 15.67 28.30 -25.05
N GLU F 10 15.53 29.30 -24.18
CA GLU F 10 15.26 30.70 -24.55
C GLU F 10 16.34 31.29 -25.49
N LYS F 11 17.57 30.78 -25.45
CA LYS F 11 18.67 31.05 -26.40
C LYS F 11 18.36 30.66 -27.86
N ILE F 12 17.36 29.80 -28.10
CA ILE F 12 17.07 29.18 -29.41
C ILE F 12 15.58 29.30 -29.79
N GLY F 13 14.68 28.97 -28.87
CA GLY F 13 13.22 29.03 -29.05
C GLY F 13 12.49 27.68 -28.98
N ASN F 14 13.21 26.56 -28.87
CA ASN F 14 12.65 25.20 -28.72
C ASN F 14 13.61 24.29 -27.94
N ARG F 15 13.19 23.05 -27.62
CA ARG F 15 13.67 22.34 -26.41
C ARG F 15 14.09 20.86 -26.58
N PHE F 16 14.03 20.27 -27.78
CA PHE F 16 14.25 18.83 -27.96
C PHE F 16 15.13 18.49 -29.18
N ASP F 17 14.91 19.21 -30.27
CA ASP F 17 15.93 19.59 -31.25
C ASP F 17 17.22 20.12 -30.58
N LEU F 18 17.08 20.93 -29.51
CA LEU F 18 18.16 21.28 -28.58
C LEU F 18 18.98 20.06 -28.14
N VAL F 19 18.31 19.00 -27.68
CA VAL F 19 18.97 17.77 -27.20
C VAL F 19 19.61 16.99 -28.34
N LEU F 20 19.05 17.02 -29.56
CA LEU F 20 19.71 16.43 -30.75
C LEU F 20 21.01 17.15 -31.10
N VAL F 21 21.03 18.49 -31.06
CA VAL F 21 22.25 19.29 -31.28
C VAL F 21 23.28 19.03 -30.17
N ALA F 22 22.83 19.02 -28.91
CA ALA F 22 23.69 18.67 -27.78
C ALA F 22 24.30 17.26 -27.94
N ALA F 23 23.50 16.25 -28.28
CA ALA F 23 23.98 14.88 -28.57
C ALA F 23 24.97 14.83 -29.74
N ARG F 24 24.78 15.66 -30.78
CA ARG F 24 25.72 15.82 -31.91
C ARG F 24 27.11 16.29 -31.44
N ARG F 25 27.22 17.16 -30.43
CA ARG F 25 28.51 17.43 -29.75
C ARG F 25 28.92 16.29 -28.84
N ALA F 26 28.01 15.81 -27.99
CA ALA F 26 28.27 14.85 -26.90
C ALA F 26 28.97 13.58 -27.38
N ARG F 27 28.39 12.87 -28.37
CA ARG F 27 28.98 11.64 -28.94
C ARG F 27 30.34 11.89 -29.57
N GLN F 28 30.54 13.04 -30.22
CA GLN F 28 31.83 13.40 -30.84
C GLN F 28 32.92 13.74 -29.80
N MET F 29 32.56 13.98 -28.54
CA MET F 29 33.51 13.98 -27.42
C MET F 29 33.64 12.58 -26.80
N GLN F 30 32.53 11.99 -26.31
CA GLN F 30 32.52 10.70 -25.60
C GLN F 30 33.03 9.50 -26.44
N VAL F 31 33.06 9.62 -27.77
CA VAL F 31 33.50 8.58 -28.72
C VAL F 31 34.46 9.16 -29.78
N GLY F 32 35.14 10.29 -29.49
CA GLY F 32 36.02 10.92 -30.48
C GLY F 32 36.90 12.09 -30.01
N GLY F 33 36.72 12.62 -28.79
CA GLY F 33 37.52 13.72 -28.23
C GLY F 33 37.65 14.98 -29.12
N LYS F 34 36.69 15.24 -30.02
CA LYS F 34 36.84 16.26 -31.06
C LYS F 34 37.06 17.67 -30.48
N ASP F 35 37.92 18.46 -31.13
CA ASP F 35 38.43 19.75 -30.63
C ASP F 35 37.34 20.72 -30.11
N PRO F 36 37.52 21.32 -28.93
CA PRO F 36 36.68 22.40 -28.42
C PRO F 36 37.21 23.79 -28.86
N LEU F 37 36.44 24.84 -28.57
CA LEU F 37 36.80 26.25 -28.82
C LEU F 37 36.41 27.19 -27.64
N VAL F 38 35.86 26.62 -26.56
CA VAL F 38 35.66 27.24 -25.24
C VAL F 38 36.11 26.22 -24.17
N PRO F 39 36.47 26.63 -22.94
CA PRO F 39 36.80 25.69 -21.86
C PRO F 39 35.54 25.01 -21.29
N GLU F 40 35.72 24.22 -20.23
CA GLU F 40 34.65 23.42 -19.60
C GLU F 40 34.10 24.05 -18.30
N GLU F 41 34.89 24.83 -17.55
CA GLU F 41 34.64 25.20 -16.14
C GLU F 41 33.91 24.11 -15.31
N ASN F 42 34.35 22.86 -15.48
CA ASN F 42 33.85 21.65 -14.82
C ASN F 42 32.39 21.22 -15.15
N ASP F 43 31.77 21.82 -16.19
CA ASP F 43 30.55 21.33 -16.86
C ASP F 43 30.78 20.00 -17.63
N LYS F 44 31.21 18.92 -16.96
CA LYS F 44 31.59 17.61 -17.54
C LYS F 44 30.63 17.11 -18.64
N THR F 45 31.12 16.27 -19.56
CA THR F 45 30.57 15.96 -20.92
C THR F 45 29.06 16.08 -21.16
N THR F 46 28.20 15.64 -20.23
CA THR F 46 26.76 15.93 -20.15
C THR F 46 26.39 17.40 -20.44
N VAL F 47 27.21 18.36 -20.04
CA VAL F 47 26.94 19.80 -20.13
C VAL F 47 27.92 20.55 -21.05
N ILE F 48 29.11 20.03 -21.37
CA ILE F 48 29.87 20.47 -22.57
C ILE F 48 29.02 20.30 -23.84
N ALA F 49 28.18 19.27 -23.87
CA ALA F 49 27.15 19.07 -24.89
C ALA F 49 26.17 20.26 -25.00
N LEU F 50 25.84 20.92 -23.88
CA LEU F 50 24.99 22.12 -23.85
C LEU F 50 25.80 23.41 -24.08
N ARG F 51 27.07 23.48 -23.65
CA ARG F 51 27.98 24.60 -23.91
C ARG F 51 28.01 24.98 -25.38
N GLU F 52 28.01 23.98 -26.25
CA GLU F 52 27.98 24.12 -27.71
C GLU F 52 26.83 24.98 -28.26
N ILE F 53 25.75 25.17 -27.50
CA ILE F 53 24.65 26.07 -27.86
C ILE F 53 24.36 27.14 -26.81
N GLU F 54 24.98 27.10 -25.62
CA GLU F 54 25.24 28.31 -24.83
C GLU F 54 26.09 29.31 -25.63
N GLU F 55 27.09 28.83 -26.40
CA GLU F 55 27.76 29.59 -27.49
C GLU F 55 27.01 29.49 -28.84
N GLY F 56 27.09 28.37 -29.56
CA GLY F 56 26.37 28.12 -30.82
C GLY F 56 27.25 27.75 -32.02
N LEU F 57 28.32 26.95 -31.85
CA LEU F 57 29.38 26.82 -32.86
C LEU F 57 30.03 25.42 -32.96
N ILE F 58 30.49 24.78 -31.87
CA ILE F 58 31.60 23.78 -31.90
C ILE F 58 31.19 22.31 -32.09
N ASN F 59 29.95 21.99 -32.41
CA ASN F 59 29.67 20.66 -32.99
C ASN F 59 30.23 20.58 -34.43
N ASN F 60 30.12 19.44 -35.11
CA ASN F 60 30.64 19.36 -36.49
C ASN F 60 29.99 20.34 -37.47
N GLN F 61 28.88 21.02 -37.15
CA GLN F 61 28.24 21.99 -38.03
C GLN F 61 29.15 23.14 -38.50
N ILE F 62 30.25 23.43 -37.79
CA ILE F 62 31.29 24.38 -38.22
C ILE F 62 32.57 23.68 -38.68
N LEU F 63 32.77 22.40 -38.38
CA LEU F 63 33.76 21.56 -39.09
C LEU F 63 33.34 21.33 -40.56
N ASP F 64 32.03 21.21 -40.80
CA ASP F 64 31.35 21.25 -42.11
C ASP F 64 31.67 22.55 -42.87
N VAL F 65 32.15 23.60 -42.18
CA VAL F 65 32.64 24.86 -42.78
C VAL F 65 34.17 24.85 -42.88
N ARG F 66 34.88 24.58 -41.78
CA ARG F 66 36.35 24.59 -41.64
C ARG F 66 37.04 23.49 -42.44
N GLU F 67 37.01 22.27 -41.93
CA GLU F 67 37.84 21.15 -42.41
C GLU F 67 37.39 20.70 -43.81
N ARG F 68 36.07 20.78 -44.06
CA ARG F 68 35.48 20.61 -45.39
C ARG F 68 35.95 21.66 -46.40
N GLN F 69 36.40 22.86 -45.99
CA GLN F 69 37.00 23.84 -46.91
C GLN F 69 38.50 23.66 -47.11
N GLU F 70 39.23 23.12 -46.13
CA GLU F 70 40.65 22.80 -46.28
C GLU F 70 40.89 21.79 -47.43
N GLN F 71 39.96 20.84 -47.63
CA GLN F 71 39.87 20.05 -48.87
C GLN F 71 39.67 20.93 -50.12
N GLN F 72 38.68 21.82 -50.09
CA GLN F 72 38.22 22.55 -51.27
C GLN F 72 39.12 23.71 -51.70
N GLU F 73 40.05 24.18 -50.86
CA GLU F 73 41.10 25.08 -51.33
C GLU F 73 42.29 24.32 -51.97
N GLN F 74 42.45 23.01 -51.74
CA GLN F 74 43.14 22.16 -52.72
C GLN F 74 42.34 22.04 -54.02
N GLU F 75 41.01 21.81 -53.98
CA GLU F 75 40.18 21.82 -55.20
C GLU F 75 40.28 23.14 -55.99
N ALA F 76 40.52 24.27 -55.31
CA ALA F 76 40.82 25.56 -55.95
C ALA F 76 42.26 25.63 -56.54
N ALA F 77 43.24 25.01 -55.88
CA ALA F 77 44.66 24.98 -56.34
C ALA F 77 44.98 24.38 -57.81
N GLU F 78 44.41 23.26 -57.37
CA GLU F 78 44.33 22.09 -58.25
C GLU F 78 43.18 22.17 -59.29
N LEU F 79 42.32 23.20 -59.23
CA LEU F 79 41.23 23.44 -60.20
C LEU F 79 41.72 23.38 -61.66
N GLN F 80 42.95 23.86 -61.87
CA GLN F 80 43.73 23.81 -63.11
C GLN F 80 43.83 22.41 -63.76
N ALA F 81 43.61 21.35 -62.97
CA ALA F 81 43.55 19.95 -63.38
C ALA F 81 42.19 19.31 -63.06
N VAL F 82 41.40 19.83 -62.10
CA VAL F 82 40.00 19.43 -61.91
C VAL F 82 39.17 19.63 -63.20
N THR F 83 39.45 20.65 -64.01
CA THR F 83 38.91 20.72 -65.39
C THR F 83 39.21 19.45 -66.18
N ALA F 84 40.48 19.03 -66.31
CA ALA F 84 40.83 17.81 -67.03
C ALA F 84 40.14 16.55 -66.47
N ILE F 85 39.94 16.48 -65.15
CA ILE F 85 39.18 15.39 -64.50
C ILE F 85 37.68 15.44 -64.86
N ALA F 86 37.06 16.63 -64.87
CA ALA F 86 35.65 16.84 -65.18
C ALA F 86 35.32 16.76 -66.68
N GLU F 87 36.25 17.18 -67.55
CA GLU F 87 36.28 16.88 -68.98
C GLU F 87 36.41 15.38 -69.23
N GLY F 88 37.29 14.70 -68.48
CA GLY F 88 37.52 13.25 -68.52
C GLY F 88 36.41 12.39 -67.89
N ARG F 89 35.15 12.71 -68.17
CA ARG F 89 33.91 12.01 -67.73
C ARG F 89 33.01 11.64 -68.93
N ARG F 90 33.55 11.67 -70.15
CA ARG F 90 32.83 11.87 -71.42
C ARG F 90 33.49 11.11 -72.56
#